data_2L2E
#
_entry.id   2L2E
#
_entity_poly.entity_id   1
_entity_poly.type   'polypeptide(L)'
_entity_poly.pdbx_seq_one_letter_code
;(MYR)GKSQSKLSQDQLQDLVRSTRFDKKELQQWYKGFFKDCPSGHLNKSEFQKIYKQFFPFGDPSAFAEYVFNVFDADK
NGYIDFKEFICALSVTSRGELNDKLIWAFQLYDLDNNGLISYDEMLRIVDAIYKMVGSMVKLPEDEDTPEKRVNKIFNMM
DKNKDGQLTLEEFCEGSKRDPTIVSALSLYDGLV
;
_entity_poly.pdbx_strand_id   A
#
loop_
_chem_comp.id
_chem_comp.type
_chem_comp.name
_chem_comp.formula
MYR non-polymer 'MYRISTIC ACID' 'C14 H28 O2'
#
# COMPACT_ATOMS: atom_id res chain seq x y z
C1 MYR A 1 -7.10 12.40 5.50
O1 MYR A 1 -7.78 11.46 5.83
C2 MYR A 1 -5.57 12.34 5.60
C3 MYR A 1 -5.15 10.93 6.06
C4 MYR A 1 -3.69 10.69 5.67
C5 MYR A 1 -3.27 9.30 6.14
C6 MYR A 1 -2.04 8.86 5.36
C7 MYR A 1 -1.24 7.86 6.20
C8 MYR A 1 -1.97 6.52 6.20
C9 MYR A 1 -1.26 5.57 7.18
C10 MYR A 1 -1.98 4.21 7.17
C11 MYR A 1 -1.47 3.36 8.33
C12 MYR A 1 0.05 3.17 8.18
C13 MYR A 1 0.48 1.95 8.99
C14 MYR A 1 0.12 0.68 8.21
H21 MYR A 1 -5.15 12.54 4.63
H22 MYR A 1 -5.23 13.07 6.31
H31 MYR A 1 -5.26 10.86 7.13
H32 MYR A 1 -5.78 10.20 5.59
H41 MYR A 1 -3.58 10.76 4.60
H42 MYR A 1 -3.06 11.44 6.13
H51 MYR A 1 -3.04 9.32 7.19
H52 MYR A 1 -4.07 8.60 5.97
H61 MYR A 1 -2.33 8.39 4.43
H62 MYR A 1 -1.42 9.72 5.14
H71 MYR A 1 -0.25 7.72 5.77
H72 MYR A 1 -1.14 8.22 7.21
H81 MYR A 1 -2.98 6.66 6.52
H82 MYR A 1 -1.95 6.08 5.21
H91 MYR A 1 -0.24 5.43 6.88
H92 MYR A 1 -1.29 5.99 8.18
H101 MYR A 1 -3.05 4.37 7.28
H102 MYR A 1 -1.79 3.71 6.23
H111 MYR A 1 -1.67 3.86 9.27
H112 MYR A 1 -1.95 2.40 8.32
H121 MYR A 1 0.29 3.02 7.13
H122 MYR A 1 0.56 4.05 8.54
H131 MYR A 1 1.55 1.98 9.15
H132 MYR A 1 -0.03 1.95 9.94
H141 MYR A 1 -0.92 0.44 8.36
H142 MYR A 1 0.73 -0.15 8.56
H143 MYR A 1 0.30 0.83 7.16
N GLY A 2 -7.59 13.53 5.06
CA GLY A 2 -9.07 13.68 4.93
C GLY A 2 -9.65 14.37 6.17
N LYS A 3 -10.91 14.74 6.08
CA LYS A 3 -11.55 15.41 7.24
C LYS A 3 -12.99 14.94 7.40
N SER A 4 -13.65 14.69 6.29
CA SER A 4 -15.06 14.23 6.35
C SER A 4 -15.33 13.17 5.29
N GLN A 5 -14.80 13.39 4.12
CA GLN A 5 -15.01 12.39 3.03
C GLN A 5 -14.23 12.80 1.78
N SER A 6 -14.16 11.89 0.84
CA SER A 6 -13.41 12.20 -0.40
C SER A 6 -13.95 13.48 -1.05
N LYS A 7 -13.35 13.86 -2.15
CA LYS A 7 -13.81 15.10 -2.84
C LYS A 7 -13.83 14.90 -4.36
N LEU A 8 -14.31 13.75 -4.77
CA LEU A 8 -14.37 13.45 -6.23
C LEU A 8 -15.78 13.03 -6.64
N SER A 9 -15.94 12.65 -7.88
CA SER A 9 -17.27 12.23 -8.35
C SER A 9 -17.65 10.87 -7.75
N GLN A 10 -18.79 10.82 -7.12
CA GLN A 10 -19.22 9.54 -6.52
C GLN A 10 -19.05 8.39 -7.51
N ASP A 11 -19.34 8.66 -8.76
CA ASP A 11 -19.20 7.59 -9.77
C ASP A 11 -17.75 7.13 -9.85
N GLN A 12 -16.87 8.06 -10.10
CA GLN A 12 -15.44 7.70 -10.21
C GLN A 12 -15.01 6.90 -8.99
N LEU A 13 -15.64 7.14 -7.88
CA LEU A 13 -15.28 6.40 -6.65
C LEU A 13 -15.48 4.90 -6.85
N GLN A 14 -16.62 4.54 -7.36
CA GLN A 14 -16.89 3.10 -7.59
C GLN A 14 -15.96 2.55 -8.66
N ASP A 15 -15.54 3.40 -9.54
CA ASP A 15 -14.63 2.96 -10.62
C ASP A 15 -13.27 2.59 -10.05
N LEU A 16 -12.65 3.54 -9.42
CA LEU A 16 -11.32 3.27 -8.82
C LEU A 16 -11.36 1.98 -8.00
N VAL A 17 -12.43 1.80 -7.29
CA VAL A 17 -12.57 0.58 -6.47
C VAL A 17 -12.81 -0.63 -7.35
N ARG A 18 -13.82 -0.52 -8.17
CA ARG A 18 -14.12 -1.65 -9.06
C ARG A 18 -12.91 -1.98 -9.91
N SER A 19 -11.96 -1.08 -9.92
CA SER A 19 -10.73 -1.31 -10.73
C SER A 19 -9.76 -2.22 -9.97
N THR A 20 -9.83 -2.17 -8.67
CA THR A 20 -8.91 -3.01 -7.85
C THR A 20 -9.62 -4.27 -7.38
N ARG A 21 -10.82 -4.48 -7.87
CA ARG A 21 -11.57 -5.68 -7.45
C ARG A 21 -10.82 -6.96 -7.80
N PHE A 22 -11.26 -8.06 -7.17
CA PHE A 22 -10.64 -9.45 -7.36
C PHE A 22 -10.14 -10.01 -6.03
N ASP A 23 -9.38 -11.07 -6.12
CA ASP A 23 -8.84 -11.68 -4.87
C ASP A 23 -7.49 -11.10 -4.49
N LYS A 24 -6.95 -11.58 -3.39
CA LYS A 24 -5.63 -11.08 -2.93
C LYS A 24 -4.70 -12.23 -2.63
N LYS A 25 -5.08 -13.06 -1.70
CA LYS A 25 -4.23 -14.21 -1.36
C LYS A 25 -3.72 -14.86 -2.63
N GLU A 26 -4.45 -14.65 -3.69
CA GLU A 26 -4.05 -15.24 -4.98
C GLU A 26 -2.91 -14.44 -5.57
N LEU A 27 -3.08 -13.16 -5.60
CA LEU A 27 -2.01 -12.29 -6.15
C LEU A 27 -0.76 -12.42 -5.31
N GLN A 28 -0.96 -12.59 -4.02
CA GLN A 28 0.20 -12.72 -3.12
C GLN A 28 1.03 -13.93 -3.52
N GLN A 29 0.36 -15.01 -3.78
CA GLN A 29 1.09 -16.24 -4.18
C GLN A 29 1.92 -15.98 -5.44
N TRP A 30 1.33 -15.27 -6.36
CA TRP A 30 2.07 -14.97 -7.62
C TRP A 30 3.13 -13.91 -7.40
N TYR A 31 2.80 -12.93 -6.60
CA TYR A 31 3.77 -11.84 -6.33
C TYR A 31 5.05 -12.39 -5.68
N LYS A 32 4.90 -13.43 -4.91
CA LYS A 32 6.10 -14.00 -4.25
C LYS A 32 6.85 -14.92 -5.20
N GLY A 33 6.12 -15.61 -6.02
CA GLY A 33 6.77 -16.53 -6.99
C GLY A 33 7.46 -15.74 -8.10
N PHE A 34 6.92 -14.59 -8.42
CA PHE A 34 7.53 -13.76 -9.48
C PHE A 34 8.75 -13.00 -8.97
N PHE A 35 8.63 -12.47 -7.79
CA PHE A 35 9.78 -11.71 -7.23
C PHE A 35 10.88 -12.66 -6.77
N LYS A 36 10.53 -13.91 -6.60
CA LYS A 36 11.54 -14.90 -6.17
C LYS A 36 12.34 -15.41 -7.37
N ASP A 37 11.64 -15.64 -8.45
CA ASP A 37 12.34 -16.13 -9.65
C ASP A 37 13.05 -14.99 -10.37
N CYS A 38 12.54 -13.80 -10.18
CA CYS A 38 13.16 -12.63 -10.84
C CYS A 38 13.08 -11.40 -9.93
N PRO A 39 13.96 -11.37 -8.95
CA PRO A 39 14.00 -10.26 -8.00
C PRO A 39 14.49 -8.99 -8.66
N SER A 40 13.58 -8.08 -8.93
CA SER A 40 13.98 -6.81 -9.58
C SER A 40 13.49 -5.62 -8.76
N GLY A 41 12.22 -5.63 -8.42
CA GLY A 41 11.67 -4.50 -7.62
C GLY A 41 10.91 -3.52 -8.52
N HIS A 42 11.55 -3.12 -9.59
CA HIS A 42 10.89 -2.17 -10.52
C HIS A 42 10.11 -2.93 -11.59
N LEU A 43 9.18 -2.25 -12.21
CA LEU A 43 8.38 -2.91 -13.27
C LEU A 43 8.02 -1.95 -14.39
N ASN A 44 7.85 -2.47 -15.57
CA ASN A 44 7.52 -1.61 -16.73
C ASN A 44 6.01 -1.59 -16.96
N LYS A 45 5.56 -0.59 -17.68
CA LYS A 45 4.10 -0.50 -17.96
C LYS A 45 3.63 -1.66 -18.83
N SER A 46 4.24 -1.80 -19.98
CA SER A 46 3.83 -2.90 -20.89
C SER A 46 3.80 -4.22 -20.13
N GLU A 47 4.84 -4.49 -19.39
CA GLU A 47 4.86 -5.75 -18.64
C GLU A 47 3.68 -5.80 -17.68
N PHE A 48 3.53 -4.74 -16.92
CA PHE A 48 2.41 -4.71 -15.95
C PHE A 48 1.08 -4.97 -16.64
N GLN A 49 0.88 -4.35 -17.77
CA GLN A 49 -0.39 -4.57 -18.50
C GLN A 49 -0.63 -6.05 -18.69
N LYS A 50 0.42 -6.77 -18.99
CA LYS A 50 0.27 -8.22 -19.20
C LYS A 50 -0.24 -8.89 -17.93
N ILE A 51 0.24 -8.42 -16.81
CA ILE A 51 -0.20 -9.02 -15.51
C ILE A 51 -1.69 -8.80 -15.30
N TYR A 52 -2.12 -7.57 -15.43
CA TYR A 52 -3.55 -7.28 -15.23
C TYR A 52 -4.41 -8.03 -16.24
N LYS A 53 -3.79 -8.42 -17.31
CA LYS A 53 -4.53 -9.16 -18.35
C LYS A 53 -4.56 -10.66 -18.05
N GLN A 54 -3.90 -11.04 -16.99
CA GLN A 54 -3.88 -12.49 -16.62
C GLN A 54 -4.70 -12.82 -15.37
N PHE A 55 -4.75 -11.90 -14.44
CA PHE A 55 -5.54 -12.19 -13.19
C PHE A 55 -6.97 -11.65 -13.23
N PHE A 56 -7.18 -10.49 -13.79
CA PHE A 56 -8.59 -9.98 -13.81
C PHE A 56 -8.81 -8.83 -14.79
N PRO A 57 -8.84 -9.18 -16.06
CA PRO A 57 -9.04 -8.21 -17.13
C PRO A 57 -10.53 -7.84 -17.26
N PHE A 58 -11.03 -7.15 -16.28
CA PHE A 58 -12.46 -6.77 -16.33
C PHE A 58 -12.68 -5.59 -17.27
N GLY A 59 -12.28 -4.44 -16.83
CA GLY A 59 -12.46 -3.23 -17.69
C GLY A 59 -11.30 -3.10 -18.67
N ASP A 60 -10.81 -1.90 -18.85
CA ASP A 60 -9.69 -1.69 -19.79
C ASP A 60 -8.35 -1.62 -19.03
N PRO A 61 -7.47 -2.61 -19.26
CA PRO A 61 -6.17 -2.63 -18.59
C PRO A 61 -5.30 -1.45 -19.00
N SER A 62 -5.57 -0.90 -20.15
CA SER A 62 -4.76 0.26 -20.60
C SER A 62 -5.15 1.48 -19.82
N ALA A 63 -6.39 1.55 -19.43
CA ALA A 63 -6.85 2.71 -18.67
C ALA A 63 -6.21 2.70 -17.28
N PHE A 64 -6.40 1.61 -16.59
CA PHE A 64 -5.82 1.52 -15.24
C PHE A 64 -4.33 1.85 -15.30
N ALA A 65 -3.69 1.36 -16.33
CA ALA A 65 -2.24 1.62 -16.47
C ALA A 65 -1.98 3.12 -16.52
N GLU A 66 -2.71 3.80 -17.36
CA GLU A 66 -2.52 5.26 -17.46
C GLU A 66 -2.67 5.90 -16.09
N TYR A 67 -3.35 5.19 -15.21
CA TYR A 67 -3.56 5.74 -13.85
C TYR A 67 -2.31 5.60 -13.01
N VAL A 68 -1.93 4.38 -12.79
CA VAL A 68 -0.71 4.11 -11.98
C VAL A 68 0.40 5.07 -12.37
N PHE A 69 0.57 5.25 -13.64
CA PHE A 69 1.64 6.17 -14.09
C PHE A 69 1.29 7.60 -13.71
N ASN A 70 0.04 7.93 -13.85
CA ASN A 70 -0.40 9.30 -13.51
C ASN A 70 -0.09 9.61 -12.05
N VAL A 71 0.12 8.58 -11.27
CA VAL A 71 0.41 8.78 -9.82
C VAL A 71 1.84 8.36 -9.47
N PHE A 72 2.21 7.20 -9.91
CA PHE A 72 3.58 6.71 -9.61
C PHE A 72 4.58 7.10 -10.70
N ASP A 73 4.13 7.79 -11.72
CA ASP A 73 5.08 8.17 -12.80
C ASP A 73 4.71 9.51 -13.43
N ALA A 74 5.17 10.56 -12.81
CA ALA A 74 4.86 11.91 -13.35
C ALA A 74 5.97 12.38 -14.28
N ASP A 75 7.17 12.01 -13.96
CA ASP A 75 8.32 12.40 -14.80
C ASP A 75 9.60 11.73 -14.29
N LYS A 76 9.54 10.43 -14.18
CA LYS A 76 10.71 9.67 -13.69
C LYS A 76 11.09 8.58 -14.70
N ASN A 77 11.31 9.01 -15.90
CA ASN A 77 11.68 8.05 -16.98
C ASN A 77 10.48 7.20 -17.40
N GLY A 78 10.21 6.15 -16.66
CA GLY A 78 9.05 5.28 -17.01
C GLY A 78 9.10 3.93 -16.28
N TYR A 79 9.22 4.00 -14.97
CA TYR A 79 9.26 2.74 -14.20
C TYR A 79 8.67 2.94 -12.81
N ILE A 80 8.05 1.91 -12.30
CA ILE A 80 7.44 2.01 -10.95
C ILE A 80 7.68 0.74 -10.14
N ASP A 81 7.56 0.85 -8.85
CA ASP A 81 7.78 -0.33 -7.98
C ASP A 81 6.46 -1.04 -7.69
N PHE A 82 6.36 -2.27 -8.14
CA PHE A 82 5.11 -3.04 -7.91
C PHE A 82 4.96 -3.40 -6.43
N LYS A 83 6.03 -3.24 -5.69
CA LYS A 83 5.97 -3.57 -4.25
C LYS A 83 5.12 -2.55 -3.52
N GLU A 84 5.48 -1.30 -3.67
CA GLU A 84 4.71 -0.24 -2.99
C GLU A 84 3.26 -0.25 -3.48
N PHE A 85 3.06 -0.82 -4.63
CA PHE A 85 1.68 -0.88 -5.18
C PHE A 85 0.83 -1.81 -4.34
N ILE A 86 1.33 -2.99 -4.12
CA ILE A 86 0.57 -3.96 -3.31
C ILE A 86 0.24 -3.37 -1.95
N CYS A 87 1.22 -2.74 -1.35
CA CYS A 87 0.99 -2.13 -0.03
C CYS A 87 -0.18 -1.17 -0.10
N ALA A 88 -0.15 -0.30 -1.07
CA ALA A 88 -1.26 0.68 -1.21
C ALA A 88 -2.55 -0.05 -1.54
N LEU A 89 -2.42 -1.17 -2.20
CA LEU A 89 -3.62 -1.95 -2.56
C LEU A 89 -4.44 -2.23 -1.32
N SER A 90 -3.76 -2.47 -0.24
CA SER A 90 -4.48 -2.75 1.04
C SER A 90 -5.62 -1.78 1.21
N VAL A 91 -5.40 -0.56 0.81
CA VAL A 91 -6.48 0.45 0.95
C VAL A 91 -7.72 0.03 0.18
N THR A 92 -7.51 -0.47 -1.02
CA THR A 92 -8.65 -0.91 -1.86
C THR A 92 -8.67 -2.43 -1.98
N SER A 93 -9.34 -3.07 -1.06
CA SER A 93 -9.40 -4.55 -1.10
C SER A 93 -10.63 -5.08 -0.36
N ARG A 94 -10.58 -6.33 0.01
CA ARG A 94 -11.72 -6.93 0.74
C ARG A 94 -11.24 -7.95 1.76
N GLY A 95 -11.31 -7.58 3.01
CA GLY A 95 -10.86 -8.52 4.08
C GLY A 95 -11.06 -7.88 5.46
N GLU A 96 -10.43 -8.46 6.45
CA GLU A 96 -10.57 -7.90 7.81
C GLU A 96 -9.49 -6.86 8.09
N LEU A 97 -9.40 -6.45 9.31
CA LEU A 97 -8.38 -5.43 9.67
C LEU A 97 -7.06 -6.08 10.05
N ASN A 98 -7.14 -7.19 10.73
CA ASN A 98 -5.89 -7.89 11.12
C ASN A 98 -5.11 -8.36 9.90
N ASP A 99 -5.84 -8.76 8.89
CA ASP A 99 -5.17 -9.23 7.66
C ASP A 99 -4.39 -8.10 6.98
N LYS A 100 -4.86 -6.90 7.14
CA LYS A 100 -4.14 -5.76 6.51
C LYS A 100 -2.73 -5.66 7.07
N LEU A 101 -2.64 -5.50 8.36
CA LEU A 101 -1.30 -5.39 8.98
C LEU A 101 -0.45 -6.57 8.58
N ILE A 102 -1.05 -7.73 8.59
CA ILE A 102 -0.30 -8.94 8.21
C ILE A 102 0.09 -8.86 6.74
N TRP A 103 -0.88 -8.54 5.93
CA TRP A 103 -0.61 -8.43 4.47
C TRP A 103 0.57 -7.51 4.23
N ALA A 104 0.58 -6.39 4.93
CA ALA A 104 1.69 -5.44 4.75
C ALA A 104 3.01 -6.08 5.18
N PHE A 105 2.93 -6.88 6.21
CA PHE A 105 4.15 -7.54 6.70
C PHE A 105 4.68 -8.53 5.68
N GLN A 106 3.82 -9.42 5.25
CA GLN A 106 4.27 -10.42 4.25
C GLN A 106 4.70 -9.71 2.99
N LEU A 107 4.34 -8.46 2.90
CA LEU A 107 4.71 -7.67 1.71
C LEU A 107 6.20 -7.32 1.73
N TYR A 108 6.64 -6.76 2.82
CA TYR A 108 8.08 -6.38 2.91
C TYR A 108 8.92 -7.55 3.42
N ASP A 109 8.32 -8.70 3.50
CA ASP A 109 9.07 -9.88 3.99
C ASP A 109 9.64 -10.67 2.82
N LEU A 110 10.20 -9.96 1.87
CA LEU A 110 10.79 -10.65 0.69
C LEU A 110 12.26 -10.93 0.92
N ASP A 111 12.64 -10.91 2.15
CA ASP A 111 14.07 -11.17 2.50
C ASP A 111 14.20 -12.43 3.35
N ASN A 112 13.14 -13.18 3.43
CA ASN A 112 13.19 -14.42 4.25
C ASN A 112 13.87 -14.16 5.58
N ASN A 113 13.64 -12.99 6.10
CA ASN A 113 14.26 -12.62 7.41
C ASN A 113 13.21 -12.60 8.52
N GLY A 114 12.03 -12.18 8.17
CA GLY A 114 10.94 -12.13 9.20
C GLY A 114 11.15 -10.93 10.12
N LEU A 115 12.07 -10.08 9.75
CA LEU A 115 12.34 -8.89 10.60
C LEU A 115 12.61 -7.68 9.70
N ILE A 116 11.74 -6.69 9.77
CA ILE A 116 11.96 -5.48 8.93
C ILE A 116 12.70 -4.41 9.71
N SER A 117 13.30 -3.50 9.00
CA SER A 117 14.06 -2.41 9.67
C SER A 117 13.22 -1.17 9.87
N TYR A 118 13.65 -0.34 10.78
CA TYR A 118 12.91 0.91 11.05
C TYR A 118 12.71 1.71 9.76
N ASP A 119 13.78 1.91 9.05
CA ASP A 119 13.67 2.68 7.78
C ASP A 119 12.56 2.13 6.92
N GLU A 120 12.44 0.82 6.91
CA GLU A 120 11.37 0.20 6.09
C GLU A 120 10.00 0.59 6.62
N MET A 121 9.90 0.68 7.92
CA MET A 121 8.60 1.06 8.51
C MET A 121 8.16 2.43 8.01
N LEU A 122 9.08 3.36 8.03
CA LEU A 122 8.73 4.71 7.56
C LEU A 122 8.51 4.72 6.05
N ARG A 123 9.18 3.83 5.38
CA ARG A 123 9.02 3.76 3.91
C ARG A 123 7.69 3.11 3.55
N ILE A 124 7.24 2.23 4.41
CA ILE A 124 5.95 1.54 4.15
C ILE A 124 4.80 2.55 4.24
N VAL A 125 4.75 3.27 5.33
CA VAL A 125 3.67 4.27 5.48
C VAL A 125 3.78 5.32 4.39
N ASP A 126 5.00 5.57 3.96
CA ASP A 126 5.20 6.59 2.90
C ASP A 126 4.52 6.15 1.62
N ALA A 127 4.66 4.89 1.30
CA ALA A 127 4.02 4.38 0.07
C ALA A 127 2.53 4.67 0.12
N ILE A 128 1.93 4.33 1.22
CA ILE A 128 0.47 4.58 1.36
C ILE A 128 0.19 6.08 1.30
N TYR A 129 1.13 6.86 1.80
CA TYR A 129 0.93 8.32 1.78
C TYR A 129 1.01 8.86 0.37
N LYS A 130 1.66 8.13 -0.50
CA LYS A 130 1.77 8.59 -1.91
C LYS A 130 0.45 8.39 -2.63
N MET A 131 -0.12 7.22 -2.49
CA MET A 131 -1.41 6.95 -3.17
C MET A 131 -2.52 7.79 -2.56
N VAL A 132 -2.30 8.22 -1.34
CA VAL A 132 -3.35 9.05 -0.67
C VAL A 132 -3.54 10.38 -1.41
N GLY A 133 -2.49 10.87 -2.00
CA GLY A 133 -2.59 12.16 -2.73
C GLY A 133 -3.37 11.97 -4.04
N SER A 134 -3.63 10.75 -4.40
CA SER A 134 -4.37 10.50 -5.65
C SER A 134 -5.87 10.41 -5.37
N MET A 135 -6.21 10.24 -4.12
CA MET A 135 -7.65 10.15 -3.74
C MET A 135 -8.09 11.39 -2.99
N VAL A 136 -7.79 11.43 -1.72
CA VAL A 136 -8.18 12.60 -0.91
C VAL A 136 -7.13 13.71 -1.02
N LYS A 137 -7.51 14.89 -0.61
CA LYS A 137 -6.55 16.02 -0.68
C LYS A 137 -5.66 16.06 0.55
N LEU A 138 -4.37 16.01 0.34
CA LEU A 138 -3.44 16.03 1.49
C LEU A 138 -3.67 17.31 2.33
N PRO A 139 -3.93 17.14 3.63
CA PRO A 139 -4.15 18.29 4.51
C PRO A 139 -2.93 19.20 4.55
N GLU A 140 -2.86 20.05 5.54
CA GLU A 140 -1.70 20.98 5.65
C GLU A 140 -1.30 21.18 7.11
N ASP A 141 -1.27 20.11 7.86
CA ASP A 141 -0.89 20.22 9.28
C ASP A 141 -0.36 18.90 9.81
N GLU A 142 -0.02 18.02 8.90
CA GLU A 142 0.51 16.70 9.32
C GLU A 142 1.65 16.27 8.41
N ASP A 143 2.47 17.22 8.05
CA ASP A 143 3.62 16.90 7.16
C ASP A 143 4.69 16.12 7.92
N THR A 144 5.52 15.44 7.20
CA THR A 144 6.59 14.66 7.86
C THR A 144 6.00 13.63 8.83
N PRO A 145 5.30 12.68 8.27
CA PRO A 145 4.67 11.61 9.05
C PRO A 145 5.71 10.85 9.86
N GLU A 146 6.95 11.21 9.70
CA GLU A 146 8.02 10.51 10.44
C GLU A 146 7.81 10.68 11.94
N LYS A 147 7.67 11.89 12.36
CA LYS A 147 7.47 12.16 13.80
C LYS A 147 6.43 11.20 14.37
N ARG A 148 5.45 10.88 13.56
CA ARG A 148 4.39 9.96 14.04
C ARG A 148 4.95 8.55 14.18
N VAL A 149 5.53 8.06 13.12
CA VAL A 149 6.10 6.70 13.18
C VAL A 149 7.07 6.59 14.34
N ASN A 150 7.87 7.60 14.50
CA ASN A 150 8.85 7.57 15.61
C ASN A 150 8.13 7.41 16.93
N LYS A 151 7.00 8.06 17.06
CA LYS A 151 6.24 7.95 18.32
C LYS A 151 5.93 6.49 18.61
N ILE A 152 5.53 5.77 17.60
CA ILE A 152 5.21 4.33 17.82
C ILE A 152 6.42 3.63 18.40
N PHE A 153 7.52 3.74 17.71
CA PHE A 153 8.74 3.09 18.21
C PHE A 153 9.08 3.63 19.59
N ASN A 154 8.79 4.90 19.78
CA ASN A 154 9.08 5.52 21.09
C ASN A 154 8.10 4.98 22.12
N MET A 155 6.91 4.71 21.65
CA MET A 155 5.87 4.18 22.56
C MET A 155 6.32 2.85 23.14
N MET A 156 6.77 1.99 22.27
CA MET A 156 7.25 0.66 22.73
C MET A 156 8.66 0.77 23.27
N ASP A 157 9.28 1.91 23.03
CA ASP A 157 10.68 2.10 23.51
C ASP A 157 11.62 1.08 22.85
N LYS A 158 12.04 1.41 21.65
CA LYS A 158 12.96 0.49 20.92
C LYS A 158 14.34 1.13 20.75
N ASN A 159 15.18 0.47 20.01
CA ASN A 159 16.54 1.02 19.81
C ASN A 159 16.52 2.11 18.74
N LYS A 160 15.38 2.70 18.57
CA LYS A 160 15.27 3.77 17.54
C LYS A 160 15.82 3.30 16.21
N ASP A 161 16.14 2.03 16.14
CA ASP A 161 16.69 1.48 14.87
C ASP A 161 16.55 -0.04 14.83
N GLY A 162 16.45 -0.64 15.99
CA GLY A 162 16.31 -2.13 16.03
C GLY A 162 15.22 -2.59 15.06
N GLN A 163 15.19 -3.88 14.79
CA GLN A 163 14.17 -4.42 13.87
C GLN A 163 12.91 -4.83 14.63
N LEU A 164 11.81 -4.94 13.93
CA LEU A 164 10.54 -5.34 14.58
C LEU A 164 9.91 -6.52 13.86
N THR A 165 9.03 -7.20 14.55
CA THR A 165 8.35 -8.38 13.95
C THR A 165 6.87 -8.13 13.72
N LEU A 166 6.28 -8.92 12.87
CA LEU A 166 4.84 -8.75 12.59
C LEU A 166 4.08 -8.59 13.88
N GLU A 167 4.09 -9.63 14.65
CA GLU A 167 3.37 -9.60 15.95
C GLU A 167 3.56 -8.27 16.66
N GLU A 168 4.79 -7.92 16.91
CA GLU A 168 5.06 -6.62 17.60
C GLU A 168 4.60 -5.44 16.76
N PHE A 169 4.92 -5.47 15.49
CA PHE A 169 4.51 -4.34 14.62
C PHE A 169 3.03 -4.05 14.81
N CYS A 170 2.26 -5.10 14.90
CA CYS A 170 0.80 -4.91 15.08
C CYS A 170 0.52 -4.34 16.46
N GLU A 171 1.35 -4.72 17.41
CA GLU A 171 1.16 -4.22 18.78
C GLU A 171 1.44 -2.72 18.85
N GLY A 172 2.42 -2.30 18.10
CA GLY A 172 2.75 -0.85 18.11
C GLY A 172 1.57 -0.05 17.58
N SER A 173 0.95 -0.57 16.57
CA SER A 173 -0.23 0.14 15.98
C SER A 173 -1.44 0.01 16.89
N LYS A 174 -1.49 -1.06 17.65
CA LYS A 174 -2.64 -1.27 18.56
C LYS A 174 -2.75 -0.12 19.56
N ARG A 175 -1.63 0.24 20.14
CA ARG A 175 -1.66 1.35 21.12
C ARG A 175 -1.99 2.66 20.41
N ASP A 176 -2.17 2.58 19.12
CA ASP A 176 -2.50 3.79 18.33
C ASP A 176 -3.68 3.53 17.39
N PRO A 177 -4.88 3.73 17.90
CA PRO A 177 -6.09 3.50 17.09
C PRO A 177 -6.11 4.41 15.88
N THR A 178 -5.39 5.48 15.94
CA THR A 178 -5.38 6.40 14.78
C THR A 178 -5.01 5.63 13.55
N ILE A 179 -4.19 4.63 13.74
CA ILE A 179 -3.77 3.83 12.60
C ILE A 179 -4.88 2.87 12.28
N VAL A 180 -5.74 2.68 13.24
CA VAL A 180 -6.87 1.77 13.07
C VAL A 180 -8.07 2.53 12.52
N SER A 181 -8.10 3.83 12.76
CA SER A 181 -9.23 4.65 12.27
C SER A 181 -8.96 5.13 10.85
N ALA A 182 -7.70 5.16 10.48
CA ALA A 182 -7.36 5.63 9.12
C ALA A 182 -8.13 4.84 8.06
N LEU A 183 -8.23 3.55 8.27
CA LEU A 183 -8.96 2.72 7.29
C LEU A 183 -10.46 2.73 7.58
N SER A 184 -10.79 2.87 8.84
CA SER A 184 -12.23 2.90 9.21
C SER A 184 -12.91 4.12 8.62
N LEU A 185 -12.14 5.15 8.39
CA LEU A 185 -12.72 6.39 7.81
C LEU A 185 -13.12 6.18 6.36
N TYR A 186 -13.65 5.02 6.07
CA TYR A 186 -14.06 4.73 4.67
C TYR A 186 -14.84 3.42 4.60
N ASP A 187 -15.72 3.23 5.55
CA ASP A 187 -16.53 1.98 5.57
C ASP A 187 -17.99 2.29 5.89
N GLY A 188 -18.69 2.84 4.94
CA GLY A 188 -20.12 3.17 5.17
C GLY A 188 -20.71 3.86 3.95
N LEU A 189 -20.00 3.81 2.86
CA LEU A 189 -20.50 4.46 1.61
C LEU A 189 -20.12 3.64 0.39
N VAL A 190 -20.09 2.35 0.57
CA VAL A 190 -19.73 1.44 -0.56
C VAL A 190 -20.97 0.78 -1.14
C1 MYR A 1 -7.05 16.10 6.46
O1 MYR A 1 -6.77 17.00 5.69
C2 MYR A 1 -6.59 14.67 6.19
C3 MYR A 1 -6.04 14.06 7.49
C4 MYR A 1 -5.60 12.63 7.23
C5 MYR A 1 -5.00 12.05 8.51
C6 MYR A 1 -4.38 10.68 8.20
C7 MYR A 1 -2.89 10.87 7.92
C8 MYR A 1 -2.32 9.56 7.36
C9 MYR A 1 -1.74 8.72 8.51
C10 MYR A 1 -0.95 7.56 7.92
C11 MYR A 1 -0.31 6.75 9.06
C12 MYR A 1 0.50 5.60 8.46
C13 MYR A 1 1.16 4.81 9.59
C14 MYR A 1 1.06 3.31 9.30
H21 MYR A 1 -7.43 14.09 5.85
H22 MYR A 1 -5.82 14.67 5.44
H31 MYR A 1 -5.20 14.65 7.83
H32 MYR A 1 -6.81 14.08 8.25
H41 MYR A 1 -6.44 12.03 6.92
H42 MYR A 1 -4.85 12.61 6.45
H51 MYR A 1 -4.25 12.71 8.90
H52 MYR A 1 -5.79 11.93 9.24
H61 MYR A 1 -4.52 10.01 9.04
H62 MYR A 1 -4.85 10.25 7.33
H71 MYR A 1 -2.74 11.66 7.21
H72 MYR A 1 -2.38 11.12 8.85
H81 MYR A 1 -3.09 9.01 6.86
H82 MYR A 1 -1.53 9.79 6.65
H91 MYR A 1 -1.08 9.34 9.11
H92 MYR A 1 -2.55 8.36 9.13
H101 MYR A 1 -1.62 6.91 7.36
H102 MYR A 1 -0.19 7.92 7.26
H111 MYR A 1 0.35 7.40 9.62
H112 MYR A 1 -1.08 6.36 9.71
H121 MYR A 1 -0.16 4.95 7.90
H122 MYR A 1 1.26 5.99 7.80
H131 MYR A 1 2.20 5.09 9.67
H132 MYR A 1 0.67 5.03 10.53
H141 MYR A 1 1.13 3.14 8.24
H142 MYR A 1 0.11 2.93 9.66
H143 MYR A 1 1.86 2.78 9.80
N GLY A 2 -7.75 16.29 7.55
CA GLY A 2 -8.24 17.66 7.89
C GLY A 2 -9.73 17.76 7.61
N LYS A 3 -10.23 18.97 7.55
CA LYS A 3 -11.67 19.17 7.27
C LYS A 3 -12.04 18.70 5.87
N SER A 4 -13.28 18.35 5.68
CA SER A 4 -13.71 17.88 4.35
C SER A 4 -13.14 16.51 4.04
N GLN A 5 -14.00 15.58 3.72
CA GLN A 5 -13.53 14.22 3.41
C GLN A 5 -13.10 14.11 1.95
N SER A 6 -13.13 12.91 1.43
CA SER A 6 -12.72 12.72 0.02
C SER A 6 -13.71 13.41 -0.92
N LYS A 7 -13.23 14.39 -1.62
CA LYS A 7 -14.12 15.12 -2.57
C LYS A 7 -14.05 14.51 -3.95
N LEU A 8 -13.43 13.36 -4.05
CA LEU A 8 -13.33 12.70 -5.37
C LEU A 8 -14.71 12.47 -5.98
N SER A 9 -14.72 12.06 -7.22
CA SER A 9 -16.02 11.82 -7.89
C SER A 9 -16.52 10.40 -7.60
N GLN A 10 -17.77 10.30 -7.23
CA GLN A 10 -18.34 8.96 -6.93
C GLN A 10 -18.02 7.98 -8.06
N ASP A 11 -17.96 8.49 -9.25
CA ASP A 11 -17.66 7.59 -10.40
C ASP A 11 -16.24 7.09 -10.33
N GLN A 12 -15.33 7.97 -9.98
CA GLN A 12 -13.92 7.55 -9.90
C GLN A 12 -13.77 6.39 -8.93
N LEU A 13 -14.53 6.43 -7.86
CA LEU A 13 -14.43 5.33 -6.88
C LEU A 13 -14.83 4.01 -7.51
N GLN A 14 -16.02 3.97 -8.04
CA GLN A 14 -16.48 2.72 -8.68
C GLN A 14 -15.46 2.26 -9.73
N ASP A 15 -14.69 3.19 -10.21
CA ASP A 15 -13.67 2.84 -11.22
C ASP A 15 -12.44 2.25 -10.56
N LEU A 16 -12.04 2.84 -9.47
CA LEU A 16 -10.85 2.32 -8.76
C LEU A 16 -11.13 0.94 -8.18
N VAL A 17 -12.39 0.59 -8.12
CA VAL A 17 -12.76 -0.75 -7.57
C VAL A 17 -12.79 -1.79 -8.68
N ARG A 18 -13.58 -1.52 -9.68
CA ARG A 18 -13.68 -2.49 -10.80
C ARG A 18 -12.31 -2.77 -11.39
N SER A 19 -11.36 -1.92 -11.08
CA SER A 19 -9.99 -2.12 -11.62
C SER A 19 -9.10 -2.82 -10.60
N THR A 20 -9.65 -3.07 -9.43
CA THR A 20 -8.86 -3.75 -8.37
C THR A 20 -9.49 -5.09 -7.98
N ARG A 21 -10.75 -5.25 -8.32
CA ARG A 21 -11.44 -6.53 -7.98
C ARG A 21 -10.56 -7.71 -8.29
N PHE A 22 -10.27 -8.47 -7.28
CA PHE A 22 -9.41 -9.67 -7.46
C PHE A 22 -9.24 -10.40 -6.13
N ASP A 23 -8.47 -11.46 -6.15
CA ASP A 23 -8.25 -12.23 -4.91
C ASP A 23 -6.97 -11.76 -4.23
N LYS A 24 -6.49 -12.54 -3.29
CA LYS A 24 -5.24 -12.16 -2.57
C LYS A 24 -4.26 -13.31 -2.60
N LYS A 25 -4.56 -14.33 -1.85
CA LYS A 25 -3.63 -15.48 -1.84
C LYS A 25 -3.24 -15.83 -3.26
N GLU A 26 -4.06 -15.40 -4.18
CA GLU A 26 -3.76 -15.70 -5.60
C GLU A 26 -2.64 -14.80 -6.08
N LEU A 27 -2.84 -13.54 -5.92
CA LEU A 27 -1.80 -12.58 -6.35
C LEU A 27 -0.52 -12.84 -5.58
N GLN A 28 -0.69 -13.15 -4.32
CA GLN A 28 0.51 -13.42 -3.48
C GLN A 28 1.33 -14.54 -4.10
N GLN A 29 0.66 -15.56 -4.57
CA GLN A 29 1.38 -16.69 -5.18
C GLN A 29 2.04 -16.25 -6.49
N TRP A 30 1.36 -15.39 -7.21
CA TRP A 30 1.92 -14.91 -8.49
C TRP A 30 3.02 -13.88 -8.25
N TYR A 31 2.77 -13.01 -7.32
CA TYR A 31 3.78 -11.97 -7.00
C TYR A 31 5.07 -12.61 -6.49
N LYS A 32 4.92 -13.63 -5.70
CA LYS A 32 6.13 -14.31 -5.16
C LYS A 32 6.84 -15.08 -6.27
N GLY A 33 6.06 -15.74 -7.10
CA GLY A 33 6.67 -16.52 -8.21
C GLY A 33 7.35 -15.57 -9.21
N PHE A 34 6.79 -14.40 -9.37
CA PHE A 34 7.38 -13.45 -10.33
C PHE A 34 8.69 -12.90 -9.78
N PHE A 35 8.68 -12.50 -8.53
CA PHE A 35 9.92 -11.96 -7.94
C PHE A 35 10.96 -13.07 -7.79
N LYS A 36 10.49 -14.30 -7.85
CA LYS A 36 11.43 -15.44 -7.71
C LYS A 36 12.22 -15.62 -9.00
N ASP A 37 11.55 -15.45 -10.10
CA ASP A 37 12.23 -15.59 -11.40
C ASP A 37 12.93 -14.31 -11.80
N CYS A 38 12.45 -13.21 -11.26
CA CYS A 38 13.07 -11.91 -11.59
C CYS A 38 12.96 -10.94 -10.39
N PRO A 39 14.02 -10.87 -9.59
CA PRO A 39 14.03 -10.00 -8.42
C PRO A 39 13.86 -8.54 -8.81
N SER A 40 13.95 -8.27 -10.09
CA SER A 40 13.80 -6.86 -10.54
C SER A 40 12.49 -6.29 -10.02
N GLY A 41 12.59 -5.34 -9.12
CA GLY A 41 11.36 -4.73 -8.56
C GLY A 41 10.79 -3.68 -9.51
N HIS A 42 11.44 -3.49 -10.63
CA HIS A 42 10.93 -2.49 -11.60
C HIS A 42 9.95 -3.13 -12.58
N LEU A 43 8.94 -2.37 -12.94
CA LEU A 43 7.94 -2.90 -13.90
C LEU A 43 7.45 -1.82 -14.85
N ASN A 44 7.34 -2.15 -16.10
CA ASN A 44 6.87 -1.14 -17.09
C ASN A 44 5.36 -1.16 -17.24
N LYS A 45 4.82 -0.10 -17.76
CA LYS A 45 3.35 -0.02 -17.94
C LYS A 45 2.84 -0.99 -19.00
N SER A 46 3.49 -0.99 -20.14
CA SER A 46 3.05 -1.92 -21.21
C SER A 46 2.93 -3.33 -20.68
N GLU A 47 3.99 -3.81 -20.12
CA GLU A 47 3.96 -5.19 -19.58
C GLU A 47 2.85 -5.32 -18.55
N PHE A 48 2.81 -4.37 -17.65
CA PHE A 48 1.77 -4.42 -16.60
C PHE A 48 0.38 -4.45 -17.22
N GLN A 49 0.19 -3.66 -18.24
CA GLN A 49 -1.15 -3.64 -18.88
C GLN A 49 -1.57 -5.06 -19.25
N LYS A 50 -0.66 -5.81 -19.79
CA LYS A 50 -0.98 -7.19 -20.17
C LYS A 50 -1.34 -8.02 -18.94
N ILE A 51 -0.63 -7.78 -17.87
CA ILE A 51 -0.93 -8.56 -16.64
C ILE A 51 -2.35 -8.27 -16.18
N TYR A 52 -2.75 -7.04 -16.29
CA TYR A 52 -4.11 -6.69 -15.86
C TYR A 52 -5.13 -7.53 -16.60
N LYS A 53 -5.05 -7.51 -17.90
CA LYS A 53 -6.01 -8.31 -18.69
C LYS A 53 -5.78 -9.80 -18.48
N GLN A 54 -4.86 -10.12 -17.59
CA GLN A 54 -4.58 -11.56 -17.33
C GLN A 54 -5.29 -12.06 -16.07
N PHE A 55 -5.39 -11.20 -15.07
CA PHE A 55 -6.07 -11.63 -13.81
C PHE A 55 -7.35 -10.83 -13.53
N PHE A 56 -7.50 -9.70 -14.17
CA PHE A 56 -8.72 -8.88 -13.94
C PHE A 56 -9.77 -9.12 -15.03
N PRO A 57 -11.03 -8.96 -14.67
CA PRO A 57 -12.13 -9.17 -15.62
C PRO A 57 -12.00 -8.28 -16.86
N PHE A 58 -12.27 -7.02 -16.69
CA PHE A 58 -12.16 -6.09 -17.87
C PHE A 58 -11.99 -4.65 -17.40
N GLY A 59 -13.08 -4.05 -17.03
CA GLY A 59 -13.01 -2.63 -16.56
C GLY A 59 -12.20 -1.78 -17.54
N ASP A 60 -11.10 -1.25 -17.08
CA ASP A 60 -10.25 -0.40 -17.95
C ASP A 60 -8.77 -0.61 -17.63
N PRO A 61 -8.12 -1.52 -18.34
CA PRO A 61 -6.71 -1.80 -18.12
C PRO A 61 -5.81 -0.63 -18.50
N SER A 62 -6.12 0.04 -19.56
CA SER A 62 -5.28 1.18 -19.97
C SER A 62 -5.53 2.36 -19.05
N ALA A 63 -6.78 2.58 -18.74
CA ALA A 63 -7.11 3.69 -17.85
C ALA A 63 -6.53 3.43 -16.47
N PHE A 64 -6.69 2.21 -16.01
CA PHE A 64 -6.15 1.87 -14.68
C PHE A 64 -4.66 2.09 -14.68
N ALA A 65 -4.04 1.71 -15.78
CA ALA A 65 -2.58 1.89 -15.88
C ALA A 65 -2.24 3.35 -15.83
N GLU A 66 -3.04 4.13 -16.49
CA GLU A 66 -2.79 5.59 -16.51
C GLU A 66 -2.88 6.15 -15.09
N TYR A 67 -3.57 5.43 -14.24
CA TYR A 67 -3.72 5.89 -12.83
C TYR A 67 -2.50 5.56 -12.01
N VAL A 68 -2.22 4.31 -11.91
CA VAL A 68 -1.05 3.87 -11.13
C VAL A 68 0.15 4.74 -11.43
N PHE A 69 0.40 4.96 -12.67
CA PHE A 69 1.55 5.80 -13.04
C PHE A 69 1.35 7.22 -12.55
N ASN A 70 0.20 7.78 -12.80
CA ASN A 70 -0.05 9.16 -12.34
C ASN A 70 0.25 9.30 -10.86
N VAL A 71 0.24 8.18 -10.16
CA VAL A 71 0.51 8.22 -8.70
C VAL A 71 1.90 7.66 -8.37
N PHE A 72 2.14 6.44 -8.78
CA PHE A 72 3.47 5.83 -8.50
C PHE A 72 4.57 6.39 -9.40
N ASP A 73 4.17 7.09 -10.43
CA ASP A 73 5.19 7.67 -11.37
C ASP A 73 5.06 9.19 -11.44
N ALA A 74 5.52 9.83 -10.41
CA ALA A 74 5.45 11.30 -10.38
C ALA A 74 6.76 11.93 -10.86
N ASP A 75 7.83 11.22 -10.66
CA ASP A 75 9.15 11.76 -11.10
C ASP A 75 9.46 11.28 -12.51
N LYS A 76 8.43 11.00 -13.24
CA LYS A 76 8.63 10.52 -14.64
C LYS A 76 9.74 9.48 -14.69
N ASN A 77 9.89 8.76 -13.62
CA ASN A 77 10.94 7.72 -13.59
C ASN A 77 10.90 6.85 -14.84
N GLY A 78 9.89 6.02 -14.93
CA GLY A 78 9.76 5.13 -16.12
C GLY A 78 9.44 3.71 -15.67
N TYR A 79 9.58 3.47 -14.40
CA TYR A 79 9.29 2.11 -13.87
C TYR A 79 8.76 2.19 -12.44
N ILE A 80 7.64 1.57 -12.23
CA ILE A 80 7.05 1.59 -10.86
C ILE A 80 7.45 0.35 -10.08
N ASP A 81 7.34 0.43 -8.78
CA ASP A 81 7.72 -0.74 -7.94
C ASP A 81 6.49 -1.61 -7.68
N PHE A 82 6.50 -2.80 -8.22
CA PHE A 82 5.34 -3.70 -8.01
C PHE A 82 5.19 -4.04 -6.53
N LYS A 83 6.26 -3.92 -5.79
CA LYS A 83 6.16 -4.24 -4.34
C LYS A 83 5.43 -3.13 -3.62
N GLU A 84 5.93 -1.94 -3.76
CA GLU A 84 5.27 -0.80 -3.09
C GLU A 84 3.81 -0.75 -3.48
N PHE A 85 3.50 -1.39 -4.57
CA PHE A 85 2.09 -1.40 -5.03
C PHE A 85 1.24 -2.29 -4.13
N ILE A 86 1.54 -3.57 -4.14
CA ILE A 86 0.76 -4.49 -3.29
C ILE A 86 0.65 -3.95 -1.87
N CYS A 87 1.72 -3.41 -1.37
CA CYS A 87 1.68 -2.86 0.00
C CYS A 87 0.59 -1.82 0.10
N ALA A 88 0.56 -0.92 -0.84
CA ALA A 88 -0.47 0.14 -0.82
C ALA A 88 -1.83 -0.45 -1.11
N LEU A 89 -1.85 -1.50 -1.88
CA LEU A 89 -3.14 -2.13 -2.19
C LEU A 89 -3.86 -2.48 -0.91
N SER A 90 -3.09 -2.77 0.11
CA SER A 90 -3.69 -3.12 1.40
C SER A 90 -4.81 -2.14 1.73
N VAL A 91 -4.58 -0.89 1.44
CA VAL A 91 -5.62 0.13 1.73
C VAL A 91 -6.97 -0.36 1.24
N THR A 92 -6.96 -1.03 0.12
CA THR A 92 -8.23 -1.55 -0.44
C THR A 92 -8.45 -2.99 -0.02
N SER A 93 -9.20 -3.72 -0.82
CA SER A 93 -9.47 -5.13 -0.49
C SER A 93 -10.43 -5.24 0.70
N ARG A 94 -10.47 -6.40 1.30
CA ARG A 94 -11.38 -6.58 2.46
C ARG A 94 -10.78 -7.56 3.47
N GLY A 95 -11.05 -7.30 4.72
CA GLY A 95 -10.52 -8.20 5.79
C GLY A 95 -10.40 -7.44 7.11
N GLU A 96 -9.90 -8.10 8.12
CA GLU A 96 -9.77 -7.42 9.43
C GLU A 96 -8.43 -6.68 9.52
N LEU A 97 -8.32 -5.84 10.50
CA LEU A 97 -7.05 -5.07 10.66
C LEU A 97 -5.87 -6.01 10.86
N ASN A 98 -6.16 -7.21 11.30
CA ASN A 98 -5.06 -8.18 11.53
C ASN A 98 -4.43 -8.61 10.21
N ASP A 99 -5.22 -9.18 9.35
CA ASP A 99 -4.67 -9.62 8.04
C ASP A 99 -4.17 -8.43 7.23
N LYS A 100 -4.77 -7.30 7.43
CA LYS A 100 -4.33 -6.10 6.68
C LYS A 100 -2.91 -5.72 7.08
N LEU A 101 -2.70 -5.53 8.34
CA LEU A 101 -1.35 -5.15 8.81
C LEU A 101 -0.36 -6.25 8.51
N ILE A 102 -0.79 -7.47 8.70
CA ILE A 102 0.11 -8.61 8.43
C ILE A 102 0.48 -8.64 6.96
N TRP A 103 -0.51 -8.56 6.13
CA TRP A 103 -0.25 -8.57 4.67
C TRP A 103 0.88 -7.60 4.34
N ALA A 104 0.85 -6.46 4.97
CA ALA A 104 1.91 -5.46 4.70
C ALA A 104 3.23 -5.95 5.30
N PHE A 105 3.14 -6.52 6.47
CA PHE A 105 4.37 -7.03 7.12
C PHE A 105 4.99 -8.13 6.28
N GLN A 106 4.16 -8.92 5.67
CA GLN A 106 4.68 -10.02 4.83
C GLN A 106 5.51 -9.45 3.68
N LEU A 107 4.95 -8.49 3.01
CA LEU A 107 5.69 -7.87 1.87
C LEU A 107 7.08 -7.46 2.30
N TYR A 108 7.18 -6.88 3.45
CA TYR A 108 8.51 -6.45 3.94
C TYR A 108 9.17 -7.56 4.73
N ASP A 109 8.81 -8.77 4.39
CA ASP A 109 9.38 -9.94 5.10
C ASP A 109 9.55 -11.11 4.13
N LEU A 110 9.93 -10.78 2.92
CA LEU A 110 10.12 -11.85 1.90
C LEU A 110 11.38 -12.64 2.19
N ASP A 111 11.83 -12.52 3.40
CA ASP A 111 13.05 -13.27 3.81
C ASP A 111 12.71 -14.35 4.83
N ASN A 112 11.45 -14.50 5.12
CA ASN A 112 11.04 -15.53 6.09
C ASN A 112 11.77 -15.33 7.42
N ASN A 113 12.01 -14.10 7.74
CA ASN A 113 12.72 -13.79 9.02
C ASN A 113 11.73 -13.39 10.10
N GLY A 114 10.92 -12.41 9.81
CA GLY A 114 9.92 -11.95 10.82
C GLY A 114 10.46 -10.76 11.61
N LEU A 115 11.44 -10.10 11.04
CA LEU A 115 12.02 -8.92 11.74
C LEU A 115 12.35 -7.81 10.74
N ILE A 116 11.94 -6.60 11.07
CA ILE A 116 12.21 -5.46 10.14
C ILE A 116 12.85 -4.28 10.91
N SER A 117 13.50 -3.42 10.18
CA SER A 117 14.15 -2.23 10.84
C SER A 117 13.37 -0.95 10.63
N TYR A 118 13.69 0.02 11.46
CA TYR A 118 13.01 1.33 11.38
C TYR A 118 12.95 1.79 9.93
N ASP A 119 14.05 1.70 9.25
CA ASP A 119 14.05 2.13 7.83
C ASP A 119 12.94 1.42 7.08
N GLU A 120 12.80 0.15 7.35
CA GLU A 120 11.75 -0.63 6.68
C GLU A 120 10.39 -0.19 7.17
N MET A 121 10.36 0.32 8.38
CA MET A 121 9.07 0.77 8.95
C MET A 121 8.60 2.04 8.26
N LEU A 122 9.49 3.01 8.18
CA LEU A 122 9.11 4.28 7.51
C LEU A 122 8.89 4.04 6.03
N ARG A 123 9.45 2.96 5.53
CA ARG A 123 9.30 2.64 4.10
C ARG A 123 7.92 2.04 3.86
N ILE A 124 7.42 1.36 4.87
CA ILE A 124 6.08 0.74 4.74
C ILE A 124 5.03 1.82 4.68
N VAL A 125 5.01 2.65 5.68
CA VAL A 125 4.01 3.74 5.69
C VAL A 125 4.20 4.62 4.48
N ASP A 126 5.43 4.75 4.04
CA ASP A 126 5.69 5.60 2.86
C ASP A 126 4.86 5.10 1.69
N ALA A 127 4.86 3.80 1.51
CA ALA A 127 4.07 3.24 0.39
C ALA A 127 2.61 3.62 0.54
N ILE A 128 2.07 3.32 1.69
CA ILE A 128 0.65 3.66 1.92
C ILE A 128 0.45 5.16 1.82
N TYR A 129 1.46 5.89 2.23
CA TYR A 129 1.35 7.36 2.16
C TYR A 129 1.36 7.82 0.71
N LYS A 130 2.13 7.14 -0.09
CA LYS A 130 2.21 7.52 -1.52
C LYS A 130 0.84 7.38 -2.17
N MET A 131 0.08 6.43 -1.70
CA MET A 131 -1.28 6.22 -2.27
C MET A 131 -2.31 7.12 -1.59
N VAL A 132 -1.97 7.62 -0.43
CA VAL A 132 -2.93 8.51 0.29
C VAL A 132 -3.16 9.80 -0.49
N GLY A 133 -2.12 10.32 -1.08
CA GLY A 133 -2.28 11.58 -1.85
C GLY A 133 -3.27 11.39 -3.00
N SER A 134 -3.40 10.16 -3.45
CA SER A 134 -4.34 9.89 -4.55
C SER A 134 -5.68 9.41 -4.02
N MET A 135 -5.85 9.50 -2.72
CA MET A 135 -7.13 9.06 -2.10
C MET A 135 -7.79 10.21 -1.33
N VAL A 136 -6.96 11.03 -0.74
CA VAL A 136 -7.51 12.17 0.04
C VAL A 136 -6.57 13.36 -0.02
N LYS A 137 -7.10 14.53 0.26
CA LYS A 137 -6.25 15.74 0.24
C LYS A 137 -5.47 15.88 1.54
N LEU A 138 -4.17 15.75 1.45
CA LEU A 138 -3.35 15.88 2.68
C LEU A 138 -3.58 17.25 3.35
N PRO A 139 -3.40 17.29 4.66
CA PRO A 139 -3.58 18.53 5.41
C PRO A 139 -2.58 19.60 4.98
N GLU A 140 -2.50 20.66 5.75
CA GLU A 140 -1.54 21.74 5.38
C GLU A 140 -0.22 21.51 6.07
N ASP A 141 0.36 20.39 5.78
CA ASP A 141 1.67 20.06 6.39
C ASP A 141 2.57 19.35 5.38
N GLU A 142 2.00 18.39 4.70
CA GLU A 142 2.81 17.64 3.71
C GLU A 142 3.87 16.79 4.39
N ASP A 143 4.93 16.53 3.69
CA ASP A 143 6.01 15.72 4.28
C ASP A 143 5.53 14.29 4.57
N THR A 144 6.44 13.46 4.96
CA THR A 144 6.05 12.05 5.28
C THR A 144 5.70 11.92 6.77
N PRO A 145 4.82 10.98 7.07
CA PRO A 145 4.39 10.75 8.46
C PRO A 145 5.57 10.35 9.37
N GLU A 146 6.75 10.71 8.95
CA GLU A 146 7.93 10.36 9.77
C GLU A 146 7.70 10.73 11.23
N LYS A 147 7.15 11.90 11.43
CA LYS A 147 6.89 12.34 12.81
C LYS A 147 6.03 11.33 13.56
N ARG A 148 5.09 10.76 12.86
CA ARG A 148 4.21 9.75 13.51
C ARG A 148 4.95 8.44 13.71
N VAL A 149 5.64 7.99 12.70
CA VAL A 149 6.38 6.71 12.84
C VAL A 149 7.34 6.78 14.03
N ASN A 150 7.97 7.91 14.17
CA ASN A 150 8.91 8.06 15.29
C ASN A 150 8.16 7.98 16.60
N LYS A 151 7.00 8.57 16.62
CA LYS A 151 6.18 8.55 17.86
C LYS A 151 5.84 7.11 18.23
N ILE A 152 5.54 6.31 17.23
CA ILE A 152 5.20 4.90 17.52
C ILE A 152 6.34 4.24 18.28
N PHE A 153 7.52 4.34 17.73
CA PHE A 153 8.67 3.72 18.42
C PHE A 153 8.83 4.34 19.80
N ASN A 154 8.44 5.58 19.92
CA ASN A 154 8.55 6.26 21.22
C ASN A 154 7.45 5.76 22.14
N MET A 155 6.28 5.61 21.58
CA MET A 155 5.14 5.13 22.39
C MET A 155 5.41 3.71 22.86
N MET A 156 6.09 2.97 22.03
CA MET A 156 6.41 1.57 22.39
C MET A 156 7.62 1.52 23.31
N ASP A 157 8.28 2.64 23.45
CA ASP A 157 9.47 2.68 24.32
C ASP A 157 10.44 1.57 23.95
N LYS A 158 10.52 1.29 22.67
CA LYS A 158 11.44 0.22 22.21
C LYS A 158 12.88 0.62 22.44
N ASN A 159 13.44 1.34 21.50
CA ASN A 159 14.85 1.76 21.64
C ASN A 159 15.22 2.79 20.58
N LYS A 160 15.90 2.33 19.56
CA LYS A 160 16.30 3.24 18.47
C LYS A 160 16.87 2.45 17.31
N ASP A 161 17.49 1.34 17.64
CA ASP A 161 18.09 0.48 16.59
C ASP A 161 17.52 -0.93 16.68
N GLY A 162 16.89 -1.22 17.78
CA GLY A 162 16.29 -2.57 17.95
C GLY A 162 15.43 -2.92 16.74
N GLN A 163 15.06 -4.17 16.64
CA GLN A 163 14.21 -4.60 15.49
C GLN A 163 12.74 -4.66 15.90
N LEU A 164 11.89 -4.23 15.01
CA LEU A 164 10.44 -4.26 15.32
C LEU A 164 9.83 -5.58 14.89
N THR A 165 9.10 -6.18 15.79
CA THR A 165 8.46 -7.49 15.47
C THR A 165 7.04 -7.30 14.95
N LEU A 166 6.55 -8.31 14.30
CA LEU A 166 5.18 -8.23 13.74
C LEU A 166 4.20 -7.91 14.86
N GLU A 167 4.03 -8.83 15.74
CA GLU A 167 3.10 -8.61 16.87
C GLU A 167 3.26 -7.21 17.45
N GLU A 168 4.49 -6.76 17.51
CA GLU A 168 4.73 -5.41 18.06
C GLU A 168 4.21 -4.33 17.12
N PHE A 169 4.54 -4.46 15.87
CA PHE A 169 4.06 -3.45 14.88
C PHE A 169 2.55 -3.29 14.97
N CYS A 170 1.87 -4.39 15.08
CA CYS A 170 0.39 -4.33 15.17
C CYS A 170 -0.04 -3.62 16.44
N GLU A 171 0.70 -3.84 17.50
CA GLU A 171 0.35 -3.19 18.78
C GLU A 171 0.57 -1.68 18.70
N GLY A 172 1.64 -1.30 18.05
CA GLY A 172 1.92 0.16 17.93
C GLY A 172 0.77 0.86 17.20
N SER A 173 0.24 0.20 16.20
CA SER A 173 -0.88 0.81 15.45
C SER A 173 -2.17 0.71 16.24
N LYS A 174 -2.27 -0.31 17.07
CA LYS A 174 -3.49 -0.49 17.87
C LYS A 174 -3.59 0.60 18.93
N ARG A 175 -2.47 0.91 19.54
CA ARG A 175 -2.48 1.94 20.59
C ARG A 175 -2.74 3.30 19.97
N ASP A 176 -2.74 3.33 18.65
CA ASP A 176 -2.98 4.61 17.93
C ASP A 176 -4.21 4.48 17.03
N PRO A 177 -5.38 4.77 17.57
CA PRO A 177 -6.61 4.69 16.82
C PRO A 177 -6.61 5.59 15.60
N THR A 178 -5.77 6.56 15.61
CA THR A 178 -5.72 7.47 14.45
C THR A 178 -5.13 6.74 13.27
N ILE A 179 -4.34 5.75 13.59
CA ILE A 179 -3.72 4.97 12.52
C ILE A 179 -4.71 3.92 12.08
N VAL A 180 -5.70 3.73 12.91
CA VAL A 180 -6.73 2.73 12.61
C VAL A 180 -7.84 3.40 11.80
N SER A 181 -7.99 4.70 11.99
CA SER A 181 -9.03 5.42 11.24
C SER A 181 -8.56 5.73 9.83
N ALA A 182 -7.28 6.00 9.71
CA ALA A 182 -6.72 6.31 8.37
C ALA A 182 -6.67 5.05 7.51
N LEU A 183 -6.07 4.03 8.04
CA LEU A 183 -5.98 2.76 7.26
C LEU A 183 -7.36 2.37 6.72
N SER A 184 -8.37 2.89 7.35
CA SER A 184 -9.75 2.57 6.89
C SER A 184 -10.29 3.66 5.98
N LEU A 185 -11.31 4.35 6.44
CA LEU A 185 -11.89 5.43 5.60
C LEU A 185 -12.49 4.86 4.32
N TYR A 186 -12.33 3.58 4.12
CA TYR A 186 -12.88 2.97 2.89
C TYR A 186 -13.27 1.51 3.14
N ASP A 187 -13.93 1.26 4.23
CA ASP A 187 -14.35 -0.13 4.54
C ASP A 187 -15.63 -0.14 5.36
N GLY A 188 -16.74 -0.11 4.69
CA GLY A 188 -18.04 -0.12 5.41
C GLY A 188 -19.18 0.21 4.45
N LEU A 189 -18.82 0.72 3.30
CA LEU A 189 -19.86 1.08 2.28
C LEU A 189 -19.73 0.22 1.05
N VAL A 190 -19.32 -1.01 1.26
CA VAL A 190 -19.17 -1.93 0.11
C VAL A 190 -20.45 -2.70 -0.15
C1 MYR A 1 -7.67 14.59 4.42
O1 MYR A 1 -7.91 13.96 5.44
C2 MYR A 1 -6.49 14.20 3.53
C3 MYR A 1 -5.90 12.87 4.01
C4 MYR A 1 -6.89 11.74 3.71
C5 MYR A 1 -6.76 10.67 4.78
C6 MYR A 1 -5.34 10.10 4.76
C7 MYR A 1 -5.27 8.90 5.71
C8 MYR A 1 -3.93 8.20 5.53
C9 MYR A 1 -3.67 7.27 6.71
C10 MYR A 1 -2.68 6.18 6.30
C11 MYR A 1 -1.99 5.64 7.55
C12 MYR A 1 -1.29 4.32 7.20
C13 MYR A 1 -0.33 3.95 8.34
C14 MYR A 1 0.23 2.55 8.09
H21 MYR A 1 -6.84 14.10 2.51
H22 MYR A 1 -5.74 14.98 3.58
H31 MYR A 1 -4.96 12.69 3.50
H32 MYR A 1 -5.72 12.92 5.07
H41 MYR A 1 -7.90 12.13 3.70
H42 MYR A 1 -6.67 11.32 2.74
H51 MYR A 1 -6.97 11.09 5.75
H52 MYR A 1 -7.48 9.87 4.59
H61 MYR A 1 -5.09 9.78 3.76
H62 MYR A 1 -4.64 10.86 5.08
H71 MYR A 1 -5.36 9.24 6.72
H72 MYR A 1 -6.07 8.21 5.48
H81 MYR A 1 -3.94 7.62 4.61
H82 MYR A 1 -3.13 8.93 5.46
H91 MYR A 1 -3.27 7.83 7.53
H92 MYR A 1 -4.60 6.81 7.02
H101 MYR A 1 -3.20 5.39 5.78
H102 MYR A 1 -1.93 6.61 5.64
H111 MYR A 1 -1.27 6.34 7.92
H112 MYR A 1 -2.73 5.45 8.32
H121 MYR A 1 -2.02 3.54 7.08
H122 MYR A 1 -0.73 4.44 6.28
H131 MYR A 1 0.49 4.67 8.37
H132 MYR A 1 -0.85 3.97 9.28
H141 MYR A 1 0.79 2.22 8.95
H142 MYR A 1 0.88 2.56 7.23
H143 MYR A 1 -0.59 1.86 7.91
N GLY A 2 -8.39 15.61 4.03
CA GLY A 2 -9.55 16.05 4.86
C GLY A 2 -10.84 15.40 4.35
N LYS A 3 -11.83 16.21 4.08
CA LYS A 3 -13.12 15.67 3.58
C LYS A 3 -13.62 16.46 2.38
N SER A 4 -12.87 17.46 2.00
CA SER A 4 -13.28 18.27 0.83
C SER A 4 -13.48 17.37 -0.39
N GLN A 5 -13.24 16.11 -0.20
CA GLN A 5 -13.41 15.15 -1.32
C GLN A 5 -12.48 15.50 -2.47
N SER A 6 -12.34 14.59 -3.39
CA SER A 6 -11.45 14.86 -4.55
C SER A 6 -12.18 15.64 -5.63
N LYS A 7 -11.44 16.23 -6.52
CA LYS A 7 -12.09 17.01 -7.60
C LYS A 7 -12.68 16.09 -8.67
N LEU A 8 -12.72 14.82 -8.37
CA LEU A 8 -13.27 13.86 -9.36
C LEU A 8 -14.77 13.66 -9.14
N SER A 9 -15.35 12.78 -9.90
CA SER A 9 -16.81 12.53 -9.74
C SER A 9 -17.07 11.38 -8.78
N GLN A 10 -18.33 11.12 -8.51
CA GLN A 10 -18.66 10.01 -7.59
C GLN A 10 -18.64 8.68 -8.31
N ASP A 11 -19.05 8.69 -9.55
CA ASP A 11 -19.05 7.42 -10.32
C ASP A 11 -17.63 6.90 -10.51
N GLN A 12 -16.76 7.78 -10.93
CA GLN A 12 -15.36 7.34 -11.14
C GLN A 12 -14.80 6.75 -9.85
N LEU A 13 -15.13 7.36 -8.74
CA LEU A 13 -14.62 6.85 -7.46
C LEU A 13 -15.10 5.41 -7.23
N GLN A 14 -16.39 5.22 -7.35
CA GLN A 14 -16.94 3.86 -7.15
C GLN A 14 -16.32 2.89 -8.14
N ASP A 15 -15.97 3.40 -9.30
CA ASP A 15 -15.35 2.52 -10.33
C ASP A 15 -13.93 2.16 -9.92
N LEU A 16 -13.12 3.16 -9.73
CA LEU A 16 -11.70 2.89 -9.33
C LEU A 16 -11.66 1.82 -8.26
N VAL A 17 -12.66 1.82 -7.43
CA VAL A 17 -12.71 0.81 -6.34
C VAL A 17 -13.24 -0.52 -6.85
N ARG A 18 -14.46 -0.52 -7.27
CA ARG A 18 -15.05 -1.78 -7.80
C ARG A 18 -14.24 -2.31 -8.97
N SER A 19 -13.33 -1.50 -9.44
CA SER A 19 -12.50 -1.93 -10.59
C SER A 19 -11.27 -2.68 -10.11
N THR A 20 -10.87 -2.42 -8.90
CA THR A 20 -9.68 -3.12 -8.36
C THR A 20 -10.05 -4.49 -7.81
N ARG A 21 -11.32 -4.69 -7.64
CA ARG A 21 -11.80 -5.99 -7.10
C ARG A 21 -11.03 -7.15 -7.68
N PHE A 22 -10.84 -8.15 -6.87
CA PHE A 22 -10.10 -9.34 -7.34
C PHE A 22 -9.64 -10.18 -6.14
N ASP A 23 -9.19 -11.37 -6.42
CA ASP A 23 -8.73 -12.26 -5.32
C ASP A 23 -7.52 -11.67 -4.61
N LYS A 24 -6.90 -12.46 -3.78
CA LYS A 24 -5.70 -11.97 -3.06
C LYS A 24 -4.72 -13.09 -2.83
N LYS A 25 -5.09 -14.02 -1.99
CA LYS A 25 -4.18 -15.16 -1.73
C LYS A 25 -3.61 -15.65 -3.04
N GLU A 26 -4.30 -15.35 -4.11
CA GLU A 26 -3.83 -15.80 -5.43
C GLU A 26 -2.64 -14.96 -5.84
N LEU A 27 -2.72 -13.69 -5.56
CA LEU A 27 -1.61 -12.80 -5.92
C LEU A 27 -0.42 -13.07 -5.03
N GLN A 28 -0.71 -13.41 -3.80
CA GLN A 28 0.40 -13.71 -2.86
C GLN A 28 1.22 -14.88 -3.40
N GLN A 29 0.55 -15.83 -3.99
CA GLN A 29 1.26 -16.99 -4.54
C GLN A 29 2.04 -16.59 -5.79
N TRP A 30 1.39 -15.85 -6.65
CA TRP A 30 2.06 -15.40 -7.89
C TRP A 30 3.06 -14.30 -7.58
N TYR A 31 2.78 -13.55 -6.55
CA TYR A 31 3.69 -12.45 -6.15
C TYR A 31 5.06 -12.99 -5.79
N LYS A 32 5.10 -13.89 -4.86
CA LYS A 32 6.41 -14.46 -4.47
C LYS A 32 6.99 -15.26 -5.63
N GLY A 33 6.11 -15.81 -6.43
CA GLY A 33 6.58 -16.62 -7.60
C GLY A 33 7.21 -15.71 -8.65
N PHE A 34 6.60 -14.57 -8.88
CA PHE A 34 7.16 -13.65 -9.90
C PHE A 34 8.49 -13.08 -9.44
N PHE A 35 8.59 -12.79 -8.18
CA PHE A 35 9.87 -12.23 -7.66
C PHE A 35 10.93 -13.32 -7.57
N LYS A 36 10.48 -14.55 -7.57
CA LYS A 36 11.45 -15.67 -7.49
C LYS A 36 12.12 -15.89 -8.83
N ASP A 37 11.36 -15.73 -9.89
CA ASP A 37 11.94 -15.93 -11.25
C ASP A 37 12.48 -14.62 -11.81
N CYS A 38 12.03 -13.53 -11.25
CA CYS A 38 12.50 -12.21 -11.73
C CYS A 38 12.75 -11.27 -10.56
N PRO A 39 13.77 -11.58 -9.79
CA PRO A 39 14.14 -10.78 -8.64
C PRO A 39 14.54 -9.36 -9.04
N SER A 40 14.10 -8.95 -10.20
CA SER A 40 14.44 -7.60 -10.68
C SER A 40 14.01 -6.54 -9.66
N GLY A 41 12.81 -6.67 -9.18
CA GLY A 41 12.31 -5.68 -8.18
C GLY A 41 11.88 -4.39 -8.87
N HIS A 42 11.58 -4.49 -10.14
CA HIS A 42 11.15 -3.28 -10.89
C HIS A 42 10.08 -3.64 -11.91
N LEU A 43 9.31 -2.65 -12.31
CA LEU A 43 8.25 -2.92 -13.29
C LEU A 43 7.97 -1.70 -14.16
N ASN A 44 7.51 -1.96 -15.37
CA ASN A 44 7.20 -0.84 -16.31
C ASN A 44 5.73 -0.79 -16.60
N LYS A 45 5.29 0.32 -17.10
CA LYS A 45 3.86 0.48 -17.42
C LYS A 45 3.37 -0.65 -18.33
N SER A 46 4.13 -0.96 -19.33
CA SER A 46 3.71 -2.04 -20.25
C SER A 46 3.53 -3.33 -19.49
N GLU A 47 4.54 -3.74 -18.79
CA GLU A 47 4.42 -4.99 -18.01
C GLU A 47 3.24 -4.91 -17.07
N PHE A 48 3.11 -3.79 -16.40
CA PHE A 48 1.99 -3.63 -15.45
C PHE A 48 0.65 -3.89 -16.13
N GLN A 49 0.49 -3.35 -17.31
CA GLN A 49 -0.79 -3.56 -18.02
C GLN A 49 -1.08 -5.05 -18.12
N LYS A 50 -0.08 -5.80 -18.45
CA LYS A 50 -0.28 -7.27 -18.56
C LYS A 50 -0.80 -7.84 -17.25
N ILE A 51 -0.35 -7.28 -16.16
CA ILE A 51 -0.82 -7.79 -14.84
C ILE A 51 -2.30 -7.54 -14.69
N TYR A 52 -2.74 -6.43 -15.19
CA TYR A 52 -4.19 -6.10 -15.08
C TYR A 52 -5.02 -7.16 -15.77
N LYS A 53 -4.70 -7.45 -17.00
CA LYS A 53 -5.49 -8.47 -17.73
C LYS A 53 -5.17 -9.85 -17.17
N GLN A 54 -4.35 -9.89 -16.15
CA GLN A 54 -3.99 -11.19 -15.55
C GLN A 54 -4.90 -11.51 -14.37
N PHE A 55 -5.20 -10.51 -13.57
CA PHE A 55 -6.08 -10.73 -12.38
C PHE A 55 -7.42 -10.02 -12.55
N PHE A 56 -7.41 -8.73 -12.40
CA PHE A 56 -8.69 -7.96 -12.54
C PHE A 56 -9.43 -8.39 -13.81
N PRO A 57 -10.76 -8.30 -13.76
CA PRO A 57 -11.58 -8.66 -14.90
C PRO A 57 -11.14 -7.94 -16.17
N PHE A 58 -11.56 -6.71 -16.30
CA PHE A 58 -11.18 -5.91 -17.51
C PHE A 58 -11.63 -4.46 -17.36
N GLY A 59 -11.30 -3.87 -16.25
CA GLY A 59 -11.70 -2.45 -16.03
C GLY A 59 -10.64 -1.48 -16.58
N ASP A 60 -10.71 -1.22 -17.87
CA ASP A 60 -9.72 -0.29 -18.48
C ASP A 60 -8.31 -0.56 -17.93
N PRO A 61 -7.65 -1.55 -18.51
CA PRO A 61 -6.29 -1.91 -18.10
C PRO A 61 -5.28 -0.83 -18.43
N SER A 62 -5.40 -0.25 -19.59
CA SER A 62 -4.44 0.80 -19.96
C SER A 62 -4.68 2.03 -19.11
N ALA A 63 -5.93 2.32 -18.90
CA ALA A 63 -6.29 3.49 -18.08
C ALA A 63 -5.62 3.37 -16.72
N PHE A 64 -5.77 2.23 -16.11
CA PHE A 64 -5.15 2.04 -14.78
C PHE A 64 -3.65 2.28 -14.89
N ALA A 65 -3.12 1.90 -16.02
CA ALA A 65 -1.66 2.09 -16.25
C ALA A 65 -1.31 3.55 -16.17
N GLU A 66 -1.97 4.34 -16.97
CA GLU A 66 -1.68 5.79 -16.96
C GLU A 66 -1.84 6.34 -15.55
N TYR A 67 -2.55 5.62 -14.73
CA TYR A 67 -2.77 6.08 -13.33
C TYR A 67 -1.58 5.76 -12.46
N VAL A 68 -1.27 4.51 -12.37
CA VAL A 68 -0.13 4.10 -11.54
C VAL A 68 1.06 5.00 -11.76
N PHE A 69 1.31 5.32 -12.99
CA PHE A 69 2.46 6.20 -13.27
C PHE A 69 2.21 7.60 -12.72
N ASN A 70 1.11 8.19 -13.12
CA ASN A 70 0.80 9.55 -12.63
C ASN A 70 0.64 9.53 -11.12
N VAL A 71 0.53 8.35 -10.57
CA VAL A 71 0.38 8.23 -9.10
C VAL A 71 1.69 7.87 -8.40
N PHE A 72 2.27 6.77 -8.80
CA PHE A 72 3.54 6.36 -8.16
C PHE A 72 4.74 7.13 -8.70
N ASP A 73 4.78 7.33 -9.99
CA ASP A 73 5.92 8.08 -10.55
C ASP A 73 5.53 8.82 -11.82
N ALA A 74 5.06 10.02 -11.66
CA ALA A 74 4.67 10.82 -12.85
C ALA A 74 5.91 11.37 -13.54
N ASP A 75 6.94 11.58 -12.77
CA ASP A 75 8.19 12.12 -13.35
C ASP A 75 9.31 12.11 -12.30
N LYS A 76 9.30 11.08 -11.49
CA LYS A 76 10.34 10.97 -10.43
C LYS A 76 11.39 9.94 -10.79
N ASN A 77 10.94 8.86 -11.38
CA ASN A 77 11.90 7.80 -11.79
C ASN A 77 11.46 7.14 -13.09
N GLY A 78 10.20 7.25 -13.39
CA GLY A 78 9.69 6.63 -14.65
C GLY A 78 9.36 5.16 -14.43
N TYR A 79 10.01 4.56 -13.46
CA TYR A 79 9.76 3.13 -13.17
C TYR A 79 9.02 2.98 -11.84
N ILE A 80 8.38 1.85 -11.66
CA ILE A 80 7.63 1.63 -10.39
C ILE A 80 7.83 0.21 -9.89
N ASP A 81 7.74 0.04 -8.60
CA ASP A 81 7.91 -1.31 -8.01
C ASP A 81 6.57 -2.01 -7.86
N PHE A 82 6.55 -3.29 -8.14
CA PHE A 82 5.29 -4.04 -8.02
C PHE A 82 4.96 -4.32 -6.55
N LYS A 83 5.98 -4.57 -5.77
CA LYS A 83 5.73 -4.85 -4.33
C LYS A 83 5.12 -3.64 -3.66
N GLU A 84 5.69 -2.50 -3.88
CA GLU A 84 5.14 -1.28 -3.25
C GLU A 84 3.68 -1.11 -3.62
N PHE A 85 3.33 -1.58 -4.79
CA PHE A 85 1.92 -1.47 -5.24
C PHE A 85 1.00 -2.31 -4.36
N ILE A 86 1.33 -3.56 -4.22
CA ILE A 86 0.48 -4.44 -3.38
C ILE A 86 0.29 -3.84 -1.99
N CYS A 87 1.35 -3.29 -1.46
CA CYS A 87 1.24 -2.69 -0.11
C CYS A 87 0.14 -1.63 -0.10
N ALA A 88 0.18 -0.74 -1.06
CA ALA A 88 -0.86 0.32 -1.10
C ALA A 88 -2.22 -0.31 -1.31
N LEU A 89 -2.23 -1.48 -1.91
CA LEU A 89 -3.51 -2.16 -2.15
C LEU A 89 -4.24 -2.36 -0.84
N SER A 90 -3.52 -2.76 0.15
CA SER A 90 -4.14 -2.98 1.47
C SER A 90 -5.03 -1.81 1.85
N VAL A 91 -4.73 -0.65 1.32
CA VAL A 91 -5.56 0.54 1.66
C VAL A 91 -6.97 0.36 1.13
N THR A 92 -7.09 0.21 -0.15
CA THR A 92 -8.44 0.03 -0.75
C THR A 92 -8.74 -1.44 -0.97
N SER A 93 -9.35 -2.06 0.02
CA SER A 93 -9.68 -3.50 -0.12
C SER A 93 -10.21 -4.05 1.21
N ARG A 94 -11.44 -4.49 1.18
CA ARG A 94 -12.05 -5.05 2.42
C ARG A 94 -11.20 -6.20 2.95
N GLY A 95 -11.39 -6.51 4.21
CA GLY A 95 -10.61 -7.64 4.79
C GLY A 95 -10.37 -7.38 6.28
N GLU A 96 -9.98 -8.42 6.99
CA GLU A 96 -9.73 -8.26 8.44
C GLU A 96 -8.47 -7.43 8.68
N LEU A 97 -8.46 -6.70 9.77
CA LEU A 97 -7.28 -5.87 10.08
C LEU A 97 -6.09 -6.73 10.46
N ASN A 98 -6.36 -7.90 10.99
CA ASN A 98 -5.24 -8.80 11.39
C ASN A 98 -4.41 -9.20 10.18
N ASP A 99 -5.06 -9.73 9.18
CA ASP A 99 -4.31 -10.14 7.98
C ASP A 99 -3.78 -8.93 7.22
N LYS A 100 -4.46 -7.82 7.36
CA LYS A 100 -4.00 -6.60 6.65
C LYS A 100 -2.59 -6.25 7.08
N LEU A 101 -2.40 -6.14 8.36
CA LEU A 101 -1.04 -5.79 8.86
C LEU A 101 -0.06 -6.87 8.46
N ILE A 102 -0.48 -8.10 8.62
CA ILE A 102 0.42 -9.22 8.26
C ILE A 102 0.74 -9.15 6.78
N TRP A 103 -0.28 -8.98 5.99
CA TRP A 103 -0.07 -8.90 4.53
C TRP A 103 1.00 -7.87 4.19
N ALA A 104 0.91 -6.74 4.82
CA ALA A 104 1.93 -5.69 4.55
C ALA A 104 3.26 -6.09 5.16
N PHE A 105 3.21 -6.71 6.31
CA PHE A 105 4.46 -7.12 6.97
C PHE A 105 5.13 -8.26 6.19
N GLN A 106 4.33 -9.18 5.72
CA GLN A 106 4.93 -10.30 4.95
C GLN A 106 5.49 -9.77 3.64
N LEU A 107 4.94 -8.69 3.19
CA LEU A 107 5.41 -8.09 1.92
C LEU A 107 6.84 -7.58 2.07
N TYR A 108 7.07 -6.80 3.09
CA TYR A 108 8.43 -6.25 3.30
C TYR A 108 9.34 -7.28 3.96
N ASP A 109 8.88 -8.52 3.98
CA ASP A 109 9.69 -9.60 4.61
C ASP A 109 10.04 -10.67 3.58
N LEU A 110 10.38 -10.23 2.40
CA LEU A 110 10.74 -11.21 1.35
C LEU A 110 12.24 -11.46 1.33
N ASP A 111 12.86 -11.11 2.41
CA ASP A 111 14.33 -11.31 2.52
C ASP A 111 14.66 -12.50 3.41
N ASN A 112 13.64 -13.13 3.93
CA ASN A 112 13.88 -14.31 4.81
C ASN A 112 14.50 -13.88 6.13
N ASN A 113 13.90 -12.89 6.76
CA ASN A 113 14.44 -12.41 8.07
C ASN A 113 13.30 -12.16 9.07
N GLY A 114 12.10 -12.05 8.56
CA GLY A 114 10.96 -11.81 9.47
C GLY A 114 11.25 -10.65 10.42
N LEU A 115 12.15 -9.80 10.01
CA LEU A 115 12.51 -8.64 10.87
C LEU A 115 12.77 -7.41 10.02
N ILE A 116 11.99 -6.37 10.24
CA ILE A 116 12.19 -5.12 9.44
C ILE A 116 12.78 -4.03 10.30
N SER A 117 13.39 -3.05 9.66
CA SER A 117 14.01 -1.93 10.42
C SER A 117 13.33 -0.60 10.10
N TYR A 118 13.55 0.35 10.98
CA TYR A 118 12.94 1.70 10.79
C TYR A 118 12.96 2.10 9.33
N ASP A 119 13.90 1.57 8.60
CA ASP A 119 13.99 1.91 7.17
C ASP A 119 12.77 1.41 6.43
N GLU A 120 12.51 0.14 6.56
CA GLU A 120 11.33 -0.44 5.87
C GLU A 120 10.05 0.22 6.35
N MET A 121 10.05 0.64 7.58
CA MET A 121 8.85 1.30 8.14
C MET A 121 8.57 2.60 7.41
N LEU A 122 9.61 3.30 7.05
CA LEU A 122 9.41 4.59 6.33
C LEU A 122 8.94 4.32 4.90
N ARG A 123 9.52 3.34 4.26
CA ARG A 123 9.12 3.04 2.88
C ARG A 123 7.71 2.47 2.85
N ILE A 124 7.32 1.86 3.93
CA ILE A 124 5.96 1.27 4.00
C ILE A 124 4.92 2.40 4.05
N VAL A 125 4.97 3.17 5.09
CA VAL A 125 4.00 4.28 5.21
C VAL A 125 4.13 5.20 4.03
N ASP A 126 5.32 5.29 3.49
CA ASP A 126 5.53 6.17 2.32
C ASP A 126 4.77 5.64 1.12
N ALA A 127 4.78 4.34 0.96
CA ALA A 127 4.07 3.73 -0.18
C ALA A 127 2.62 4.18 -0.17
N ILE A 128 1.99 4.05 0.95
CA ILE A 128 0.57 4.46 1.04
C ILE A 128 0.43 5.94 0.74
N TYR A 129 1.33 6.72 1.27
CA TYR A 129 1.29 8.18 1.02
C TYR A 129 1.37 8.47 -0.46
N LYS A 130 2.09 7.64 -1.16
CA LYS A 130 2.22 7.86 -2.63
C LYS A 130 0.87 7.68 -3.29
N MET A 131 0.15 6.67 -2.88
CA MET A 131 -1.18 6.42 -3.48
C MET A 131 -2.16 7.54 -3.11
N VAL A 132 -1.84 8.26 -2.07
CA VAL A 132 -2.74 9.36 -1.65
C VAL A 132 -2.89 10.38 -2.77
N GLY A 133 -1.80 10.64 -3.44
CA GLY A 133 -1.84 11.64 -4.56
C GLY A 133 -2.72 11.10 -5.70
N SER A 134 -3.18 9.89 -5.56
CA SER A 134 -4.03 9.30 -6.62
C SER A 134 -5.44 9.88 -6.59
N MET A 135 -6.13 9.69 -5.49
CA MET A 135 -7.51 10.22 -5.39
C MET A 135 -7.51 11.72 -5.25
N VAL A 136 -7.01 12.20 -4.14
CA VAL A 136 -6.95 13.66 -3.90
C VAL A 136 -5.52 14.17 -3.95
N LYS A 137 -5.37 15.37 -4.41
CA LYS A 137 -4.01 15.96 -4.50
C LYS A 137 -3.44 16.10 -3.10
N LEU A 138 -2.20 15.76 -2.94
CA LEU A 138 -1.59 15.88 -1.60
C LEU A 138 -1.98 17.22 -0.96
N PRO A 139 -1.97 17.27 0.37
CA PRO A 139 -2.32 18.48 1.10
C PRO A 139 -1.42 19.65 0.73
N GLU A 140 -1.35 20.63 1.58
CA GLU A 140 -0.49 21.80 1.28
C GLU A 140 0.98 21.43 1.34
N ASP A 141 1.33 20.40 0.66
CA ASP A 141 2.76 19.97 0.66
C ASP A 141 3.25 19.71 2.07
N GLU A 142 2.42 19.95 3.03
CA GLU A 142 2.84 19.72 4.43
C GLU A 142 2.97 18.22 4.70
N ASP A 143 4.05 17.66 4.23
CA ASP A 143 4.28 16.20 4.43
C ASP A 143 5.27 15.94 5.56
N THR A 144 5.06 14.86 6.26
CA THR A 144 5.96 14.50 7.38
C THR A 144 5.47 13.22 8.07
N PRO A 145 5.53 12.14 7.33
CA PRO A 145 5.10 10.83 7.84
C PRO A 145 5.91 10.38 9.05
N GLU A 146 7.11 10.89 9.17
CA GLU A 146 7.95 10.51 10.33
C GLU A 146 7.18 10.68 11.63
N LYS A 147 6.57 11.82 11.76
CA LYS A 147 5.79 12.08 12.99
C LYS A 147 4.92 10.88 13.33
N ARG A 148 4.42 10.23 12.32
CA ARG A 148 3.56 9.04 12.56
C ARG A 148 4.40 7.86 13.01
N VAL A 149 5.23 7.40 12.12
CA VAL A 149 6.08 6.24 12.48
C VAL A 149 6.81 6.52 13.78
N ASN A 150 7.33 7.71 13.90
CA ASN A 150 8.06 8.07 15.14
C ASN A 150 7.19 7.78 16.34
N LYS A 151 5.98 8.24 16.29
CA LYS A 151 5.06 8.01 17.43
C LYS A 151 5.06 6.55 17.81
N ILE A 152 4.87 5.69 16.84
CA ILE A 152 4.85 4.25 17.14
C ILE A 152 6.12 3.88 17.87
N PHE A 153 7.24 4.31 17.34
CA PHE A 153 8.51 3.99 17.99
C PHE A 153 8.56 4.65 19.35
N ASN A 154 8.03 5.85 19.41
CA ASN A 154 8.02 6.57 20.70
C ASN A 154 7.10 5.85 21.66
N MET A 155 6.03 5.32 21.13
CA MET A 155 5.07 4.59 21.98
C MET A 155 5.80 3.47 22.70
N MET A 156 6.47 2.66 21.94
CA MET A 156 7.21 1.53 22.55
C MET A 156 8.56 2.00 23.06
N ASP A 157 8.90 3.22 22.72
CA ASP A 157 10.20 3.77 23.18
C ASP A 157 11.34 2.83 22.82
N LYS A 158 11.75 2.88 21.57
CA LYS A 158 12.88 2.01 21.11
C LYS A 158 14.01 2.84 20.54
N ASN A 159 14.87 2.21 19.80
CA ASN A 159 16.00 2.96 19.19
C ASN A 159 15.69 3.38 17.77
N LYS A 160 16.55 4.18 17.20
CA LYS A 160 16.31 4.64 15.81
C LYS A 160 16.83 3.63 14.80
N ASP A 161 17.27 2.50 15.31
CA ASP A 161 17.81 1.44 14.42
C ASP A 161 17.30 0.07 14.85
N GLY A 162 16.75 0.02 16.03
CA GLY A 162 16.24 -1.29 16.53
C GLY A 162 15.33 -1.93 15.47
N GLN A 163 15.20 -3.23 15.55
CA GLN A 163 14.34 -3.94 14.56
C GLN A 163 12.97 -4.22 15.14
N LEU A 164 11.98 -4.21 14.28
CA LEU A 164 10.59 -4.48 14.74
C LEU A 164 10.10 -5.84 14.26
N THR A 165 9.38 -6.51 15.12
CA THR A 165 8.85 -7.85 14.76
C THR A 165 7.39 -7.76 14.35
N LEU A 166 6.92 -8.76 13.67
CA LEU A 166 5.51 -8.74 13.23
C LEU A 166 4.60 -8.49 14.41
N GLU A 167 4.58 -9.43 15.29
CA GLU A 167 3.73 -9.29 16.51
C GLU A 167 3.83 -7.88 17.09
N GLU A 168 5.04 -7.40 17.21
CA GLU A 168 5.21 -6.04 17.77
C GLU A 168 4.53 -5.00 16.89
N PHE A 169 4.66 -5.16 15.60
CA PHE A 169 4.02 -4.20 14.68
C PHE A 169 2.53 -4.07 14.98
N CYS A 170 1.90 -5.18 15.17
CA CYS A 170 0.44 -5.15 15.47
C CYS A 170 0.21 -4.56 16.85
N GLU A 171 1.19 -4.68 17.71
CA GLU A 171 1.04 -4.14 19.08
C GLU A 171 1.20 -2.63 19.08
N GLY A 172 1.97 -2.13 18.15
CA GLY A 172 2.17 -0.65 18.08
C GLY A 172 0.97 0.02 17.42
N SER A 173 0.33 -0.68 16.52
CA SER A 173 -0.85 -0.09 15.84
C SER A 173 -2.08 -0.16 16.73
N LYS A 174 -2.37 -1.34 17.20
CA LYS A 174 -3.57 -1.48 18.07
C LYS A 174 -3.50 -0.48 19.22
N ARG A 175 -2.36 0.15 19.36
CA ARG A 175 -2.19 1.15 20.45
C ARG A 175 -2.41 2.56 19.93
N ASP A 176 -2.83 2.65 18.68
CA ASP A 176 -3.08 4.00 18.09
C ASP A 176 -4.41 4.01 17.35
N PRO A 177 -5.47 3.85 18.09
CA PRO A 177 -6.82 3.84 17.52
C PRO A 177 -7.11 5.14 16.77
N THR A 178 -6.65 5.18 15.58
CA THR A 178 -6.84 6.35 14.71
C THR A 178 -6.39 5.97 13.33
N ILE A 179 -5.37 5.15 13.30
CA ILE A 179 -4.86 4.69 12.02
C ILE A 179 -5.74 3.56 11.62
N VAL A 180 -6.42 3.10 12.62
CA VAL A 180 -7.35 1.98 12.48
C VAL A 180 -8.63 2.50 11.84
N SER A 181 -9.02 3.69 12.22
CA SER A 181 -10.26 4.27 11.64
C SER A 181 -9.92 5.09 10.40
N ALA A 182 -8.64 5.30 10.20
CA ALA A 182 -8.20 6.08 9.01
C ALA A 182 -8.24 5.23 7.74
N LEU A 183 -8.24 3.93 7.93
CA LEU A 183 -8.28 3.02 6.76
C LEU A 183 -9.69 2.49 6.54
N SER A 184 -10.50 2.58 7.56
CA SER A 184 -11.90 2.08 7.44
C SER A 184 -12.83 3.18 6.94
N LEU A 185 -12.31 4.37 6.76
CA LEU A 185 -13.19 5.48 6.27
C LEU A 185 -13.49 5.34 4.78
N TYR A 186 -13.21 4.19 4.23
CA TYR A 186 -13.47 4.00 2.78
C TYR A 186 -13.30 2.54 2.38
N ASP A 187 -14.11 1.69 2.96
CA ASP A 187 -14.02 0.24 2.63
C ASP A 187 -15.08 -0.55 3.39
N GLY A 188 -16.30 -0.09 3.30
CA GLY A 188 -17.40 -0.80 4.01
C GLY A 188 -18.75 -0.19 3.61
N LEU A 189 -18.72 1.04 3.17
CA LEU A 189 -19.99 1.70 2.76
C LEU A 189 -20.24 1.50 1.28
N VAL A 190 -19.78 0.38 0.79
CA VAL A 190 -19.97 0.07 -0.65
C VAL A 190 -20.51 -1.35 -0.83
C1 MYR A 1 -7.49 12.59 5.86
O1 MYR A 1 -8.20 12.08 5.01
C2 MYR A 1 -5.97 12.65 5.67
C3 MYR A 1 -5.29 11.72 6.68
C4 MYR A 1 -5.36 10.28 6.16
C5 MYR A 1 -4.59 9.38 7.12
C6 MYR A 1 -4.28 8.05 6.41
C7 MYR A 1 -3.64 7.09 7.41
C8 MYR A 1 -3.33 5.77 6.69
C9 MYR A 1 -3.01 4.68 7.73
C10 MYR A 1 -1.50 4.51 7.84
C11 MYR A 1 -1.20 3.34 8.79
C12 MYR A 1 0.29 2.99 8.69
C13 MYR A 1 0.73 2.30 9.98
C14 MYR A 1 0.16 0.88 10.01
H21 MYR A 1 -5.73 12.34 4.67
H22 MYR A 1 -5.64 13.66 5.83
H31 MYR A 1 -4.26 12.02 6.80
H32 MYR A 1 -5.80 11.80 7.63
H41 MYR A 1 -6.39 9.96 6.11
H42 MYR A 1 -4.93 10.23 5.18
H51 MYR A 1 -3.67 9.85 7.40
H52 MYR A 1 -5.18 9.18 8.00
H61 MYR A 1 -5.19 7.62 6.03
H62 MYR A 1 -3.60 8.23 5.59
H71 MYR A 1 -2.73 7.52 7.79
H72 MYR A 1 -4.33 6.90 8.22
H81 MYR A 1 -4.17 5.47 6.10
H82 MYR A 1 -2.47 5.90 6.04
H91 MYR A 1 -3.42 4.97 8.69
H92 MYR A 1 -3.47 3.75 7.43
H101 MYR A 1 -1.09 4.29 6.86
H102 MYR A 1 -1.05 5.41 8.22
H111 MYR A 1 -1.43 3.63 9.80
H112 MYR A 1 -1.79 2.49 8.51
H121 MYR A 1 0.46 2.32 7.85
H122 MYR A 1 0.87 3.89 8.54
H131 MYR A 1 1.80 2.26 10.03
H132 MYR A 1 0.35 2.85 10.84
H141 MYR A 1 -0.90 0.91 10.19
H142 MYR A 1 0.64 0.31 10.79
H143 MYR A 1 0.35 0.39 9.06
N GLY A 2 -7.95 13.12 6.98
CA GLY A 2 -9.41 13.10 7.26
C GLY A 2 -10.00 14.50 7.11
N LYS A 3 -9.79 15.11 5.96
CA LYS A 3 -10.32 16.48 5.75
C LYS A 3 -11.72 16.43 5.13
N SER A 4 -12.70 16.16 5.96
CA SER A 4 -14.09 16.10 5.46
C SER A 4 -14.16 15.38 4.11
N GLN A 5 -14.04 14.08 4.15
CA GLN A 5 -14.09 13.30 2.88
C GLN A 5 -13.18 13.91 1.82
N SER A 6 -13.36 13.51 0.60
CA SER A 6 -12.52 14.04 -0.51
C SER A 6 -13.29 15.06 -1.33
N LYS A 7 -12.83 15.30 -2.54
CA LYS A 7 -13.52 16.28 -3.42
C LYS A 7 -13.78 15.69 -4.80
N LEU A 8 -13.61 14.41 -4.92
CA LEU A 8 -13.84 13.77 -6.24
C LEU A 8 -15.32 13.44 -6.42
N SER A 9 -15.66 12.90 -7.56
CA SER A 9 -17.08 12.56 -7.79
C SER A 9 -17.40 11.16 -7.27
N GLN A 10 -18.66 10.82 -7.28
CA GLN A 10 -19.06 9.49 -6.78
C GLN A 10 -18.92 8.44 -7.87
N ASP A 11 -19.01 8.87 -9.10
CA ASP A 11 -18.89 7.91 -10.23
C ASP A 11 -17.48 7.34 -10.30
N GLN A 12 -16.52 8.22 -10.34
CA GLN A 12 -15.11 7.75 -10.40
C GLN A 12 -14.82 6.77 -9.28
N LEU A 13 -15.39 7.04 -8.13
CA LEU A 13 -15.15 6.13 -6.98
C LEU A 13 -15.62 4.72 -7.32
N GLN A 14 -16.83 4.61 -7.79
CA GLN A 14 -17.35 3.26 -8.15
C GLN A 14 -16.50 2.63 -9.24
N ASP A 15 -15.87 3.46 -10.03
CA ASP A 15 -15.02 2.94 -11.13
C ASP A 15 -13.69 2.45 -10.58
N LEU A 16 -12.97 3.33 -9.96
CA LEU A 16 -11.67 2.93 -9.40
C LEU A 16 -11.79 1.62 -8.63
N VAL A 17 -12.93 1.41 -8.05
CA VAL A 17 -13.15 0.16 -7.28
C VAL A 17 -13.43 -0.99 -8.23
N ARG A 18 -14.51 -0.89 -8.95
CA ARG A 18 -14.85 -1.98 -9.90
C ARG A 18 -13.73 -2.19 -10.90
N SER A 19 -12.80 -1.28 -10.92
CA SER A 19 -11.67 -1.40 -11.87
C SER A 19 -10.58 -2.29 -11.27
N THR A 20 -10.43 -2.22 -9.97
CA THR A 20 -9.40 -3.06 -9.31
C THR A 20 -9.94 -4.45 -9.01
N ARG A 21 -11.17 -4.68 -9.38
CA ARG A 21 -11.77 -6.02 -9.13
C ARG A 21 -10.79 -7.12 -9.47
N PHE A 22 -10.49 -7.91 -8.49
CA PHE A 22 -9.54 -9.03 -8.72
C PHE A 22 -9.44 -9.90 -7.47
N ASP A 23 -8.34 -10.62 -7.37
CA ASP A 23 -8.13 -11.52 -6.20
C ASP A 23 -6.89 -11.11 -5.43
N LYS A 24 -6.66 -11.76 -4.29
CA LYS A 24 -5.46 -11.42 -3.46
C LYS A 24 -4.59 -12.64 -3.25
N LYS A 25 -5.05 -13.53 -2.42
CA LYS A 25 -4.25 -14.76 -2.16
C LYS A 25 -3.67 -15.28 -3.46
N GLU A 26 -4.29 -14.92 -4.54
CA GLU A 26 -3.79 -15.38 -5.85
C GLU A 26 -2.66 -14.49 -6.31
N LEU A 27 -2.82 -13.21 -6.09
CA LEU A 27 -1.76 -12.27 -6.49
C LEU A 27 -0.56 -12.45 -5.57
N GLN A 28 -0.85 -12.76 -4.33
CA GLN A 28 0.26 -12.95 -3.38
C GLN A 28 1.12 -14.13 -3.82
N GLN A 29 0.48 -15.18 -4.21
CA GLN A 29 1.25 -16.37 -4.66
C GLN A 29 2.06 -16.01 -5.90
N TRP A 30 1.48 -15.19 -6.74
CA TRP A 30 2.17 -14.79 -7.97
C TRP A 30 3.27 -13.78 -7.65
N TYR A 31 2.89 -12.75 -6.95
CA TYR A 31 3.88 -11.72 -6.59
C TYR A 31 5.15 -12.37 -6.08
N LYS A 32 4.97 -13.43 -5.32
CA LYS A 32 6.15 -14.13 -4.78
C LYS A 32 6.82 -14.94 -5.89
N GLY A 33 6.02 -15.39 -6.81
CA GLY A 33 6.56 -16.18 -7.93
C GLY A 33 7.40 -15.30 -8.86
N PHE A 34 6.89 -14.13 -9.17
CA PHE A 34 7.64 -13.22 -10.05
C PHE A 34 8.95 -12.79 -9.38
N PHE A 35 8.87 -12.55 -8.10
CA PHE A 35 10.09 -12.14 -7.38
C PHE A 35 11.05 -13.30 -7.26
N LYS A 36 10.50 -14.49 -7.20
CA LYS A 36 11.35 -15.69 -7.09
C LYS A 36 12.26 -15.80 -8.30
N ASP A 37 11.72 -15.46 -9.44
CA ASP A 37 12.52 -15.54 -10.68
C ASP A 37 13.44 -14.33 -10.79
N CYS A 38 13.16 -13.33 -10.00
CA CYS A 38 13.99 -12.11 -10.02
C CYS A 38 13.43 -11.07 -9.02
N PRO A 39 14.17 -10.83 -7.93
CA PRO A 39 13.72 -9.87 -6.92
C PRO A 39 13.54 -8.48 -7.52
N SER A 40 13.92 -8.34 -8.75
CA SER A 40 13.77 -7.01 -9.41
C SER A 40 12.32 -6.55 -9.34
N GLY A 41 12.05 -5.63 -8.45
CA GLY A 41 10.65 -5.14 -8.32
C GLY A 41 10.36 -4.05 -9.35
N HIS A 42 11.14 -4.03 -10.40
CA HIS A 42 10.92 -2.99 -11.44
C HIS A 42 9.98 -3.49 -12.52
N LEU A 43 8.99 -2.68 -12.84
CA LEU A 43 8.02 -3.10 -13.89
C LEU A 43 7.59 -1.89 -14.73
N ASN A 44 7.16 -2.17 -15.95
CA ASN A 44 6.72 -1.07 -16.85
C ASN A 44 5.26 -1.22 -17.24
N LYS A 45 4.69 -0.15 -17.70
CA LYS A 45 3.26 -0.19 -18.10
C LYS A 45 2.97 -1.34 -19.07
N SER A 46 3.89 -1.58 -19.96
CA SER A 46 3.68 -2.68 -20.93
C SER A 46 3.61 -4.01 -20.21
N GLU A 47 4.64 -4.33 -19.49
CA GLU A 47 4.65 -5.61 -18.76
C GLU A 47 3.53 -5.64 -17.74
N PHE A 48 3.20 -4.48 -17.22
CA PHE A 48 2.12 -4.41 -16.23
C PHE A 48 0.78 -4.74 -16.86
N GLN A 49 0.59 -4.31 -18.07
CA GLN A 49 -0.69 -4.59 -18.75
C GLN A 49 -0.85 -6.09 -18.96
N LYS A 50 0.20 -6.74 -19.34
CA LYS A 50 0.12 -8.20 -19.56
C LYS A 50 -0.31 -8.90 -18.30
N ILE A 51 0.29 -8.53 -17.20
CA ILE A 51 -0.08 -9.18 -15.91
C ILE A 51 -1.52 -8.86 -15.56
N TYR A 52 -1.95 -7.68 -15.91
CA TYR A 52 -3.34 -7.29 -15.60
C TYR A 52 -4.32 -8.16 -16.38
N LYS A 53 -3.87 -8.67 -17.49
CA LYS A 53 -4.77 -9.54 -18.29
C LYS A 53 -4.83 -10.94 -17.72
N GLN A 54 -3.89 -11.26 -16.87
CA GLN A 54 -3.89 -12.62 -16.27
C GLN A 54 -4.89 -12.72 -15.12
N PHE A 55 -5.05 -11.62 -14.41
CA PHE A 55 -5.99 -11.62 -13.26
C PHE A 55 -7.32 -10.94 -13.63
N PHE A 56 -7.31 -9.64 -13.61
CA PHE A 56 -8.53 -8.89 -13.95
C PHE A 56 -9.17 -9.43 -15.25
N PRO A 57 -10.49 -9.35 -15.33
CA PRO A 57 -11.22 -9.83 -16.51
C PRO A 57 -10.81 -9.04 -17.76
N PHE A 58 -11.35 -7.85 -17.86
CA PHE A 58 -11.01 -6.99 -19.04
C PHE A 58 -11.93 -5.78 -19.10
N GLY A 59 -11.75 -4.88 -18.17
CA GLY A 59 -12.60 -3.65 -18.14
C GLY A 59 -11.86 -2.47 -18.77
N ASP A 60 -10.84 -2.02 -18.09
CA ASP A 60 -10.06 -0.87 -18.62
C ASP A 60 -8.61 -0.95 -18.14
N PRO A 61 -7.90 -1.94 -18.65
CA PRO A 61 -6.51 -2.15 -18.28
C PRO A 61 -5.63 -0.96 -18.66
N SER A 62 -5.97 -0.32 -19.74
CA SER A 62 -5.15 0.85 -20.16
C SER A 62 -5.43 2.01 -19.23
N ALA A 63 -6.69 2.20 -18.96
CA ALA A 63 -7.07 3.31 -18.07
C ALA A 63 -6.50 3.05 -16.68
N PHE A 64 -6.68 1.84 -16.22
CA PHE A 64 -6.15 1.51 -14.88
C PHE A 64 -4.65 1.70 -14.88
N ALA A 65 -4.06 1.33 -15.98
CA ALA A 65 -2.58 1.48 -16.10
C ALA A 65 -2.25 2.96 -16.09
N GLU A 66 -3.07 3.71 -16.77
CA GLU A 66 -2.86 5.16 -16.85
C GLU A 66 -2.96 5.77 -15.46
N TYR A 67 -3.60 5.06 -14.57
CA TYR A 67 -3.76 5.57 -13.19
C TYR A 67 -2.50 5.32 -12.39
N VAL A 68 -2.17 4.07 -12.27
CA VAL A 68 -0.96 3.72 -11.51
C VAL A 68 0.18 4.65 -11.84
N PHE A 69 0.28 4.99 -13.10
CA PHE A 69 1.37 5.91 -13.48
C PHE A 69 1.09 7.29 -12.91
N ASN A 70 -0.08 7.78 -13.14
CA ASN A 70 -0.42 9.11 -12.61
C ASN A 70 -0.04 9.22 -11.14
N VAL A 71 0.09 8.09 -10.48
CA VAL A 71 0.47 8.10 -9.04
C VAL A 71 1.88 7.59 -8.81
N PHE A 72 2.21 6.46 -9.38
CA PHE A 72 3.57 5.90 -9.20
C PHE A 72 4.50 6.32 -10.34
N ASP A 73 4.01 7.16 -11.23
CA ASP A 73 4.85 7.61 -12.36
C ASP A 73 4.69 9.11 -12.57
N ALA A 74 5.50 9.85 -11.90
CA ALA A 74 5.43 11.33 -12.03
C ALA A 74 5.37 11.75 -13.49
N ASP A 75 5.59 10.80 -14.37
CA ASP A 75 5.55 11.10 -15.84
C ASP A 75 6.86 11.73 -16.28
N LYS A 76 7.95 11.15 -15.83
CA LYS A 76 9.29 11.68 -16.20
C LYS A 76 10.13 10.59 -16.85
N ASN A 77 10.52 9.62 -16.05
CA ASN A 77 11.34 8.51 -16.59
C ASN A 77 10.47 7.45 -17.26
N GLY A 78 9.38 7.11 -16.61
CA GLY A 78 8.47 6.09 -17.18
C GLY A 78 8.71 4.71 -16.54
N TYR A 79 8.69 4.66 -15.23
CA TYR A 79 8.91 3.35 -14.55
C TYR A 79 8.17 3.29 -13.22
N ILE A 80 7.83 2.09 -12.81
CA ILE A 80 7.10 1.95 -11.52
C ILE A 80 7.51 0.66 -10.80
N ASP A 81 7.31 0.64 -9.51
CA ASP A 81 7.68 -0.57 -8.72
C ASP A 81 6.43 -1.38 -8.37
N PHE A 82 6.54 -2.67 -8.49
CA PHE A 82 5.38 -3.53 -8.16
C PHE A 82 5.35 -3.85 -6.67
N LYS A 83 6.45 -3.63 -6.01
CA LYS A 83 6.51 -3.91 -4.56
C LYS A 83 5.70 -2.89 -3.79
N GLU A 84 6.14 -1.67 -3.82
CA GLU A 84 5.40 -0.61 -3.11
C GLU A 84 3.96 -0.57 -3.59
N PHE A 85 3.73 -1.14 -4.74
CA PHE A 85 2.36 -1.15 -5.29
C PHE A 85 1.48 -2.06 -4.46
N ILE A 86 1.94 -3.25 -4.22
CA ILE A 86 1.13 -4.19 -3.41
C ILE A 86 0.85 -3.60 -2.05
N CYS A 87 1.85 -2.99 -1.47
CA CYS A 87 1.67 -2.39 -0.14
C CYS A 87 0.51 -1.40 -0.17
N ALA A 88 0.48 -0.58 -1.19
CA ALA A 88 -0.61 0.42 -1.29
C ALA A 88 -1.91 -0.26 -1.66
N LEU A 89 -1.81 -1.29 -2.45
CA LEU A 89 -3.04 -2.01 -2.85
C LEU A 89 -3.86 -2.35 -1.63
N SER A 90 -3.19 -2.64 -0.54
CA SER A 90 -3.92 -2.97 0.70
C SER A 90 -5.07 -2.01 0.92
N VAL A 91 -4.84 -0.76 0.58
CA VAL A 91 -5.91 0.24 0.76
C VAL A 91 -7.19 -0.20 0.07
N THR A 92 -7.04 -0.66 -1.15
CA THR A 92 -8.23 -1.11 -1.91
C THR A 92 -8.28 -2.65 -1.95
N SER A 93 -9.02 -3.23 -1.05
CA SER A 93 -9.11 -4.71 -1.03
C SER A 93 -10.18 -5.18 -0.04
N ARG A 94 -10.69 -6.36 -0.26
CA ARG A 94 -11.73 -6.90 0.66
C ARG A 94 -11.10 -7.81 1.71
N GLY A 95 -11.08 -7.35 2.92
CA GLY A 95 -10.50 -8.17 4.01
C GLY A 95 -10.52 -7.42 5.35
N GLU A 96 -10.16 -8.09 6.40
CA GLU A 96 -10.15 -7.42 7.73
C GLU A 96 -8.96 -6.48 7.85
N LEU A 97 -9.03 -5.57 8.79
CA LEU A 97 -7.90 -4.63 8.96
C LEU A 97 -6.65 -5.35 9.46
N ASN A 98 -6.83 -6.55 9.95
CA ASN A 98 -5.66 -7.31 10.45
C ASN A 98 -4.78 -7.76 9.29
N ASP A 99 -5.39 -7.97 8.15
CA ASP A 99 -4.61 -8.42 6.97
C ASP A 99 -3.81 -7.26 6.39
N LYS A 100 -4.34 -6.07 6.52
CA LYS A 100 -3.62 -4.89 5.98
C LYS A 100 -2.22 -4.83 6.56
N LEU A 101 -2.14 -4.90 7.86
CA LEU A 101 -0.81 -4.85 8.51
C LEU A 101 0.00 -6.08 8.14
N ILE A 102 -0.60 -7.22 8.30
CA ILE A 102 0.10 -8.47 7.97
C ILE A 102 0.53 -8.44 6.50
N TRP A 103 -0.39 -8.13 5.65
CA TRP A 103 -0.09 -8.07 4.20
C TRP A 103 1.12 -7.18 3.97
N ALA A 104 1.11 -6.04 4.61
CA ALA A 104 2.25 -5.11 4.43
C ALA A 104 3.47 -5.67 5.14
N PHE A 105 3.22 -6.30 6.25
CA PHE A 105 4.33 -6.89 7.02
C PHE A 105 4.99 -8.00 6.24
N GLN A 106 4.18 -8.86 5.68
CA GLN A 106 4.76 -9.98 4.90
C GLN A 106 5.48 -9.43 3.68
N LEU A 107 5.02 -8.28 3.23
CA LEU A 107 5.65 -7.65 2.06
C LEU A 107 7.10 -7.32 2.35
N TYR A 108 7.35 -6.70 3.46
CA TYR A 108 8.74 -6.34 3.83
C TYR A 108 9.41 -7.51 4.53
N ASP A 109 8.90 -8.69 4.30
CA ASP A 109 9.49 -9.89 4.94
C ASP A 109 9.42 -11.09 4.01
N LEU A 110 10.05 -10.98 2.86
CA LEU A 110 10.02 -12.10 1.90
C LEU A 110 10.91 -13.23 2.38
N ASP A 111 11.21 -13.19 3.63
CA ASP A 111 12.07 -14.25 4.23
C ASP A 111 11.36 -14.92 5.38
N ASN A 112 10.15 -14.49 5.62
CA ASN A 112 9.38 -15.09 6.73
C ASN A 112 10.19 -15.13 8.01
N ASN A 113 10.97 -14.11 8.23
CA ASN A 113 11.80 -14.08 9.45
C ASN A 113 11.04 -13.42 10.59
N GLY A 114 10.13 -12.53 10.26
CA GLY A 114 9.34 -11.84 11.31
C GLY A 114 10.16 -10.75 11.99
N LEU A 115 11.04 -10.13 11.24
CA LEU A 115 11.87 -9.06 11.84
C LEU A 115 12.22 -7.99 10.81
N ILE A 116 11.54 -6.85 10.89
CA ILE A 116 11.83 -5.75 9.92
C ILE A 116 12.64 -4.66 10.59
N SER A 117 13.30 -3.86 9.78
CA SER A 117 14.12 -2.74 10.36
C SER A 117 13.39 -1.42 10.33
N TYR A 118 13.84 -0.50 11.14
CA TYR A 118 13.19 0.84 11.19
C TYR A 118 13.05 1.42 9.78
N ASP A 119 14.10 1.29 9.01
CA ASP A 119 14.04 1.83 7.63
C ASP A 119 12.81 1.32 6.92
N GLU A 120 12.53 0.07 7.09
CA GLU A 120 11.33 -0.50 6.43
C GLU A 120 10.08 0.17 6.96
N MET A 121 10.12 0.58 8.19
CA MET A 121 8.95 1.24 8.79
C MET A 121 8.63 2.53 8.04
N LEU A 122 9.65 3.24 7.67
CA LEU A 122 9.44 4.51 6.94
C LEU A 122 8.89 4.24 5.55
N ARG A 123 9.44 3.24 4.90
CA ARG A 123 8.96 2.91 3.53
C ARG A 123 7.54 2.37 3.57
N ILE A 124 7.15 1.86 4.70
CA ILE A 124 5.77 1.31 4.81
C ILE A 124 4.78 2.46 4.88
N VAL A 125 4.83 3.22 5.94
CA VAL A 125 3.90 4.34 6.08
C VAL A 125 4.03 5.30 4.90
N ASP A 126 5.18 5.24 4.25
CA ASP A 126 5.38 6.13 3.08
C ASP A 126 4.54 5.67 1.90
N ALA A 127 4.50 4.38 1.70
CA ALA A 127 3.70 3.84 0.58
C ALA A 127 2.24 4.24 0.73
N ILE A 128 1.73 4.13 1.92
CA ILE A 128 0.30 4.50 2.13
C ILE A 128 0.10 5.99 1.92
N TYR A 129 1.00 6.77 2.44
CA TYR A 129 0.88 8.24 2.27
C TYR A 129 1.06 8.64 0.81
N LYS A 130 1.57 7.73 0.03
CA LYS A 130 1.78 8.06 -1.41
C LYS A 130 0.50 7.86 -2.20
N MET A 131 -0.17 6.75 -1.96
CA MET A 131 -1.43 6.49 -2.68
C MET A 131 -2.58 7.31 -2.11
N VAL A 132 -2.36 7.84 -0.93
CA VAL A 132 -3.43 8.65 -0.30
C VAL A 132 -3.78 9.86 -1.15
N GLY A 133 -2.77 10.46 -1.71
CA GLY A 133 -3.01 11.65 -2.56
C GLY A 133 -4.01 11.34 -3.67
N SER A 134 -4.00 10.11 -4.12
CA SER A 134 -4.95 9.73 -5.19
C SER A 134 -6.39 9.91 -4.74
N MET A 135 -6.66 9.54 -3.52
CA MET A 135 -8.05 9.69 -3.01
C MET A 135 -8.27 11.09 -2.45
N VAL A 136 -7.71 11.33 -1.30
CA VAL A 136 -7.87 12.68 -0.68
C VAL A 136 -6.77 13.63 -1.16
N LYS A 137 -6.95 14.88 -0.88
CA LYS A 137 -5.93 15.88 -1.31
C LYS A 137 -4.90 16.12 -0.23
N LEU A 138 -4.66 15.10 0.56
CA LEU A 138 -3.66 15.20 1.67
C LEU A 138 -3.98 16.37 2.64
N PRO A 139 -3.52 16.26 3.86
CA PRO A 139 -3.74 17.30 4.86
C PRO A 139 -3.08 18.61 4.44
N GLU A 140 -3.29 19.65 5.20
CA GLU A 140 -2.68 20.95 4.85
C GLU A 140 -1.38 21.16 5.61
N ASP A 141 -0.73 20.08 5.90
CA ASP A 141 0.54 20.17 6.65
C ASP A 141 1.40 18.92 6.42
N GLU A 142 1.33 18.37 5.24
CA GLU A 142 2.13 17.17 4.94
C GLU A 142 3.57 17.37 5.38
N ASP A 143 4.21 16.30 5.77
CA ASP A 143 5.63 16.42 6.21
C ASP A 143 6.19 15.06 6.59
N THR A 144 7.48 14.92 6.44
CA THR A 144 8.13 13.62 6.79
C THR A 144 7.52 13.03 8.07
N PRO A 145 6.72 11.99 7.94
CA PRO A 145 6.08 11.36 9.10
C PRO A 145 7.12 10.72 10.03
N GLU A 146 8.34 11.14 9.90
CA GLU A 146 9.40 10.57 10.76
C GLU A 146 9.04 10.75 12.23
N LYS A 147 8.68 11.95 12.58
CA LYS A 147 8.30 12.22 13.98
C LYS A 147 7.20 11.28 14.44
N ARG A 148 6.23 11.06 13.59
CA ARG A 148 5.13 10.14 13.97
C ARG A 148 5.65 8.73 14.14
N VAL A 149 6.18 8.18 13.09
CA VAL A 149 6.72 6.80 13.18
C VAL A 149 7.54 6.66 14.45
N ASN A 150 8.35 7.64 14.71
CA ASN A 150 9.19 7.58 15.92
C ASN A 150 8.30 7.42 17.13
N LYS A 151 7.20 8.13 17.10
CA LYS A 151 6.27 8.03 18.24
C LYS A 151 6.00 6.59 18.56
N ILE A 152 5.74 5.82 17.53
CA ILE A 152 5.47 4.38 17.76
C ILE A 152 6.66 3.74 18.45
N PHE A 153 7.83 4.05 17.97
CA PHE A 153 9.04 3.48 18.59
C PHE A 153 9.19 4.03 19.99
N ASN A 154 8.91 5.30 20.14
CA ASN A 154 9.02 5.93 21.47
C ASN A 154 7.94 5.37 22.37
N MET A 155 6.78 5.16 21.79
CA MET A 155 5.66 4.62 22.57
C MET A 155 6.03 3.26 23.12
N MET A 156 6.59 2.44 22.27
CA MET A 156 7.00 1.09 22.71
C MET A 156 8.39 1.12 23.32
N ASP A 157 9.07 2.24 23.17
CA ASP A 157 10.44 2.35 23.74
C ASP A 157 11.38 1.36 23.07
N LYS A 158 12.09 1.83 22.07
CA LYS A 158 13.04 0.93 21.36
C LYS A 158 14.09 1.75 20.61
N ASN A 159 15.20 1.11 20.31
CA ASN A 159 16.27 1.83 19.59
C ASN A 159 16.03 1.82 18.09
N LYS A 160 16.85 2.53 17.36
CA LYS A 160 16.69 2.57 15.90
C LYS A 160 17.25 1.30 15.27
N ASP A 161 18.37 0.86 15.79
CA ASP A 161 18.99 -0.37 15.25
C ASP A 161 18.14 -1.60 15.57
N GLY A 162 17.47 -1.55 16.69
CA GLY A 162 16.61 -2.70 17.08
C GLY A 162 15.65 -3.06 15.95
N GLN A 163 14.91 -4.12 16.14
CA GLN A 163 13.94 -4.56 15.09
C GLN A 163 12.58 -4.82 15.71
N LEU A 164 11.55 -4.73 14.90
CA LEU A 164 10.17 -4.98 15.40
C LEU A 164 9.60 -6.28 14.83
N THR A 165 8.75 -6.90 15.59
CA THR A 165 8.14 -8.18 15.14
C THR A 165 6.70 -7.95 14.67
N LEU A 166 6.19 -8.89 13.91
CA LEU A 166 4.80 -8.75 13.42
C LEU A 166 3.90 -8.34 14.55
N GLU A 167 3.78 -9.20 15.50
CA GLU A 167 2.93 -8.92 16.67
C GLU A 167 3.27 -7.56 17.29
N GLU A 168 4.50 -7.41 17.69
CA GLU A 168 4.92 -6.13 18.30
C GLU A 168 4.57 -4.95 17.40
N PHE A 169 4.80 -5.12 16.13
CA PHE A 169 4.48 -4.01 15.19
C PHE A 169 2.99 -3.70 15.23
N CYS A 170 2.20 -4.72 15.03
CA CYS A 170 0.73 -4.52 15.04
C CYS A 170 0.28 -4.05 16.41
N GLU A 171 1.07 -4.34 17.40
CA GLU A 171 0.70 -3.92 18.78
C GLU A 171 0.89 -2.41 18.93
N GLY A 172 1.95 -1.91 18.39
CA GLY A 172 2.21 -0.45 18.50
C GLY A 172 1.09 0.32 17.81
N SER A 173 0.70 -0.15 16.66
CA SER A 173 -0.40 0.53 15.93
C SER A 173 -1.70 0.41 16.70
N LYS A 174 -1.94 -0.75 17.24
CA LYS A 174 -3.20 -0.95 18.01
C LYS A 174 -3.27 0.06 19.14
N ARG A 175 -2.12 0.53 19.55
CA ARG A 175 -2.09 1.52 20.64
C ARG A 175 -2.28 2.93 20.08
N ASP A 176 -2.59 2.99 18.80
CA ASP A 176 -2.81 4.31 18.15
C ASP A 176 -4.11 4.31 17.36
N PRO A 177 -5.22 4.19 18.07
CA PRO A 177 -6.54 4.17 17.45
C PRO A 177 -6.80 5.44 16.64
N THR A 178 -6.35 5.40 15.44
CA THR A 178 -6.51 6.53 14.52
C THR A 178 -6.09 6.06 13.16
N ILE A 179 -5.09 5.23 13.18
CA ILE A 179 -4.60 4.69 11.91
C ILE A 179 -5.48 3.52 11.61
N VAL A 180 -6.16 3.14 12.66
CA VAL A 180 -7.09 2.02 12.59
C VAL A 180 -8.41 2.47 11.98
N SER A 181 -8.82 3.67 12.32
CA SER A 181 -10.10 4.17 11.75
C SER A 181 -9.86 4.92 10.45
N ALA A 182 -8.62 5.24 10.18
CA ALA A 182 -8.31 5.97 8.93
C ALA A 182 -8.56 5.11 7.69
N LEU A 183 -8.51 3.81 7.86
CA LEU A 183 -8.75 2.90 6.69
C LEU A 183 -10.15 2.29 6.74
N SER A 184 -10.55 1.89 7.90
CA SER A 184 -11.91 1.28 8.03
C SER A 184 -13.01 2.26 7.59
N LEU A 185 -12.61 3.41 7.13
CA LEU A 185 -13.64 4.41 6.68
C LEU A 185 -13.85 4.35 5.17
N TYR A 186 -13.09 3.50 4.51
CA TYR A 186 -13.25 3.39 3.03
C TYR A 186 -14.10 2.19 2.66
N ASP A 187 -15.02 1.85 3.52
CA ASP A 187 -15.89 0.69 3.25
C ASP A 187 -17.14 0.75 4.12
N GLY A 188 -17.58 1.95 4.38
CA GLY A 188 -18.80 2.14 5.21
C GLY A 188 -19.73 3.16 4.54
N LEU A 189 -19.28 3.68 3.43
CA LEU A 189 -20.09 4.68 2.69
C LEU A 189 -20.31 4.22 1.26
N VAL A 190 -20.34 2.93 1.09
CA VAL A 190 -20.55 2.37 -0.27
C VAL A 190 -21.40 1.10 -0.20
C1 MYR A 1 -8.31 12.39 7.41
O1 MYR A 1 -8.92 11.34 7.55
C2 MYR A 1 -7.33 12.59 6.25
C3 MYR A 1 -6.23 11.52 6.33
C4 MYR A 1 -5.11 12.03 7.24
C5 MYR A 1 -4.34 10.84 7.81
C6 MYR A 1 -3.77 10.01 6.66
C7 MYR A 1 -2.62 9.15 7.18
C8 MYR A 1 -1.92 8.46 6.00
C9 MYR A 1 -2.51 7.05 5.81
C10 MYR A 1 -1.93 6.12 6.88
C11 MYR A 1 -0.78 5.32 6.29
C12 MYR A 1 0.00 4.64 7.41
C13 MYR A 1 -0.87 3.53 8.02
C14 MYR A 1 -0.03 2.74 9.02
H21 MYR A 1 -7.87 12.49 5.31
H22 MYR A 1 -6.89 13.57 6.31
H31 MYR A 1 -6.64 10.61 6.74
H32 MYR A 1 -5.84 11.34 5.35
H41 MYR A 1 -4.44 12.66 6.67
H42 MYR A 1 -5.54 12.61 8.05
H51 MYR A 1 -3.54 11.19 8.44
H52 MYR A 1 -5.01 10.22 8.39
H61 MYR A 1 -4.54 9.38 6.24
H62 MYR A 1 -3.40 10.67 5.88
H71 MYR A 1 -1.92 9.76 7.70
H72 MYR A 1 -3.01 8.39 7.86
H81 MYR A 1 -2.09 9.03 5.10
H82 MYR A 1 -0.87 8.39 6.19
H91 MYR A 1 -3.59 7.09 5.91
H92 MYR A 1 -2.26 6.68 4.83
H101 MYR A 1 -1.58 6.71 7.71
H102 MYR A 1 -2.71 5.45 7.23
H111 MYR A 1 -1.18 4.58 5.60
H112 MYR A 1 -0.12 5.98 5.73
H121 MYR A 1 0.91 4.21 7.01
H122 MYR A 1 0.25 5.36 8.16
H131 MYR A 1 -1.72 3.98 8.53
H132 MYR A 1 -1.23 2.88 7.24
H141 MYR A 1 0.68 2.12 8.49
H142 MYR A 1 -0.68 2.11 9.61
H143 MYR A 1 0.50 3.42 9.66
N GLY A 2 -8.45 13.40 8.23
CA GLY A 2 -9.38 13.28 9.39
C GLY A 2 -10.82 13.17 8.90
N LYS A 3 -11.37 14.27 8.46
CA LYS A 3 -12.77 14.25 7.97
C LYS A 3 -12.84 13.73 6.55
N SER A 4 -13.97 13.95 5.91
CA SER A 4 -14.13 13.47 4.52
C SER A 4 -13.40 14.38 3.53
N GLN A 5 -13.96 15.54 3.31
CA GLN A 5 -13.31 16.49 2.36
C GLN A 5 -13.03 15.81 1.02
N SER A 6 -11.89 15.18 0.91
CA SER A 6 -11.55 14.50 -0.36
C SER A 6 -11.62 15.48 -1.53
N LYS A 7 -11.52 14.95 -2.72
CA LYS A 7 -11.58 15.83 -3.92
C LYS A 7 -12.25 15.11 -5.09
N LEU A 8 -12.01 13.84 -5.19
CA LEU A 8 -12.62 13.07 -6.30
C LEU A 8 -14.09 12.79 -6.02
N SER A 9 -14.71 12.05 -6.90
CA SER A 9 -16.16 11.72 -6.72
C SER A 9 -16.34 10.23 -6.46
N GLN A 10 -17.50 9.88 -5.99
CA GLN A 10 -17.77 8.44 -5.71
C GLN A 10 -17.68 7.63 -6.98
N ASP A 11 -18.20 8.17 -8.04
CA ASP A 11 -18.15 7.45 -9.35
C ASP A 11 -16.80 6.80 -9.56
N GLN A 12 -15.80 7.60 -9.69
CA GLN A 12 -14.45 7.03 -9.90
C GLN A 12 -14.17 5.93 -8.90
N LEU A 13 -14.61 6.15 -7.68
CA LEU A 13 -14.38 5.11 -6.64
C LEU A 13 -14.94 3.78 -7.12
N GLN A 14 -16.17 3.81 -7.57
CA GLN A 14 -16.79 2.56 -8.06
C GLN A 14 -15.90 1.93 -9.11
N ASP A 15 -15.29 2.77 -9.90
CA ASP A 15 -14.40 2.27 -10.96
C ASP A 15 -13.14 1.69 -10.35
N LEU A 16 -12.67 2.33 -9.32
CA LEU A 16 -11.44 1.85 -8.66
C LEU A 16 -11.71 0.49 -8.03
N VAL A 17 -12.94 0.29 -7.65
CA VAL A 17 -13.33 -1.00 -7.02
C VAL A 17 -13.39 -2.10 -8.06
N ARG A 18 -14.25 -1.92 -9.03
CA ARG A 18 -14.38 -2.96 -10.08
C ARG A 18 -13.04 -3.18 -10.77
N SER A 19 -12.15 -2.24 -10.60
CA SER A 19 -10.82 -2.37 -11.23
C SER A 19 -9.90 -3.20 -10.35
N THR A 20 -10.18 -3.18 -9.07
CA THR A 20 -9.34 -3.96 -8.13
C THR A 20 -9.99 -5.30 -7.79
N ARG A 21 -11.04 -5.64 -8.49
CA ARG A 21 -11.71 -6.92 -8.21
C ARG A 21 -10.83 -8.08 -8.62
N PHE A 22 -10.39 -8.83 -7.65
CA PHE A 22 -9.52 -9.99 -7.94
C PHE A 22 -9.24 -10.80 -6.68
N ASP A 23 -8.12 -11.49 -6.68
CA ASP A 23 -7.75 -12.32 -5.50
C ASP A 23 -6.37 -11.97 -4.99
N LYS A 24 -6.10 -12.31 -3.76
CA LYS A 24 -4.77 -12.02 -3.17
C LYS A 24 -3.95 -13.28 -3.08
N LYS A 25 -4.46 -14.23 -2.34
CA LYS A 25 -3.72 -15.51 -2.20
C LYS A 25 -3.16 -15.93 -3.55
N GLU A 26 -3.81 -15.46 -4.58
CA GLU A 26 -3.34 -15.80 -5.94
C GLU A 26 -2.14 -14.97 -6.28
N LEU A 27 -2.30 -13.69 -6.14
CA LEU A 27 -1.18 -12.78 -6.45
C LEU A 27 -0.06 -13.01 -5.46
N GLN A 28 -0.41 -13.40 -4.26
CA GLN A 28 0.63 -13.65 -3.24
C GLN A 28 1.50 -14.83 -3.66
N GLN A 29 0.89 -15.81 -4.26
CA GLN A 29 1.68 -16.99 -4.69
C GLN A 29 2.53 -16.60 -5.89
N TRP A 30 2.04 -15.68 -6.67
CA TRP A 30 2.79 -15.23 -7.86
C TRP A 30 3.84 -14.20 -7.48
N TYR A 31 3.42 -13.23 -6.71
CA TYR A 31 4.38 -12.18 -6.29
C TYR A 31 5.61 -12.79 -5.64
N LYS A 32 5.38 -13.74 -4.78
CA LYS A 32 6.53 -14.40 -4.10
C LYS A 32 7.32 -15.23 -5.09
N GLY A 33 6.62 -16.00 -5.89
CA GLY A 33 7.34 -16.85 -6.88
C GLY A 33 7.99 -15.98 -7.95
N PHE A 34 7.41 -14.84 -8.21
CA PHE A 34 7.99 -13.95 -9.23
C PHE A 34 9.17 -13.16 -8.67
N PHE A 35 9.02 -12.65 -7.48
CA PHE A 35 10.13 -11.86 -6.88
C PHE A 35 11.31 -12.77 -6.52
N LYS A 36 11.05 -14.04 -6.43
CA LYS A 36 12.14 -14.99 -6.09
C LYS A 36 12.86 -15.46 -7.34
N ASP A 37 12.11 -15.63 -8.40
CA ASP A 37 12.73 -16.09 -9.67
C ASP A 37 13.19 -14.91 -10.52
N CYS A 38 12.55 -13.78 -10.31
CA CYS A 38 12.92 -12.57 -11.10
C CYS A 38 13.15 -11.38 -10.15
N PRO A 39 14.36 -11.29 -9.64
CA PRO A 39 14.71 -10.20 -8.73
C PRO A 39 14.75 -8.87 -9.44
N SER A 40 13.80 -8.03 -9.13
CA SER A 40 13.78 -6.72 -9.78
C SER A 40 13.13 -5.68 -8.85
N GLY A 41 11.94 -5.28 -9.19
CA GLY A 41 11.24 -4.26 -8.33
C GLY A 41 10.52 -3.23 -9.20
N HIS A 42 11.14 -2.84 -10.28
CA HIS A 42 10.50 -1.83 -11.17
C HIS A 42 9.67 -2.52 -12.24
N LEU A 43 8.76 -1.78 -12.83
CA LEU A 43 7.91 -2.37 -13.89
C LEU A 43 7.59 -1.35 -14.98
N ASN A 44 7.35 -1.83 -16.17
CA ASN A 44 7.04 -0.92 -17.29
C ASN A 44 5.54 -0.80 -17.51
N LYS A 45 5.12 0.23 -18.19
CA LYS A 45 3.68 0.42 -18.45
C LYS A 45 3.10 -0.77 -19.21
N SER A 46 3.73 -1.09 -20.31
CA SER A 46 3.23 -2.23 -21.12
C SER A 46 3.16 -3.50 -20.26
N GLU A 47 4.19 -3.73 -19.50
CA GLU A 47 4.20 -4.95 -18.65
C GLU A 47 3.05 -4.90 -17.65
N PHE A 48 2.80 -3.73 -17.12
CA PHE A 48 1.71 -3.60 -16.13
C PHE A 48 0.36 -3.90 -16.77
N GLN A 49 0.15 -3.37 -17.94
CA GLN A 49 -1.13 -3.61 -18.62
C GLN A 49 -1.32 -5.09 -18.89
N LYS A 50 -0.22 -5.78 -19.11
CA LYS A 50 -0.31 -7.23 -19.36
C LYS A 50 -0.74 -7.97 -18.12
N ILE A 51 -0.03 -7.74 -17.05
CA ILE A 51 -0.38 -8.42 -15.79
C ILE A 51 -1.76 -7.98 -15.30
N TYR A 52 -2.10 -6.76 -15.58
CA TYR A 52 -3.42 -6.27 -15.15
C TYR A 52 -4.54 -6.92 -15.94
N LYS A 53 -4.26 -7.22 -17.18
CA LYS A 53 -5.29 -7.86 -18.02
C LYS A 53 -5.63 -9.27 -17.52
N GLN A 54 -4.71 -9.87 -16.80
CA GLN A 54 -4.99 -11.24 -16.28
C GLN A 54 -5.56 -11.21 -14.88
N PHE A 55 -5.11 -10.27 -14.08
CA PHE A 55 -5.62 -10.19 -12.68
C PHE A 55 -6.76 -9.18 -12.57
N PHE A 56 -7.07 -8.51 -13.64
CA PHE A 56 -8.17 -7.51 -13.59
C PHE A 56 -8.84 -7.35 -14.95
N PRO A 57 -9.46 -8.41 -15.41
CA PRO A 57 -10.16 -8.41 -16.70
C PRO A 57 -11.40 -7.48 -16.67
N PHE A 58 -11.15 -6.21 -16.47
CA PHE A 58 -12.27 -5.24 -16.43
C PHE A 58 -12.74 -4.87 -17.83
N GLY A 59 -11.87 -4.28 -18.59
CA GLY A 59 -12.27 -3.88 -19.98
C GLY A 59 -11.52 -2.63 -20.43
N ASP A 60 -10.72 -2.08 -19.55
CA ASP A 60 -9.96 -0.87 -19.91
C ASP A 60 -8.61 -0.85 -19.19
N PRO A 61 -7.74 -1.75 -19.59
CA PRO A 61 -6.42 -1.87 -19.00
C PRO A 61 -5.59 -0.62 -19.23
N SER A 62 -5.88 0.12 -20.27
CA SER A 62 -5.11 1.34 -20.53
C SER A 62 -5.54 2.44 -19.58
N ALA A 63 -6.80 2.43 -19.25
CA ALA A 63 -7.31 3.47 -18.33
C ALA A 63 -6.69 3.29 -16.96
N PHE A 64 -6.75 2.08 -16.46
CA PHE A 64 -6.16 1.84 -15.12
C PHE A 64 -4.70 2.24 -15.13
N ALA A 65 -4.02 1.86 -16.18
CA ALA A 65 -2.59 2.21 -16.29
C ALA A 65 -2.42 3.71 -16.22
N GLU A 66 -3.35 4.41 -16.81
CA GLU A 66 -3.25 5.89 -16.79
C GLU A 66 -3.32 6.38 -15.36
N TYR A 67 -3.97 5.61 -14.52
CA TYR A 67 -4.09 6.00 -13.10
C TYR A 67 -2.80 5.80 -12.35
N VAL A 68 -2.40 4.56 -12.26
CA VAL A 68 -1.14 4.25 -11.54
C VAL A 68 -0.03 5.20 -11.92
N PHE A 69 0.07 5.50 -13.19
CA PHE A 69 1.14 6.43 -13.61
C PHE A 69 0.88 7.83 -13.08
N ASN A 70 -0.34 8.26 -13.16
CA ASN A 70 -0.67 9.62 -12.66
C ASN A 70 -0.36 9.74 -11.18
N VAL A 71 -0.27 8.60 -10.50
CA VAL A 71 0.05 8.62 -9.05
C VAL A 71 1.46 8.15 -8.76
N PHE A 72 1.87 7.09 -9.39
CA PHE A 72 3.25 6.57 -9.16
C PHE A 72 4.25 7.03 -10.22
N ASP A 73 3.77 7.75 -11.22
CA ASP A 73 4.70 8.23 -12.28
C ASP A 73 4.32 9.60 -12.82
N ALA A 74 4.77 10.61 -12.15
CA ALA A 74 4.45 11.98 -12.60
C ALA A 74 5.46 12.45 -13.63
N ASP A 75 6.70 12.11 -13.39
CA ASP A 75 7.79 12.51 -14.33
C ASP A 75 9.12 11.90 -13.91
N LYS A 76 9.14 10.59 -13.79
CA LYS A 76 10.39 9.92 -13.37
C LYS A 76 11.19 9.44 -14.57
N ASN A 77 10.78 8.34 -15.11
CA ASN A 77 11.51 7.81 -16.29
C ASN A 77 10.57 6.99 -17.17
N GLY A 78 9.52 6.50 -16.57
CA GLY A 78 8.53 5.67 -17.35
C GLY A 78 8.13 4.41 -16.58
N TYR A 79 9.07 3.82 -15.91
CA TYR A 79 8.74 2.58 -15.15
C TYR A 79 8.30 2.91 -13.73
N ILE A 80 7.38 2.11 -13.23
CA ILE A 80 6.86 2.34 -11.83
C ILE A 80 7.22 1.15 -10.94
N ASP A 81 7.18 1.36 -9.65
CA ASP A 81 7.51 0.25 -8.73
C ASP A 81 6.27 -0.58 -8.41
N PHE A 82 6.40 -1.87 -8.59
CA PHE A 82 5.25 -2.76 -8.31
C PHE A 82 5.17 -3.13 -6.83
N LYS A 83 6.30 -3.12 -6.16
CA LYS A 83 6.28 -3.46 -4.72
C LYS A 83 5.44 -2.47 -3.94
N GLU A 84 5.60 -1.21 -4.26
CA GLU A 84 4.82 -0.18 -3.55
C GLU A 84 3.34 -0.31 -3.89
N PHE A 85 3.06 -1.01 -4.96
CA PHE A 85 1.66 -1.19 -5.37
C PHE A 85 0.96 -2.18 -4.46
N ILE A 86 1.55 -3.31 -4.28
CA ILE A 86 0.93 -4.32 -3.40
C ILE A 86 0.76 -3.76 -2.00
N CYS A 87 1.81 -3.20 -1.48
CA CYS A 87 1.73 -2.62 -0.12
C CYS A 87 0.57 -1.64 -0.02
N ALA A 88 0.41 -0.85 -1.06
CA ALA A 88 -0.70 0.15 -1.04
C ALA A 88 -2.01 -0.55 -1.35
N LEU A 89 -1.94 -1.57 -2.16
CA LEU A 89 -3.17 -2.31 -2.50
C LEU A 89 -3.91 -2.68 -1.23
N SER A 90 -3.16 -2.87 -0.18
CA SER A 90 -3.80 -3.24 1.11
C SER A 90 -5.01 -2.38 1.36
N VAL A 91 -4.90 -1.12 1.01
CA VAL A 91 -6.05 -0.22 1.21
C VAL A 91 -7.30 -0.76 0.54
N THR A 92 -7.13 -1.24 -0.67
CA THR A 92 -8.30 -1.80 -1.40
C THR A 92 -8.54 -3.24 -1.00
N SER A 93 -9.43 -3.45 -0.07
CA SER A 93 -9.73 -4.82 0.37
C SER A 93 -10.67 -4.81 1.57
N ARG A 94 -11.05 -5.99 2.00
CA ARG A 94 -11.96 -6.07 3.18
C ARG A 94 -11.61 -7.27 4.05
N GLY A 95 -11.00 -6.99 5.17
CA GLY A 95 -10.61 -8.11 6.09
C GLY A 95 -10.80 -7.68 7.55
N GLU A 96 -10.16 -8.39 8.45
CA GLU A 96 -10.28 -8.04 9.88
C GLU A 96 -9.26 -6.98 10.26
N LEU A 97 -8.92 -6.16 9.32
CA LEU A 97 -7.92 -5.09 9.60
C LEU A 97 -6.55 -5.68 9.89
N ASN A 98 -6.53 -6.79 10.57
CA ASN A 98 -5.23 -7.43 10.89
C ASN A 98 -4.53 -7.91 9.63
N ASP A 99 -5.29 -8.41 8.70
CA ASP A 99 -4.68 -8.90 7.44
C ASP A 99 -4.03 -7.77 6.66
N LYS A 100 -4.58 -6.59 6.81
CA LYS A 100 -3.99 -5.44 6.09
C LYS A 100 -2.58 -5.15 6.57
N LEU A 101 -2.45 -4.93 7.85
CA LEU A 101 -1.10 -4.65 8.39
C LEU A 101 -0.18 -5.83 8.17
N ILE A 102 -0.70 -7.02 8.38
CA ILE A 102 0.14 -8.21 8.17
C ILE A 102 0.59 -8.30 6.73
N TRP A 103 -0.35 -8.15 5.84
CA TRP A 103 -0.02 -8.20 4.40
C TRP A 103 1.19 -7.34 4.11
N ALA A 104 1.20 -6.17 4.68
CA ALA A 104 2.35 -5.27 4.45
C ALA A 104 3.57 -5.79 5.17
N PHE A 105 3.35 -6.33 6.34
CA PHE A 105 4.48 -6.87 7.12
C PHE A 105 5.05 -8.10 6.43
N GLN A 106 4.19 -8.93 5.93
CA GLN A 106 4.67 -10.15 5.24
C GLN A 106 5.38 -9.78 3.96
N LEU A 107 5.03 -8.64 3.42
CA LEU A 107 5.66 -8.19 2.17
C LEU A 107 7.12 -7.85 2.40
N TYR A 108 7.37 -7.10 3.44
CA TYR A 108 8.77 -6.72 3.73
C TYR A 108 9.45 -7.81 4.57
N ASP A 109 8.90 -8.98 4.49
CA ASP A 109 9.47 -10.12 5.25
C ASP A 109 9.40 -11.39 4.43
N LEU A 110 10.03 -11.38 3.29
CA LEU A 110 10.00 -12.57 2.42
C LEU A 110 10.77 -13.72 3.06
N ASP A 111 10.99 -13.58 4.32
CA ASP A 111 11.72 -14.63 5.07
C ASP A 111 10.85 -15.19 6.18
N ASN A 112 9.64 -14.69 6.27
CA ASN A 112 8.73 -15.18 7.32
C ASN A 112 9.45 -15.30 8.65
N ASN A 113 10.31 -14.36 8.90
CA ASN A 113 11.06 -14.39 10.18
C ASN A 113 10.30 -13.64 11.27
N GLY A 114 9.49 -12.71 10.86
CA GLY A 114 8.72 -11.93 11.86
C GLY A 114 9.59 -10.84 12.50
N LEU A 115 10.59 -10.39 11.76
CA LEU A 115 11.49 -9.35 12.31
C LEU A 115 11.89 -8.34 11.23
N ILE A 116 11.22 -7.21 11.20
CA ILE A 116 11.56 -6.18 10.16
C ILE A 116 12.38 -5.05 10.79
N SER A 117 13.11 -4.35 9.98
CA SER A 117 13.94 -3.23 10.52
C SER A 117 13.22 -1.89 10.42
N TYR A 118 13.68 -0.96 11.20
CA TYR A 118 13.05 0.39 11.19
C TYR A 118 12.95 0.92 9.76
N ASP A 119 13.98 0.68 8.99
CA ASP A 119 13.97 1.15 7.59
C ASP A 119 12.73 0.63 6.88
N GLU A 120 12.45 -0.62 7.07
CA GLU A 120 11.25 -1.20 6.41
C GLU A 120 10.00 -0.46 6.83
N MET A 121 10.03 0.11 8.00
CA MET A 121 8.84 0.86 8.48
C MET A 121 8.64 2.11 7.64
N LEU A 122 9.72 2.79 7.35
CA LEU A 122 9.63 4.03 6.54
C LEU A 122 9.08 3.73 5.14
N ARG A 123 9.62 2.71 4.53
CA ARG A 123 9.15 2.35 3.16
C ARG A 123 7.69 1.90 3.18
N ILE A 124 7.28 1.31 4.26
CA ILE A 124 5.89 0.83 4.36
C ILE A 124 4.91 2.01 4.40
N VAL A 125 5.06 2.84 5.39
CA VAL A 125 4.15 4.01 5.49
C VAL A 125 4.34 4.94 4.30
N ASP A 126 5.45 4.79 3.63
CA ASP A 126 5.71 5.66 2.46
C ASP A 126 4.88 5.21 1.26
N ALA A 127 4.72 3.92 1.14
CA ALA A 127 3.92 3.40 -0.01
C ALA A 127 2.45 3.73 0.17
N ILE A 128 1.94 3.50 1.35
CA ILE A 128 0.52 3.80 1.59
C ILE A 128 0.27 5.29 1.51
N TYR A 129 1.26 6.06 1.87
CA TYR A 129 1.09 7.54 1.82
C TYR A 129 1.03 8.03 0.39
N LYS A 130 1.77 7.41 -0.48
CA LYS A 130 1.75 7.84 -1.89
C LYS A 130 0.40 7.57 -2.53
N MET A 131 -0.15 6.42 -2.24
CA MET A 131 -1.48 6.09 -2.82
C MET A 131 -2.59 6.86 -2.13
N VAL A 132 -2.31 7.35 -0.95
CA VAL A 132 -3.36 8.11 -0.21
C VAL A 132 -3.77 9.38 -0.99
N GLY A 133 -2.81 9.99 -1.62
CA GLY A 133 -3.12 11.23 -2.40
C GLY A 133 -4.22 10.96 -3.43
N SER A 134 -4.11 9.86 -4.11
CA SER A 134 -5.14 9.52 -5.13
C SER A 134 -6.46 9.18 -4.47
N MET A 135 -6.42 9.02 -3.17
CA MET A 135 -7.67 8.68 -2.44
C MET A 135 -8.32 9.94 -1.87
N VAL A 136 -7.63 10.58 -0.98
CA VAL A 136 -8.18 11.82 -0.35
C VAL A 136 -7.14 12.94 -0.37
N LYS A 137 -7.61 14.16 -0.43
CA LYS A 137 -6.67 15.30 -0.46
C LYS A 137 -5.67 15.19 0.68
N LEU A 138 -4.43 15.04 0.35
CA LEU A 138 -3.39 14.93 1.41
C LEU A 138 -3.64 15.98 2.51
N PRO A 139 -3.22 15.66 3.72
CA PRO A 139 -3.39 16.57 4.85
C PRO A 139 -2.65 17.88 4.62
N GLU A 140 -2.32 18.54 5.70
CA GLU A 140 -1.59 19.82 5.58
C GLU A 140 -0.18 19.59 5.04
N ASP A 141 -0.07 18.70 4.09
CA ASP A 141 1.26 18.41 3.51
C ASP A 141 2.24 18.00 4.60
N GLU A 142 1.86 17.00 5.35
CA GLU A 142 2.76 16.53 6.45
C GLU A 142 4.21 16.50 5.99
N ASP A 143 5.06 17.06 6.80
CA ASP A 143 6.51 17.10 6.45
C ASP A 143 7.27 15.98 7.17
N THR A 144 8.28 15.46 6.51
CA THR A 144 9.10 14.37 7.11
C THR A 144 8.26 13.46 8.04
N PRO A 145 7.56 12.52 7.44
CA PRO A 145 6.73 11.59 8.19
C PRO A 145 7.56 10.66 9.05
N GLU A 146 8.86 10.82 8.97
CA GLU A 146 9.75 9.97 9.78
C GLU A 146 9.53 10.17 11.26
N LYS A 147 9.55 11.40 11.68
CA LYS A 147 9.35 11.70 13.11
C LYS A 147 8.14 10.95 13.65
N ARG A 148 7.10 10.87 12.86
CA ARG A 148 5.89 10.15 13.32
C ARG A 148 6.21 8.69 13.58
N VAL A 149 6.78 8.04 12.61
CA VAL A 149 7.13 6.62 12.80
C VAL A 149 7.99 6.46 14.04
N ASN A 150 8.79 7.45 14.31
CA ASN A 150 9.67 7.39 15.49
C ASN A 150 8.83 7.35 16.75
N LYS A 151 7.79 8.13 16.76
CA LYS A 151 6.91 8.15 17.96
C LYS A 151 6.33 6.77 18.20
N ILE A 152 5.96 6.10 17.15
CA ILE A 152 5.39 4.75 17.33
C ILE A 152 6.35 3.91 18.12
N PHE A 153 7.60 3.89 17.69
CA PHE A 153 8.60 3.09 18.43
C PHE A 153 8.78 3.66 19.83
N ASN A 154 8.72 4.97 19.91
CA ASN A 154 8.88 5.62 21.23
C ASN A 154 7.64 5.37 22.08
N MET A 155 6.53 5.20 21.42
CA MET A 155 5.28 4.96 22.17
C MET A 155 5.35 3.65 22.91
N MET A 156 5.79 2.63 22.22
CA MET A 156 5.90 1.31 22.87
C MET A 156 7.29 1.13 23.47
N ASP A 157 8.01 2.21 23.55
CA ASP A 157 9.39 2.15 24.12
C ASP A 157 10.11 0.89 23.66
N LYS A 158 9.94 0.55 22.43
CA LYS A 158 10.59 -0.67 21.90
C LYS A 158 12.03 -0.37 21.51
N ASN A 159 12.93 -1.25 21.89
CA ASN A 159 14.36 -1.03 21.55
C ASN A 159 14.52 -0.71 20.06
N LYS A 160 15.05 0.45 19.77
CA LYS A 160 15.24 0.83 18.36
C LYS A 160 16.23 -0.11 17.69
N ASP A 161 17.35 -0.31 18.33
CA ASP A 161 18.37 -1.21 17.75
C ASP A 161 17.78 -2.59 17.49
N GLY A 162 16.89 -3.01 18.36
CA GLY A 162 16.27 -4.34 18.18
C GLY A 162 15.37 -4.35 16.95
N GLN A 163 14.77 -5.48 16.68
CA GLN A 163 13.87 -5.57 15.49
C GLN A 163 12.41 -5.48 15.90
N LEU A 164 11.58 -5.02 15.00
CA LEU A 164 10.14 -4.90 15.31
C LEU A 164 9.40 -6.19 14.95
N THR A 165 8.70 -6.74 15.89
CA THR A 165 7.95 -7.99 15.61
C THR A 165 6.55 -7.67 15.09
N LEU A 166 5.96 -8.62 14.43
CA LEU A 166 4.61 -8.40 13.89
C LEU A 166 3.67 -7.97 15.00
N GLU A 167 3.42 -8.87 15.89
CA GLU A 167 2.51 -8.57 17.02
C GLU A 167 2.79 -7.17 17.59
N GLU A 168 4.03 -6.84 17.77
CA GLU A 168 4.37 -5.50 18.31
C GLU A 168 3.91 -4.40 17.36
N PHE A 169 4.09 -4.63 16.09
CA PHE A 169 3.67 -3.62 15.10
C PHE A 169 2.20 -3.26 15.29
N CYS A 170 1.39 -4.27 15.37
CA CYS A 170 -0.06 -4.02 15.55
C CYS A 170 -0.32 -3.28 16.86
N GLU A 171 0.49 -3.58 17.84
CA GLU A 171 0.30 -2.90 19.15
C GLU A 171 0.64 -1.43 19.06
N GLY A 172 1.73 -1.13 18.38
CA GLY A 172 2.13 0.29 18.24
C GLY A 172 1.04 1.07 17.51
N SER A 173 0.32 0.40 16.66
CA SER A 173 -0.76 1.08 15.91
C SER A 173 -2.05 1.09 16.71
N LYS A 174 -2.29 0.03 17.42
CA LYS A 174 -3.53 -0.04 18.23
C LYS A 174 -3.61 1.16 19.16
N ARG A 175 -2.48 1.66 19.55
CA ARG A 175 -2.47 2.83 20.46
C ARG A 175 -2.48 4.13 19.67
N ASP A 176 -2.79 4.02 18.40
CA ASP A 176 -2.83 5.23 17.53
C ASP A 176 -4.10 5.24 16.69
N PRO A 177 -5.22 5.33 17.36
CA PRO A 177 -6.52 5.34 16.69
C PRO A 177 -6.66 6.49 15.72
N THR A 178 -6.21 6.23 14.54
CA THR A 178 -6.27 7.23 13.46
C THR A 178 -5.76 6.58 12.22
N ILE A 179 -4.81 5.71 12.41
CA ILE A 179 -4.24 5.00 11.27
C ILE A 179 -5.07 3.77 11.10
N VAL A 180 -5.79 3.50 12.15
CA VAL A 180 -6.68 2.35 12.20
C VAL A 180 -8.06 2.74 11.68
N SER A 181 -8.41 4.00 11.86
CA SER A 181 -9.74 4.45 11.39
C SER A 181 -9.68 4.82 9.90
N ALA A 182 -8.58 5.35 9.48
CA ALA A 182 -8.45 5.74 8.05
C ALA A 182 -8.33 4.51 7.17
N LEU A 183 -7.46 3.62 7.56
CA LEU A 183 -7.27 2.38 6.75
C LEU A 183 -8.56 1.57 6.68
N SER A 184 -9.51 1.94 7.51
CA SER A 184 -10.82 1.22 7.52
C SER A 184 -11.97 2.19 7.45
N LEU A 185 -11.90 3.09 6.49
CA LEU A 185 -12.98 4.09 6.32
C LEU A 185 -13.75 3.83 5.04
N TYR A 186 -13.78 2.59 4.63
CA TYR A 186 -14.50 2.21 3.38
C TYR A 186 -15.60 1.21 3.69
N ASP A 187 -16.04 1.23 4.92
CA ASP A 187 -17.11 0.30 5.36
C ASP A 187 -18.39 1.06 5.71
N GLY A 188 -18.87 1.84 4.77
CA GLY A 188 -20.11 2.62 5.02
C GLY A 188 -20.76 3.06 3.71
N LEU A 189 -20.29 2.49 2.63
CA LEU A 189 -20.87 2.87 1.30
C LEU A 189 -20.73 1.71 0.32
N VAL A 190 -20.92 0.52 0.81
CA VAL A 190 -20.81 -0.66 -0.08
C VAL A 190 -22.11 -0.91 -0.82
C1 MYR A 1 -8.86 12.05 7.55
O1 MYR A 1 -9.24 10.96 7.18
C2 MYR A 1 -7.84 12.84 6.72
C3 MYR A 1 -6.62 13.16 7.58
C4 MYR A 1 -5.97 11.85 8.03
C5 MYR A 1 -4.57 12.15 8.59
C6 MYR A 1 -4.16 11.03 9.53
C7 MYR A 1 -4.20 9.70 8.79
C8 MYR A 1 -3.26 9.77 7.58
C9 MYR A 1 -2.88 8.35 7.15
C10 MYR A 1 -1.41 8.11 7.49
C11 MYR A 1 -0.93 6.82 6.79
C12 MYR A 1 -0.54 5.79 7.85
C13 MYR A 1 0.02 4.55 7.15
C14 MYR A 1 0.58 3.58 8.20
H21 MYR A 1 -7.54 12.25 5.86
H22 MYR A 1 -8.29 13.75 6.37
H31 MYR A 1 -5.91 13.74 7.01
H32 MYR A 1 -6.93 13.73 8.44
H41 MYR A 1 -6.57 11.39 8.79
H42 MYR A 1 -5.88 11.18 7.19
H51 MYR A 1 -3.86 12.23 7.77
H52 MYR A 1 -4.59 13.09 9.12
H61 MYR A 1 -3.16 11.21 9.90
H62 MYR A 1 -4.84 10.99 10.37
H71 MYR A 1 -3.89 8.90 9.44
H72 MYR A 1 -5.21 9.50 8.45
H81 MYR A 1 -3.77 10.27 6.76
H82 MYR A 1 -2.38 10.32 7.84
H91 MYR A 1 -3.50 7.63 7.66
H92 MYR A 1 -3.03 8.24 6.08
H101 MYR A 1 -0.81 8.94 7.16
H102 MYR A 1 -1.30 7.99 8.56
H111 MYR A 1 -1.74 6.42 6.19
H112 MYR A 1 -0.09 7.05 6.17
H121 MYR A 1 0.22 6.21 8.50
H122 MYR A 1 -1.40 5.52 8.44
H131 MYR A 1 -0.77 4.06 6.59
H132 MYR A 1 0.80 4.84 6.47
H141 MYR A 1 -0.22 3.20 8.81
H142 MYR A 1 1.29 4.10 8.83
H143 MYR A 1 1.07 2.76 7.71
N GLY A 2 -9.26 12.62 8.64
CA GLY A 2 -10.25 11.91 9.51
C GLY A 2 -11.67 12.41 9.22
N LYS A 3 -11.76 13.40 8.37
CA LYS A 3 -13.10 13.95 8.02
C LYS A 3 -13.05 14.68 6.69
N SER A 4 -13.33 13.96 5.63
CA SER A 4 -13.31 14.60 4.30
C SER A 4 -13.98 13.71 3.25
N GLN A 5 -14.92 14.26 2.55
CA GLN A 5 -15.62 13.47 1.50
C GLN A 5 -14.70 13.19 0.33
N SER A 6 -14.82 12.02 -0.23
CA SER A 6 -13.96 11.67 -1.39
C SER A 6 -14.04 12.74 -2.47
N LYS A 7 -13.09 12.73 -3.37
CA LYS A 7 -13.09 13.74 -4.46
C LYS A 7 -13.65 13.16 -5.75
N LEU A 8 -13.62 11.85 -5.86
CA LEU A 8 -14.15 11.21 -7.09
C LEU A 8 -15.67 11.11 -7.05
N SER A 9 -16.26 10.82 -8.18
CA SER A 9 -17.74 10.71 -8.23
C SER A 9 -18.18 9.28 -7.95
N GLN A 10 -19.47 9.06 -7.96
CA GLN A 10 -19.99 7.70 -7.69
C GLN A 10 -19.56 6.73 -8.78
N ASP A 11 -19.79 7.10 -10.00
CA ASP A 11 -19.40 6.21 -11.12
C ASP A 11 -17.91 5.90 -11.06
N GLN A 12 -17.12 6.92 -10.98
CA GLN A 12 -15.66 6.71 -10.90
C GLN A 12 -15.31 5.85 -9.70
N LEU A 13 -16.00 6.07 -8.61
CA LEU A 13 -15.72 5.28 -7.39
C LEU A 13 -15.97 3.81 -7.67
N GLN A 14 -17.10 3.52 -8.27
CA GLN A 14 -17.42 2.10 -8.56
C GLN A 14 -16.38 1.53 -9.52
N ASP A 15 -15.85 2.38 -10.35
CA ASP A 15 -14.84 1.91 -11.32
C ASP A 15 -13.53 1.59 -10.62
N LEU A 16 -13.00 2.57 -9.95
CA LEU A 16 -11.72 2.35 -9.23
C LEU A 16 -11.79 1.06 -8.43
N VAL A 17 -12.96 0.75 -7.96
CA VAL A 17 -13.12 -0.50 -7.17
C VAL A 17 -13.34 -1.70 -8.09
N ARG A 18 -14.37 -1.63 -8.87
CA ARG A 18 -14.66 -2.75 -9.79
C ARG A 18 -13.45 -3.02 -10.69
N SER A 19 -12.58 -2.04 -10.78
CA SER A 19 -11.38 -2.23 -11.64
C SER A 19 -10.36 -3.09 -10.92
N THR A 20 -10.24 -2.90 -9.64
CA THR A 20 -9.25 -3.71 -8.88
C THR A 20 -9.85 -5.05 -8.50
N ARG A 21 -11.09 -5.24 -8.83
CA ARG A 21 -11.75 -6.52 -8.49
C ARG A 21 -10.85 -7.69 -8.79
N PHE A 22 -10.50 -8.39 -7.76
CA PHE A 22 -9.61 -9.56 -7.94
C PHE A 22 -9.40 -10.29 -6.62
N ASP A 23 -8.59 -11.30 -6.66
CA ASP A 23 -8.31 -12.08 -5.43
C ASP A 23 -7.17 -11.44 -4.66
N LYS A 24 -6.64 -12.18 -3.73
CA LYS A 24 -5.51 -11.65 -2.93
C LYS A 24 -4.51 -12.74 -2.63
N LYS A 25 -4.89 -13.62 -1.75
CA LYS A 25 -3.97 -14.73 -1.41
C LYS A 25 -3.40 -15.32 -2.69
N GLU A 26 -4.10 -15.05 -3.78
CA GLU A 26 -3.63 -15.58 -5.08
C GLU A 26 -2.47 -14.76 -5.58
N LEU A 27 -2.64 -13.48 -5.55
CA LEU A 27 -1.56 -12.59 -6.01
C LEU A 27 -0.38 -12.70 -5.08
N GLN A 28 -0.66 -12.92 -3.82
CA GLN A 28 0.44 -13.04 -2.85
C GLN A 28 1.33 -14.21 -3.23
N GLN A 29 0.72 -15.29 -3.61
CA GLN A 29 1.52 -16.47 -4.02
C GLN A 29 2.21 -16.21 -5.33
N TRP A 30 1.52 -15.53 -6.21
CA TRP A 30 2.10 -15.23 -7.54
C TRP A 30 3.18 -14.15 -7.41
N TYR A 31 2.93 -13.19 -6.57
CA TYR A 31 3.91 -12.11 -6.38
C TYR A 31 5.18 -12.65 -5.77
N LYS A 32 5.03 -13.50 -4.79
CA LYS A 32 6.23 -14.06 -4.14
C LYS A 32 6.90 -15.05 -5.07
N GLY A 33 6.15 -15.56 -6.00
CA GLY A 33 6.72 -16.53 -6.97
C GLY A 33 7.58 -15.80 -8.01
N PHE A 34 7.01 -14.78 -8.59
CA PHE A 34 7.79 -14.02 -9.61
C PHE A 34 9.01 -13.39 -8.97
N PHE A 35 8.90 -13.02 -7.73
CA PHE A 35 10.05 -12.40 -7.05
C PHE A 35 11.11 -13.46 -6.76
N LYS A 36 10.65 -14.66 -6.47
CA LYS A 36 11.62 -15.74 -6.19
C LYS A 36 12.54 -15.94 -7.37
N ASP A 37 11.99 -15.96 -8.54
CA ASP A 37 12.83 -16.15 -9.75
C ASP A 37 13.50 -14.84 -10.14
N CYS A 38 12.93 -13.75 -9.69
CA CYS A 38 13.50 -12.42 -10.03
C CYS A 38 13.20 -11.42 -8.90
N PRO A 39 14.07 -11.40 -7.89
CA PRO A 39 13.90 -10.49 -6.77
C PRO A 39 13.98 -9.03 -7.19
N SER A 40 13.63 -8.75 -8.41
CA SER A 40 13.70 -7.36 -8.89
C SER A 40 12.47 -6.58 -8.43
N GLY A 41 12.69 -5.48 -7.77
CA GLY A 41 11.53 -4.67 -7.29
C GLY A 41 11.15 -3.60 -8.33
N HIS A 42 11.89 -3.57 -9.40
CA HIS A 42 11.58 -2.57 -10.46
C HIS A 42 10.65 -3.16 -11.50
N LEU A 43 9.72 -2.35 -11.96
CA LEU A 43 8.77 -2.85 -12.99
C LEU A 43 8.35 -1.73 -13.93
N ASN A 44 8.00 -2.10 -15.13
CA ASN A 44 7.58 -1.08 -16.13
C ASN A 44 6.07 -1.10 -16.32
N LYS A 45 5.58 -0.05 -16.89
CA LYS A 45 4.12 0.05 -17.13
C LYS A 45 3.65 -1.05 -18.07
N SER A 46 4.47 -1.36 -19.04
CA SER A 46 4.08 -2.43 -20.00
C SER A 46 3.86 -3.75 -19.28
N GLU A 47 4.82 -4.15 -18.49
CA GLU A 47 4.67 -5.43 -17.75
C GLU A 47 3.42 -5.42 -16.88
N PHE A 48 3.10 -4.27 -16.34
CA PHE A 48 1.90 -4.18 -15.49
C PHE A 48 0.64 -4.40 -16.31
N GLN A 49 0.57 -3.74 -17.43
CA GLN A 49 -0.62 -3.90 -18.29
C GLN A 49 -0.86 -5.37 -18.60
N LYS A 50 0.20 -6.10 -18.77
CA LYS A 50 0.06 -7.55 -19.08
C LYS A 50 -0.60 -8.27 -17.92
N ILE A 51 -0.02 -8.16 -16.77
CA ILE A 51 -0.60 -8.84 -15.59
C ILE A 51 -2.05 -8.41 -15.39
N TYR A 52 -2.32 -7.17 -15.75
CA TYR A 52 -3.70 -6.66 -15.59
C TYR A 52 -4.67 -7.48 -16.43
N LYS A 53 -4.32 -7.71 -17.66
CA LYS A 53 -5.20 -8.51 -18.56
C LYS A 53 -5.20 -9.97 -18.14
N GLN A 54 -4.45 -10.27 -17.11
CA GLN A 54 -4.37 -11.67 -16.62
C GLN A 54 -5.22 -11.91 -15.38
N PHE A 55 -5.14 -11.00 -14.44
CA PHE A 55 -5.93 -11.18 -13.18
C PHE A 55 -7.27 -10.42 -13.20
N PHE A 56 -7.34 -9.32 -13.93
CA PHE A 56 -8.63 -8.57 -13.95
C PHE A 56 -8.79 -7.76 -15.24
N PRO A 57 -9.15 -8.45 -16.29
CA PRO A 57 -9.35 -7.82 -17.60
C PRO A 57 -10.69 -7.07 -17.65
N PHE A 58 -11.26 -6.86 -16.49
CA PHE A 58 -12.55 -6.14 -16.45
C PHE A 58 -12.37 -4.62 -16.43
N GLY A 59 -11.21 -4.18 -16.84
CA GLY A 59 -10.97 -2.71 -16.85
C GLY A 59 -9.87 -2.35 -17.85
N ASP A 60 -9.96 -1.17 -18.39
CA ASP A 60 -8.94 -0.75 -19.37
C ASP A 60 -7.56 -0.67 -18.70
N PRO A 61 -6.61 -1.48 -19.15
CA PRO A 61 -5.27 -1.47 -18.57
C PRO A 61 -4.60 -0.12 -18.74
N SER A 62 -5.01 0.60 -19.74
CA SER A 62 -4.40 1.93 -19.97
C SER A 62 -4.93 2.91 -18.94
N ALA A 63 -6.20 2.83 -18.68
CA ALA A 63 -6.80 3.74 -17.70
C ALA A 63 -6.21 3.46 -16.32
N PHE A 64 -6.19 2.22 -15.95
CA PHE A 64 -5.63 1.87 -14.63
C PHE A 64 -4.16 2.17 -14.60
N ALA A 65 -3.52 1.96 -15.72
CA ALA A 65 -2.06 2.22 -15.80
C ALA A 65 -1.82 3.72 -15.72
N GLU A 66 -2.77 4.47 -16.20
CA GLU A 66 -2.63 5.93 -16.18
C GLU A 66 -2.79 6.45 -14.75
N TYR A 67 -3.48 5.69 -13.95
CA TYR A 67 -3.70 6.10 -12.54
C TYR A 67 -2.43 5.89 -11.75
N VAL A 68 -1.93 4.70 -11.83
CA VAL A 68 -0.70 4.36 -11.09
C VAL A 68 0.40 5.37 -11.38
N PHE A 69 0.54 5.72 -12.63
CA PHE A 69 1.59 6.70 -12.99
C PHE A 69 1.30 8.05 -12.34
N ASN A 70 0.07 8.45 -12.40
CA ASN A 70 -0.29 9.76 -11.80
C ASN A 70 0.12 9.82 -10.34
N VAL A 71 0.11 8.68 -9.69
CA VAL A 71 0.50 8.64 -8.25
C VAL A 71 1.94 8.18 -8.04
N PHE A 72 2.34 7.17 -8.77
CA PHE A 72 3.73 6.66 -8.62
C PHE A 72 4.68 7.25 -9.65
N ASP A 73 4.15 8.01 -10.58
CA ASP A 73 5.04 8.62 -11.63
C ASP A 73 4.69 10.07 -11.88
N ALA A 74 5.17 10.93 -11.03
CA ALA A 74 4.88 12.35 -11.19
C ALA A 74 5.96 13.00 -12.05
N ASP A 75 7.18 12.61 -11.82
CA ASP A 75 8.31 13.18 -12.59
C ASP A 75 9.63 12.57 -12.15
N LYS A 76 9.69 11.26 -12.13
CA LYS A 76 10.94 10.58 -11.71
C LYS A 76 11.70 10.03 -12.92
N ASN A 77 11.26 8.90 -13.41
CA ASN A 77 11.95 8.31 -14.57
C ASN A 77 10.96 7.55 -15.45
N GLY A 78 9.84 7.19 -14.86
CA GLY A 78 8.80 6.45 -15.64
C GLY A 78 8.60 5.03 -15.06
N TYR A 79 9.55 4.60 -14.27
CA TYR A 79 9.43 3.25 -13.68
C TYR A 79 8.78 3.32 -12.30
N ILE A 80 8.21 2.22 -11.88
CA ILE A 80 7.55 2.20 -10.54
C ILE A 80 7.93 0.95 -9.76
N ASP A 81 7.75 0.99 -8.47
CA ASP A 81 8.10 -0.19 -7.65
C ASP A 81 6.89 -1.10 -7.49
N PHE A 82 7.06 -2.35 -7.82
CA PHE A 82 5.93 -3.29 -7.68
C PHE A 82 5.65 -3.61 -6.22
N LYS A 83 6.65 -3.46 -5.40
CA LYS A 83 6.45 -3.74 -3.96
C LYS A 83 5.58 -2.68 -3.33
N GLU A 84 6.01 -1.45 -3.39
CA GLU A 84 5.21 -0.36 -2.80
C GLU A 84 3.80 -0.42 -3.34
N PHE A 85 3.65 -1.14 -4.43
CA PHE A 85 2.30 -1.28 -5.03
C PHE A 85 1.43 -2.19 -4.19
N ILE A 86 1.79 -3.43 -4.14
CA ILE A 86 0.99 -4.38 -3.35
C ILE A 86 0.73 -3.81 -1.96
N CYS A 87 1.77 -3.30 -1.35
CA CYS A 87 1.60 -2.73 0.00
C CYS A 87 0.46 -1.73 -0.01
N ALA A 88 0.46 -0.87 -0.99
CA ALA A 88 -0.62 0.14 -1.06
C ALA A 88 -1.92 -0.52 -1.48
N LEU A 89 -1.82 -1.51 -2.32
CA LEU A 89 -3.05 -2.20 -2.76
C LEU A 89 -3.90 -2.51 -1.56
N SER A 90 -3.26 -2.69 -0.43
CA SER A 90 -4.02 -2.98 0.81
C SER A 90 -5.22 -2.07 0.90
N VAL A 91 -5.05 -0.85 0.49
CA VAL A 91 -6.17 0.12 0.55
C VAL A 91 -7.34 -0.40 -0.27
N THR A 92 -7.08 -0.74 -1.49
CA THR A 92 -8.15 -1.25 -2.37
C THR A 92 -8.15 -2.78 -2.39
N SER A 93 -8.69 -3.37 -1.36
CA SER A 93 -8.72 -4.84 -1.30
C SER A 93 -9.62 -5.32 -0.16
N ARG A 94 -10.65 -6.03 -0.51
CA ARG A 94 -11.57 -6.54 0.53
C ARG A 94 -10.80 -7.29 1.61
N GLY A 95 -11.19 -7.06 2.85
CA GLY A 95 -10.49 -7.76 3.96
C GLY A 95 -10.70 -7.01 5.27
N GLU A 96 -10.15 -7.54 6.34
CA GLU A 96 -10.31 -6.87 7.65
C GLU A 96 -9.23 -5.80 7.85
N LEU A 97 -9.13 -5.33 9.06
CA LEU A 97 -8.10 -4.28 9.34
C LEU A 97 -6.74 -4.92 9.52
N ASN A 98 -6.64 -5.83 10.43
CA ASN A 98 -5.34 -6.49 10.67
C ASN A 98 -4.74 -6.96 9.36
N ASP A 99 -5.57 -7.47 8.50
CA ASP A 99 -5.07 -7.96 7.19
C ASP A 99 -4.26 -6.87 6.48
N LYS A 100 -4.72 -5.66 6.58
CA LYS A 100 -3.98 -4.55 5.92
C LYS A 100 -2.55 -4.49 6.42
N LEU A 101 -2.40 -4.51 7.71
CA LEU A 101 -1.03 -4.46 8.28
C LEU A 101 -0.29 -5.75 7.97
N ILE A 102 -0.93 -6.85 8.23
CA ILE A 102 -0.28 -8.16 7.96
C ILE A 102 0.16 -8.24 6.51
N TRP A 103 -0.74 -7.91 5.63
CA TRP A 103 -0.39 -7.95 4.19
C TRP A 103 0.88 -7.18 3.92
N ALA A 104 0.97 -6.01 4.49
CA ALA A 104 2.19 -5.20 4.29
C ALA A 104 3.39 -5.87 4.93
N PHE A 105 3.17 -6.37 6.11
CA PHE A 105 4.29 -7.05 6.82
C PHE A 105 4.81 -8.23 6.01
N GLN A 106 3.92 -8.86 5.28
CA GLN A 106 4.36 -10.01 4.45
C GLN A 106 5.26 -9.53 3.32
N LEU A 107 4.89 -8.43 2.72
CA LEU A 107 5.72 -7.90 1.61
C LEU A 107 7.16 -7.70 2.07
N TYR A 108 7.31 -7.18 3.26
CA TYR A 108 8.68 -6.96 3.78
C TYR A 108 9.17 -8.18 4.52
N ASP A 109 8.69 -9.32 4.10
CA ASP A 109 9.11 -10.59 4.75
C ASP A 109 9.36 -11.68 3.71
N LEU A 110 9.98 -11.30 2.63
CA LEU A 110 10.27 -12.30 1.55
C LEU A 110 11.49 -13.13 1.91
N ASP A 111 11.85 -13.08 3.15
CA ASP A 111 13.04 -13.85 3.63
C ASP A 111 12.63 -14.85 4.70
N ASN A 112 11.36 -15.08 4.83
CA ASN A 112 10.88 -16.04 5.85
C ASN A 112 11.56 -15.77 7.18
N ASN A 113 11.78 -14.52 7.47
CA ASN A 113 12.44 -14.14 8.75
C ASN A 113 11.42 -13.54 9.70
N GLY A 114 10.70 -12.57 9.22
CA GLY A 114 9.67 -11.92 10.08
C GLY A 114 10.31 -10.81 10.92
N LEU A 115 11.27 -10.14 10.35
CA LEU A 115 11.94 -9.04 11.09
C LEU A 115 12.30 -7.90 10.15
N ILE A 116 11.49 -6.87 10.13
CA ILE A 116 11.79 -5.72 9.24
C ILE A 116 12.57 -4.66 9.98
N SER A 117 13.23 -3.79 9.24
CA SER A 117 14.02 -2.71 9.88
C SER A 117 13.36 -1.35 9.71
N TYR A 118 13.79 -0.44 10.51
CA TYR A 118 13.23 0.93 10.45
C TYR A 118 13.07 1.38 9.00
N ASP A 119 13.94 0.90 8.16
CA ASP A 119 13.86 1.29 6.72
C ASP A 119 12.54 0.83 6.13
N GLU A 120 12.28 -0.43 6.22
CA GLU A 120 11.02 -0.97 5.67
C GLU A 120 9.82 -0.24 6.27
N MET A 121 9.98 0.25 7.46
CA MET A 121 8.87 0.97 8.12
C MET A 121 8.54 2.27 7.37
N LEU A 122 9.56 2.98 6.98
CA LEU A 122 9.33 4.26 6.25
C LEU A 122 8.71 4.01 4.89
N ARG A 123 9.18 2.99 4.22
CA ARG A 123 8.61 2.69 2.88
C ARG A 123 7.18 2.19 3.01
N ILE A 124 6.86 1.63 4.15
CA ILE A 124 5.48 1.11 4.34
C ILE A 124 4.49 2.27 4.43
N VAL A 125 4.66 3.08 5.43
CA VAL A 125 3.74 4.23 5.60
C VAL A 125 3.79 5.15 4.38
N ASP A 126 4.90 5.14 3.71
CA ASP A 126 5.02 6.00 2.52
C ASP A 126 4.20 5.46 1.36
N ALA A 127 4.08 4.16 1.31
CA ALA A 127 3.30 3.55 0.21
C ALA A 127 1.81 3.85 0.38
N ILE A 128 1.31 3.63 1.55
CA ILE A 128 -0.13 3.90 1.77
C ILE A 128 -0.41 5.40 1.74
N TYR A 129 0.54 6.17 2.16
CA TYR A 129 0.34 7.64 2.16
C TYR A 129 0.33 8.18 0.73
N LYS A 130 1.03 7.51 -0.15
CA LYS A 130 1.04 7.98 -1.56
C LYS A 130 -0.28 7.66 -2.24
N MET A 131 -0.84 6.53 -1.90
CA MET A 131 -2.12 6.14 -2.52
C MET A 131 -3.30 6.84 -1.81
N VAL A 132 -3.03 7.41 -0.67
CA VAL A 132 -4.12 8.10 0.07
C VAL A 132 -4.71 9.24 -0.77
N GLY A 133 -3.84 9.96 -1.43
CA GLY A 133 -4.34 11.09 -2.27
C GLY A 133 -5.15 10.57 -3.45
N SER A 134 -5.10 9.29 -3.67
CA SER A 134 -5.87 8.70 -4.80
C SER A 134 -7.28 8.32 -4.36
N MET A 135 -7.61 8.68 -3.13
CA MET A 135 -8.97 8.35 -2.62
C MET A 135 -9.57 9.56 -1.90
N VAL A 136 -8.99 9.90 -0.79
CA VAL A 136 -9.51 11.06 -0.02
C VAL A 136 -8.79 12.33 -0.41
N LYS A 137 -9.33 13.45 -0.02
CA LYS A 137 -8.68 14.73 -0.37
C LYS A 137 -7.50 15.00 0.56
N LEU A 138 -6.31 14.78 0.06
CA LEU A 138 -5.11 15.02 0.89
C LEU A 138 -5.15 16.44 1.52
N PRO A 139 -5.28 16.51 2.85
CA PRO A 139 -5.33 17.80 3.53
C PRO A 139 -4.02 18.56 3.37
N GLU A 140 -3.86 19.62 4.11
CA GLU A 140 -2.61 20.41 4.01
C GLU A 140 -1.56 19.88 4.97
N ASP A 141 -1.24 18.61 4.82
CA ASP A 141 -0.21 18.00 5.71
C ASP A 141 0.93 17.40 4.90
N GLU A 142 1.06 17.86 3.69
CA GLU A 142 2.14 17.33 2.83
C GLU A 142 3.49 17.44 3.54
N ASP A 143 3.91 16.35 4.14
CA ASP A 143 5.20 16.37 4.85
C ASP A 143 5.62 14.96 5.24
N THR A 144 6.89 14.67 5.06
CA THR A 144 7.40 13.33 5.41
C THR A 144 6.83 12.87 6.76
N PRO A 145 5.93 11.88 6.73
CA PRO A 145 5.34 11.37 7.97
C PRO A 145 6.38 10.70 8.85
N GLU A 146 7.63 10.94 8.55
CA GLU A 146 8.71 10.34 9.36
C GLU A 146 8.49 10.58 10.84
N LYS A 147 8.01 11.75 11.15
CA LYS A 147 7.76 12.07 12.57
C LYS A 147 6.79 11.08 13.19
N ARG A 148 5.78 10.71 12.45
CA ARG A 148 4.79 9.75 12.99
C ARG A 148 5.44 8.39 13.24
N VAL A 149 6.06 7.86 12.23
CA VAL A 149 6.72 6.54 12.40
C VAL A 149 7.61 6.55 13.63
N ASN A 150 8.36 7.60 13.79
CA ASN A 150 9.25 7.68 14.97
C ASN A 150 8.45 7.46 16.24
N LYS A 151 7.29 8.07 16.29
CA LYS A 151 6.44 7.92 17.48
C LYS A 151 6.21 6.45 17.78
N ILE A 152 5.85 5.71 16.76
CA ILE A 152 5.61 4.27 16.97
C ILE A 152 6.83 3.61 17.58
N PHE A 153 7.96 3.84 16.96
CA PHE A 153 9.20 3.24 17.50
C PHE A 153 9.43 3.76 18.90
N ASN A 154 9.10 5.01 19.09
CA ASN A 154 9.28 5.62 20.43
C ASN A 154 8.24 5.07 21.39
N MET A 155 7.09 4.76 20.84
CA MET A 155 6.01 4.21 21.68
C MET A 155 6.37 2.81 22.16
N MET A 156 6.82 2.01 21.25
CA MET A 156 7.20 0.62 21.62
C MET A 156 8.48 0.62 22.44
N ASP A 157 9.19 1.72 22.40
CA ASP A 157 10.45 1.80 23.17
C ASP A 157 11.41 0.69 22.76
N LYS A 158 12.22 0.97 21.77
CA LYS A 158 13.18 -0.06 21.30
C LYS A 158 14.36 0.59 20.58
N ASN A 159 15.48 -0.08 20.57
CA ASN A 159 16.67 0.47 19.89
C ASN A 159 16.32 0.98 18.50
N LYS A 160 17.19 1.79 17.93
CA LYS A 160 16.92 2.32 16.58
C LYS A 160 17.24 1.28 15.51
N ASP A 161 18.23 0.46 15.79
CA ASP A 161 18.59 -0.58 14.80
C ASP A 161 17.81 -1.86 15.05
N GLY A 162 17.09 -1.90 16.13
CA GLY A 162 16.30 -3.12 16.45
C GLY A 162 15.33 -3.42 15.31
N GLN A 163 14.89 -4.66 15.25
CA GLN A 163 13.95 -5.06 14.17
C GLN A 163 12.55 -5.22 14.73
N LEU A 164 11.56 -4.87 13.93
CA LEU A 164 10.16 -5.00 14.39
C LEU A 164 9.55 -6.32 13.93
N THR A 165 8.66 -6.85 14.75
CA THR A 165 7.99 -8.14 14.42
C THR A 165 6.52 -7.90 14.06
N LEU A 166 5.93 -8.85 13.40
CA LEU A 166 4.51 -8.71 13.01
C LEU A 166 3.67 -8.34 14.22
N GLU A 167 3.54 -9.27 15.10
CA GLU A 167 2.73 -9.01 16.33
C GLU A 167 3.08 -7.66 16.94
N GLU A 168 4.33 -7.29 16.87
CA GLU A 168 4.73 -5.98 17.46
C GLU A 168 4.25 -4.83 16.60
N PHE A 169 4.51 -4.91 15.31
CA PHE A 169 4.07 -3.81 14.42
C PHE A 169 2.59 -3.53 14.62
N CYS A 170 1.82 -4.57 14.62
CA CYS A 170 0.36 -4.39 14.81
C CYS A 170 0.07 -3.78 16.17
N GLU A 171 0.85 -4.16 17.15
CA GLU A 171 0.64 -3.62 18.51
C GLU A 171 0.94 -2.13 18.54
N GLY A 172 2.01 -1.75 17.91
CA GLY A 172 2.39 -0.31 17.89
C GLY A 172 1.27 0.51 17.23
N SER A 173 0.59 -0.10 16.29
CA SER A 173 -0.49 0.62 15.60
C SER A 173 -1.77 0.58 16.42
N LYS A 174 -2.04 -0.55 17.01
CA LYS A 174 -3.26 -0.66 17.83
C LYS A 174 -3.18 0.28 19.03
N ARG A 175 -1.98 0.55 19.48
CA ARG A 175 -1.83 1.45 20.65
C ARG A 175 -2.13 2.89 20.23
N ASP A 176 -2.27 3.08 18.94
CA ASP A 176 -2.57 4.43 18.41
C ASP A 176 -3.88 4.39 17.60
N PRO A 177 -4.99 4.51 18.31
CA PRO A 177 -6.32 4.48 17.69
C PRO A 177 -6.55 5.66 16.72
N THR A 178 -5.61 5.87 15.87
CA THR A 178 -5.71 6.96 14.88
C THR A 178 -5.27 6.42 13.56
N ILE A 179 -4.44 5.42 13.64
CA ILE A 179 -3.95 4.78 12.41
C ILE A 179 -4.92 3.69 12.09
N VAL A 180 -5.77 3.45 13.05
CA VAL A 180 -6.78 2.43 12.94
C VAL A 180 -8.05 3.05 12.34
N SER A 181 -8.25 4.31 12.62
CA SER A 181 -9.45 4.99 12.08
C SER A 181 -9.18 5.49 10.66
N ALA A 182 -7.95 5.82 10.40
CA ALA A 182 -7.59 6.32 9.04
C ALA A 182 -7.72 5.20 8.00
N LEU A 183 -7.34 4.01 8.37
CA LEU A 183 -7.43 2.88 7.40
C LEU A 183 -8.89 2.51 7.17
N SER A 184 -9.66 2.52 8.21
CA SER A 184 -11.10 2.16 8.05
C SER A 184 -11.89 3.35 7.50
N LEU A 185 -11.41 3.91 6.43
CA LEU A 185 -12.13 5.07 5.83
C LEU A 185 -13.05 4.61 4.71
N TYR A 186 -13.48 3.38 4.79
CA TYR A 186 -14.39 2.86 3.73
C TYR A 186 -15.30 1.78 4.29
N ASP A 187 -15.87 2.05 5.44
CA ASP A 187 -16.78 1.04 6.07
C ASP A 187 -18.02 1.73 6.62
N GLY A 188 -18.95 2.02 5.76
CA GLY A 188 -20.21 2.68 6.23
C GLY A 188 -21.06 3.10 5.03
N LEU A 189 -20.91 2.39 3.94
CA LEU A 189 -21.71 2.72 2.74
C LEU A 189 -21.87 1.51 1.85
N VAL A 190 -21.96 0.36 2.47
CA VAL A 190 -22.11 -0.88 1.69
C VAL A 190 -23.06 -1.85 2.41
C1 MYR A 1 -6.76 13.26 5.60
O1 MYR A 1 -7.09 12.15 5.94
C2 MYR A 1 -5.36 13.54 5.06
C3 MYR A 1 -4.47 14.07 6.18
C4 MYR A 1 -4.31 12.99 7.25
C5 MYR A 1 -3.06 13.30 8.09
C6 MYR A 1 -2.72 12.09 8.96
C7 MYR A 1 -1.84 11.14 8.17
C8 MYR A 1 -2.02 9.72 8.69
C9 MYR A 1 -1.34 8.72 7.74
C10 MYR A 1 -1.74 7.30 8.13
C11 MYR A 1 -0.88 6.31 7.34
C12 MYR A 1 -0.87 4.96 8.07
C13 MYR A 1 -0.34 3.89 7.13
C14 MYR A 1 0.20 2.71 7.95
H21 MYR A 1 -4.93 12.62 4.68
H22 MYR A 1 -5.42 14.27 4.26
H31 MYR A 1 -3.51 14.33 5.79
H32 MYR A 1 -4.93 14.94 6.62
H41 MYR A 1 -5.18 12.98 7.89
H42 MYR A 1 -4.20 12.02 6.79
H51 MYR A 1 -2.23 13.51 7.43
H52 MYR A 1 -3.25 14.16 8.71
H61 MYR A 1 -2.22 12.42 9.85
H62 MYR A 1 -3.63 11.59 9.24
H71 MYR A 1 -2.10 11.17 7.12
H72 MYR A 1 -0.80 11.43 8.28
H81 MYR A 1 -1.59 9.64 9.68
H82 MYR A 1 -3.08 9.48 8.75
H91 MYR A 1 -1.66 8.93 6.73
H92 MYR A 1 -0.28 8.84 7.81
H101 MYR A 1 -1.58 7.15 9.18
H102 MYR A 1 -2.78 7.14 7.89
H111 MYR A 1 -1.29 6.18 6.35
H112 MYR A 1 0.13 6.69 7.26
H121 MYR A 1 -0.23 5.03 8.94
H122 MYR A 1 -1.88 4.71 8.38
H131 MYR A 1 -1.13 3.54 6.48
H132 MYR A 1 0.47 4.29 6.52
H141 MYR A 1 -0.63 2.15 8.37
H142 MYR A 1 0.81 3.09 8.76
H143 MYR A 1 0.80 2.06 7.32
N GLY A 2 -7.55 14.30 5.68
CA GLY A 2 -8.93 14.13 6.20
C GLY A 2 -9.69 15.45 6.13
N LYS A 3 -9.63 16.08 4.97
CA LYS A 3 -10.35 17.38 4.80
C LYS A 3 -11.16 17.38 3.52
N SER A 4 -12.31 17.98 3.56
CA SER A 4 -13.17 18.02 2.35
C SER A 4 -13.65 16.63 1.98
N GLN A 5 -14.71 16.56 1.22
CA GLN A 5 -15.25 15.25 0.81
C GLN A 5 -14.23 14.50 -0.05
N SER A 6 -14.31 14.71 -1.33
CA SER A 6 -13.36 14.01 -2.24
C SER A 6 -13.27 14.74 -3.58
N LYS A 7 -12.09 14.79 -4.13
CA LYS A 7 -11.93 15.47 -5.43
C LYS A 7 -12.64 14.72 -6.54
N LEU A 8 -12.34 13.46 -6.65
CA LEU A 8 -12.99 12.65 -7.71
C LEU A 8 -14.50 12.57 -7.47
N SER A 9 -15.23 12.27 -8.52
CA SER A 9 -16.70 12.17 -8.37
C SER A 9 -17.09 10.85 -7.70
N GLN A 10 -18.23 10.85 -7.07
CA GLN A 10 -18.67 9.61 -6.38
C GLN A 10 -18.69 8.44 -7.35
N ASP A 11 -18.87 8.74 -8.61
CA ASP A 11 -18.89 7.65 -9.62
C ASP A 11 -17.51 7.03 -9.77
N GLN A 12 -16.55 7.86 -10.01
CA GLN A 12 -15.16 7.34 -10.17
C GLN A 12 -14.78 6.47 -8.98
N LEU A 13 -15.35 6.76 -7.84
CA LEU A 13 -15.02 5.97 -6.64
C LEU A 13 -15.43 4.51 -6.85
N GLN A 14 -16.66 4.31 -7.25
CA GLN A 14 -17.14 2.93 -7.48
C GLN A 14 -16.30 2.26 -8.57
N ASP A 15 -15.82 3.05 -9.48
CA ASP A 15 -15.00 2.49 -10.58
C ASP A 15 -13.69 1.93 -10.04
N LEU A 16 -13.04 2.71 -9.22
CA LEU A 16 -11.75 2.24 -8.65
C LEU A 16 -11.96 0.94 -7.90
N VAL A 17 -13.09 0.82 -7.26
CA VAL A 17 -13.38 -0.42 -6.50
C VAL A 17 -13.63 -1.55 -7.47
N ARG A 18 -14.49 -1.31 -8.43
CA ARG A 18 -14.79 -2.37 -9.41
C ARG A 18 -13.55 -2.64 -10.26
N SER A 19 -12.62 -1.74 -10.20
CA SER A 19 -11.38 -1.92 -10.98
C SER A 19 -10.33 -2.66 -10.15
N THR A 20 -10.55 -2.69 -8.87
CA THR A 20 -9.58 -3.38 -7.98
C THR A 20 -10.02 -4.82 -7.74
N ARG A 21 -11.20 -5.16 -8.19
CA ARG A 21 -11.69 -6.55 -8.00
C ARG A 21 -10.58 -7.55 -8.27
N PHE A 22 -10.30 -8.36 -7.30
CA PHE A 22 -9.22 -9.36 -7.49
C PHE A 22 -9.21 -10.38 -6.35
N ASP A 23 -8.10 -11.07 -6.22
CA ASP A 23 -7.97 -12.10 -5.15
C ASP A 23 -6.67 -11.91 -4.39
N LYS A 24 -6.43 -12.79 -3.43
CA LYS A 24 -5.18 -12.70 -2.63
C LYS A 24 -4.36 -13.96 -2.77
N LYS A 25 -4.81 -15.01 -2.14
CA LYS A 25 -4.06 -16.28 -2.23
C LYS A 25 -3.60 -16.52 -3.66
N GLU A 26 -4.28 -15.89 -4.58
CA GLU A 26 -3.91 -16.07 -6.01
C GLU A 26 -2.79 -15.12 -6.35
N LEU A 27 -2.98 -13.88 -6.00
CA LEU A 27 -1.94 -12.89 -6.29
C LEU A 27 -0.75 -13.10 -5.38
N GLN A 28 -1.02 -13.67 -4.22
CA GLN A 28 0.09 -13.92 -3.28
C GLN A 28 0.97 -15.04 -3.79
N GLN A 29 0.35 -16.02 -4.42
CA GLN A 29 1.16 -17.14 -4.95
C GLN A 29 1.93 -16.67 -6.18
N TRP A 30 1.36 -15.70 -6.84
CA TRP A 30 2.02 -15.16 -8.06
C TRP A 30 3.07 -14.14 -7.68
N TYR A 31 2.69 -13.17 -6.91
CA TYR A 31 3.66 -12.14 -6.49
C TYR A 31 4.89 -12.78 -5.85
N LYS A 32 4.67 -13.86 -5.16
CA LYS A 32 5.81 -14.54 -4.51
C LYS A 32 6.69 -15.23 -5.55
N GLY A 33 6.06 -16.03 -6.37
CA GLY A 33 6.86 -16.75 -7.42
C GLY A 33 7.40 -15.75 -8.44
N PHE A 34 6.77 -14.61 -8.52
CA PHE A 34 7.24 -13.59 -9.49
C PHE A 34 8.48 -12.87 -8.98
N PHE A 35 8.50 -12.59 -7.70
CA PHE A 35 9.68 -11.89 -7.13
C PHE A 35 10.84 -12.86 -6.96
N LYS A 36 10.52 -14.11 -6.84
CA LYS A 36 11.59 -15.13 -6.68
C LYS A 36 12.27 -15.42 -8.01
N ASP A 37 11.49 -15.40 -9.05
CA ASP A 37 12.07 -15.68 -10.40
C ASP A 37 12.87 -14.49 -10.89
N CYS A 38 12.51 -13.32 -10.44
CA CYS A 38 13.25 -12.10 -10.87
C CYS A 38 13.24 -11.04 -9.76
N PRO A 39 14.15 -11.20 -8.82
CA PRO A 39 14.27 -10.27 -7.71
C PRO A 39 14.87 -8.94 -8.15
N SER A 40 14.09 -7.90 -8.04
CA SER A 40 14.62 -6.58 -8.46
C SER A 40 13.84 -5.45 -7.78
N GLY A 41 12.61 -5.72 -7.46
CA GLY A 41 11.78 -4.67 -6.79
C GLY A 41 11.16 -3.74 -7.83
N HIS A 42 11.85 -3.55 -8.91
CA HIS A 42 11.31 -2.65 -9.97
C HIS A 42 10.53 -3.45 -11.01
N LEU A 43 9.52 -2.85 -11.58
CA LEU A 43 8.71 -3.56 -12.60
C LEU A 43 8.35 -2.64 -13.76
N ASN A 44 8.16 -3.21 -14.92
CA ASN A 44 7.82 -2.39 -16.11
C ASN A 44 6.32 -2.24 -16.25
N LYS A 45 5.94 -1.27 -17.02
CA LYS A 45 4.49 -1.05 -17.24
C LYS A 45 3.92 -2.03 -18.26
N SER A 46 4.75 -2.47 -19.16
CA SER A 46 4.28 -3.43 -20.18
C SER A 46 3.79 -4.71 -19.53
N GLU A 47 4.64 -5.30 -18.73
CA GLU A 47 4.24 -6.55 -18.06
C GLU A 47 3.08 -6.32 -17.12
N PHE A 48 3.06 -5.17 -16.51
CA PHE A 48 1.96 -4.85 -15.57
C PHE A 48 0.64 -4.72 -16.33
N GLN A 49 0.71 -4.27 -17.55
CA GLN A 49 -0.53 -4.12 -18.34
C GLN A 49 -1.14 -5.48 -18.65
N LYS A 50 -0.31 -6.38 -19.10
CA LYS A 50 -0.83 -7.74 -19.42
C LYS A 50 -1.46 -8.38 -18.19
N ILE A 51 -0.85 -8.14 -17.05
CA ILE A 51 -1.41 -8.73 -15.81
C ILE A 51 -2.75 -8.07 -15.47
N TYR A 52 -2.82 -6.79 -15.69
CA TYR A 52 -4.07 -6.06 -15.39
C TYR A 52 -5.20 -6.55 -16.30
N LYS A 53 -4.81 -7.10 -17.42
CA LYS A 53 -5.82 -7.62 -18.38
C LYS A 53 -6.31 -9.00 -17.97
N GLN A 54 -5.58 -9.63 -17.09
CA GLN A 54 -5.98 -10.99 -16.64
C GLN A 54 -6.68 -10.99 -15.28
N PHE A 55 -6.23 -10.15 -14.38
CA PHE A 55 -6.88 -10.12 -13.04
C PHE A 55 -8.10 -9.18 -13.00
N PHE A 56 -8.07 -8.10 -13.76
CA PHE A 56 -9.25 -7.18 -13.73
C PHE A 56 -9.20 -6.12 -14.84
N PRO A 57 -9.60 -6.51 -16.03
CA PRO A 57 -9.61 -5.60 -17.17
C PRO A 57 -10.72 -4.57 -17.02
N PHE A 58 -11.91 -4.93 -17.46
CA PHE A 58 -13.06 -4.01 -17.35
C PHE A 58 -12.88 -2.76 -18.22
N GLY A 59 -11.79 -2.68 -18.92
CA GLY A 59 -11.60 -1.48 -19.79
C GLY A 59 -10.19 -1.44 -20.39
N ASP A 60 -9.74 -0.23 -20.67
CA ASP A 60 -8.38 -0.05 -21.26
C ASP A 60 -7.27 -0.36 -20.23
N PRO A 61 -6.45 -1.37 -20.51
CA PRO A 61 -5.37 -1.73 -19.59
C PRO A 61 -4.29 -0.65 -19.55
N SER A 62 -4.11 0.02 -20.65
CA SER A 62 -3.08 1.08 -20.68
C SER A 62 -3.54 2.27 -19.87
N ALA A 63 -4.83 2.43 -19.80
CA ALA A 63 -5.39 3.55 -19.02
C ALA A 63 -5.01 3.40 -17.56
N PHE A 64 -5.33 2.26 -16.99
CA PHE A 64 -4.99 2.05 -15.58
C PHE A 64 -3.49 2.20 -15.39
N ALA A 65 -2.76 1.76 -16.37
CA ALA A 65 -1.29 1.85 -16.29
C ALA A 65 -0.89 3.31 -16.18
N GLU A 66 -1.44 4.12 -17.04
CA GLU A 66 -1.10 5.55 -17.00
C GLU A 66 -1.40 6.10 -15.62
N TYR A 67 -2.29 5.43 -14.93
CA TYR A 67 -2.65 5.89 -13.56
C TYR A 67 -1.49 5.68 -12.64
N VAL A 68 -1.17 4.44 -12.46
CA VAL A 68 -0.05 4.10 -11.59
C VAL A 68 1.12 5.02 -11.85
N PHE A 69 1.32 5.32 -13.09
CA PHE A 69 2.43 6.22 -13.44
C PHE A 69 2.16 7.61 -12.90
N ASN A 70 1.06 8.17 -13.31
CA ASN A 70 0.70 9.51 -12.83
C ASN A 70 0.83 9.61 -11.32
N VAL A 71 0.76 8.48 -10.66
CA VAL A 71 0.86 8.48 -9.17
C VAL A 71 2.25 8.08 -8.71
N PHE A 72 2.76 7.01 -9.27
CA PHE A 72 4.12 6.54 -8.86
C PHE A 72 5.21 7.02 -9.83
N ASP A 73 4.87 7.18 -11.09
CA ASP A 73 5.89 7.64 -12.06
C ASP A 73 5.25 8.28 -13.27
N ALA A 74 5.05 9.57 -13.19
CA ALA A 74 4.43 10.28 -14.33
C ALA A 74 5.08 9.87 -15.65
N ASP A 75 6.40 9.77 -15.61
CA ASP A 75 7.18 9.37 -16.83
C ASP A 75 8.62 9.87 -16.70
N LYS A 76 9.42 9.11 -16.02
CA LYS A 76 10.85 9.51 -15.86
C LYS A 76 11.73 8.30 -15.62
N ASN A 77 11.56 7.66 -14.50
CA ASN A 77 12.37 6.47 -14.20
C ASN A 77 12.07 5.34 -15.17
N GLY A 78 10.82 5.24 -15.54
CA GLY A 78 10.44 4.15 -16.49
C GLY A 78 10.02 2.90 -15.73
N TYR A 79 10.30 2.89 -14.45
CA TYR A 79 9.94 1.71 -13.61
C TYR A 79 9.28 2.15 -12.32
N ILE A 80 8.35 1.35 -11.86
CA ILE A 80 7.62 1.68 -10.60
C ILE A 80 7.87 0.61 -9.54
N ASP A 81 7.63 0.94 -8.31
CA ASP A 81 7.86 -0.04 -7.22
C ASP A 81 6.61 -0.88 -7.00
N PHE A 82 6.62 -2.07 -7.52
CA PHE A 82 5.44 -2.97 -7.34
C PHE A 82 5.19 -3.25 -5.87
N LYS A 83 6.22 -3.13 -5.07
CA LYS A 83 6.05 -3.38 -3.62
C LYS A 83 5.11 -2.37 -3.00
N GLU A 84 5.27 -1.13 -3.37
CA GLU A 84 4.39 -0.08 -2.81
C GLU A 84 2.98 -0.23 -3.36
N PHE A 85 2.85 -1.00 -4.40
CA PHE A 85 1.52 -1.19 -5.01
C PHE A 85 0.72 -2.23 -4.24
N ILE A 86 1.33 -3.34 -3.98
CA ILE A 86 0.63 -4.40 -3.23
C ILE A 86 0.29 -3.91 -1.83
N CYS A 87 1.25 -3.29 -1.21
CA CYS A 87 1.01 -2.78 0.15
C CYS A 87 -0.13 -1.75 0.14
N ALA A 88 -0.11 -0.88 -0.84
CA ALA A 88 -1.18 0.13 -0.92
C ALA A 88 -2.49 -0.52 -1.33
N LEU A 89 -2.38 -1.57 -2.09
CA LEU A 89 -3.60 -2.27 -2.53
C LEU A 89 -4.40 -2.70 -1.33
N SER A 90 -3.70 -3.04 -0.27
CA SER A 90 -4.41 -3.48 0.96
C SER A 90 -5.57 -2.55 1.24
N VAL A 91 -5.37 -1.29 0.99
CA VAL A 91 -6.45 -0.31 1.23
C VAL A 91 -7.70 -0.70 0.45
N THR A 92 -7.49 -1.29 -0.70
CA THR A 92 -8.65 -1.71 -1.55
C THR A 92 -8.85 -3.21 -1.48
N SER A 93 -9.53 -3.66 -0.45
CA SER A 93 -9.76 -5.13 -0.32
C SER A 93 -10.81 -5.42 0.75
N ARG A 94 -11.38 -4.38 1.31
CA ARG A 94 -12.40 -4.59 2.37
C ARG A 94 -11.96 -5.65 3.36
N GLY A 95 -10.71 -5.63 3.70
CA GLY A 95 -10.19 -6.63 4.68
C GLY A 95 -10.20 -6.05 6.09
N GLU A 96 -9.83 -6.87 7.05
CA GLU A 96 -9.82 -6.38 8.46
C GLU A 96 -8.51 -5.67 8.75
N LEU A 97 -8.32 -5.30 9.99
CA LEU A 97 -7.06 -4.61 10.36
C LEU A 97 -5.94 -5.60 10.60
N ASN A 98 -6.29 -6.86 10.66
CA ASN A 98 -5.26 -7.89 10.89
C ASN A 98 -4.46 -8.15 9.62
N ASP A 99 -5.16 -8.39 8.56
CA ASP A 99 -4.48 -8.65 7.27
C ASP A 99 -3.70 -7.42 6.80
N LYS A 100 -4.15 -6.26 7.21
CA LYS A 100 -3.45 -5.02 6.81
C LYS A 100 -1.98 -5.08 7.21
N LEU A 101 -1.74 -5.41 8.43
CA LEU A 101 -0.33 -5.49 8.92
C LEU A 101 0.34 -6.76 8.40
N ILE A 102 -0.32 -7.86 8.58
CA ILE A 102 0.27 -9.14 8.11
C ILE A 102 0.63 -9.06 6.63
N TRP A 103 -0.31 -8.60 5.85
CA TRP A 103 -0.05 -8.48 4.38
C TRP A 103 1.14 -7.59 4.11
N ALA A 104 1.17 -6.45 4.75
CA ALA A 104 2.31 -5.53 4.54
C ALA A 104 3.58 -6.12 5.12
N PHE A 105 3.42 -6.87 6.18
CA PHE A 105 4.61 -7.48 6.81
C PHE A 105 5.10 -8.67 5.98
N GLN A 106 4.18 -9.49 5.57
CA GLN A 106 4.59 -10.66 4.75
C GLN A 106 5.11 -10.20 3.40
N LEU A 107 4.81 -8.96 3.09
CA LEU A 107 5.27 -8.41 1.80
C LEU A 107 6.74 -8.04 1.87
N TYR A 108 7.12 -7.39 2.93
CA TYR A 108 8.55 -7.00 3.07
C TYR A 108 9.37 -8.15 3.68
N ASP A 109 8.88 -9.35 3.49
CA ASP A 109 9.60 -10.54 4.03
C ASP A 109 9.69 -11.65 3.00
N LEU A 110 10.66 -11.53 2.12
CA LEU A 110 10.83 -12.56 1.06
C LEU A 110 12.26 -13.10 1.08
N ASP A 111 12.90 -12.91 2.19
CA ASP A 111 14.30 -13.38 2.33
C ASP A 111 14.37 -14.50 3.38
N ASN A 112 13.25 -15.14 3.61
CA ASN A 112 13.22 -16.24 4.60
C ASN A 112 13.77 -15.76 5.93
N ASN A 113 13.23 -14.65 6.38
CA ASN A 113 13.70 -14.08 7.68
C ASN A 113 12.53 -13.52 8.48
N GLY A 114 11.76 -12.67 7.86
CA GLY A 114 10.59 -12.08 8.57
C GLY A 114 11.05 -10.97 9.52
N LEU A 115 11.77 -10.04 8.97
CA LEU A 115 12.26 -8.91 9.81
C LEU A 115 12.44 -7.66 8.97
N ILE A 116 11.81 -6.56 9.38
CA ILE A 116 11.95 -5.29 8.59
C ILE A 116 12.68 -4.23 9.41
N SER A 117 13.29 -3.30 8.71
CA SER A 117 14.04 -2.22 9.43
C SER A 117 13.21 -0.95 9.55
N TYR A 118 13.61 -0.10 10.48
CA TYR A 118 12.88 1.17 10.68
C TYR A 118 12.66 1.88 9.34
N ASP A 119 13.63 1.75 8.47
CA ASP A 119 13.49 2.41 7.15
C ASP A 119 12.26 1.90 6.43
N GLU A 120 12.10 0.61 6.43
CA GLU A 120 10.93 0.03 5.75
C GLU A 120 9.65 0.65 6.29
N MET A 121 9.69 0.98 7.55
CA MET A 121 8.49 1.60 8.18
C MET A 121 8.20 2.94 7.54
N LEU A 122 9.23 3.73 7.35
CA LEU A 122 9.03 5.06 6.74
C LEU A 122 8.53 4.90 5.30
N ARG A 123 8.97 3.86 4.66
CA ARG A 123 8.53 3.64 3.26
C ARG A 123 7.12 3.06 3.21
N ILE A 124 6.83 2.21 4.15
CA ILE A 124 5.47 1.60 4.19
C ILE A 124 4.41 2.69 4.35
N VAL A 125 4.59 3.51 5.33
CA VAL A 125 3.60 4.59 5.55
C VAL A 125 3.64 5.59 4.40
N ASP A 126 4.82 5.79 3.87
CA ASP A 126 4.96 6.74 2.73
C ASP A 126 4.21 6.21 1.52
N ALA A 127 4.22 4.92 1.36
CA ALA A 127 3.52 4.32 0.19
C ALA A 127 2.03 4.60 0.27
N ILE A 128 1.45 4.27 1.39
CA ILE A 128 0.00 4.51 1.55
C ILE A 128 -0.31 6.00 1.43
N TYR A 129 0.60 6.80 1.92
CA TYR A 129 0.38 8.27 1.85
C TYR A 129 0.39 8.74 0.41
N LYS A 130 1.14 8.06 -0.42
CA LYS A 130 1.20 8.46 -1.84
C LYS A 130 -0.11 8.12 -2.53
N MET A 131 -0.70 7.03 -2.12
CA MET A 131 -1.99 6.62 -2.74
C MET A 131 -3.15 7.42 -2.16
N VAL A 132 -2.90 8.07 -1.05
CA VAL A 132 -3.97 8.87 -0.42
C VAL A 132 -4.47 9.96 -1.36
N GLY A 133 -3.55 10.57 -2.04
CA GLY A 133 -3.95 11.66 -2.99
C GLY A 133 -4.77 11.08 -4.15
N SER A 134 -4.86 9.78 -4.20
CA SER A 134 -5.63 9.14 -5.29
C SER A 134 -7.13 9.21 -5.01
N MET A 135 -7.49 9.93 -3.98
CA MET A 135 -8.93 10.05 -3.63
C MET A 135 -9.21 11.34 -2.88
N VAL A 136 -8.62 11.48 -1.73
CA VAL A 136 -8.84 12.72 -0.93
C VAL A 136 -7.78 13.76 -1.23
N LYS A 137 -8.03 14.96 -0.78
CA LYS A 137 -7.06 16.05 -1.01
C LYS A 137 -5.93 15.99 0.02
N LEU A 138 -4.71 16.00 -0.46
CA LEU A 138 -3.56 15.94 0.47
C LEU A 138 -3.51 17.20 1.35
N PRO A 139 -2.89 17.08 2.50
CA PRO A 139 -2.78 18.20 3.43
C PRO A 139 -1.93 19.32 2.83
N GLU A 140 -2.59 20.31 2.28
CA GLU A 140 -1.84 21.44 1.67
C GLU A 140 -1.54 22.50 2.72
N ASP A 141 -1.22 22.06 3.90
CA ASP A 141 -0.92 23.04 4.98
C ASP A 141 0.22 22.55 5.86
N GLU A 142 0.19 21.28 6.20
CA GLU A 142 1.27 20.73 7.06
C GLU A 142 1.64 19.30 6.64
N ASP A 143 2.73 18.82 7.15
CA ASP A 143 3.17 17.45 6.80
C ASP A 143 4.20 16.93 7.80
N THR A 144 5.00 15.99 7.37
CA THR A 144 6.05 15.39 8.26
C THR A 144 5.47 14.30 9.15
N PRO A 145 5.01 13.24 8.53
CA PRO A 145 4.43 12.11 9.24
C PRO A 145 5.46 11.38 10.10
N GLU A 146 6.72 11.66 9.84
CA GLU A 146 7.79 11.00 10.63
C GLU A 146 7.53 11.13 12.12
N LYS A 147 7.25 12.33 12.53
CA LYS A 147 6.98 12.57 13.98
C LYS A 147 6.09 11.48 14.55
N ARG A 148 5.11 11.07 13.79
CA ARG A 148 4.20 10.02 14.29
C ARG A 148 4.92 8.67 14.36
N VAL A 149 5.42 8.22 13.24
CA VAL A 149 6.12 6.92 13.26
C VAL A 149 7.11 6.86 14.41
N ASN A 150 7.84 7.92 14.59
CA ASN A 150 8.82 7.94 15.70
C ASN A 150 8.12 7.71 17.03
N LYS A 151 6.97 8.31 17.19
CA LYS A 151 6.23 8.13 18.45
C LYS A 151 5.94 6.66 18.71
N ILE A 152 5.60 5.95 17.66
CA ILE A 152 5.31 4.51 17.84
C ILE A 152 6.52 3.82 18.43
N PHE A 153 7.64 3.99 17.80
CA PHE A 153 8.87 3.36 18.32
C PHE A 153 9.11 3.78 19.76
N ASN A 154 8.84 5.03 20.02
CA ASN A 154 9.04 5.54 21.40
C ASN A 154 7.99 4.95 22.33
N MET A 155 6.78 4.94 21.85
CA MET A 155 5.68 4.38 22.67
C MET A 155 5.95 2.92 22.98
N MET A 156 6.54 2.24 22.04
CA MET A 156 6.84 0.80 22.26
C MET A 156 8.14 0.64 23.04
N ASP A 157 8.53 1.68 23.73
CA ASP A 157 9.79 1.61 24.51
C ASP A 157 10.87 0.86 23.76
N LYS A 158 10.88 1.04 22.46
CA LYS A 158 11.90 0.34 21.62
C LYS A 158 13.00 1.30 21.22
N ASN A 159 13.94 0.80 20.45
CA ASN A 159 15.06 1.66 20.02
C ASN A 159 14.65 2.49 18.81
N LYS A 160 14.92 3.76 18.87
CA LYS A 160 14.55 4.64 17.73
C LYS A 160 15.34 4.27 16.47
N ASP A 161 15.67 3.01 16.34
CA ASP A 161 16.44 2.57 15.15
C ASP A 161 16.44 1.05 15.05
N GLY A 162 15.95 0.41 16.06
CA GLY A 162 15.91 -1.08 16.03
C GLY A 162 14.95 -1.58 14.95
N GLN A 163 14.95 -2.87 14.75
CA GLN A 163 14.06 -3.45 13.71
C GLN A 163 12.73 -3.88 14.34
N LEU A 164 11.72 -4.04 13.51
CA LEU A 164 10.38 -4.45 14.04
C LEU A 164 9.92 -5.77 13.43
N THR A 165 9.07 -6.45 14.15
CA THR A 165 8.53 -7.76 13.67
C THR A 165 7.03 -7.67 13.48
N LEU A 166 6.49 -8.61 12.74
CA LEU A 166 5.04 -8.60 12.50
C LEU A 166 4.29 -8.40 13.79
N GLU A 167 4.37 -9.38 14.63
CA GLU A 167 3.67 -9.30 15.94
C GLU A 167 3.93 -7.96 16.62
N GLU A 168 5.18 -7.62 16.80
CA GLU A 168 5.49 -6.34 17.47
C GLU A 168 4.91 -5.16 16.70
N PHE A 169 5.13 -5.14 15.42
CA PHE A 169 4.59 -4.02 14.59
C PHE A 169 3.11 -3.84 14.83
N CYS A 170 2.39 -4.92 14.81
CA CYS A 170 0.93 -4.82 15.03
C CYS A 170 0.61 -4.32 16.44
N GLU A 171 1.52 -4.56 17.34
CA GLU A 171 1.29 -4.09 18.74
C GLU A 171 1.61 -2.60 18.88
N GLY A 172 2.35 -2.07 17.96
CA GLY A 172 2.70 -0.63 18.03
C GLY A 172 1.64 0.22 17.34
N SER A 173 0.96 -0.37 16.40
CA SER A 173 -0.10 0.39 15.68
C SER A 173 -1.41 0.39 16.45
N LYS A 174 -1.83 -0.77 16.86
CA LYS A 174 -3.11 -0.84 17.61
C LYS A 174 -3.10 0.13 18.79
N ARG A 175 -1.92 0.54 19.18
CA ARG A 175 -1.81 1.48 20.31
C ARG A 175 -2.07 2.91 19.85
N ASP A 176 -2.27 3.07 18.56
CA ASP A 176 -2.53 4.42 18.00
C ASP A 176 -3.90 4.46 17.30
N PRO A 177 -4.94 4.69 18.08
CA PRO A 177 -6.30 4.76 17.54
C PRO A 177 -6.46 5.92 16.55
N THR A 178 -5.78 5.80 15.47
CA THR A 178 -5.83 6.83 14.43
C THR A 178 -5.45 6.18 13.15
N ILE A 179 -4.61 5.21 13.28
CA ILE A 179 -4.16 4.47 12.10
C ILE A 179 -5.14 3.37 11.92
N VAL A 180 -5.96 3.24 12.94
CA VAL A 180 -7.00 2.22 12.97
C VAL A 180 -8.27 2.79 12.36
N SER A 181 -8.46 4.09 12.53
CA SER A 181 -9.67 4.73 11.98
C SER A 181 -9.43 5.17 10.54
N ALA A 182 -8.18 5.38 10.20
CA ALA A 182 -7.86 5.80 8.83
C ALA A 182 -8.25 4.72 7.82
N LEU A 183 -7.73 3.55 8.00
CA LEU A 183 -8.07 2.44 7.06
C LEU A 183 -9.56 2.17 7.08
N SER A 184 -10.17 2.43 8.21
CA SER A 184 -11.63 2.19 8.31
C SER A 184 -12.42 3.26 7.59
N LEU A 185 -11.78 4.39 7.35
CA LEU A 185 -12.47 5.49 6.64
C LEU A 185 -13.18 4.97 5.39
N TYR A 186 -12.72 3.86 4.90
CA TYR A 186 -13.34 3.28 3.69
C TYR A 186 -14.48 2.36 4.07
N ASP A 187 -15.11 2.69 5.18
CA ASP A 187 -16.25 1.87 5.67
C ASP A 187 -17.47 2.74 5.93
N GLY A 188 -17.99 3.31 4.88
CA GLY A 188 -19.19 4.18 5.05
C GLY A 188 -19.67 4.68 3.68
N LEU A 189 -19.01 4.24 2.64
CA LEU A 189 -19.40 4.68 1.28
C LEU A 189 -19.22 3.54 0.28
N VAL A 190 -19.46 2.34 0.74
CA VAL A 190 -19.31 1.15 -0.15
C VAL A 190 -20.67 0.57 -0.51
C1 MYR A 1 -8.24 11.26 6.37
O1 MYR A 1 -8.44 10.09 6.63
C2 MYR A 1 -7.16 11.67 5.36
C3 MYR A 1 -5.79 11.56 6.02
C4 MYR A 1 -5.50 10.11 6.36
C5 MYR A 1 -3.99 9.87 6.35
C6 MYR A 1 -3.70 8.37 6.50
C7 MYR A 1 -2.22 8.11 6.20
C8 MYR A 1 -1.98 6.60 6.15
C9 MYR A 1 -2.07 6.02 7.57
C10 MYR A 1 -1.08 4.86 7.70
C11 MYR A 1 -1.26 3.91 6.52
C12 MYR A 1 -0.81 2.50 6.93
C13 MYR A 1 0.60 2.58 7.53
C14 MYR A 1 1.12 1.16 7.78
H21 MYR A 1 -7.21 11.01 4.50
H22 MYR A 1 -7.34 12.68 5.04
H31 MYR A 1 -5.03 11.94 5.34
H32 MYR A 1 -5.77 12.16 6.92
H41 MYR A 1 -5.89 9.87 7.33
H42 MYR A 1 -5.97 9.46 5.62
H51 MYR A 1 -3.57 10.22 5.41
H52 MYR A 1 -3.54 10.41 7.18
H61 MYR A 1 -3.93 8.07 7.52
H62 MYR A 1 -4.32 7.82 5.81
H71 MYR A 1 -1.96 8.55 5.26
H72 MYR A 1 -1.62 8.55 6.98
H81 MYR A 1 -2.74 6.14 5.53
H82 MYR A 1 -1.02 6.41 5.73
H91 MYR A 1 -1.83 6.80 8.29
H92 MYR A 1 -3.07 5.67 7.75
H101 MYR A 1 -0.07 5.25 7.71
H102 MYR A 1 -1.26 4.34 8.62
H111 MYR A 1 -2.31 3.88 6.23
H112 MYR A 1 -0.67 4.24 5.68
H121 MYR A 1 -1.49 2.10 7.68
H122 MYR A 1 -0.81 1.85 6.08
H131 MYR A 1 1.26 3.09 6.83
H132 MYR A 1 0.58 3.13 8.45
H141 MYR A 1 0.34 0.58 8.26
H142 MYR A 1 1.97 1.20 8.44
H143 MYR A 1 1.40 0.70 6.85
N GLY A 2 -8.93 12.24 6.89
CA GLY A 2 -10.00 11.93 7.88
C GLY A 2 -11.33 11.69 7.17
N LYS A 3 -11.77 12.67 6.42
CA LYS A 3 -13.05 12.51 5.70
C LYS A 3 -12.94 11.42 4.64
N SER A 4 -11.73 11.16 4.20
CA SER A 4 -11.54 10.11 3.17
C SER A 4 -12.48 10.33 1.99
N GLN A 5 -13.17 11.45 2.01
CA GLN A 5 -14.11 11.74 0.91
C GLN A 5 -13.35 12.10 -0.37
N SER A 6 -13.49 11.27 -1.36
CA SER A 6 -12.78 11.54 -2.65
C SER A 6 -13.45 12.69 -3.40
N LYS A 7 -12.66 13.43 -4.12
CA LYS A 7 -13.23 14.57 -4.89
C LYS A 7 -13.58 14.14 -6.31
N LEU A 8 -13.18 12.96 -6.67
CA LEU A 8 -13.48 12.47 -8.04
C LEU A 8 -14.98 12.39 -8.27
N SER A 9 -15.36 12.09 -9.48
CA SER A 9 -16.81 11.99 -9.79
C SER A 9 -17.39 10.71 -9.21
N GLN A 10 -18.62 10.79 -8.79
CA GLN A 10 -19.26 9.59 -8.21
C GLN A 10 -19.14 8.39 -9.15
N ASP A 11 -19.19 8.65 -10.42
CA ASP A 11 -19.07 7.53 -11.39
C ASP A 11 -17.67 6.96 -11.39
N GLN A 12 -16.70 7.83 -11.28
CA GLN A 12 -15.29 7.35 -11.27
C GLN A 12 -15.06 6.43 -10.08
N LEU A 13 -15.69 6.75 -8.97
CA LEU A 13 -15.51 5.91 -7.78
C LEU A 13 -15.94 4.48 -8.07
N GLN A 14 -17.11 4.34 -8.62
CA GLN A 14 -17.60 2.98 -8.95
C GLN A 14 -16.66 2.30 -9.93
N ASP A 15 -16.02 3.09 -10.75
CA ASP A 15 -15.08 2.51 -11.74
C ASP A 15 -13.87 1.93 -11.03
N LEU A 16 -13.21 2.74 -10.26
CA LEU A 16 -12.01 2.25 -9.54
C LEU A 16 -12.32 0.90 -8.88
N VAL A 17 -13.49 0.81 -8.31
CA VAL A 17 -13.87 -0.46 -7.65
C VAL A 17 -13.99 -1.57 -8.67
N ARG A 18 -14.89 -1.38 -9.59
CA ARG A 18 -15.09 -2.41 -10.63
C ARG A 18 -13.78 -2.68 -11.34
N SER A 19 -12.86 -1.76 -11.20
CA SER A 19 -11.54 -1.94 -11.86
C SER A 19 -10.60 -2.75 -10.97
N THR A 20 -10.74 -2.59 -9.69
CA THR A 20 -9.87 -3.35 -8.77
C THR A 20 -10.46 -4.71 -8.46
N ARG A 21 -11.68 -4.93 -8.89
CA ARG A 21 -12.32 -6.24 -8.63
C ARG A 21 -11.36 -7.37 -8.93
N PHE A 22 -11.03 -8.11 -7.92
CA PHE A 22 -10.10 -9.25 -8.09
C PHE A 22 -9.94 -10.02 -6.80
N ASP A 23 -8.81 -10.69 -6.67
CA ASP A 23 -8.55 -11.49 -5.43
C ASP A 23 -7.19 -11.13 -4.86
N LYS A 24 -6.94 -11.58 -3.66
CA LYS A 24 -5.63 -11.28 -2.99
C LYS A 24 -4.82 -12.54 -2.80
N LYS A 25 -5.35 -13.43 -2.01
CA LYS A 25 -4.63 -14.69 -1.75
C LYS A 25 -4.04 -15.22 -3.04
N GLU A 26 -4.67 -14.85 -4.13
CA GLU A 26 -4.18 -15.29 -5.45
C GLU A 26 -3.03 -14.42 -5.88
N LEU A 27 -3.15 -13.15 -5.63
CA LEU A 27 -2.08 -12.24 -6.02
C LEU A 27 -0.89 -12.44 -5.11
N GLN A 28 -1.17 -12.80 -3.88
CA GLN A 28 -0.08 -13.03 -2.92
C GLN A 28 0.78 -14.18 -3.40
N GLN A 29 0.15 -15.24 -3.82
CA GLN A 29 0.93 -16.40 -4.30
C GLN A 29 1.72 -16.01 -5.56
N TRP A 30 1.09 -15.23 -6.40
CA TRP A 30 1.77 -14.80 -7.64
C TRP A 30 2.81 -13.73 -7.35
N TYR A 31 2.48 -12.85 -6.46
CA TYR A 31 3.43 -11.76 -6.12
C TYR A 31 4.75 -12.32 -5.64
N LYS A 32 4.69 -13.13 -4.62
CA LYS A 32 5.95 -13.72 -4.11
C LYS A 32 6.55 -14.67 -5.13
N GLY A 33 5.72 -15.22 -5.96
CA GLY A 33 6.24 -16.17 -6.99
C GLY A 33 6.89 -15.40 -8.14
N PHE A 34 6.26 -14.32 -8.54
CA PHE A 34 6.84 -13.53 -9.66
C PHE A 34 8.09 -12.78 -9.21
N PHE A 35 8.09 -12.36 -7.97
CA PHE A 35 9.27 -11.63 -7.47
C PHE A 35 10.42 -12.58 -7.22
N LYS A 36 10.10 -13.79 -6.86
CA LYS A 36 11.16 -14.79 -6.60
C LYS A 36 11.86 -15.16 -7.90
N ASP A 37 11.12 -15.18 -8.97
CA ASP A 37 11.72 -15.53 -10.28
C ASP A 37 12.35 -14.31 -10.95
N CYS A 38 11.77 -13.15 -10.71
CA CYS A 38 12.30 -11.91 -11.32
C CYS A 38 12.50 -10.82 -10.27
N PRO A 39 13.55 -10.96 -9.50
CA PRO A 39 13.88 -9.99 -8.46
C PRO A 39 14.35 -8.68 -9.05
N SER A 40 13.74 -7.61 -8.65
CA SER A 40 14.14 -6.30 -9.19
C SER A 40 13.57 -5.15 -8.35
N GLY A 41 12.27 -5.14 -8.22
CA GLY A 41 11.62 -4.06 -7.42
C GLY A 41 11.01 -3.00 -8.33
N HIS A 42 11.10 -3.24 -9.62
CA HIS A 42 10.54 -2.28 -10.61
C HIS A 42 9.68 -3.00 -11.63
N LEU A 43 8.78 -2.28 -12.24
CA LEU A 43 7.89 -2.92 -13.26
C LEU A 43 7.60 -1.97 -14.41
N ASN A 44 7.57 -2.51 -15.60
CA ASN A 44 7.29 -1.67 -16.78
C ASN A 44 5.82 -1.71 -17.15
N LYS A 45 5.37 -0.72 -17.88
CA LYS A 45 3.94 -0.70 -18.28
C LYS A 45 3.60 -1.91 -19.13
N SER A 46 4.56 -2.39 -19.88
CA SER A 46 4.30 -3.56 -20.74
C SER A 46 3.92 -4.76 -19.89
N GLU A 47 4.79 -5.11 -18.98
CA GLU A 47 4.49 -6.27 -18.12
C GLU A 47 3.21 -6.01 -17.34
N PHE A 48 3.07 -4.80 -16.87
CA PHE A 48 1.85 -4.45 -16.11
C PHE A 48 0.60 -4.70 -16.93
N GLN A 49 0.65 -4.32 -18.18
CA GLN A 49 -0.53 -4.53 -19.05
C GLN A 49 -0.83 -6.03 -19.16
N LYS A 50 0.21 -6.81 -19.22
CA LYS A 50 0.01 -8.28 -19.32
C LYS A 50 -0.56 -8.84 -18.03
N ILE A 51 0.01 -8.42 -16.94
CA ILE A 51 -0.48 -8.91 -15.63
C ILE A 51 -1.91 -8.46 -15.42
N TYR A 52 -2.25 -7.33 -15.98
CA TYR A 52 -3.62 -6.83 -15.83
C TYR A 52 -4.60 -7.79 -16.47
N LYS A 53 -4.31 -8.18 -17.68
CA LYS A 53 -5.21 -9.13 -18.39
C LYS A 53 -5.15 -10.51 -17.72
N GLN A 54 -4.34 -10.62 -16.72
CA GLN A 54 -4.21 -11.92 -16.02
C GLN A 54 -5.13 -11.98 -14.81
N PHE A 55 -5.08 -10.95 -14.00
CA PHE A 55 -5.95 -10.95 -12.79
C PHE A 55 -7.29 -10.27 -13.08
N PHE A 56 -7.24 -9.13 -13.68
CA PHE A 56 -8.50 -8.42 -13.99
C PHE A 56 -9.09 -8.96 -15.30
N PRO A 57 -10.41 -8.96 -15.40
CA PRO A 57 -11.08 -9.45 -16.61
C PRO A 57 -10.70 -8.64 -17.84
N PHE A 58 -11.20 -7.44 -17.93
CA PHE A 58 -10.88 -6.60 -19.11
C PHE A 58 -11.54 -5.21 -18.97
N GLY A 59 -10.98 -4.41 -18.08
CA GLY A 59 -11.54 -3.04 -17.87
C GLY A 59 -10.53 -1.98 -18.32
N ASP A 60 -10.48 -1.73 -19.60
CA ASP A 60 -9.53 -0.71 -20.10
C ASP A 60 -8.17 -0.87 -19.43
N PRO A 61 -7.39 -1.81 -19.93
CA PRO A 61 -6.07 -2.08 -19.39
C PRO A 61 -5.10 -0.91 -19.63
N SER A 62 -5.18 -0.32 -20.78
CA SER A 62 -4.27 0.81 -21.06
C SER A 62 -4.65 1.99 -20.19
N ALA A 63 -5.92 2.08 -19.92
CA ALA A 63 -6.40 3.19 -19.08
C ALA A 63 -5.88 3.01 -17.66
N PHE A 64 -6.14 1.86 -17.10
CA PHE A 64 -5.67 1.62 -15.73
C PHE A 64 -4.18 1.86 -15.65
N ALA A 65 -3.51 1.58 -16.74
CA ALA A 65 -2.04 1.79 -16.76
C ALA A 65 -1.73 3.28 -16.68
N GLU A 66 -2.43 4.05 -17.45
CA GLU A 66 -2.18 5.52 -17.41
C GLU A 66 -2.44 6.05 -16.00
N TYR A 67 -3.18 5.29 -15.24
CA TYR A 67 -3.48 5.70 -13.85
C TYR A 67 -2.28 5.51 -12.98
N VAL A 68 -1.91 4.27 -12.85
CA VAL A 68 -0.74 3.94 -12.01
C VAL A 68 0.38 4.92 -12.26
N PHE A 69 0.48 5.37 -13.48
CA PHE A 69 1.55 6.32 -13.81
C PHE A 69 1.25 7.68 -13.19
N ASN A 70 0.03 8.13 -13.37
CA ASN A 70 -0.35 9.44 -12.80
C ASN A 70 -0.16 9.45 -11.29
N VAL A 71 -0.17 8.28 -10.70
CA VAL A 71 0.01 8.19 -9.23
C VAL A 71 1.45 7.87 -8.85
N PHE A 72 1.96 6.80 -9.39
CA PHE A 72 3.36 6.43 -9.05
C PHE A 72 4.37 7.08 -9.99
N ASP A 73 4.00 7.24 -11.24
CA ASP A 73 4.95 7.88 -12.19
C ASP A 73 4.69 9.36 -12.30
N ALA A 74 4.90 10.03 -11.20
CA ALA A 74 4.68 11.49 -11.18
C ALA A 74 5.89 12.25 -11.73
N ASP A 75 7.05 11.67 -11.59
CA ASP A 75 8.27 12.34 -12.10
C ASP A 75 8.64 11.88 -13.49
N LYS A 76 7.64 11.47 -14.22
CA LYS A 76 7.89 10.98 -15.61
C LYS A 76 9.14 10.10 -15.66
N ASN A 77 9.49 9.54 -14.54
CA ASN A 77 10.69 8.66 -14.52
C ASN A 77 10.69 7.72 -15.73
N GLY A 78 9.79 6.79 -15.73
CA GLY A 78 9.73 5.83 -16.87
C GLY A 78 9.32 4.44 -16.38
N TYR A 79 9.40 4.25 -15.09
CA TYR A 79 9.03 2.92 -14.52
C TYR A 79 8.39 3.09 -13.15
N ILE A 80 7.65 2.09 -12.74
CA ILE A 80 6.98 2.14 -11.41
C ILE A 80 7.30 0.91 -10.58
N ASP A 81 7.18 1.03 -9.29
CA ASP A 81 7.47 -0.13 -8.42
C ASP A 81 6.19 -0.92 -8.12
N PHE A 82 6.30 -2.23 -8.16
CA PHE A 82 5.11 -3.06 -7.89
C PHE A 82 5.00 -3.36 -6.40
N LYS A 83 6.08 -3.18 -5.70
CA LYS A 83 6.05 -3.45 -4.24
C LYS A 83 5.20 -2.42 -3.52
N GLU A 84 5.48 -1.17 -3.76
CA GLU A 84 4.69 -0.11 -3.10
C GLU A 84 3.22 -0.20 -3.52
N PHE A 85 2.99 -0.78 -4.67
CA PHE A 85 1.59 -0.90 -5.14
C PHE A 85 0.81 -1.88 -4.27
N ILE A 86 1.41 -3.00 -3.98
CA ILE A 86 0.71 -3.99 -3.13
C ILE A 86 0.45 -3.42 -1.75
N CYS A 87 1.49 -2.87 -1.17
CA CYS A 87 1.33 -2.28 0.18
C CYS A 87 0.22 -1.24 0.16
N ALA A 88 0.12 -0.53 -0.94
CA ALA A 88 -0.93 0.50 -1.03
C ALA A 88 -2.28 -0.15 -1.29
N LEU A 89 -2.26 -1.22 -2.04
CA LEU A 89 -3.53 -1.92 -2.35
C LEU A 89 -4.28 -2.22 -1.07
N SER A 90 -3.55 -2.53 -0.02
CA SER A 90 -4.21 -2.84 1.27
C SER A 90 -5.22 -1.76 1.63
N VAL A 91 -4.88 -0.53 1.34
CA VAL A 91 -5.79 0.58 1.65
C VAL A 91 -7.18 0.29 1.12
N THR A 92 -7.24 -0.24 -0.07
CA THR A 92 -8.55 -0.56 -0.67
C THR A 92 -8.95 -2.00 -0.35
N SER A 93 -10.01 -2.44 -0.98
CA SER A 93 -10.46 -3.83 -0.72
C SER A 93 -10.86 -4.02 0.73
N ARG A 94 -11.57 -5.07 1.01
CA ARG A 94 -11.99 -5.33 2.41
C ARG A 94 -10.97 -6.21 3.12
N GLY A 95 -11.10 -6.29 4.42
CA GLY A 95 -10.15 -7.13 5.19
C GLY A 95 -10.08 -6.67 6.65
N GLU A 96 -9.63 -7.54 7.51
CA GLU A 96 -9.52 -7.18 8.94
C GLU A 96 -8.27 -6.34 9.20
N LEU A 97 -8.36 -5.45 10.14
CA LEU A 97 -7.18 -4.60 10.46
C LEU A 97 -5.95 -5.46 10.73
N ASN A 98 -6.18 -6.71 11.06
CA ASN A 98 -5.05 -7.61 11.34
C ASN A 98 -4.26 -7.90 10.07
N ASP A 99 -4.91 -8.50 9.12
CA ASP A 99 -4.22 -8.83 7.85
C ASP A 99 -3.66 -7.57 7.19
N LYS A 100 -4.12 -6.44 7.63
CA LYS A 100 -3.63 -5.17 7.04
C LYS A 100 -2.14 -5.01 7.32
N LEU A 101 -1.80 -5.00 8.58
CA LEU A 101 -0.38 -4.84 8.95
C LEU A 101 0.43 -6.04 8.49
N ILE A 102 -0.14 -7.21 8.64
CA ILE A 102 0.59 -8.43 8.22
C ILE A 102 0.94 -8.36 6.74
N TRP A 103 -0.02 -7.94 5.95
CA TRP A 103 0.24 -7.84 4.50
C TRP A 103 1.43 -6.93 4.23
N ALA A 104 1.40 -5.77 4.81
CA ALA A 104 2.52 -4.82 4.61
C ALA A 104 3.78 -5.36 5.27
N PHE A 105 3.60 -5.98 6.41
CA PHE A 105 4.78 -6.55 7.12
C PHE A 105 5.40 -7.68 6.32
N GLN A 106 4.57 -8.51 5.75
CA GLN A 106 5.09 -9.63 4.95
C GLN A 106 5.71 -9.12 3.66
N LEU A 107 5.35 -7.92 3.31
CA LEU A 107 5.89 -7.34 2.06
C LEU A 107 7.31 -6.82 2.28
N TYR A 108 7.57 -6.26 3.43
CA TYR A 108 8.92 -5.74 3.70
C TYR A 108 9.80 -6.80 4.38
N ASP A 109 9.50 -8.04 4.08
CA ASP A 109 10.28 -9.15 4.69
C ASP A 109 10.57 -10.23 3.63
N LEU A 110 10.91 -9.79 2.45
CA LEU A 110 11.20 -10.76 1.36
C LEU A 110 12.59 -11.34 1.54
N ASP A 111 13.10 -11.21 2.73
CA ASP A 111 14.45 -11.74 3.02
C ASP A 111 14.36 -13.09 3.73
N ASN A 112 13.17 -13.64 3.78
CA ASN A 112 13.01 -14.95 4.44
C ASN A 112 13.50 -14.90 5.88
N ASN A 113 13.12 -13.85 6.59
CA ASN A 113 13.56 -13.72 8.00
C ASN A 113 12.39 -13.30 8.90
N GLY A 114 11.80 -12.18 8.60
CA GLY A 114 10.65 -11.69 9.42
C GLY A 114 11.09 -10.59 10.38
N LEU A 115 11.99 -9.75 9.90
CA LEU A 115 12.48 -8.64 10.76
C LEU A 115 12.66 -7.38 9.93
N ILE A 116 11.81 -6.41 10.14
CA ILE A 116 11.95 -5.15 9.35
C ILE A 116 12.77 -4.12 10.12
N SER A 117 13.37 -3.20 9.40
CA SER A 117 14.21 -2.16 10.07
C SER A 117 13.53 -0.80 10.09
N TYR A 118 14.02 0.04 10.98
CA TYR A 118 13.46 1.41 11.10
C TYR A 118 13.26 2.05 9.74
N ASP A 119 14.26 1.92 8.90
CA ASP A 119 14.15 2.52 7.55
C ASP A 119 12.96 1.93 6.81
N GLU A 120 12.91 0.64 6.77
CA GLU A 120 11.78 -0.01 6.06
C GLU A 120 10.45 0.51 6.59
N MET A 121 10.44 0.86 7.86
CA MET A 121 9.18 1.38 8.46
C MET A 121 8.75 2.67 7.76
N LEU A 122 9.68 3.57 7.63
CA LEU A 122 9.34 4.86 6.97
C LEU A 122 8.87 4.61 5.53
N ARG A 123 9.42 3.60 4.91
CA ARG A 123 9.03 3.29 3.51
C ARG A 123 7.62 2.73 3.47
N ILE A 124 7.25 2.01 4.50
CA ILE A 124 5.88 1.42 4.53
C ILE A 124 4.83 2.53 4.58
N VAL A 125 4.92 3.34 5.60
CA VAL A 125 3.95 4.44 5.74
C VAL A 125 4.02 5.37 4.54
N ASP A 126 5.16 5.40 3.91
CA ASP A 126 5.31 6.29 2.73
C ASP A 126 4.53 5.72 1.54
N ALA A 127 4.56 4.43 1.41
CA ALA A 127 3.84 3.81 0.28
C ALA A 127 2.35 4.10 0.37
N ILE A 128 1.79 3.87 1.54
CA ILE A 128 0.34 4.14 1.69
C ILE A 128 0.07 5.64 1.55
N TYR A 129 1.00 6.42 2.03
CA TYR A 129 0.83 7.89 1.94
C TYR A 129 1.00 8.34 0.51
N LYS A 130 1.48 7.46 -0.32
CA LYS A 130 1.68 7.81 -1.75
C LYS A 130 0.38 7.65 -2.51
N MET A 131 -0.23 6.50 -2.36
CA MET A 131 -1.50 6.26 -3.08
C MET A 131 -2.60 7.16 -2.52
N VAL A 132 -2.42 7.61 -1.31
CA VAL A 132 -3.44 8.50 -0.71
C VAL A 132 -3.79 9.62 -1.67
N GLY A 133 -2.79 10.15 -2.31
CA GLY A 133 -3.04 11.27 -3.27
C GLY A 133 -3.85 10.77 -4.46
N SER A 134 -4.04 9.47 -4.52
CA SER A 134 -4.82 8.89 -5.64
C SER A 134 -6.28 8.70 -5.24
N MET A 135 -6.70 9.42 -4.24
CA MET A 135 -8.11 9.30 -3.79
C MET A 135 -8.62 10.63 -3.26
N VAL A 136 -7.78 11.33 -2.56
CA VAL A 136 -8.20 12.63 -1.99
C VAL A 136 -6.99 13.54 -1.80
N LYS A 137 -7.21 14.82 -1.94
CA LYS A 137 -6.08 15.76 -1.77
C LYS A 137 -5.29 15.43 -0.50
N LEU A 138 -4.07 15.86 -0.47
CA LEU A 138 -3.25 15.57 0.73
C LEU A 138 -3.49 16.63 1.83
N PRO A 139 -3.76 16.16 3.06
CA PRO A 139 -4.00 17.08 4.18
C PRO A 139 -2.77 17.90 4.52
N GLU A 140 -2.68 18.31 5.76
CA GLU A 140 -1.52 19.12 6.18
C GLU A 140 -0.26 18.29 6.17
N ASP A 141 -0.02 17.64 5.07
CA ASP A 141 1.20 16.79 4.96
C ASP A 141 2.47 17.56 5.36
N GLU A 142 2.38 18.86 5.41
CA GLU A 142 3.59 19.66 5.81
C GLU A 142 4.11 19.24 7.17
N ASP A 143 4.83 18.15 7.18
CA ASP A 143 5.38 17.65 8.47
C ASP A 143 6.22 16.40 8.25
N THR A 144 6.87 15.95 9.29
CA THR A 144 7.72 14.73 9.17
C THR A 144 7.09 13.54 9.93
N PRO A 145 6.55 12.58 9.20
CA PRO A 145 5.93 11.41 9.82
C PRO A 145 6.95 10.61 10.62
N GLU A 146 8.15 11.13 10.70
CA GLU A 146 9.19 10.40 11.46
C GLU A 146 8.87 10.44 12.96
N LYS A 147 8.75 11.62 13.48
CA LYS A 147 8.45 11.74 14.93
C LYS A 147 7.31 10.79 15.30
N ARG A 148 6.39 10.62 14.39
CA ARG A 148 5.25 9.72 14.68
C ARG A 148 5.74 8.28 14.76
N VAL A 149 6.28 7.80 13.68
CA VAL A 149 6.76 6.41 13.69
C VAL A 149 7.61 6.18 14.93
N ASN A 150 8.40 7.16 15.27
CA ASN A 150 9.26 7.02 16.46
C ASN A 150 8.39 6.81 17.68
N LYS A 151 7.38 7.62 17.80
CA LYS A 151 6.47 7.49 18.95
C LYS A 151 6.11 6.03 19.15
N ILE A 152 5.80 5.37 18.07
CA ILE A 152 5.44 3.94 18.21
C ILE A 152 6.59 3.17 18.82
N PHE A 153 7.78 3.43 18.33
CA PHE A 153 8.95 2.73 18.89
C PHE A 153 9.12 3.12 20.35
N ASN A 154 8.84 4.37 20.64
CA ASN A 154 8.97 4.85 22.03
C ASN A 154 7.77 4.36 22.85
N MET A 155 6.65 4.21 22.19
CA MET A 155 5.45 3.73 22.89
C MET A 155 5.61 2.28 23.31
N MET A 156 6.24 1.54 22.45
CA MET A 156 6.46 0.09 22.75
C MET A 156 7.72 -0.09 23.59
N ASP A 157 8.25 0.99 24.09
CA ASP A 157 9.48 0.88 24.92
C ASP A 157 10.51 0.01 24.22
N LYS A 158 11.01 0.48 23.10
CA LYS A 158 12.03 -0.30 22.34
C LYS A 158 13.24 0.56 22.01
N ASN A 159 14.06 0.09 21.11
CA ASN A 159 15.25 0.87 20.73
C ASN A 159 14.92 1.87 19.62
N LYS A 160 15.87 2.72 19.32
CA LYS A 160 15.62 3.73 18.26
C LYS A 160 16.17 3.25 16.92
N ASP A 161 16.39 1.97 16.81
CA ASP A 161 16.94 1.43 15.53
C ASP A 161 16.88 -0.10 15.52
N GLY A 162 16.36 -0.66 16.58
CA GLY A 162 16.28 -2.15 16.64
C GLY A 162 15.30 -2.68 15.58
N GLN A 163 15.27 -3.97 15.43
CA GLN A 163 14.34 -4.57 14.43
C GLN A 163 12.99 -4.87 15.05
N LEU A 164 11.94 -4.61 14.31
CA LEU A 164 10.57 -4.88 14.84
C LEU A 164 9.98 -6.15 14.24
N THR A 165 9.23 -6.84 15.05
CA THR A 165 8.59 -8.10 14.57
C THR A 165 7.11 -7.88 14.29
N LEU A 166 6.54 -8.76 13.53
CA LEU A 166 5.10 -8.62 13.20
C LEU A 166 4.29 -8.48 14.48
N GLU A 167 4.27 -9.53 15.23
CA GLU A 167 3.51 -9.51 16.51
C GLU A 167 3.68 -8.17 17.24
N GLU A 168 4.91 -7.74 17.37
CA GLU A 168 5.16 -6.45 18.08
C GLU A 168 4.62 -5.27 17.27
N PHE A 169 5.09 -5.14 16.06
CA PHE A 169 4.61 -4.03 15.21
C PHE A 169 3.09 -3.94 15.24
N CYS A 170 2.45 -5.06 15.42
CA CYS A 170 0.97 -5.06 15.46
C CYS A 170 0.46 -4.45 16.77
N GLU A 171 1.11 -4.78 17.84
CA GLU A 171 0.68 -4.22 19.15
C GLU A 171 1.01 -2.74 19.25
N GLY A 172 1.86 -2.26 18.37
CA GLY A 172 2.22 -0.83 18.41
C GLY A 172 1.21 0.01 17.61
N SER A 173 0.79 -0.51 16.50
CA SER A 173 -0.19 0.24 15.67
C SER A 173 -1.57 0.22 16.32
N LYS A 174 -1.91 -0.89 16.91
CA LYS A 174 -3.24 -0.97 17.56
C LYS A 174 -3.49 0.27 18.40
N ARG A 175 -2.43 0.82 18.91
CA ARG A 175 -2.56 2.03 19.75
C ARG A 175 -2.35 3.28 18.92
N ASP A 176 -2.60 3.18 17.63
CA ASP A 176 -2.40 4.35 16.73
C ASP A 176 -3.73 4.74 16.05
N PRO A 177 -4.56 5.48 16.77
CA PRO A 177 -5.85 5.92 16.25
C PRO A 177 -5.67 6.84 15.05
N THR A 178 -5.45 6.23 13.94
CA THR A 178 -5.25 6.98 12.67
C THR A 178 -5.12 5.98 11.57
N ILE A 179 -4.57 4.85 11.94
CA ILE A 179 -4.40 3.79 10.94
C ILE A 179 -5.65 2.98 10.99
N VAL A 180 -6.38 3.25 12.03
CA VAL A 180 -7.65 2.58 12.28
C VAL A 180 -8.79 3.35 11.63
N SER A 181 -8.66 4.66 11.61
CA SER A 181 -9.74 5.49 11.01
C SER A 181 -9.48 5.73 9.52
N ALA A 182 -8.24 5.62 9.12
CA ALA A 182 -7.92 5.84 7.69
C ALA A 182 -8.13 4.59 6.85
N LEU A 183 -8.36 3.49 7.50
CA LEU A 183 -8.57 2.23 6.74
C LEU A 183 -10.05 2.00 6.44
N SER A 184 -10.90 2.49 7.31
CA SER A 184 -12.35 2.31 7.08
C SER A 184 -12.92 3.43 6.23
N LEU A 185 -14.12 3.84 6.54
CA LEU A 185 -14.75 4.94 5.77
C LEU A 185 -14.86 4.56 4.29
N TYR A 186 -14.32 3.42 3.94
CA TYR A 186 -14.39 3.00 2.53
C TYR A 186 -15.72 2.33 2.25
N ASP A 187 -16.66 2.57 3.11
CA ASP A 187 -18.00 1.97 2.93
C ASP A 187 -19.08 2.95 3.35
N GLY A 188 -19.23 4.01 2.61
CA GLY A 188 -20.26 5.01 2.95
C GLY A 188 -20.18 6.21 2.00
N LEU A 189 -19.56 6.02 0.87
CA LEU A 189 -19.44 7.13 -0.10
C LEU A 189 -19.49 6.60 -1.53
N VAL A 190 -20.22 5.56 -1.71
CA VAL A 190 -20.33 4.97 -3.07
C VAL A 190 -21.72 4.34 -3.28
C1 MYR A 1 -9.00 12.51 5.70
O1 MYR A 1 -9.60 11.88 6.55
C2 MYR A 1 -7.49 12.39 5.53
C3 MYR A 1 -6.95 11.32 6.49
C4 MYR A 1 -5.56 10.90 6.03
C5 MYR A 1 -4.79 10.32 7.23
C6 MYR A 1 -3.40 9.88 6.78
C7 MYR A 1 -2.44 9.90 7.98
C8 MYR A 1 -3.06 9.12 9.15
C9 MYR A 1 -3.34 7.67 8.72
C10 MYR A 1 -2.08 7.05 8.11
C11 MYR A 1 -2.23 5.52 8.10
C12 MYR A 1 -0.99 4.90 7.45
C13 MYR A 1 0.09 4.69 8.51
C14 MYR A 1 0.23 3.18 8.78
H21 MYR A 1 -7.27 12.10 4.50
H22 MYR A 1 -7.03 13.34 5.73
H31 MYR A 1 -6.91 11.73 7.49
H32 MYR A 1 -7.61 10.47 6.49
H41 MYR A 1 -5.64 10.15 5.26
H42 MYR A 1 -5.02 11.75 5.65
H51 MYR A 1 -4.70 11.08 8.00
H52 MYR A 1 -5.33 9.47 7.63
H61 MYR A 1 -3.45 8.89 6.36
H62 MYR A 1 -3.03 10.56 6.03
H71 MYR A 1 -1.50 9.44 7.71
H72 MYR A 1 -2.26 10.92 8.28
H81 MYR A 1 -2.37 9.12 9.98
H82 MYR A 1 -3.98 9.60 9.45
H91 MYR A 1 -3.65 7.10 9.58
H92 MYR A 1 -4.14 7.67 8.00
H101 MYR A 1 -1.96 7.40 7.09
H102 MYR A 1 -1.22 7.33 8.69
H111 MYR A 1 -2.34 5.16 9.11
H112 MYR A 1 -3.11 5.26 7.53
H121 MYR A 1 -1.25 3.96 6.99
H122 MYR A 1 -0.61 5.57 6.68
H131 MYR A 1 1.03 5.08 8.17
H132 MYR A 1 -0.19 5.19 9.43
H141 MYR A 1 0.68 3.03 9.76
H142 MYR A 1 0.87 2.74 8.03
H143 MYR A 1 -0.73 2.70 8.75
N GLY A 2 -9.61 13.33 4.86
CA GLY A 2 -11.09 13.51 4.95
C GLY A 2 -11.69 13.55 3.55
N LYS A 3 -12.50 14.54 3.29
CA LYS A 3 -13.12 14.63 1.95
C LYS A 3 -13.87 15.95 1.78
N SER A 4 -13.23 16.89 1.12
CA SER A 4 -13.88 18.20 0.90
C SER A 4 -14.53 18.25 -0.48
N GLN A 5 -13.86 17.67 -1.44
CA GLN A 5 -14.40 17.66 -2.81
C GLN A 5 -13.57 16.78 -3.71
N SER A 6 -12.35 16.55 -3.31
CA SER A 6 -11.45 15.69 -4.12
C SER A 6 -11.13 16.35 -5.45
N LYS A 7 -9.90 16.24 -5.87
CA LYS A 7 -9.50 16.86 -7.15
C LYS A 7 -10.04 16.05 -8.33
N LEU A 8 -10.40 14.82 -8.09
CA LEU A 8 -10.94 13.98 -9.19
C LEU A 8 -12.47 14.03 -9.22
N SER A 9 -13.06 13.16 -10.02
CA SER A 9 -14.54 13.12 -10.11
C SER A 9 -15.10 11.89 -9.42
N GLN A 10 -16.40 11.82 -9.31
CA GLN A 10 -17.02 10.64 -8.64
C GLN A 10 -16.89 9.40 -9.50
N ASP A 11 -16.75 9.60 -10.79
CA ASP A 11 -16.62 8.44 -11.69
C ASP A 11 -15.33 7.69 -11.42
N GLN A 12 -14.25 8.40 -11.40
CA GLN A 12 -12.94 7.75 -11.15
C GLN A 12 -13.02 6.85 -9.92
N LEU A 13 -13.81 7.26 -8.97
CA LEU A 13 -13.94 6.44 -7.74
C LEU A 13 -14.47 5.06 -8.08
N GLN A 14 -15.60 5.03 -8.74
CA GLN A 14 -16.19 3.73 -9.12
C GLN A 14 -15.20 2.90 -9.91
N ASP A 15 -14.40 3.57 -10.71
CA ASP A 15 -13.40 2.84 -11.51
C ASP A 15 -12.36 2.18 -10.60
N LEU A 16 -11.78 2.97 -9.76
CA LEU A 16 -10.75 2.40 -8.84
C LEU A 16 -11.33 1.23 -8.05
N VAL A 17 -12.63 1.21 -7.92
CA VAL A 17 -13.27 0.10 -7.17
C VAL A 17 -13.44 -1.12 -8.07
N ARG A 18 -14.12 -0.95 -9.16
CA ARG A 18 -14.33 -2.10 -10.07
C ARG A 18 -13.02 -2.53 -10.72
N SER A 19 -12.01 -1.71 -10.56
CA SER A 19 -10.70 -2.06 -11.16
C SER A 19 -9.81 -2.77 -10.14
N THR A 20 -10.20 -2.71 -8.89
CA THR A 20 -9.38 -3.39 -7.85
C THR A 20 -9.95 -4.75 -7.48
N ARG A 21 -11.20 -4.97 -7.84
CA ARG A 21 -11.82 -6.28 -7.52
C ARG A 21 -10.88 -7.42 -7.86
N PHE A 22 -10.59 -8.21 -6.87
CA PHE A 22 -9.68 -9.37 -7.08
C PHE A 22 -9.57 -10.20 -5.81
N ASP A 23 -8.73 -11.21 -5.86
CA ASP A 23 -8.56 -12.07 -4.67
C ASP A 23 -7.39 -11.58 -3.83
N LYS A 24 -6.89 -12.43 -2.98
CA LYS A 24 -5.75 -12.04 -2.13
C LYS A 24 -4.75 -13.17 -2.04
N LYS A 25 -5.09 -14.17 -1.28
CA LYS A 25 -4.15 -15.30 -1.15
C LYS A 25 -3.65 -15.70 -2.52
N GLU A 26 -4.35 -15.27 -3.54
CA GLU A 26 -3.94 -15.62 -4.90
C GLU A 26 -2.82 -14.70 -5.35
N LEU A 27 -3.05 -13.43 -5.22
CA LEU A 27 -2.02 -12.47 -5.61
C LEU A 27 -0.80 -12.64 -4.74
N GLN A 28 -1.03 -12.99 -3.50
CA GLN A 28 0.12 -13.18 -2.58
C GLN A 28 1.01 -14.31 -3.08
N GLN A 29 0.39 -15.39 -3.46
CA GLN A 29 1.19 -16.53 -3.96
C GLN A 29 1.83 -16.18 -5.30
N TRP A 30 1.16 -15.33 -6.04
CA TRP A 30 1.71 -14.93 -7.36
C TRP A 30 2.74 -13.82 -7.21
N TYR A 31 2.43 -12.86 -6.38
CA TYR A 31 3.39 -11.75 -6.18
C TYR A 31 4.69 -12.27 -5.60
N LYS A 32 4.59 -13.03 -4.57
CA LYS A 32 5.82 -13.57 -3.95
C LYS A 32 6.53 -14.49 -4.92
N GLY A 33 5.76 -15.28 -5.62
CA GLY A 33 6.38 -16.21 -6.60
C GLY A 33 7.03 -15.43 -7.75
N PHE A 34 6.34 -14.43 -8.22
CA PHE A 34 6.89 -13.62 -9.33
C PHE A 34 8.20 -12.96 -8.89
N PHE A 35 8.20 -12.44 -7.69
CA PHE A 35 9.44 -11.78 -7.21
C PHE A 35 10.52 -12.82 -6.95
N LYS A 36 10.09 -14.02 -6.62
CA LYS A 36 11.08 -15.08 -6.36
C LYS A 36 11.86 -15.38 -7.63
N ASP A 37 11.21 -15.21 -8.75
CA ASP A 37 11.88 -15.47 -10.03
C ASP A 37 12.69 -14.26 -10.47
N CYS A 38 12.22 -13.10 -10.08
CA CYS A 38 12.95 -11.86 -10.46
C CYS A 38 12.81 -10.80 -9.38
N PRO A 39 13.48 -11.01 -8.27
CA PRO A 39 13.44 -10.08 -7.15
C PRO A 39 14.19 -8.80 -7.49
N SER A 40 13.57 -7.69 -7.28
CA SER A 40 14.25 -6.42 -7.59
C SER A 40 13.49 -5.23 -7.00
N GLY A 41 12.23 -5.12 -7.33
CA GLY A 41 11.42 -3.98 -6.80
C GLY A 41 11.16 -2.94 -7.90
N HIS A 42 11.32 -3.36 -9.13
CA HIS A 42 11.09 -2.41 -10.25
C HIS A 42 10.33 -3.10 -11.38
N LEU A 43 9.45 -2.37 -12.01
CA LEU A 43 8.67 -2.98 -13.12
C LEU A 43 8.28 -1.94 -14.16
N ASN A 44 8.16 -2.38 -15.39
CA ASN A 44 7.78 -1.45 -16.47
C ASN A 44 6.26 -1.40 -16.63
N LYS A 45 5.77 -0.36 -17.25
CA LYS A 45 4.30 -0.25 -17.44
C LYS A 45 3.79 -1.28 -18.45
N SER A 46 4.64 -1.70 -19.33
CA SER A 46 4.20 -2.71 -20.34
C SER A 46 3.85 -4.01 -19.66
N GLU A 47 4.80 -4.57 -18.96
CA GLU A 47 4.52 -5.85 -18.28
C GLU A 47 3.30 -5.68 -17.38
N PHE A 48 3.27 -4.58 -16.67
CA PHE A 48 2.14 -4.34 -15.76
C PHE A 48 0.82 -4.55 -16.48
N GLN A 49 0.73 -4.02 -17.67
CA GLN A 49 -0.53 -4.20 -18.43
C GLN A 49 -0.85 -5.68 -18.60
N LYS A 50 0.15 -6.44 -18.92
CA LYS A 50 -0.09 -7.90 -19.09
C LYS A 50 -0.65 -8.51 -17.81
N ILE A 51 -0.20 -8.01 -16.69
CA ILE A 51 -0.71 -8.56 -15.40
C ILE A 51 -2.18 -8.25 -15.24
N TYR A 52 -2.58 -7.08 -15.67
CA TYR A 52 -4.00 -6.71 -15.55
C TYR A 52 -4.88 -7.70 -16.29
N LYS A 53 -4.48 -8.04 -17.49
CA LYS A 53 -5.28 -9.00 -18.28
C LYS A 53 -5.18 -10.40 -17.67
N GLN A 54 -4.40 -10.50 -16.62
CA GLN A 54 -4.24 -11.82 -15.95
C GLN A 54 -5.11 -11.94 -14.70
N PHE A 55 -5.62 -10.84 -14.23
CA PHE A 55 -6.48 -10.91 -13.02
C PHE A 55 -7.56 -9.83 -13.02
N PHE A 56 -7.80 -9.24 -14.15
CA PHE A 56 -8.84 -8.18 -14.21
C PHE A 56 -9.45 -8.06 -15.61
N PRO A 57 -10.01 -9.16 -16.08
CA PRO A 57 -10.63 -9.18 -17.41
C PRO A 57 -11.91 -8.32 -17.45
N PHE A 58 -11.98 -7.35 -16.58
CA PHE A 58 -13.18 -6.47 -16.56
C PHE A 58 -12.82 -5.03 -16.21
N GLY A 59 -11.89 -4.47 -16.95
CA GLY A 59 -11.49 -3.06 -16.67
C GLY A 59 -10.42 -2.58 -17.66
N ASP A 60 -10.56 -1.36 -18.12
CA ASP A 60 -9.56 -0.83 -19.09
C ASP A 60 -8.14 -0.95 -18.51
N PRO A 61 -7.28 -1.77 -19.13
CA PRO A 61 -5.91 -1.93 -18.64
C PRO A 61 -5.06 -0.67 -18.82
N SER A 62 -5.38 0.10 -19.82
CA SER A 62 -4.58 1.34 -20.04
C SER A 62 -4.98 2.38 -19.02
N ALA A 63 -6.27 2.54 -18.86
CA ALA A 63 -6.74 3.55 -17.89
C ALA A 63 -6.14 3.25 -16.52
N PHE A 64 -6.14 2.00 -16.16
CA PHE A 64 -5.56 1.66 -14.84
C PHE A 64 -4.10 2.01 -14.84
N ALA A 65 -3.41 1.55 -15.86
CA ALA A 65 -1.96 1.84 -15.96
C ALA A 65 -1.75 3.35 -15.95
N GLU A 66 -2.61 4.03 -16.66
CA GLU A 66 -2.49 5.50 -16.73
C GLU A 66 -2.58 6.09 -15.32
N TYR A 67 -3.22 5.35 -14.45
CA TYR A 67 -3.36 5.83 -13.06
C TYR A 67 -2.05 5.72 -12.31
N VAL A 68 -1.58 4.52 -12.22
CA VAL A 68 -0.30 4.28 -11.52
C VAL A 68 0.72 5.32 -11.88
N PHE A 69 0.79 5.66 -13.12
CA PHE A 69 1.78 6.68 -13.53
C PHE A 69 1.42 8.03 -12.93
N ASN A 70 0.19 8.44 -13.13
CA ASN A 70 -0.23 9.74 -12.57
C ASN A 70 0.16 9.85 -11.10
N VAL A 71 0.33 8.72 -10.46
CA VAL A 71 0.71 8.73 -9.01
C VAL A 71 2.16 8.31 -8.80
N PHE A 72 2.53 7.19 -9.38
CA PHE A 72 3.93 6.72 -9.20
C PHE A 72 4.85 7.26 -10.30
N ASP A 73 4.30 8.07 -11.18
CA ASP A 73 5.14 8.63 -12.29
C ASP A 73 4.84 10.11 -12.49
N ALA A 74 5.48 10.92 -11.69
CA ALA A 74 5.26 12.38 -11.79
C ALA A 74 6.41 13.04 -12.54
N ASP A 75 7.40 12.25 -12.88
CA ASP A 75 8.56 12.80 -13.62
C ASP A 75 8.84 11.99 -14.87
N LYS A 76 7.80 11.42 -15.41
CA LYS A 76 7.97 10.60 -16.63
C LYS A 76 9.20 9.71 -16.53
N ASN A 77 9.57 9.39 -15.32
CA ASN A 77 10.77 8.53 -15.12
C ASN A 77 10.82 7.40 -16.14
N GLY A 78 10.10 6.34 -15.87
CA GLY A 78 10.10 5.20 -16.82
C GLY A 78 9.87 3.89 -16.07
N TYR A 79 9.89 3.95 -14.77
CA TYR A 79 9.66 2.71 -13.98
C TYR A 79 8.94 3.03 -12.68
N ILE A 80 8.28 2.03 -12.13
CA ILE A 80 7.54 2.24 -10.85
C ILE A 80 7.71 1.04 -9.94
N ASP A 81 7.44 1.23 -8.68
CA ASP A 81 7.59 0.10 -7.72
C ASP A 81 6.28 -0.69 -7.64
N PHE A 82 6.40 -1.97 -7.83
CA PHE A 82 5.19 -2.84 -7.77
C PHE A 82 4.88 -3.26 -6.34
N LYS A 83 5.88 -3.75 -5.65
CA LYS A 83 5.66 -4.19 -4.26
C LYS A 83 4.94 -3.11 -3.47
N GLU A 84 5.37 -1.90 -3.65
CA GLU A 84 4.72 -0.79 -2.91
C GLU A 84 3.27 -0.66 -3.31
N PHE A 85 2.96 -1.12 -4.50
CA PHE A 85 1.56 -1.04 -4.97
C PHE A 85 0.67 -1.98 -4.19
N ILE A 86 1.06 -3.21 -4.12
CA ILE A 86 0.25 -4.19 -3.36
C ILE A 86 0.11 -3.74 -1.92
N CYS A 87 1.20 -3.35 -1.33
CA CYS A 87 1.13 -2.90 0.07
C CYS A 87 0.05 -1.84 0.23
N ALA A 88 -0.06 -0.99 -0.75
CA ALA A 88 -1.09 0.07 -0.69
C ALA A 88 -2.45 -0.49 -1.09
N LEU A 89 -2.42 -1.48 -1.94
CA LEU A 89 -3.69 -2.08 -2.38
C LEU A 89 -4.56 -2.45 -1.19
N SER A 90 -3.92 -2.89 -0.15
CA SER A 90 -4.69 -3.26 1.07
C SER A 90 -5.69 -2.17 1.41
N VAL A 91 -5.35 -0.95 1.10
CA VAL A 91 -6.27 0.17 1.40
C VAL A 91 -7.57 0.01 0.63
N THR A 92 -7.46 -0.14 -0.67
CA THR A 92 -8.68 -0.30 -1.49
C THR A 92 -9.14 -1.74 -1.50
N SER A 93 -9.73 -2.16 -0.40
CA SER A 93 -10.22 -3.55 -0.33
C SER A 93 -11.16 -3.73 0.85
N ARG A 94 -11.04 -4.84 1.52
CA ARG A 94 -11.91 -5.10 2.69
C ARG A 94 -11.37 -6.24 3.54
N GLY A 95 -10.07 -6.31 3.63
CA GLY A 95 -9.46 -7.41 4.44
C GLY A 95 -9.58 -7.09 5.94
N GLU A 96 -8.97 -7.91 6.76
CA GLU A 96 -9.04 -7.67 8.21
C GLU A 96 -7.94 -6.73 8.67
N LEU A 97 -8.17 -6.09 9.79
CA LEU A 97 -7.15 -5.15 10.32
C LEU A 97 -5.82 -5.86 10.57
N ASN A 98 -5.91 -7.07 11.05
CA ASN A 98 -4.67 -7.84 11.32
C ASN A 98 -3.96 -8.19 10.03
N ASP A 99 -4.72 -8.47 9.01
CA ASP A 99 -4.12 -8.82 7.72
C ASP A 99 -3.51 -7.58 7.06
N LYS A 100 -4.17 -6.47 7.23
CA LYS A 100 -3.64 -5.22 6.63
C LYS A 100 -2.17 -5.06 6.96
N LEU A 101 -1.87 -5.16 8.22
CA LEU A 101 -0.46 -5.00 8.63
C LEU A 101 0.37 -6.19 8.18
N ILE A 102 -0.06 -7.37 8.53
CA ILE A 102 0.68 -8.58 8.12
C ILE A 102 0.95 -8.54 6.63
N TRP A 103 -0.06 -8.23 5.88
CA TRP A 103 0.09 -8.16 4.41
C TRP A 103 1.26 -7.26 4.05
N ALA A 104 1.22 -6.07 4.55
CA ALA A 104 2.32 -5.13 4.25
C ALA A 104 3.63 -5.67 4.80
N PHE A 105 3.54 -6.25 5.97
CA PHE A 105 4.75 -6.82 6.59
C PHE A 105 5.30 -7.96 5.76
N GLN A 106 4.44 -8.88 5.40
CA GLN A 106 4.92 -10.03 4.59
C GLN A 106 5.39 -9.57 3.23
N LEU A 107 5.06 -8.34 2.90
CA LEU A 107 5.47 -7.81 1.59
C LEU A 107 6.94 -7.43 1.61
N TYR A 108 7.34 -6.79 2.67
CA TYR A 108 8.77 -6.37 2.76
C TYR A 108 9.66 -7.54 3.15
N ASP A 109 9.15 -8.73 3.05
CA ASP A 109 9.98 -9.92 3.41
C ASP A 109 9.48 -11.16 2.72
N LEU A 110 10.03 -11.44 1.57
CA LEU A 110 9.60 -12.65 0.83
C LEU A 110 10.24 -13.90 1.41
N ASP A 111 10.71 -13.76 2.61
CA ASP A 111 11.37 -14.89 3.30
C ASP A 111 10.62 -15.24 4.58
N ASN A 112 9.58 -14.50 4.85
CA ASN A 112 8.79 -14.77 6.07
C ASN A 112 9.70 -14.91 7.28
N ASN A 113 10.70 -14.06 7.34
CA ASN A 113 11.63 -14.13 8.49
C ASN A 113 10.99 -13.57 9.76
N GLY A 114 10.19 -12.56 9.59
CA GLY A 114 9.52 -11.96 10.78
C GLY A 114 10.40 -10.87 11.39
N LEU A 115 11.25 -10.29 10.58
CA LEU A 115 12.15 -9.22 11.08
C LEU A 115 12.42 -8.16 10.02
N ILE A 116 11.90 -6.97 10.22
CA ILE A 116 12.12 -5.88 9.24
C ILE A 116 12.88 -4.72 9.89
N SER A 117 13.52 -3.91 9.08
CA SER A 117 14.28 -2.76 9.65
C SER A 117 13.44 -1.48 9.66
N TYR A 118 13.83 -0.57 10.51
CA TYR A 118 13.09 0.71 10.61
C TYR A 118 12.89 1.32 9.22
N ASP A 119 13.87 1.14 8.38
CA ASP A 119 13.76 1.69 7.02
C ASP A 119 12.51 1.17 6.32
N GLU A 120 12.37 -0.13 6.30
CA GLU A 120 11.18 -0.72 5.66
C GLU A 120 9.90 -0.18 6.29
N MET A 121 10.00 0.25 7.52
CA MET A 121 8.80 0.79 8.20
C MET A 121 8.35 2.09 7.55
N LEU A 122 9.28 2.95 7.27
CA LEU A 122 8.92 4.23 6.63
C LEU A 122 8.37 3.99 5.23
N ARG A 123 9.02 3.12 4.50
CA ARG A 123 8.55 2.84 3.12
C ARG A 123 7.15 2.24 3.13
N ILE A 124 6.83 1.55 4.19
CA ILE A 124 5.48 0.93 4.27
C ILE A 124 4.42 2.02 4.46
N VAL A 125 4.50 2.68 5.57
CA VAL A 125 3.51 3.75 5.83
C VAL A 125 3.54 4.78 4.71
N ASP A 126 4.65 4.85 4.02
CA ASP A 126 4.75 5.83 2.92
C ASP A 126 3.86 5.42 1.76
N ALA A 127 3.87 4.16 1.45
CA ALA A 127 3.03 3.69 0.33
C ALA A 127 1.58 4.04 0.58
N ILE A 128 1.13 3.75 1.78
CA ILE A 128 -0.29 4.07 2.10
C ILE A 128 -0.54 5.57 1.98
N TYR A 129 0.38 6.33 2.52
CA TYR A 129 0.25 7.81 2.46
C TYR A 129 0.37 8.31 1.03
N LYS A 130 0.97 7.53 0.19
CA LYS A 130 1.12 7.95 -1.22
C LYS A 130 -0.14 7.63 -2.03
N MET A 131 -0.93 6.71 -1.51
CA MET A 131 -2.16 6.35 -2.24
C MET A 131 -3.30 7.32 -1.93
N VAL A 132 -3.36 7.78 -0.71
CA VAL A 132 -4.46 8.73 -0.38
C VAL A 132 -4.39 9.94 -1.28
N GLY A 133 -3.23 10.52 -1.36
CA GLY A 133 -3.05 11.71 -2.22
C GLY A 133 -3.73 11.51 -3.57
N SER A 134 -3.96 10.28 -3.92
CA SER A 134 -4.63 10.00 -5.22
C SER A 134 -6.14 10.16 -5.14
N MET A 135 -6.73 9.55 -4.14
CA MET A 135 -8.20 9.67 -4.01
C MET A 135 -8.61 11.00 -3.37
N VAL A 136 -7.76 11.52 -2.53
CA VAL A 136 -8.09 12.82 -1.88
C VAL A 136 -6.83 13.66 -1.69
N LYS A 137 -7.03 14.93 -1.42
CA LYS A 137 -5.86 15.82 -1.23
C LYS A 137 -5.19 15.57 0.13
N LEU A 138 -3.89 15.50 0.12
CA LEU A 138 -3.17 15.26 1.39
C LEU A 138 -3.31 16.48 2.32
N PRO A 139 -3.53 16.22 3.60
CA PRO A 139 -3.69 17.30 4.58
C PRO A 139 -2.44 18.19 4.64
N GLU A 140 -2.51 19.32 4.00
CA GLU A 140 -1.34 20.24 4.01
C GLU A 140 -1.26 20.99 5.33
N ASP A 141 -1.37 20.28 6.41
CA ASP A 141 -1.29 20.93 7.74
C ASP A 141 -0.62 20.02 8.76
N GLU A 142 0.17 19.09 8.26
CA GLU A 142 0.87 18.16 9.18
C GLU A 142 2.30 17.92 8.70
N ASP A 143 3.14 17.49 9.60
CA ASP A 143 4.55 17.22 9.21
C ASP A 143 4.67 15.90 8.46
N THR A 144 5.89 15.58 8.08
CA THR A 144 6.10 14.31 7.33
C THR A 144 5.61 13.12 8.14
N PRO A 145 5.22 12.05 7.45
CA PRO A 145 4.73 10.85 8.12
C PRO A 145 5.76 10.30 9.10
N GLU A 146 6.93 10.87 9.09
CA GLU A 146 7.99 10.39 10.02
C GLU A 146 7.56 10.60 11.47
N LYS A 147 7.02 11.75 11.74
CA LYS A 147 6.58 12.03 13.13
C LYS A 147 5.65 10.92 13.64
N ARG A 148 4.83 10.43 12.75
CA ARG A 148 3.90 9.35 13.16
C ARG A 148 4.66 8.09 13.48
N VAL A 149 5.40 7.60 12.52
CA VAL A 149 6.18 6.37 12.76
C VAL A 149 7.07 6.53 13.98
N ASN A 150 7.51 7.74 14.20
CA ASN A 150 8.37 7.99 15.37
C ASN A 150 7.62 7.67 16.64
N LYS A 151 6.44 8.22 16.76
CA LYS A 151 5.64 7.95 17.97
C LYS A 151 5.52 6.45 18.19
N ILE A 152 5.30 5.72 17.13
CA ILE A 152 5.18 4.26 17.27
C ILE A 152 6.45 3.71 17.88
N PHE A 153 7.55 3.99 17.23
CA PHE A 153 8.84 3.50 17.75
C PHE A 153 9.00 3.99 19.18
N ASN A 154 8.54 5.20 19.41
CA ASN A 154 8.66 5.76 20.76
C ASN A 154 7.70 5.03 21.68
N MET A 155 6.58 4.65 21.12
CA MET A 155 5.57 3.94 21.92
C MET A 155 6.20 2.70 22.52
N MET A 156 6.81 1.92 21.67
CA MET A 156 7.46 0.68 22.15
C MET A 156 8.74 1.02 22.92
N ASP A 157 9.23 2.20 22.69
CA ASP A 157 10.48 2.62 23.39
C ASP A 157 11.64 1.69 23.06
N LYS A 158 11.93 1.58 21.79
CA LYS A 158 13.05 0.70 21.37
C LYS A 158 14.34 1.49 21.15
N ASN A 159 15.07 1.13 20.13
CA ASN A 159 16.35 1.84 19.84
C ASN A 159 16.23 2.66 18.56
N LYS A 160 15.01 2.80 18.08
CA LYS A 160 14.81 3.59 16.84
C LYS A 160 15.74 3.11 15.74
N ASP A 161 16.42 2.01 15.98
CA ASP A 161 17.35 1.48 14.96
C ASP A 161 17.32 -0.05 14.94
N GLY A 162 16.99 -0.62 16.06
CA GLY A 162 16.92 -2.11 16.14
C GLY A 162 15.95 -2.66 15.08
N GLN A 163 15.80 -3.96 15.07
CA GLN A 163 14.88 -4.58 14.09
C GLN A 163 13.49 -4.78 14.69
N LEU A 164 12.48 -4.58 13.88
CA LEU A 164 11.09 -4.75 14.40
C LEU A 164 10.54 -6.14 14.08
N THR A 165 9.67 -6.60 14.92
CA THR A 165 9.07 -7.94 14.71
C THR A 165 7.63 -7.80 14.26
N LEU A 166 7.10 -8.85 13.67
CA LEU A 166 5.71 -8.77 13.20
C LEU A 166 4.79 -8.39 14.34
N GLU A 167 4.69 -9.29 15.27
CA GLU A 167 3.81 -9.03 16.45
C GLU A 167 4.01 -7.61 17.01
N GLU A 168 5.19 -7.07 16.86
CA GLU A 168 5.42 -5.70 17.38
C GLU A 168 4.75 -4.66 16.49
N PHE A 169 5.21 -4.55 15.29
CA PHE A 169 4.60 -3.54 14.37
C PHE A 169 3.09 -3.62 14.44
N CYS A 170 2.58 -4.80 14.72
CA CYS A 170 1.12 -4.96 14.81
C CYS A 170 0.60 -4.48 16.15
N GLU A 171 1.43 -4.57 17.15
CA GLU A 171 1.01 -4.12 18.49
C GLU A 171 1.01 -2.59 18.57
N GLY A 172 1.88 -1.98 17.81
CA GLY A 172 1.93 -0.49 17.82
C GLY A 172 0.78 0.09 17.02
N SER A 173 0.63 -0.37 15.80
CA SER A 173 -0.47 0.14 14.96
C SER A 173 -1.82 -0.10 15.61
N LYS A 174 -2.04 -1.31 16.03
CA LYS A 174 -3.35 -1.64 16.68
C LYS A 174 -3.55 -0.78 17.91
N ARG A 175 -2.47 -0.33 18.49
CA ARG A 175 -2.59 0.51 19.70
C ARG A 175 -2.71 1.97 19.32
N ASP A 176 -2.75 2.21 18.02
CA ASP A 176 -2.86 3.60 17.52
C ASP A 176 -4.19 3.77 16.75
N PRO A 177 -5.17 4.41 17.36
CA PRO A 177 -6.47 4.62 16.72
C PRO A 177 -6.39 5.47 15.47
N THR A 178 -5.20 5.66 14.97
CA THR A 178 -5.05 6.48 13.74
C THR A 178 -4.93 5.57 12.54
N ILE A 179 -4.54 4.36 12.80
CA ILE A 179 -4.39 3.39 11.69
C ILE A 179 -5.73 2.73 11.53
N VAL A 180 -6.53 2.96 12.53
CA VAL A 180 -7.88 2.41 12.54
C VAL A 180 -8.80 3.34 11.79
N SER A 181 -8.45 4.61 11.78
CA SER A 181 -9.27 5.59 11.08
C SER A 181 -8.91 5.62 9.60
N ALA A 182 -7.65 5.40 9.32
CA ALA A 182 -7.20 5.42 7.90
C ALA A 182 -7.91 4.33 7.10
N LEU A 183 -7.85 3.13 7.59
CA LEU A 183 -8.51 2.01 6.85
C LEU A 183 -10.01 2.25 6.76
N SER A 184 -10.49 3.22 7.48
CA SER A 184 -11.95 3.52 7.43
C SER A 184 -12.31 4.37 6.22
N LEU A 185 -11.31 4.91 5.57
CA LEU A 185 -11.59 5.75 4.37
C LEU A 185 -12.17 4.91 3.23
N TYR A 186 -12.56 3.71 3.55
CA TYR A 186 -13.13 2.82 2.51
C TYR A 186 -14.28 2.00 3.07
N ASP A 187 -15.12 2.64 3.84
CA ASP A 187 -16.29 1.92 4.44
C ASP A 187 -17.59 2.59 4.04
N GLY A 188 -17.95 2.46 2.80
CA GLY A 188 -19.22 3.09 2.32
C GLY A 188 -19.44 2.75 0.85
N LEU A 189 -19.03 1.58 0.46
CA LEU A 189 -19.22 1.18 -0.94
C LEU A 189 -18.94 -0.31 -1.12
N VAL A 190 -19.33 -1.07 -0.14
CA VAL A 190 -19.11 -2.55 -0.19
C VAL A 190 -20.44 -3.29 -0.26
C1 MYR A 1 -8.16 14.49 5.46
O1 MYR A 1 -8.28 14.85 6.61
C2 MYR A 1 -6.86 13.85 4.98
C3 MYR A 1 -6.40 12.79 5.97
C4 MYR A 1 -5.41 11.84 5.28
C5 MYR A 1 -5.05 10.70 6.23
C6 MYR A 1 -3.80 9.99 5.72
C7 MYR A 1 -3.45 8.84 6.66
C8 MYR A 1 -2.08 8.28 6.28
C9 MYR A 1 -1.84 6.98 7.05
C10 MYR A 1 -0.50 6.36 6.60
C11 MYR A 1 -0.59 4.83 6.70
C12 MYR A 1 -0.44 4.42 8.17
C13 MYR A 1 -0.03 2.94 8.23
C14 MYR A 1 0.45 2.62 9.65
H21 MYR A 1 -7.02 13.40 4.01
H22 MYR A 1 -6.09 14.62 4.88
H31 MYR A 1 -5.92 13.26 6.81
H32 MYR A 1 -7.26 12.23 6.32
H41 MYR A 1 -5.86 11.44 4.39
H42 MYR A 1 -4.52 12.39 5.01
H51 MYR A 1 -4.86 11.10 7.23
H52 MYR A 1 -5.87 10.01 6.29
H61 MYR A 1 -3.99 9.60 4.73
H62 MYR A 1 -2.98 10.69 5.68
H71 MYR A 1 -3.43 9.20 7.69
H72 MYR A 1 -4.19 8.07 6.58
H81 MYR A 1 -2.05 8.08 5.23
H82 MYR A 1 -1.31 8.99 6.54
H91 MYR A 1 -1.80 7.18 8.11
H92 MYR A 1 -2.65 6.29 6.85
H101 MYR A 1 -0.32 6.64 5.58
H102 MYR A 1 0.29 6.73 7.23
H111 MYR A 1 -1.54 4.48 6.32
H112 MYR A 1 0.21 4.39 6.13
H121 MYR A 1 0.31 5.02 8.64
H122 MYR A 1 -1.39 4.55 8.68
H131 MYR A 1 -0.88 2.32 7.98
H132 MYR A 1 0.76 2.76 7.53
H141 MYR A 1 -0.40 2.36 10.27
H142 MYR A 1 0.94 3.47 10.07
H143 MYR A 1 1.13 1.78 9.62
N GLY A 2 -9.11 14.61 4.57
CA GLY A 2 -10.41 15.21 4.96
C GLY A 2 -11.55 14.56 4.20
N LYS A 3 -12.53 14.07 4.93
CA LYS A 3 -13.68 13.42 4.26
C LYS A 3 -14.50 14.44 3.48
N SER A 4 -13.84 15.46 3.02
CA SER A 4 -14.57 16.49 2.24
C SER A 4 -14.94 15.97 0.86
N GLN A 5 -15.25 16.87 -0.04
CA GLN A 5 -15.63 16.43 -1.40
C GLN A 5 -14.40 16.21 -2.27
N SER A 6 -14.16 14.99 -2.63
CA SER A 6 -12.98 14.70 -3.47
C SER A 6 -13.07 15.43 -4.81
N LYS A 7 -12.01 15.41 -5.56
CA LYS A 7 -12.02 16.10 -6.87
C LYS A 7 -12.40 15.13 -7.99
N LEU A 8 -12.14 13.88 -7.76
CA LEU A 8 -12.48 12.87 -8.79
C LEU A 8 -13.98 12.82 -9.05
N SER A 9 -14.36 12.15 -10.10
CA SER A 9 -15.82 12.06 -10.43
C SER A 9 -16.39 10.73 -9.96
N GLN A 10 -17.69 10.66 -9.90
CA GLN A 10 -18.33 9.39 -9.45
C GLN A 10 -17.89 8.23 -10.33
N ASP A 11 -17.68 8.52 -11.60
CA ASP A 11 -17.26 7.44 -12.51
C ASP A 11 -15.87 6.95 -12.16
N GLN A 12 -14.95 7.87 -12.08
CA GLN A 12 -13.56 7.47 -11.74
C GLN A 12 -13.55 6.70 -10.43
N LEU A 13 -14.50 6.97 -9.59
CA LEU A 13 -14.55 6.26 -8.29
C LEU A 13 -14.85 4.78 -8.52
N GLN A 14 -15.93 4.52 -9.21
CA GLN A 14 -16.29 3.11 -9.47
C GLN A 14 -15.17 2.43 -10.23
N ASP A 15 -14.35 3.22 -10.87
CA ASP A 15 -13.23 2.64 -11.63
C ASP A 15 -12.14 2.15 -10.69
N LEU A 16 -11.74 3.00 -9.78
CA LEU A 16 -10.71 2.59 -8.82
C LEU A 16 -11.12 1.31 -8.12
N VAL A 17 -12.40 1.17 -7.92
CA VAL A 17 -12.90 -0.04 -7.24
C VAL A 17 -12.94 -1.19 -8.23
N ARG A 18 -13.49 -0.90 -9.39
CA ARG A 18 -13.58 -1.95 -10.43
C ARG A 18 -12.19 -2.45 -10.78
N SER A 19 -11.21 -1.63 -10.47
CA SER A 19 -9.81 -2.02 -10.76
C SER A 19 -9.31 -3.07 -9.77
N THR A 20 -9.70 -2.91 -8.53
CA THR A 20 -9.27 -3.89 -7.49
C THR A 20 -10.43 -4.77 -7.06
N ARG A 21 -11.38 -4.94 -7.94
CA ARG A 21 -12.54 -5.78 -7.59
C ARG A 21 -12.22 -7.24 -7.74
N PHE A 22 -11.31 -7.67 -6.95
CA PHE A 22 -10.90 -9.08 -7.00
C PHE A 22 -10.32 -9.54 -5.67
N ASP A 23 -9.62 -10.64 -5.70
CA ASP A 23 -9.04 -11.17 -4.44
C ASP A 23 -7.60 -10.67 -4.26
N LYS A 24 -6.98 -11.16 -3.22
CA LYS A 24 -5.58 -10.76 -2.93
C LYS A 24 -4.74 -11.98 -2.67
N LYS A 25 -5.23 -12.81 -1.78
CA LYS A 25 -4.47 -14.04 -1.47
C LYS A 25 -4.00 -14.68 -2.76
N GLU A 26 -4.73 -14.43 -3.81
CA GLU A 26 -4.35 -15.00 -5.11
C GLU A 26 -3.17 -14.24 -5.66
N LEU A 27 -3.28 -12.96 -5.62
CA LEU A 27 -2.19 -12.12 -6.13
C LEU A 27 -0.94 -12.36 -5.30
N GLN A 28 -1.14 -12.65 -4.04
CA GLN A 28 0.00 -12.91 -3.16
C GLN A 28 0.80 -14.09 -3.67
N GLN A 29 0.11 -15.17 -3.94
CA GLN A 29 0.80 -16.36 -4.45
C GLN A 29 1.60 -16.02 -5.69
N TRP A 30 0.99 -15.24 -6.55
CA TRP A 30 1.69 -14.84 -7.80
C TRP A 30 2.81 -13.85 -7.50
N TYR A 31 2.52 -12.94 -6.62
CA TYR A 31 3.55 -11.92 -6.26
C TYR A 31 4.83 -12.60 -5.78
N LYS A 32 4.68 -13.52 -4.86
CA LYS A 32 5.88 -14.23 -4.34
C LYS A 32 6.57 -15.02 -5.45
N GLY A 33 5.79 -15.64 -6.28
CA GLY A 33 6.38 -16.43 -7.39
C GLY A 33 7.00 -15.51 -8.45
N PHE A 34 6.42 -14.35 -8.60
CA PHE A 34 6.97 -13.40 -9.61
C PHE A 34 8.22 -12.72 -9.09
N PHE A 35 8.24 -12.46 -7.80
CA PHE A 35 9.42 -11.80 -7.22
C PHE A 35 10.58 -12.78 -7.08
N LYS A 36 10.25 -14.04 -6.91
CA LYS A 36 11.31 -15.05 -6.77
C LYS A 36 11.91 -15.40 -8.13
N ASP A 37 11.09 -15.33 -9.15
CA ASP A 37 11.58 -15.66 -10.50
C ASP A 37 12.29 -14.45 -11.12
N CYS A 38 11.81 -13.28 -10.77
CA CYS A 38 12.43 -12.04 -11.31
C CYS A 38 12.94 -11.16 -10.17
N PRO A 39 14.14 -11.45 -9.71
CA PRO A 39 14.76 -10.69 -8.62
C PRO A 39 15.01 -9.25 -9.02
N SER A 40 14.25 -8.76 -9.97
CA SER A 40 14.44 -7.36 -10.41
C SER A 40 13.92 -6.40 -9.35
N GLY A 41 12.68 -5.99 -9.49
CA GLY A 41 12.10 -5.04 -8.49
C GLY A 41 11.22 -4.00 -9.20
N HIS A 42 11.73 -3.45 -10.27
CA HIS A 42 10.94 -2.43 -11.01
C HIS A 42 10.08 -3.08 -12.08
N LEU A 43 8.84 -2.62 -12.19
CA LEU A 43 7.92 -3.20 -13.21
C LEU A 43 7.69 -2.21 -14.36
N ASN A 44 7.43 -2.73 -15.52
CA ASN A 44 7.19 -1.86 -16.69
C ASN A 44 5.70 -1.75 -17.00
N LYS A 45 5.34 -0.72 -17.73
CA LYS A 45 3.91 -0.53 -18.07
C LYS A 45 3.38 -1.72 -18.87
N SER A 46 4.17 -2.18 -19.80
CA SER A 46 3.73 -3.33 -20.62
C SER A 46 3.46 -4.55 -19.75
N GLU A 47 4.43 -4.91 -18.96
CA GLU A 47 4.25 -6.09 -18.08
C GLU A 47 3.04 -5.90 -17.17
N PHE A 48 2.81 -4.68 -16.75
CA PHE A 48 1.65 -4.42 -15.87
C PHE A 48 0.34 -4.67 -16.61
N GLN A 49 0.32 -4.33 -17.86
CA GLN A 49 -0.92 -4.53 -18.64
C GLN A 49 -1.23 -6.01 -18.80
N LYS A 50 -0.20 -6.79 -18.91
CA LYS A 50 -0.41 -8.24 -19.06
C LYS A 50 -0.96 -8.86 -17.78
N ILE A 51 -0.33 -8.52 -16.68
CA ILE A 51 -0.80 -9.08 -15.39
C ILE A 51 -2.19 -8.56 -15.05
N TYR A 52 -2.46 -7.36 -15.45
CA TYR A 52 -3.79 -6.78 -15.16
C TYR A 52 -4.88 -7.49 -15.94
N LYS A 53 -4.56 -7.90 -17.15
CA LYS A 53 -5.58 -8.60 -17.97
C LYS A 53 -5.90 -9.98 -17.37
N GLN A 54 -5.05 -10.42 -16.48
CA GLN A 54 -5.27 -11.76 -15.86
C GLN A 54 -6.12 -11.64 -14.60
N PHE A 55 -5.80 -10.69 -13.77
CA PHE A 55 -6.59 -10.51 -12.52
C PHE A 55 -7.73 -9.52 -12.71
N PHE A 56 -7.91 -9.06 -13.92
CA PHE A 56 -9.02 -8.09 -14.17
C PHE A 56 -9.42 -8.09 -15.64
N PRO A 57 -10.01 -9.18 -16.06
CA PRO A 57 -10.45 -9.34 -17.43
C PRO A 57 -11.59 -8.37 -17.76
N PHE A 58 -12.38 -8.07 -16.77
CA PHE A 58 -13.52 -7.14 -16.99
C PHE A 58 -13.17 -5.71 -16.59
N GLY A 59 -11.94 -5.51 -16.17
CA GLY A 59 -11.52 -4.14 -15.76
C GLY A 59 -10.92 -3.37 -16.94
N ASP A 60 -10.27 -2.28 -16.61
CA ASP A 60 -9.63 -1.44 -17.66
C ASP A 60 -8.11 -1.37 -17.42
N PRO A 61 -7.38 -2.27 -18.06
CA PRO A 61 -5.93 -2.33 -17.91
C PRO A 61 -5.20 -1.11 -18.47
N SER A 62 -5.51 -0.74 -19.68
CA SER A 62 -4.83 0.44 -20.25
C SER A 62 -5.21 1.68 -19.49
N ALA A 63 -6.43 1.71 -19.05
CA ALA A 63 -6.89 2.88 -18.29
C ALA A 63 -6.21 2.92 -16.93
N PHE A 64 -6.27 1.83 -16.21
CA PHE A 64 -5.62 1.82 -14.89
C PHE A 64 -4.15 2.07 -15.06
N ALA A 65 -3.59 1.50 -16.09
CA ALA A 65 -2.16 1.70 -16.35
C ALA A 65 -1.84 3.17 -16.38
N GLU A 66 -2.58 3.89 -17.17
CA GLU A 66 -2.34 5.33 -17.26
C GLU A 66 -2.49 5.97 -15.89
N TYR A 67 -3.20 5.28 -15.03
CA TYR A 67 -3.41 5.80 -13.66
C TYR A 67 -2.20 5.55 -12.79
N VAL A 68 -1.93 4.30 -12.60
CA VAL A 68 -0.77 3.93 -11.77
C VAL A 68 0.44 4.79 -12.12
N PHE A 69 0.60 5.06 -13.37
CA PHE A 69 1.75 5.90 -13.77
C PHE A 69 1.56 7.32 -13.31
N ASN A 70 0.42 7.89 -13.61
CA ASN A 70 0.16 9.28 -13.19
C ASN A 70 0.37 9.44 -11.69
N VAL A 71 0.27 8.34 -10.96
CA VAL A 71 0.46 8.42 -9.49
C VAL A 71 1.84 7.94 -9.06
N PHE A 72 2.21 6.77 -9.51
CA PHE A 72 3.55 6.24 -9.13
C PHE A 72 4.62 6.58 -10.17
N ASP A 73 4.23 7.22 -11.23
CA ASP A 73 5.24 7.57 -12.25
C ASP A 73 4.87 8.84 -13.02
N ALA A 74 5.20 9.96 -12.45
CA ALA A 74 4.88 11.25 -13.10
C ALA A 74 6.13 11.85 -13.73
N ASP A 75 7.25 11.63 -13.09
CA ASP A 75 8.52 12.16 -13.63
C ASP A 75 9.70 11.67 -12.80
N LYS A 76 9.64 10.43 -12.40
CA LYS A 76 10.75 9.86 -11.58
C LYS A 76 11.77 9.14 -12.45
N ASN A 77 11.39 7.99 -12.93
CA ASN A 77 12.33 7.22 -13.79
C ASN A 77 11.57 6.55 -14.93
N GLY A 78 10.29 6.40 -14.76
CA GLY A 78 9.46 5.76 -15.83
C GLY A 78 8.95 4.40 -15.35
N TYR A 79 9.75 3.72 -14.57
CA TYR A 79 9.34 2.39 -14.07
C TYR A 79 8.77 2.50 -12.66
N ILE A 80 7.81 1.65 -12.37
CA ILE A 80 7.17 1.68 -11.01
C ILE A 80 7.61 0.47 -10.19
N ASP A 81 7.52 0.60 -8.90
CA ASP A 81 7.93 -0.54 -8.02
C ASP A 81 6.71 -1.35 -7.60
N PHE A 82 6.55 -2.50 -8.18
CA PHE A 82 5.39 -3.34 -7.82
C PHE A 82 5.38 -3.62 -6.32
N LYS A 83 6.45 -3.28 -5.66
CA LYS A 83 6.51 -3.51 -4.19
C LYS A 83 5.66 -2.49 -3.47
N GLU A 84 6.11 -1.27 -3.51
CA GLU A 84 5.34 -0.20 -2.82
C GLU A 84 3.90 -0.21 -3.32
N PHE A 85 3.69 -0.85 -4.44
CA PHE A 85 2.33 -0.91 -5.00
C PHE A 85 1.44 -1.81 -4.19
N ILE A 86 1.88 -3.02 -3.99
CA ILE A 86 1.07 -3.97 -3.19
C ILE A 86 0.82 -3.40 -1.79
N CYS A 87 1.82 -2.78 -1.25
CA CYS A 87 1.66 -2.21 0.11
C CYS A 87 0.49 -1.23 0.13
N ALA A 88 0.41 -0.40 -0.89
CA ALA A 88 -0.71 0.57 -0.93
C ALA A 88 -2.02 -0.15 -1.23
N LEU A 89 -1.91 -1.21 -1.96
CA LEU A 89 -3.13 -1.98 -2.29
C LEU A 89 -3.90 -2.30 -1.03
N SER A 90 -3.18 -2.56 0.02
CA SER A 90 -3.84 -2.89 1.30
C SER A 90 -4.98 -1.93 1.56
N VAL A 91 -4.82 -0.71 1.13
CA VAL A 91 -5.91 0.29 1.35
C VAL A 91 -7.22 -0.22 0.78
N THR A 92 -7.20 -0.64 -0.44
CA THR A 92 -8.44 -1.14 -1.07
C THR A 92 -8.80 -2.52 -0.52
N SER A 93 -9.94 -3.01 -0.90
CA SER A 93 -10.36 -4.35 -0.43
C SER A 93 -10.70 -4.32 1.07
N ARG A 94 -11.88 -4.75 1.40
CA ARG A 94 -12.29 -4.75 2.82
C ARG A 94 -12.00 -6.10 3.47
N GLY A 95 -12.30 -6.21 4.74
CA GLY A 95 -12.05 -7.50 5.44
C GLY A 95 -11.51 -7.24 6.85
N GLU A 96 -10.99 -8.27 7.46
CA GLU A 96 -10.45 -8.12 8.83
C GLU A 96 -9.33 -7.08 8.85
N LEU A 97 -9.16 -6.45 9.98
CA LEU A 97 -8.10 -5.42 10.09
C LEU A 97 -6.77 -6.06 10.47
N ASN A 98 -6.83 -7.31 10.86
CA ASN A 98 -5.58 -8.00 11.25
C ASN A 98 -4.77 -8.40 10.02
N ASP A 99 -5.42 -9.06 9.11
CA ASP A 99 -4.72 -9.48 7.87
C ASP A 99 -4.08 -8.28 7.19
N LYS A 100 -4.70 -7.14 7.34
CA LYS A 100 -4.13 -5.92 6.71
C LYS A 100 -2.71 -5.68 7.18
N LEU A 101 -2.50 -5.84 8.45
CA LEU A 101 -1.14 -5.63 8.99
C LEU A 101 -0.21 -6.75 8.55
N ILE A 102 -0.66 -7.97 8.75
CA ILE A 102 0.19 -9.12 8.34
C ILE A 102 0.55 -9.01 6.87
N TRP A 103 -0.36 -8.44 6.11
CA TRP A 103 -0.09 -8.29 4.65
C TRP A 103 1.10 -7.36 4.44
N ALA A 104 1.00 -6.18 4.96
CA ALA A 104 2.11 -5.22 4.79
C ALA A 104 3.42 -5.84 5.26
N PHE A 105 3.34 -6.68 6.26
CA PHE A 105 4.57 -7.32 6.76
C PHE A 105 5.07 -8.36 5.77
N GLN A 106 4.23 -9.30 5.45
CA GLN A 106 4.64 -10.34 4.49
C GLN A 106 5.11 -9.69 3.20
N LEU A 107 4.88 -8.42 3.10
CA LEU A 107 5.30 -7.68 1.89
C LEU A 107 6.76 -7.26 1.98
N TYR A 108 7.11 -6.54 3.01
CA TYR A 108 8.51 -6.09 3.17
C TYR A 108 9.38 -7.20 3.73
N ASP A 109 8.77 -8.32 4.04
CA ASP A 109 9.57 -9.45 4.59
C ASP A 109 10.29 -10.19 3.48
N LEU A 110 10.75 -9.44 2.51
CA LEU A 110 11.47 -10.07 1.36
C LEU A 110 12.96 -9.86 1.51
N ASP A 111 13.35 -9.55 2.69
CA ASP A 111 14.79 -9.31 2.95
C ASP A 111 15.45 -10.56 3.54
N ASN A 112 14.80 -11.69 3.36
CA ASN A 112 15.37 -12.95 3.90
C ASN A 112 15.90 -12.76 5.30
N ASN A 113 15.22 -11.91 6.04
CA ASN A 113 15.66 -11.65 7.44
C ASN A 113 14.47 -11.70 8.40
N GLY A 114 13.29 -11.71 7.85
CA GLY A 114 12.08 -11.76 8.72
C GLY A 114 12.14 -10.66 9.78
N LEU A 115 12.87 -9.62 9.49
CA LEU A 115 12.98 -8.51 10.47
C LEU A 115 13.12 -7.17 9.75
N ILE A 116 12.17 -6.28 9.95
CA ILE A 116 12.25 -4.96 9.27
C ILE A 116 12.83 -3.92 10.22
N SER A 117 13.37 -2.86 9.66
CA SER A 117 13.97 -1.80 10.51
C SER A 117 13.23 -0.46 10.37
N TYR A 118 13.43 0.39 11.35
CA TYR A 118 12.77 1.72 11.32
C TYR A 118 12.80 2.30 9.90
N ASP A 119 13.82 1.92 9.18
CA ASP A 119 13.94 2.43 7.78
C ASP A 119 12.77 1.95 6.95
N GLU A 120 12.53 0.67 6.99
CA GLU A 120 11.41 0.11 6.20
C GLU A 120 10.09 0.69 6.69
N MET A 121 10.07 1.08 7.94
CA MET A 121 8.84 1.67 8.50
C MET A 121 8.50 2.97 7.78
N LEU A 122 9.51 3.74 7.48
CA LEU A 122 9.28 5.03 6.79
C LEU A 122 8.85 4.78 5.35
N ARG A 123 9.49 3.86 4.71
CA ARG A 123 9.14 3.57 3.30
C ARG A 123 7.74 2.98 3.21
N ILE A 124 7.33 2.30 4.25
CA ILE A 124 5.99 1.69 4.26
C ILE A 124 4.91 2.78 4.38
N VAL A 125 5.00 3.56 5.41
CA VAL A 125 4.00 4.63 5.61
C VAL A 125 4.09 5.63 4.47
N ASP A 126 5.23 5.69 3.84
CA ASP A 126 5.41 6.65 2.73
C ASP A 126 4.67 6.17 1.49
N ALA A 127 4.67 4.88 1.29
CA ALA A 127 3.96 4.33 0.10
C ALA A 127 2.48 4.62 0.19
N ILE A 128 1.93 4.37 1.36
CA ILE A 128 0.48 4.63 1.51
C ILE A 128 0.17 6.11 1.34
N TYR A 129 1.01 6.94 1.89
CA TYR A 129 0.78 8.40 1.76
C TYR A 129 0.89 8.83 0.30
N LYS A 130 1.68 8.12 -0.45
CA LYS A 130 1.83 8.50 -1.88
C LYS A 130 0.54 8.22 -2.62
N MET A 131 -0.14 7.17 -2.22
CA MET A 131 -1.41 6.84 -2.90
C MET A 131 -2.54 7.72 -2.39
N VAL A 132 -2.34 8.34 -1.26
CA VAL A 132 -3.41 9.23 -0.70
C VAL A 132 -3.85 10.27 -1.73
N GLY A 133 -2.90 10.82 -2.42
CA GLY A 133 -3.24 11.85 -3.44
C GLY A 133 -4.13 11.27 -4.54
N SER A 134 -4.23 9.97 -4.57
CA SER A 134 -5.08 9.33 -5.61
C SER A 134 -6.49 9.07 -5.11
N MET A 135 -6.67 9.20 -3.81
CA MET A 135 -8.01 8.96 -3.22
C MET A 135 -8.61 10.25 -2.65
N VAL A 136 -7.85 11.31 -2.72
CA VAL A 136 -8.36 12.60 -2.20
C VAL A 136 -7.45 13.75 -2.61
N LYS A 137 -7.99 14.93 -2.58
CA LYS A 137 -7.19 16.11 -2.97
C LYS A 137 -6.01 16.27 -2.01
N LEU A 138 -4.94 15.57 -2.30
CA LEU A 138 -3.72 15.63 -1.43
C LEU A 138 -3.60 16.99 -0.70
N PRO A 139 -4.06 17.02 0.53
CA PRO A 139 -4.01 18.24 1.34
C PRO A 139 -2.59 18.53 1.82
N GLU A 140 -2.03 19.61 1.36
CA GLU A 140 -0.65 19.94 1.78
C GLU A 140 -0.66 20.61 3.15
N ASP A 141 -1.44 20.05 4.05
CA ASP A 141 -1.51 20.62 5.42
C ASP A 141 -0.55 19.91 6.38
N GLU A 142 0.23 19.01 5.85
CA GLU A 142 1.18 18.29 6.73
C GLU A 142 2.22 17.53 5.92
N ASP A 143 3.31 17.20 6.56
CA ASP A 143 4.39 16.47 5.85
C ASP A 143 5.29 15.74 6.85
N THR A 144 6.05 14.80 6.35
CA THR A 144 6.96 14.04 7.25
C THR A 144 6.18 13.40 8.39
N PRO A 145 5.36 12.44 8.04
CA PRO A 145 4.54 11.72 9.01
C PRO A 145 5.41 10.97 10.02
N GLU A 146 6.67 11.30 10.03
CA GLU A 146 7.58 10.62 10.98
C GLU A 146 7.00 10.63 12.37
N LYS A 147 6.45 11.75 12.74
CA LYS A 147 5.85 11.86 14.08
C LYS A 147 5.04 10.63 14.41
N ARG A 148 4.36 10.11 13.43
CA ARG A 148 3.54 8.90 13.68
C ARG A 148 4.44 7.69 13.96
N VAL A 149 5.22 7.33 13.00
CA VAL A 149 6.13 6.18 13.18
C VAL A 149 6.98 6.35 14.43
N ASN A 150 7.56 7.50 14.56
CA ASN A 150 8.41 7.76 15.75
C ASN A 150 7.63 7.48 17.02
N LYS A 151 6.45 8.02 17.08
CA LYS A 151 5.62 7.80 18.30
C LYS A 151 5.55 6.32 18.66
N ILE A 152 5.41 5.47 17.68
CA ILE A 152 5.34 4.02 17.98
C ILE A 152 6.62 3.58 18.67
N PHE A 153 7.74 3.87 18.04
CA PHE A 153 9.03 3.47 18.64
C PHE A 153 9.21 4.19 19.96
N ASN A 154 8.54 5.30 20.07
CA ASN A 154 8.64 6.09 21.32
C ASN A 154 7.55 5.66 22.28
N MET A 155 6.65 4.85 21.79
CA MET A 155 5.55 4.35 22.64
C MET A 155 5.84 2.95 23.16
N MET A 156 6.45 2.14 22.35
CA MET A 156 6.76 0.75 22.81
C MET A 156 7.72 0.05 21.85
N ASP A 157 7.46 0.18 20.58
CA ASP A 157 8.33 -0.47 19.58
C ASP A 157 9.81 -0.27 19.90
N LYS A 158 10.62 -1.09 19.30
CA LYS A 158 12.09 -1.01 19.52
C LYS A 158 12.66 0.38 19.24
N ASN A 159 13.96 0.44 19.20
CA ASN A 159 14.64 1.72 18.93
C ASN A 159 14.78 1.98 17.44
N LYS A 160 15.39 3.08 17.11
CA LYS A 160 15.57 3.42 15.68
C LYS A 160 16.48 2.41 14.98
N ASP A 161 17.36 1.81 15.75
CA ASP A 161 18.28 0.81 15.15
C ASP A 161 17.74 -0.61 15.30
N GLY A 162 17.05 -0.86 16.38
CA GLY A 162 16.50 -2.23 16.60
C GLY A 162 15.49 -2.59 15.50
N GLN A 163 15.34 -3.87 15.26
CA GLN A 163 14.37 -4.32 14.20
C GLN A 163 13.07 -4.82 14.82
N LEU A 164 11.99 -4.65 14.11
CA LEU A 164 10.68 -5.11 14.64
C LEU A 164 10.23 -6.41 13.97
N THR A 165 9.37 -7.12 14.66
CA THR A 165 8.86 -8.41 14.12
C THR A 165 7.38 -8.27 13.77
N LEU A 166 6.89 -9.16 12.97
CA LEU A 166 5.46 -9.10 12.59
C LEU A 166 4.61 -8.84 13.81
N GLU A 167 4.58 -9.81 14.66
CA GLU A 167 3.77 -9.68 15.91
C GLU A 167 3.93 -8.29 16.55
N GLU A 168 5.16 -7.91 16.81
CA GLU A 168 5.38 -6.58 17.45
C GLU A 168 4.76 -5.45 16.63
N PHE A 169 4.87 -5.53 15.33
CA PHE A 169 4.29 -4.46 14.50
C PHE A 169 2.79 -4.33 14.73
N CYS A 170 2.10 -5.42 14.59
CA CYS A 170 0.64 -5.39 14.80
C CYS A 170 0.30 -4.79 16.14
N GLU A 171 1.16 -5.01 17.10
CA GLU A 171 0.91 -4.45 18.45
C GLU A 171 1.14 -2.95 18.45
N GLY A 172 2.12 -2.51 17.72
CA GLY A 172 2.41 -1.05 17.68
C GLY A 172 1.17 -0.27 17.26
N SER A 173 0.49 -0.77 16.27
CA SER A 173 -0.73 -0.07 15.80
C SER A 173 -1.86 -0.22 16.82
N LYS A 174 -2.05 -1.42 17.30
CA LYS A 174 -3.12 -1.64 18.28
C LYS A 174 -2.97 -0.70 19.47
N ARG A 175 -1.82 -0.09 19.57
CA ARG A 175 -1.59 0.85 20.70
C ARG A 175 -1.94 2.26 20.29
N ASP A 176 -2.41 2.40 19.06
CA ASP A 176 -2.80 3.75 18.55
C ASP A 176 -4.14 3.65 17.80
N PRO A 177 -5.23 3.77 18.55
CA PRO A 177 -6.56 3.70 17.97
C PRO A 177 -6.82 4.80 16.96
N THR A 178 -5.77 5.42 16.51
CA THR A 178 -5.92 6.52 15.52
C THR A 178 -5.38 6.03 14.20
N ILE A 179 -4.52 5.07 14.30
CA ILE A 179 -3.94 4.52 13.08
C ILE A 179 -4.84 3.41 12.62
N VAL A 180 -5.74 3.08 13.50
CA VAL A 180 -6.71 2.02 13.21
C VAL A 180 -7.91 2.63 12.51
N SER A 181 -8.17 3.88 12.81
CA SER A 181 -9.33 4.55 12.17
C SER A 181 -8.94 5.09 10.79
N ALA A 182 -7.70 5.51 10.66
CA ALA A 182 -7.25 6.05 9.36
C ALA A 182 -6.99 4.94 8.35
N LEU A 183 -6.53 3.82 8.83
CA LEU A 183 -6.25 2.69 7.90
C LEU A 183 -7.44 2.43 6.98
N SER A 184 -8.63 2.56 7.54
CA SER A 184 -9.84 2.33 6.72
C SER A 184 -10.40 3.64 6.16
N LEU A 185 -10.46 3.71 4.85
CA LEU A 185 -10.98 4.94 4.20
C LEU A 185 -12.00 4.56 3.12
N TYR A 186 -12.27 3.27 3.06
CA TYR A 186 -13.24 2.76 2.05
C TYR A 186 -14.30 1.91 2.72
N ASP A 187 -14.61 2.25 3.94
CA ASP A 187 -15.63 1.48 4.70
C ASP A 187 -16.92 2.28 4.84
N GLY A 188 -17.45 2.70 3.73
CA GLY A 188 -18.71 3.50 3.76
C GLY A 188 -19.47 3.32 2.45
N LEU A 189 -19.34 2.17 1.87
CA LEU A 189 -20.02 1.91 0.59
C LEU A 189 -20.03 0.41 0.27
N VAL A 190 -20.15 -0.38 1.30
CA VAL A 190 -20.16 -1.86 1.12
C VAL A 190 -21.52 -2.44 1.52
C1 MYR A 1 -5.88 13.85 5.85
O1 MYR A 1 -6.08 14.03 7.04
C2 MYR A 1 -4.90 12.80 5.36
C3 MYR A 1 -4.15 12.21 6.56
C4 MYR A 1 -2.84 11.58 6.08
C5 MYR A 1 -2.73 10.15 6.63
C6 MYR A 1 -1.49 9.48 6.05
C7 MYR A 1 -1.61 7.96 6.24
C8 MYR A 1 -1.21 7.60 7.66
C9 MYR A 1 -0.97 6.09 7.75
C10 MYR A 1 -0.63 5.72 9.19
C11 MYR A 1 0.00 4.33 9.22
C12 MYR A 1 -1.03 3.30 8.75
C13 MYR A 1 -0.59 1.90 9.21
C14 MYR A 1 0.86 1.68 8.79
H21 MYR A 1 -5.43 12.02 4.85
H22 MYR A 1 -4.19 13.26 4.68
H31 MYR A 1 -3.93 12.99 7.28
H32 MYR A 1 -4.77 11.46 7.04
H41 MYR A 1 -2.83 11.55 5.00
H42 MYR A 1 -2.01 12.16 6.43
H51 MYR A 1 -2.65 10.19 7.71
H52 MYR A 1 -3.61 9.59 6.35
H61 MYR A 1 -1.42 9.71 5.00
H62 MYR A 1 -0.61 9.84 6.56
H71 MYR A 1 -2.63 7.65 6.05
H72 MYR A 1 -0.96 7.46 5.54
H81 MYR A 1 -0.30 8.13 7.93
H82 MYR A 1 -2.00 7.89 8.35
H91 MYR A 1 -1.87 5.57 7.45
H92 MYR A 1 -0.16 5.81 7.10
H101 MYR A 1 0.06 6.44 9.60
H102 MYR A 1 -1.53 5.72 9.80
H111 MYR A 1 0.86 4.31 8.58
H112 MYR A 1 0.31 4.09 10.23
H121 MYR A 1 -2.00 3.53 9.17
H122 MYR A 1 -1.10 3.32 7.68
H131 MYR A 1 -0.69 1.82 10.27
H132 MYR A 1 -1.23 1.16 8.74
H141 MYR A 1 1.00 1.96 7.77
H142 MYR A 1 1.12 0.63 8.92
H143 MYR A 1 1.51 2.28 9.42
N GLY A 2 -6.51 14.53 4.92
CA GLY A 2 -7.50 15.58 5.32
C GLY A 2 -8.85 14.94 5.64
N LYS A 3 -9.90 15.54 5.14
CA LYS A 3 -11.25 14.99 5.42
C LYS A 3 -11.60 13.90 4.40
N SER A 4 -12.57 13.10 4.74
CA SER A 4 -12.97 12.01 3.81
C SER A 4 -14.08 12.48 2.87
N GLN A 5 -14.06 13.75 2.56
CA GLN A 5 -15.11 14.29 1.65
C GLN A 5 -14.81 13.93 0.21
N SER A 6 -13.55 13.97 -0.15
CA SER A 6 -13.18 13.64 -1.55
C SER A 6 -13.71 14.69 -2.52
N LYS A 7 -12.85 15.18 -3.38
CA LYS A 7 -13.29 16.20 -4.35
C LYS A 7 -13.91 15.55 -5.58
N LEU A 8 -13.39 14.41 -5.96
CA LEU A 8 -13.95 13.72 -7.14
C LEU A 8 -15.37 13.24 -6.88
N SER A 9 -16.05 12.82 -7.92
CA SER A 9 -17.43 12.34 -7.74
C SER A 9 -17.45 10.88 -7.31
N GLN A 10 -18.59 10.42 -6.86
CA GLN A 10 -18.70 9.00 -6.43
C GLN A 10 -18.51 8.06 -7.62
N ASP A 11 -18.81 8.55 -8.79
CA ASP A 11 -18.67 7.70 -9.99
C ASP A 11 -17.22 7.28 -10.18
N GLN A 12 -16.37 8.25 -10.35
CA GLN A 12 -14.94 7.93 -10.54
C GLN A 12 -14.47 6.97 -9.47
N LEU A 13 -14.97 7.16 -8.28
CA LEU A 13 -14.56 6.25 -7.18
C LEU A 13 -14.83 4.81 -7.55
N GLN A 14 -16.04 4.56 -8.00
CA GLN A 14 -16.38 3.17 -8.40
C GLN A 14 -15.45 2.68 -9.48
N ASP A 15 -15.15 3.54 -10.42
CA ASP A 15 -14.24 3.16 -11.52
C ASP A 15 -12.90 2.70 -10.95
N LEU A 16 -12.49 3.31 -9.89
CA LEU A 16 -11.20 2.92 -9.28
C LEU A 16 -11.35 1.58 -8.57
N VAL A 17 -12.56 1.27 -8.18
CA VAL A 17 -12.78 -0.02 -7.49
C VAL A 17 -13.05 -1.12 -8.49
N ARG A 18 -13.96 -0.87 -9.39
CA ARG A 18 -14.28 -1.89 -10.40
C ARG A 18 -13.02 -2.37 -11.08
N SER A 19 -11.96 -1.62 -10.90
CA SER A 19 -10.68 -2.00 -11.52
C SER A 19 -9.81 -2.79 -10.54
N THR A 20 -10.02 -2.54 -9.28
CA THR A 20 -9.23 -3.27 -8.27
C THR A 20 -9.93 -4.55 -7.82
N ARG A 21 -11.19 -4.68 -8.18
CA ARG A 21 -11.93 -5.90 -7.78
C ARG A 21 -11.08 -7.14 -7.96
N PHE A 22 -10.73 -7.74 -6.87
CA PHE A 22 -9.89 -8.96 -6.92
C PHE A 22 -9.70 -9.55 -5.53
N ASP A 23 -8.60 -10.26 -5.36
CA ASP A 23 -8.30 -10.87 -4.03
C ASP A 23 -6.88 -10.51 -3.60
N LYS A 24 -6.64 -10.61 -2.32
CA LYS A 24 -5.27 -10.27 -1.81
C LYS A 24 -4.45 -11.53 -1.58
N LYS A 25 -4.84 -12.29 -0.59
CA LYS A 25 -4.10 -13.53 -0.31
C LYS A 25 -3.76 -14.25 -1.60
N GLU A 26 -4.53 -13.96 -2.62
CA GLU A 26 -4.27 -14.59 -3.93
C GLU A 26 -3.13 -13.88 -4.61
N LEU A 27 -3.25 -12.59 -4.69
CA LEU A 27 -2.18 -11.81 -5.33
C LEU A 27 -0.92 -11.91 -4.51
N GLN A 28 -1.09 -12.04 -3.22
CA GLN A 28 0.08 -12.15 -2.34
C GLN A 28 0.89 -13.38 -2.72
N GLN A 29 0.19 -14.46 -2.95
CA GLN A 29 0.90 -15.71 -3.32
C GLN A 29 1.69 -15.49 -4.60
N TRP A 30 1.06 -14.84 -5.55
CA TRP A 30 1.75 -14.59 -6.83
C TRP A 30 2.79 -13.48 -6.68
N TYR A 31 2.43 -12.46 -5.94
CA TYR A 31 3.37 -11.34 -5.73
C TYR A 31 4.71 -11.86 -5.24
N LYS A 32 4.66 -12.72 -4.27
CA LYS A 32 5.93 -13.27 -3.73
C LYS A 32 6.59 -14.17 -4.76
N GLY A 33 5.79 -14.91 -5.48
CA GLY A 33 6.36 -15.82 -6.50
C GLY A 33 6.92 -15.00 -7.66
N PHE A 34 6.23 -13.94 -7.99
CA PHE A 34 6.70 -13.09 -9.11
C PHE A 34 8.02 -12.43 -8.77
N PHE A 35 8.12 -11.97 -7.55
CA PHE A 35 9.38 -11.31 -7.13
C PHE A 35 10.49 -12.35 -7.04
N LYS A 36 10.12 -13.58 -6.79
CA LYS A 36 11.14 -14.65 -6.70
C LYS A 36 11.85 -14.81 -8.03
N ASP A 37 11.08 -14.82 -9.08
CA ASP A 37 11.68 -14.98 -10.42
C ASP A 37 12.37 -13.69 -10.84
N CYS A 38 11.89 -12.59 -10.32
CA CYS A 38 12.48 -11.28 -10.67
C CYS A 38 12.26 -10.27 -9.54
N PRO A 39 13.08 -10.36 -8.52
CA PRO A 39 12.98 -9.45 -7.38
C PRO A 39 13.23 -8.01 -7.77
N SER A 40 13.44 -7.79 -9.05
CA SER A 40 13.70 -6.41 -9.50
C SER A 40 12.51 -5.52 -9.15
N GLY A 41 12.61 -4.82 -8.06
CA GLY A 41 11.50 -3.93 -7.65
C GLY A 41 11.00 -3.09 -8.84
N HIS A 42 11.78 -3.08 -9.88
CA HIS A 42 11.36 -2.30 -11.08
C HIS A 42 10.54 -3.15 -12.02
N LEU A 43 9.53 -2.57 -12.60
CA LEU A 43 8.67 -3.33 -13.54
C LEU A 43 8.22 -2.46 -14.71
N ASN A 44 7.97 -3.10 -15.83
CA ASN A 44 7.54 -2.33 -17.03
C ASN A 44 6.02 -2.33 -17.16
N LYS A 45 5.52 -1.39 -17.91
CA LYS A 45 4.05 -1.31 -18.10
C LYS A 45 3.52 -2.48 -18.93
N SER A 46 4.31 -2.89 -19.89
CA SER A 46 3.87 -4.02 -20.75
C SER A 46 3.57 -5.26 -19.91
N GLU A 47 4.52 -5.65 -19.12
CA GLU A 47 4.32 -6.84 -18.27
C GLU A 47 3.13 -6.63 -17.33
N PHE A 48 2.95 -5.41 -16.91
CA PHE A 48 1.83 -5.11 -15.98
C PHE A 48 0.49 -5.32 -16.69
N GLN A 49 0.45 -5.01 -17.95
CA GLN A 49 -0.83 -5.18 -18.69
C GLN A 49 -1.20 -6.65 -18.80
N LYS A 50 -0.23 -7.46 -19.12
CA LYS A 50 -0.51 -8.92 -19.24
C LYS A 50 -0.96 -9.49 -17.90
N ILE A 51 -0.34 -9.04 -16.84
CA ILE A 51 -0.73 -9.56 -15.51
C ILE A 51 -2.17 -9.17 -15.18
N TYR A 52 -2.53 -7.98 -15.54
CA TYR A 52 -3.91 -7.52 -15.26
C TYR A 52 -4.93 -8.42 -15.95
N LYS A 53 -4.65 -8.77 -17.17
CA LYS A 53 -5.59 -9.65 -17.90
C LYS A 53 -5.67 -11.01 -17.23
N GLN A 54 -4.78 -11.25 -16.33
CA GLN A 54 -4.78 -12.56 -15.62
C GLN A 54 -5.76 -12.54 -14.45
N PHE A 55 -5.56 -11.62 -13.56
CA PHE A 55 -6.48 -11.54 -12.39
C PHE A 55 -7.77 -10.84 -12.79
N PHE A 56 -7.65 -9.78 -13.53
CA PHE A 56 -8.86 -9.04 -13.97
C PHE A 56 -9.24 -9.45 -15.40
N PRO A 57 -10.53 -9.41 -15.70
CA PRO A 57 -11.00 -9.79 -17.02
C PRO A 57 -10.28 -8.99 -18.10
N PHE A 58 -10.70 -7.77 -18.28
CA PHE A 58 -10.03 -6.92 -19.31
C PHE A 58 -10.55 -5.50 -19.26
N GLY A 59 -11.77 -5.31 -19.68
CA GLY A 59 -12.35 -3.94 -19.67
C GLY A 59 -11.33 -2.93 -20.22
N ASP A 60 -10.56 -2.36 -19.33
CA ASP A 60 -9.54 -1.35 -19.76
C ASP A 60 -8.21 -1.62 -19.04
N PRO A 61 -7.43 -2.53 -19.61
CA PRO A 61 -6.12 -2.89 -19.05
C PRO A 61 -5.09 -1.80 -19.25
N SER A 62 -4.92 -1.37 -20.46
CA SER A 62 -3.91 -0.31 -20.73
C SER A 62 -4.33 0.97 -20.05
N ALA A 63 -5.61 1.11 -19.87
CA ALA A 63 -6.11 2.33 -19.22
C ALA A 63 -5.74 2.33 -17.75
N PHE A 64 -6.05 1.25 -17.08
CA PHE A 64 -5.70 1.19 -15.65
C PHE A 64 -4.21 1.39 -15.45
N ALA A 65 -3.44 0.90 -16.39
CA ALA A 65 -1.97 1.05 -16.29
C ALA A 65 -1.61 2.52 -16.34
N GLU A 66 -2.24 3.22 -17.25
CA GLU A 66 -1.95 4.66 -17.36
C GLU A 66 -2.28 5.35 -16.05
N TYR A 67 -3.17 4.73 -15.31
CA TYR A 67 -3.56 5.31 -14.01
C TYR A 67 -2.39 5.27 -13.08
N VAL A 68 -1.96 4.08 -12.81
CA VAL A 68 -0.83 3.90 -11.91
C VAL A 68 0.29 4.87 -12.27
N PHE A 69 0.46 5.10 -13.55
CA PHE A 69 1.52 6.04 -13.98
C PHE A 69 1.16 7.46 -13.60
N ASN A 70 -0.10 7.78 -13.72
CA ASN A 70 -0.54 9.16 -13.37
C ASN A 70 -0.34 9.40 -11.87
N VAL A 71 -0.31 8.32 -11.13
CA VAL A 71 -0.11 8.44 -9.66
C VAL A 71 1.34 8.20 -9.27
N PHE A 72 1.87 7.08 -9.73
CA PHE A 72 3.29 6.79 -9.39
C PHE A 72 4.24 7.42 -10.41
N ASP A 73 4.05 7.09 -11.66
CA ASP A 73 4.94 7.67 -12.70
C ASP A 73 4.60 9.13 -12.92
N ALA A 74 4.67 9.88 -11.86
CA ALA A 74 4.36 11.32 -11.96
C ALA A 74 5.33 12.03 -12.90
N ASP A 75 6.58 11.69 -12.81
CA ASP A 75 7.58 12.34 -13.69
C ASP A 75 7.65 11.64 -15.03
N LYS A 76 6.58 10.99 -15.38
CA LYS A 76 6.55 10.27 -16.69
C LYS A 76 7.86 9.54 -16.93
N ASN A 77 8.58 9.28 -15.86
CA ASN A 77 9.88 8.58 -16.01
C ASN A 77 9.76 7.41 -17.00
N GLY A 78 9.21 6.32 -16.55
CA GLY A 78 9.08 5.15 -17.46
C GLY A 78 8.65 3.91 -16.68
N TYR A 79 9.51 3.44 -15.82
CA TYR A 79 9.17 2.23 -15.03
C TYR A 79 8.62 2.61 -13.65
N ILE A 80 7.89 1.70 -13.05
CA ILE A 80 7.31 1.98 -11.71
C ILE A 80 7.67 0.87 -10.74
N ASP A 81 7.54 1.15 -9.47
CA ASP A 81 7.87 0.13 -8.44
C ASP A 81 6.65 -0.71 -8.12
N PHE A 82 6.74 -1.98 -8.43
CA PHE A 82 5.60 -2.89 -8.14
C PHE A 82 5.37 -3.03 -6.65
N LYS A 83 6.43 -3.30 -5.92
CA LYS A 83 6.27 -3.46 -4.45
C LYS A 83 5.54 -2.27 -3.84
N GLU A 84 5.90 -1.10 -4.27
CA GLU A 84 5.24 0.11 -3.73
C GLU A 84 3.76 0.12 -4.08
N PHE A 85 3.43 -0.48 -5.19
CA PHE A 85 2.01 -0.51 -5.60
C PHE A 85 1.20 -1.38 -4.65
N ILE A 86 1.75 -2.50 -4.28
CA ILE A 86 1.04 -3.40 -3.36
C ILE A 86 0.74 -2.70 -2.04
N CYS A 87 1.74 -2.06 -1.50
CA CYS A 87 1.52 -1.35 -0.22
C CYS A 87 0.38 -0.35 -0.35
N ALA A 88 0.37 0.37 -1.44
CA ALA A 88 -0.71 1.36 -1.65
C ALA A 88 -2.03 0.65 -1.88
N LEU A 89 -1.96 -0.50 -2.49
CA LEU A 89 -3.20 -1.26 -2.75
C LEU A 89 -3.94 -1.50 -1.44
N SER A 90 -3.19 -1.68 -0.38
CA SER A 90 -3.83 -1.92 0.93
C SER A 90 -4.92 -0.88 1.18
N VAL A 91 -4.70 0.31 0.70
CA VAL A 91 -5.70 1.38 0.91
C VAL A 91 -7.02 1.00 0.26
N THR A 92 -6.97 0.66 -1.00
CA THR A 92 -8.22 0.28 -1.70
C THR A 92 -8.45 -1.22 -1.62
N SER A 93 -9.16 -1.65 -0.62
CA SER A 93 -9.42 -3.11 -0.47
C SER A 93 -10.48 -3.35 0.60
N ARG A 94 -10.58 -4.59 1.03
CA ARG A 94 -11.58 -4.92 2.07
C ARG A 94 -11.03 -5.92 3.05
N GLY A 95 -11.90 -6.61 3.74
CA GLY A 95 -11.44 -7.62 4.73
C GLY A 95 -11.40 -7.01 6.14
N GLU A 96 -10.64 -7.62 7.00
CA GLU A 96 -10.55 -7.09 8.39
C GLU A 96 -9.42 -6.08 8.51
N LEU A 97 -9.10 -5.72 9.73
CA LEU A 97 -8.01 -4.74 9.94
C LEU A 97 -6.69 -5.45 10.26
N ASN A 98 -6.77 -6.74 10.41
CA ASN A 98 -5.53 -7.51 10.72
C ASN A 98 -4.75 -7.80 9.44
N ASP A 99 -5.46 -8.13 8.40
CA ASP A 99 -4.78 -8.43 7.12
C ASP A 99 -4.07 -7.19 6.58
N LYS A 100 -4.63 -6.04 6.85
CA LYS A 100 -4.00 -4.79 6.35
C LYS A 100 -2.58 -4.67 6.88
N LEU A 101 -2.44 -4.81 8.17
CA LEU A 101 -1.09 -4.70 8.77
C LEU A 101 -0.21 -5.85 8.30
N ILE A 102 -0.72 -7.03 8.41
CA ILE A 102 0.07 -8.21 7.96
C ILE A 102 0.53 -8.01 6.54
N TRP A 103 -0.38 -7.65 5.70
CA TRP A 103 -0.03 -7.43 4.27
C TRP A 103 1.19 -6.54 4.17
N ALA A 104 1.15 -5.44 4.87
CA ALA A 104 2.30 -4.51 4.83
C ALA A 104 3.57 -5.23 5.26
N PHE A 105 3.46 -6.05 6.26
CA PHE A 105 4.64 -6.79 6.74
C PHE A 105 5.14 -7.76 5.68
N GLN A 106 4.26 -8.59 5.18
CA GLN A 106 4.69 -9.54 4.15
C GLN A 106 5.20 -8.81 2.92
N LEU A 107 4.99 -7.53 2.91
CA LEU A 107 5.45 -6.73 1.76
C LEU A 107 6.93 -6.39 1.88
N TYR A 108 7.31 -5.87 3.01
CA TYR A 108 8.74 -5.53 3.21
C TYR A 108 9.55 -6.70 3.76
N ASP A 109 9.07 -7.89 3.50
CA ASP A 109 9.79 -9.11 4.01
C ASP A 109 10.22 -10.01 2.86
N LEU A 110 10.63 -9.40 1.78
CA LEU A 110 11.07 -10.20 0.60
C LEU A 110 12.58 -10.43 0.64
N ASP A 111 13.12 -10.30 1.80
CA ASP A 111 14.59 -10.49 1.98
C ASP A 111 14.86 -11.60 2.98
N ASN A 112 13.96 -12.55 3.04
CA ASN A 112 14.13 -13.69 3.98
C ASN A 112 14.68 -13.22 5.31
N ASN A 113 14.26 -12.03 5.70
CA ASN A 113 14.74 -11.47 6.99
C ASN A 113 13.63 -11.47 8.03
N GLY A 114 12.41 -11.34 7.58
CA GLY A 114 11.27 -11.33 8.54
C GLY A 114 11.49 -10.29 9.63
N LEU A 115 12.33 -9.33 9.33
CA LEU A 115 12.61 -8.26 10.32
C LEU A 115 12.80 -6.93 9.62
N ILE A 116 11.83 -6.05 9.75
CA ILE A 116 11.97 -4.73 9.09
C ILE A 116 12.64 -3.74 10.02
N SER A 117 13.18 -2.69 9.45
CA SER A 117 13.87 -1.66 10.27
C SER A 117 13.13 -0.34 10.26
N TYR A 118 13.45 0.48 11.20
CA TYR A 118 12.78 1.80 11.30
C TYR A 118 12.76 2.48 9.93
N ASP A 119 13.82 2.29 9.18
CA ASP A 119 13.88 2.93 7.85
C ASP A 119 12.76 2.39 6.97
N GLU A 120 12.72 1.10 6.83
CA GLU A 120 11.66 0.49 5.99
C GLU A 120 10.30 0.88 6.51
N MET A 121 10.19 1.05 7.80
CA MET A 121 8.88 1.42 8.38
C MET A 121 8.43 2.77 7.83
N LEU A 122 9.37 3.66 7.66
CA LEU A 122 9.01 4.99 7.12
C LEU A 122 8.62 4.87 5.66
N ARG A 123 9.33 4.05 4.93
CA ARG A 123 9.01 3.88 3.50
C ARG A 123 7.64 3.25 3.33
N ILE A 124 7.25 2.46 4.30
CA ILE A 124 5.93 1.81 4.23
C ILE A 124 4.82 2.86 4.32
N VAL A 125 4.77 3.52 5.44
CA VAL A 125 3.73 4.55 5.62
C VAL A 125 3.87 5.63 4.54
N ASP A 126 5.05 5.70 3.98
CA ASP A 126 5.28 6.72 2.92
C ASP A 126 4.58 6.30 1.65
N ALA A 127 4.71 5.06 1.30
CA ALA A 127 4.06 4.58 0.05
C ALA A 127 2.57 4.88 0.12
N ILE A 128 1.99 4.66 1.27
CA ILE A 128 0.54 4.93 1.41
C ILE A 128 0.28 6.42 1.34
N TYR A 129 1.22 7.18 1.85
CA TYR A 129 1.07 8.66 1.82
C TYR A 129 1.18 9.18 0.40
N LYS A 130 1.80 8.42 -0.46
CA LYS A 130 1.94 8.86 -1.86
C LYS A 130 0.64 8.62 -2.63
N MET A 131 0.09 7.45 -2.46
CA MET A 131 -1.18 7.15 -3.17
C MET A 131 -2.32 7.99 -2.62
N VAL A 132 -2.17 8.46 -1.40
CA VAL A 132 -3.24 9.28 -0.81
C VAL A 132 -3.56 10.49 -1.69
N GLY A 133 -2.54 11.04 -2.29
CA GLY A 133 -2.77 12.22 -3.17
C GLY A 133 -3.54 11.83 -4.43
N SER A 134 -3.66 10.55 -4.65
CA SER A 134 -4.40 10.08 -5.87
C SER A 134 -5.86 10.51 -5.80
N MET A 135 -6.51 10.17 -4.71
CA MET A 135 -7.93 10.54 -4.57
C MET A 135 -8.08 11.85 -3.81
N VAL A 136 -7.85 11.79 -2.53
CA VAL A 136 -7.99 13.03 -1.72
C VAL A 136 -6.71 13.87 -1.82
N LYS A 137 -6.80 15.09 -1.37
CA LYS A 137 -5.61 15.97 -1.43
C LYS A 137 -4.56 15.54 -0.41
N LEU A 138 -3.66 16.44 -0.08
CA LEU A 138 -2.60 16.12 0.91
C LEU A 138 -2.48 17.24 1.97
N PRO A 139 -2.34 16.87 3.23
CA PRO A 139 -2.23 17.84 4.30
C PRO A 139 -0.96 18.70 4.14
N GLU A 140 -1.14 19.90 3.66
CA GLU A 140 0.03 20.80 3.48
C GLU A 140 0.11 21.79 4.60
N ASP A 141 0.04 21.29 5.79
CA ASP A 141 0.11 22.18 6.98
C ASP A 141 0.82 21.49 8.12
N GLU A 142 1.01 20.21 8.00
CA GLU A 142 1.70 19.45 9.08
C GLU A 142 2.33 18.18 8.53
N ASP A 143 3.25 18.35 7.60
CA ASP A 143 3.92 17.15 7.03
C ASP A 143 4.95 16.58 7.99
N THR A 144 4.58 15.50 8.60
CA THR A 144 5.51 14.84 9.57
C THR A 144 4.86 13.59 10.15
N PRO A 145 4.63 12.63 9.29
CA PRO A 145 4.02 11.36 9.68
C PRO A 145 4.90 10.58 10.64
N GLU A 146 6.16 10.90 10.67
CA GLU A 146 7.07 10.19 11.59
C GLU A 146 6.52 10.16 13.01
N LYS A 147 5.87 11.22 13.39
CA LYS A 147 5.30 11.27 14.77
C LYS A 147 4.50 10.00 15.05
N ARG A 148 3.86 9.48 14.04
CA ARG A 148 3.06 8.25 14.23
C ARG A 148 3.98 7.04 14.42
N VAL A 149 4.79 6.79 13.44
CA VAL A 149 5.72 5.63 13.53
C VAL A 149 6.63 5.77 14.74
N ASN A 150 7.13 6.96 14.94
CA ASN A 150 8.03 7.18 16.10
C ASN A 150 7.36 6.75 17.39
N LYS A 151 6.14 7.15 17.56
CA LYS A 151 5.40 6.78 18.79
C LYS A 151 5.40 5.26 18.97
N ILE A 152 5.07 4.55 17.93
CA ILE A 152 5.05 3.07 18.04
C ILE A 152 6.37 2.59 18.60
N PHE A 153 7.44 3.11 18.07
CA PHE A 153 8.77 2.68 18.57
C PHE A 153 8.98 3.19 19.99
N ASN A 154 8.36 4.30 20.29
CA ASN A 154 8.49 4.86 21.65
C ASN A 154 7.60 4.09 22.62
N MET A 155 6.69 3.36 22.05
CA MET A 155 5.77 2.56 22.90
C MET A 155 6.42 1.25 23.30
N MET A 156 6.95 0.56 22.34
CA MET A 156 7.60 -0.74 22.64
C MET A 156 8.93 -0.52 23.36
N ASP A 157 9.42 0.69 23.29
CA ASP A 157 10.71 0.98 23.96
C ASP A 157 11.83 0.12 23.39
N LYS A 158 11.82 -0.03 22.09
CA LYS A 158 12.86 -0.87 21.46
C LYS A 158 14.14 -0.06 21.21
N ASN A 159 14.71 -0.21 20.05
CA ASN A 159 15.94 0.54 19.73
C ASN A 159 15.93 1.01 18.28
N LYS A 160 16.27 2.25 18.06
CA LYS A 160 16.29 2.77 16.67
C LYS A 160 17.07 1.85 15.74
N ASP A 161 17.83 0.95 16.31
CA ASP A 161 18.63 0.01 15.48
C ASP A 161 18.01 -1.39 15.47
N GLY A 162 17.15 -1.63 16.41
CA GLY A 162 16.50 -2.97 16.47
C GLY A 162 15.48 -3.13 15.34
N GLN A 163 15.04 -4.35 15.13
CA GLN A 163 14.05 -4.60 14.05
C GLN A 163 12.72 -5.07 14.64
N LEU A 164 11.68 -4.94 13.86
CA LEU A 164 10.33 -5.36 14.35
C LEU A 164 9.85 -6.61 13.62
N THR A 165 9.12 -7.44 14.33
CA THR A 165 8.60 -8.69 13.72
C THR A 165 7.11 -8.54 13.42
N LEU A 166 6.61 -9.39 12.57
CA LEU A 166 5.18 -9.32 12.22
C LEU A 166 4.34 -9.27 13.48
N GLU A 167 4.38 -10.35 14.20
CA GLU A 167 3.60 -10.42 15.46
C GLU A 167 3.71 -9.11 16.26
N GLU A 168 4.92 -8.68 16.49
CA GLU A 168 5.10 -7.42 17.27
C GLU A 168 4.57 -6.22 16.49
N PHE A 169 4.85 -6.19 15.21
CA PHE A 169 4.36 -5.06 14.39
C PHE A 169 2.87 -4.81 14.64
N CYS A 170 2.15 -5.87 14.84
CA CYS A 170 0.70 -5.72 15.09
C CYS A 170 0.46 -5.24 16.52
N GLU A 171 1.26 -5.75 17.42
CA GLU A 171 1.11 -5.34 18.84
C GLU A 171 1.61 -3.92 19.06
N GLY A 172 2.34 -3.40 18.10
CA GLY A 172 2.87 -2.02 18.25
C GLY A 172 1.86 -0.98 17.73
N SER A 173 1.30 -1.25 16.58
CA SER A 173 0.32 -0.29 16.02
C SER A 173 -1.07 -0.50 16.61
N LYS A 174 -1.49 -1.73 16.65
CA LYS A 174 -2.84 -2.00 17.21
C LYS A 174 -2.95 -1.46 18.64
N ARG A 175 -1.87 -0.87 19.11
CA ARG A 175 -1.89 -0.31 20.48
C ARG A 175 -2.11 1.19 20.44
N ASP A 176 -2.20 1.73 19.25
CA ASP A 176 -2.40 3.20 19.11
C ASP A 176 -3.67 3.49 18.29
N PRO A 177 -4.80 3.60 18.98
CA PRO A 177 -6.06 3.88 18.31
C PRO A 177 -6.05 5.25 17.64
N THR A 178 -5.41 5.27 16.52
CA THR A 178 -5.30 6.51 15.74
C THR A 178 -4.73 6.15 14.41
N ILE A 179 -3.89 5.17 14.45
CA ILE A 179 -3.26 4.70 13.21
C ILE A 179 -4.18 3.67 12.66
N VAL A 180 -5.12 3.32 13.51
CA VAL A 180 -6.12 2.32 13.17
C VAL A 180 -7.32 3.02 12.57
N SER A 181 -7.54 4.25 12.97
CA SER A 181 -8.70 5.01 12.43
C SER A 181 -8.31 5.71 11.13
N ALA A 182 -7.05 6.03 11.02
CA ALA A 182 -6.57 6.72 9.79
C ALA A 182 -6.67 5.79 8.58
N LEU A 183 -5.98 4.69 8.65
CA LEU A 183 -6.01 3.74 7.51
C LEU A 183 -7.44 3.47 7.07
N SER A 184 -8.36 3.70 7.97
CA SER A 184 -9.78 3.45 7.62
C SER A 184 -10.40 4.66 6.95
N LEU A 185 -10.04 4.89 5.71
CA LEU A 185 -10.60 6.06 4.98
C LEU A 185 -12.02 5.79 4.53
N TYR A 186 -12.15 4.90 3.57
CA TYR A 186 -13.51 4.58 3.06
C TYR A 186 -13.63 3.08 2.79
N ASP A 187 -12.90 2.32 3.55
CA ASP A 187 -12.95 0.85 3.37
C ASP A 187 -14.10 0.24 4.18
N GLY A 188 -15.28 0.72 3.95
CA GLY A 188 -16.45 0.18 4.70
C GLY A 188 -17.75 0.50 3.96
N LEU A 189 -17.70 0.51 2.66
CA LEU A 189 -18.92 0.81 1.88
C LEU A 189 -18.83 0.22 0.47
N VAL A 190 -18.21 -0.93 0.38
CA VAL A 190 -18.06 -1.58 -0.95
C VAL A 190 -19.12 -2.64 -1.16
C1 MYR A 1 -6.78 14.57 5.13
O1 MYR A 1 -7.34 15.16 4.23
C2 MYR A 1 -5.62 13.62 4.85
C3 MYR A 1 -5.79 12.34 5.66
C4 MYR A 1 -4.59 11.42 5.42
C5 MYR A 1 -4.85 10.07 6.09
C6 MYR A 1 -3.61 9.20 5.96
C7 MYR A 1 -3.86 7.84 6.63
C8 MYR A 1 -2.76 6.86 6.24
C9 MYR A 1 -1.89 6.56 7.46
C10 MYR A 1 -0.93 5.42 7.14
C11 MYR A 1 0.06 5.24 8.29
C12 MYR A 1 0.76 3.89 8.16
C13 MYR A 1 -0.24 2.77 8.46
C14 MYR A 1 0.49 1.61 9.13
H21 MYR A 1 -5.60 13.38 3.80
H22 MYR A 1 -4.69 14.11 5.12
H31 MYR A 1 -5.84 12.59 6.72
H32 MYR A 1 -6.70 11.85 5.37
H41 MYR A 1 -4.47 11.27 4.36
H42 MYR A 1 -3.70 11.87 5.83
H51 MYR A 1 -5.08 10.23 7.14
H52 MYR A 1 -5.69 9.58 5.63
H61 MYR A 1 -3.39 9.04 4.91
H62 MYR A 1 -2.77 9.68 6.43
H71 MYR A 1 -3.87 7.97 7.70
H72 MYR A 1 -4.82 7.45 6.31
H81 MYR A 1 -3.20 5.94 5.88
H82 MYR A 1 -2.15 7.29 5.45
H91 MYR A 1 -1.32 7.44 7.73
H92 MYR A 1 -2.52 6.29 8.30
H101 MYR A 1 -1.49 4.51 7.00
H102 MYR A 1 -0.39 5.64 6.23
H111 MYR A 1 0.79 6.04 8.27
H112 MYR A 1 -0.47 5.28 9.23
H121 MYR A 1 1.15 3.78 7.16
H122 MYR A 1 1.58 3.84 8.87
H131 MYR A 1 -1.02 3.14 9.11
H132 MYR A 1 -0.69 2.43 7.54
H141 MYR A 1 -0.22 0.89 9.49
H142 MYR A 1 1.07 1.98 9.96
H143 MYR A 1 1.15 1.13 8.42
N GLY A 2 -7.15 14.70 6.38
CA GLY A 2 -8.27 15.60 6.74
C GLY A 2 -9.57 15.14 6.05
N LYS A 3 -10.54 16.01 6.01
CA LYS A 3 -11.82 15.63 5.36
C LYS A 3 -11.58 15.14 3.94
N SER A 4 -12.40 14.22 3.51
CA SER A 4 -12.23 13.69 2.13
C SER A 4 -12.80 14.65 1.11
N GLN A 5 -11.95 15.15 0.24
CA GLN A 5 -12.42 16.10 -0.79
C GLN A 5 -11.70 15.87 -2.11
N SER A 6 -11.76 14.66 -2.60
CA SER A 6 -11.08 14.36 -3.88
C SER A 6 -11.69 15.17 -5.02
N LYS A 7 -10.85 15.79 -5.79
CA LYS A 7 -11.36 16.60 -6.93
C LYS A 7 -11.90 15.70 -8.05
N LEU A 8 -11.37 14.50 -8.12
CA LEU A 8 -11.85 13.57 -9.18
C LEU A 8 -13.35 13.34 -9.07
N SER A 9 -13.93 12.84 -10.13
CA SER A 9 -15.40 12.59 -10.12
C SER A 9 -15.72 11.32 -9.34
N GLN A 10 -16.94 11.19 -8.93
CA GLN A 10 -17.34 9.98 -8.16
C GLN A 10 -17.25 8.74 -9.03
N ASP A 11 -17.89 8.78 -10.16
CA ASP A 11 -17.86 7.61 -11.07
C ASP A 11 -16.45 7.06 -11.18
N GLN A 12 -15.51 7.94 -11.38
CA GLN A 12 -14.10 7.48 -11.50
C GLN A 12 -13.71 6.68 -10.27
N LEU A 13 -13.97 7.24 -9.12
CA LEU A 13 -13.62 6.52 -7.88
C LEU A 13 -14.28 5.15 -7.86
N GLN A 14 -15.57 5.13 -8.10
CA GLN A 14 -16.28 3.85 -8.10
C GLN A 14 -15.64 2.90 -9.11
N ASP A 15 -15.16 3.47 -10.18
CA ASP A 15 -14.52 2.63 -11.23
C ASP A 15 -13.23 2.03 -10.68
N LEU A 16 -12.52 2.80 -9.91
CA LEU A 16 -11.25 2.29 -9.34
C LEU A 16 -11.53 1.11 -8.42
N VAL A 17 -12.71 1.12 -7.86
CA VAL A 17 -13.08 0.01 -6.94
C VAL A 17 -13.47 -1.22 -7.73
N ARG A 18 -14.45 -1.07 -8.57
CA ARG A 18 -14.90 -2.23 -9.38
C ARG A 18 -13.79 -2.70 -10.32
N SER A 19 -12.80 -1.85 -10.50
CA SER A 19 -11.68 -2.24 -11.40
C SER A 19 -10.70 -3.14 -10.66
N THR A 20 -10.51 -2.86 -9.40
CA THR A 20 -9.57 -3.68 -8.60
C THR A 20 -10.31 -4.86 -7.97
N ARG A 21 -11.53 -5.05 -8.39
CA ARG A 21 -12.33 -6.18 -7.83
C ARG A 21 -11.71 -7.53 -8.17
N PHE A 22 -11.22 -8.17 -7.16
CA PHE A 22 -10.58 -9.49 -7.34
C PHE A 22 -10.16 -10.07 -6.01
N ASP A 23 -9.50 -11.20 -6.05
CA ASP A 23 -9.05 -11.83 -4.78
C ASP A 23 -7.73 -11.22 -4.32
N LYS A 24 -7.22 -11.72 -3.22
CA LYS A 24 -5.94 -11.21 -2.68
C LYS A 24 -5.00 -12.35 -2.43
N LYS A 25 -5.37 -13.18 -1.48
CA LYS A 25 -4.51 -14.34 -1.15
C LYS A 25 -4.00 -14.98 -2.44
N GLU A 26 -4.70 -14.73 -3.52
CA GLU A 26 -4.27 -15.32 -4.80
C GLU A 26 -3.06 -14.59 -5.33
N LEU A 27 -3.17 -13.30 -5.38
CA LEU A 27 -2.04 -12.51 -5.87
C LEU A 27 -0.83 -12.72 -4.97
N GLN A 28 -1.09 -12.86 -3.70
CA GLN A 28 0.02 -13.08 -2.76
C GLN A 28 0.80 -14.31 -3.17
N GLN A 29 0.10 -15.35 -3.49
CA GLN A 29 0.80 -16.59 -3.91
C GLN A 29 1.61 -16.32 -5.17
N TRP A 30 1.08 -15.47 -6.01
CA TRP A 30 1.79 -15.15 -7.27
C TRP A 30 2.93 -14.17 -7.01
N TYR A 31 2.60 -13.07 -6.40
CA TYR A 31 3.63 -12.06 -6.11
C TYR A 31 4.83 -12.69 -5.42
N LYS A 32 4.56 -13.57 -4.51
CA LYS A 32 5.68 -14.24 -3.79
C LYS A 32 6.50 -15.10 -4.74
N GLY A 33 5.82 -15.94 -5.48
CA GLY A 33 6.55 -16.81 -6.44
C GLY A 33 7.23 -15.97 -7.53
N PHE A 34 6.60 -14.88 -7.88
CA PHE A 34 7.18 -14.01 -8.94
C PHE A 34 8.42 -13.29 -8.41
N PHE A 35 8.36 -12.87 -7.18
CA PHE A 35 9.54 -12.15 -6.61
C PHE A 35 10.65 -13.15 -6.29
N LYS A 36 10.29 -14.39 -6.19
CA LYS A 36 11.31 -15.43 -5.88
C LYS A 36 12.08 -15.81 -7.13
N ASP A 37 11.40 -15.76 -8.26
CA ASP A 37 12.07 -16.12 -9.53
C ASP A 37 12.69 -14.89 -10.19
N CYS A 38 11.97 -13.79 -10.11
CA CYS A 38 12.48 -12.53 -10.72
C CYS A 38 12.54 -11.42 -9.67
N PRO A 39 13.61 -11.43 -8.88
CA PRO A 39 13.80 -10.43 -7.84
C PRO A 39 14.00 -9.04 -8.43
N SER A 40 13.39 -8.79 -9.55
CA SER A 40 13.53 -7.46 -10.18
C SER A 40 13.16 -6.35 -9.22
N GLY A 41 11.89 -6.27 -8.89
CA GLY A 41 11.43 -5.21 -7.95
C GLY A 41 10.83 -4.04 -8.73
N HIS A 42 11.55 -3.58 -9.73
CA HIS A 42 11.04 -2.45 -10.54
C HIS A 42 10.21 -2.98 -11.70
N LEU A 43 8.99 -2.47 -11.82
CA LEU A 43 8.11 -2.92 -12.93
C LEU A 43 7.91 -1.83 -13.97
N ASN A 44 7.69 -2.26 -15.20
CA ASN A 44 7.49 -1.29 -16.30
C ASN A 44 6.00 -1.17 -16.62
N LYS A 45 5.64 -0.10 -17.28
CA LYS A 45 4.22 0.10 -17.63
C LYS A 45 3.67 -1.06 -18.46
N SER A 46 4.40 -1.45 -19.45
CA SER A 46 3.93 -2.59 -20.30
C SER A 46 3.69 -3.85 -19.46
N GLU A 47 4.67 -4.20 -18.67
CA GLU A 47 4.53 -5.40 -17.83
C GLU A 47 3.30 -5.30 -16.93
N PHE A 48 3.01 -4.12 -16.49
CA PHE A 48 1.83 -3.94 -15.61
C PHE A 48 0.54 -4.24 -16.35
N GLN A 49 0.47 -3.86 -17.58
CA GLN A 49 -0.75 -4.13 -18.38
C GLN A 49 -0.98 -5.62 -18.55
N LYS A 50 0.10 -6.34 -18.69
CA LYS A 50 -0.05 -7.82 -18.86
C LYS A 50 -0.57 -8.48 -17.60
N ILE A 51 -0.05 -8.09 -16.48
CA ILE A 51 -0.51 -8.69 -15.21
C ILE A 51 -1.92 -8.22 -14.88
N TYR A 52 -2.23 -7.00 -15.22
CA TYR A 52 -3.59 -6.51 -14.91
C TYR A 52 -4.62 -7.18 -15.81
N LYS A 53 -4.23 -7.55 -17.00
CA LYS A 53 -5.19 -8.21 -17.92
C LYS A 53 -5.60 -9.58 -17.39
N GLN A 54 -4.69 -10.23 -16.70
CA GLN A 54 -5.02 -11.57 -16.17
C GLN A 54 -5.99 -11.50 -14.98
N PHE A 55 -5.78 -10.53 -14.13
CA PHE A 55 -6.68 -10.40 -12.95
C PHE A 55 -7.81 -9.39 -13.19
N PHE A 56 -7.85 -8.82 -14.36
CA PHE A 56 -8.93 -7.82 -14.65
C PHE A 56 -9.18 -7.68 -16.14
N PRO A 57 -9.69 -8.74 -16.72
CA PRO A 57 -9.99 -8.76 -18.15
C PRO A 57 -11.14 -7.82 -18.50
N PHE A 58 -11.96 -7.52 -17.51
CA PHE A 58 -13.10 -6.61 -17.76
C PHE A 58 -12.65 -5.18 -17.99
N GLY A 59 -11.70 -4.74 -17.22
CA GLY A 59 -11.20 -3.34 -17.39
C GLY A 59 -10.05 -3.28 -18.40
N ASP A 60 -9.78 -2.10 -18.88
CA ASP A 60 -8.68 -1.93 -19.86
C ASP A 60 -7.33 -1.71 -19.13
N PRO A 61 -6.37 -2.60 -19.35
CA PRO A 61 -5.06 -2.46 -18.70
C PRO A 61 -4.35 -1.17 -19.09
N SER A 62 -4.71 -0.63 -20.22
CA SER A 62 -4.06 0.63 -20.65
C SER A 62 -4.54 1.78 -19.80
N ALA A 63 -5.83 1.82 -19.60
CA ALA A 63 -6.41 2.90 -18.79
C ALA A 63 -5.85 2.83 -17.38
N PHE A 64 -5.97 1.68 -16.77
CA PHE A 64 -5.45 1.54 -15.39
C PHE A 64 -3.96 1.82 -15.39
N ALA A 65 -3.30 1.35 -16.41
CA ALA A 65 -1.84 1.57 -16.50
C ALA A 65 -1.55 3.06 -16.51
N GLU A 66 -2.24 3.76 -17.35
CA GLU A 66 -2.02 5.23 -17.42
C GLU A 66 -2.34 5.84 -16.06
N TYR A 67 -3.08 5.11 -15.27
CA TYR A 67 -3.45 5.63 -13.92
C TYR A 67 -2.29 5.46 -12.97
N VAL A 68 -1.94 4.24 -12.76
CA VAL A 68 -0.82 3.93 -11.85
C VAL A 68 0.34 4.88 -12.10
N PHE A 69 0.59 5.18 -13.33
CA PHE A 69 1.71 6.10 -13.64
C PHE A 69 1.38 7.50 -13.15
N ASN A 70 0.21 7.96 -13.51
CA ASN A 70 -0.18 9.32 -13.07
C ASN A 70 -0.07 9.43 -11.56
N VAL A 71 -0.13 8.31 -10.89
CA VAL A 71 -0.04 8.32 -9.41
C VAL A 71 1.35 7.95 -8.92
N PHE A 72 1.80 6.78 -9.31
CA PHE A 72 3.15 6.33 -8.88
C PHE A 72 4.24 6.90 -9.78
N ASP A 73 3.84 7.53 -10.85
CA ASP A 73 4.83 8.11 -11.78
C ASP A 73 4.41 9.49 -12.22
N ALA A 74 4.53 10.42 -11.33
CA ALA A 74 4.14 11.81 -11.64
C ALA A 74 5.35 12.66 -12.01
N ASP A 75 6.51 12.19 -11.64
CA ASP A 75 7.74 12.96 -11.97
C ASP A 75 8.30 12.53 -13.31
N LYS A 76 7.44 12.08 -14.16
CA LYS A 76 7.89 11.64 -15.50
C LYS A 76 9.13 10.77 -15.39
N ASN A 77 9.15 9.94 -14.37
CA ASN A 77 10.33 9.06 -14.18
C ASN A 77 10.46 8.06 -15.33
N GLY A 78 9.75 6.96 -15.21
CA GLY A 78 9.82 5.93 -16.29
C GLY A 78 9.47 4.55 -15.74
N TYR A 79 9.74 4.36 -14.47
CA TYR A 79 9.44 3.04 -13.84
C TYR A 79 8.85 3.23 -12.45
N ILE A 80 8.19 2.21 -11.96
CA ILE A 80 7.57 2.32 -10.60
C ILE A 80 7.83 1.06 -9.78
N ASP A 81 7.72 1.20 -8.48
CA ASP A 81 7.96 0.03 -7.60
C ASP A 81 6.66 -0.72 -7.36
N PHE A 82 6.63 -1.96 -7.77
CA PHE A 82 5.40 -2.77 -7.57
C PHE A 82 5.20 -3.11 -6.09
N LYS A 83 6.24 -2.99 -5.32
CA LYS A 83 6.12 -3.31 -3.89
C LYS A 83 5.22 -2.30 -3.19
N GLU A 84 5.43 -1.05 -3.46
CA GLU A 84 4.60 -0.01 -2.82
C GLU A 84 3.17 -0.10 -3.35
N PHE A 85 3.01 -0.77 -4.45
CA PHE A 85 1.66 -0.91 -5.02
C PHE A 85 0.85 -1.90 -4.22
N ILE A 86 1.41 -3.06 -3.99
CA ILE A 86 0.67 -4.07 -3.21
C ILE A 86 0.35 -3.53 -1.83
N CYS A 87 1.28 -2.83 -1.26
CA CYS A 87 1.04 -2.25 0.08
C CYS A 87 -0.13 -1.28 0.05
N ALA A 88 -0.10 -0.38 -0.90
CA ALA A 88 -1.20 0.60 -1.02
C ALA A 88 -2.48 -0.10 -1.41
N LEU A 89 -2.35 -1.19 -2.10
CA LEU A 89 -3.55 -1.94 -2.53
C LEU A 89 -4.35 -2.36 -1.32
N SER A 90 -3.66 -2.73 -0.27
CA SER A 90 -4.37 -3.16 0.95
C SER A 90 -5.46 -2.16 1.31
N VAL A 91 -5.23 -0.91 1.02
CA VAL A 91 -6.25 0.11 1.33
C VAL A 91 -7.60 -0.26 0.71
N THR A 92 -7.55 -0.70 -0.52
CA THR A 92 -8.82 -1.08 -1.20
C THR A 92 -9.28 -2.46 -0.76
N SER A 93 -10.25 -3.00 -1.46
CA SER A 93 -10.77 -4.34 -1.10
C SER A 93 -11.43 -4.31 0.28
N ARG A 94 -11.96 -5.44 0.68
CA ARG A 94 -12.63 -5.51 2.01
C ARG A 94 -12.34 -6.84 2.69
N GLY A 95 -11.52 -6.81 3.70
CA GLY A 95 -11.18 -8.06 4.42
C GLY A 95 -11.01 -7.79 5.92
N GLU A 96 -10.31 -8.67 6.58
CA GLU A 96 -10.09 -8.48 8.03
C GLU A 96 -8.90 -7.57 8.31
N LEU A 97 -8.85 -7.03 9.49
CA LEU A 97 -7.72 -6.13 9.83
C LEU A 97 -6.46 -6.92 10.15
N ASN A 98 -6.63 -8.18 10.44
CA ASN A 98 -5.45 -9.02 10.76
C ASN A 98 -4.62 -9.28 9.52
N ASP A 99 -5.26 -9.54 8.43
CA ASP A 99 -4.53 -9.80 7.17
C ASP A 99 -3.98 -8.51 6.59
N LYS A 100 -4.68 -7.44 6.80
CA LYS A 100 -4.20 -6.14 6.27
C LYS A 100 -2.81 -5.83 6.77
N LEU A 101 -2.65 -5.88 8.07
CA LEU A 101 -1.32 -5.59 8.64
C LEU A 101 -0.32 -6.65 8.19
N ILE A 102 -0.69 -7.88 8.37
CA ILE A 102 0.20 -8.99 7.97
C ILE A 102 0.60 -8.83 6.52
N TRP A 103 -0.38 -8.58 5.70
CA TRP A 103 -0.10 -8.41 4.26
C TRP A 103 1.04 -7.42 4.04
N ALA A 104 0.97 -6.32 4.75
CA ALA A 104 2.03 -5.31 4.60
C ALA A 104 3.33 -5.81 5.19
N PHE A 105 3.22 -6.50 6.29
CA PHE A 105 4.44 -7.04 6.93
C PHE A 105 5.04 -8.14 6.09
N GLN A 106 4.21 -9.04 5.62
CA GLN A 106 4.74 -10.14 4.79
C GLN A 106 5.38 -9.58 3.53
N LEU A 107 4.95 -8.41 3.15
CA LEU A 107 5.50 -7.77 1.94
C LEU A 107 6.95 -7.37 2.16
N TYR A 108 7.18 -6.61 3.18
CA TYR A 108 8.58 -6.17 3.46
C TYR A 108 9.34 -7.23 4.23
N ASP A 109 8.87 -8.46 4.15
CA ASP A 109 9.54 -9.56 4.87
C ASP A 109 10.14 -10.56 3.89
N LEU A 110 10.84 -10.04 2.90
CA LEU A 110 11.47 -10.93 1.88
C LEU A 110 12.98 -10.90 2.02
N ASP A 111 13.42 -10.49 3.15
CA ASP A 111 14.88 -10.42 3.40
C ASP A 111 15.40 -11.75 3.94
N ASN A 112 14.57 -12.76 3.86
CA ASN A 112 15.00 -14.10 4.36
C ASN A 112 15.45 -13.99 5.81
N ASN A 113 14.65 -13.34 6.62
CA ASN A 113 15.03 -13.20 8.04
C ASN A 113 13.77 -13.05 8.91
N GLY A 114 12.89 -12.19 8.49
CA GLY A 114 11.63 -11.98 9.29
C GLY A 114 11.77 -10.75 10.18
N LEU A 115 12.58 -9.81 9.75
CA LEU A 115 12.77 -8.58 10.56
C LEU A 115 13.00 -7.38 9.65
N ILE A 116 12.10 -6.42 9.71
CA ILE A 116 12.28 -5.22 8.85
C ILE A 116 13.08 -4.15 9.58
N SER A 117 13.65 -3.23 8.83
CA SER A 117 14.45 -2.15 9.47
C SER A 117 13.67 -0.84 9.53
N TYR A 118 14.10 0.03 10.40
CA TYR A 118 13.41 1.33 10.54
C TYR A 118 13.23 1.98 9.17
N ASP A 119 14.24 1.88 8.35
CA ASP A 119 14.14 2.48 7.00
C ASP A 119 12.93 1.93 6.26
N GLU A 120 12.70 0.66 6.42
CA GLU A 120 11.55 0.03 5.73
C GLU A 120 10.24 0.57 6.29
N MET A 121 10.25 0.94 7.53
CA MET A 121 9.02 1.48 8.15
C MET A 121 8.64 2.81 7.52
N LEU A 122 9.63 3.63 7.30
CA LEU A 122 9.35 4.95 6.67
C LEU A 122 8.87 4.78 5.24
N ARG A 123 9.47 3.83 4.55
CA ARG A 123 9.07 3.59 3.15
C ARG A 123 7.67 3.00 3.08
N ILE A 124 7.33 2.27 4.10
CA ILE A 124 5.98 1.64 4.13
C ILE A 124 4.90 2.72 4.25
N VAL A 125 4.94 3.45 5.32
CA VAL A 125 3.93 4.52 5.51
C VAL A 125 3.97 5.47 4.33
N ASP A 126 5.12 5.58 3.71
CA ASP A 126 5.24 6.48 2.55
C ASP A 126 4.47 5.91 1.38
N ALA A 127 4.52 4.62 1.23
CA ALA A 127 3.80 3.99 0.11
C ALA A 127 2.33 4.38 0.16
N ILE A 128 1.74 4.25 1.31
CA ILE A 128 0.31 4.61 1.42
C ILE A 128 0.15 6.10 1.17
N TYR A 129 1.14 6.86 1.55
CA TYR A 129 1.08 8.33 1.34
C TYR A 129 1.23 8.66 -0.13
N LYS A 130 1.83 7.77 -0.87
CA LYS A 130 2.00 8.03 -2.31
C LYS A 130 0.67 7.85 -3.03
N MET A 131 -0.10 6.90 -2.59
CA MET A 131 -1.41 6.66 -3.25
C MET A 131 -2.42 7.73 -2.81
N VAL A 132 -2.19 8.30 -1.67
CA VAL A 132 -3.11 9.35 -1.17
C VAL A 132 -3.34 10.42 -2.25
N GLY A 133 -2.30 10.73 -2.97
CA GLY A 133 -2.45 11.76 -4.05
C GLY A 133 -3.41 11.29 -5.13
N SER A 134 -3.79 10.05 -5.06
CA SER A 134 -4.73 9.52 -6.09
C SER A 134 -6.15 9.96 -5.79
N MET A 135 -6.48 10.05 -4.53
CA MET A 135 -7.85 10.47 -4.15
C MET A 135 -7.88 11.93 -3.73
N VAL A 136 -7.45 12.19 -2.52
CA VAL A 136 -7.44 13.59 -2.03
C VAL A 136 -6.13 14.30 -2.39
N LYS A 137 -6.12 15.59 -2.19
CA LYS A 137 -4.89 16.36 -2.51
C LYS A 137 -3.78 16.10 -1.50
N LEU A 138 -2.58 15.94 -2.00
CA LEU A 138 -1.43 15.68 -1.09
C LEU A 138 -1.13 16.91 -0.20
N PRO A 139 -1.22 16.73 1.12
CA PRO A 139 -0.96 17.84 2.04
C PRO A 139 0.51 18.25 1.99
N GLU A 140 0.76 19.52 2.21
CA GLU A 140 2.16 19.99 2.19
C GLU A 140 2.37 21.17 3.12
N ASP A 141 2.08 20.97 4.38
CA ASP A 141 2.24 22.06 5.36
C ASP A 141 1.73 21.64 6.74
N GLU A 142 1.26 20.44 6.83
CA GLU A 142 0.74 19.95 8.13
C GLU A 142 1.86 19.34 8.97
N ASP A 143 1.49 18.66 10.02
CA ASP A 143 2.51 18.04 10.89
C ASP A 143 3.45 17.14 10.08
N THR A 144 4.46 16.65 10.73
CA THR A 144 5.42 15.76 10.01
C THR A 144 5.03 14.28 10.19
N PRO A 145 4.90 13.55 9.08
CA PRO A 145 4.54 12.14 9.16
C PRO A 145 5.55 11.35 9.98
N GLU A 146 6.79 11.42 9.58
CA GLU A 146 7.84 10.69 10.33
C GLU A 146 7.62 10.81 11.83
N LYS A 147 7.07 11.91 12.22
CA LYS A 147 6.82 12.15 13.66
C LYS A 147 5.87 11.10 14.26
N ARG A 148 4.84 10.75 13.55
CA ARG A 148 3.90 9.74 14.10
C ARG A 148 4.53 8.34 14.07
N VAL A 149 5.35 8.09 13.10
CA VAL A 149 5.98 6.75 13.04
C VAL A 149 6.91 6.58 14.23
N ASN A 150 7.68 7.60 14.50
CA ASN A 150 8.60 7.53 15.65
C ASN A 150 7.81 7.20 16.90
N LYS A 151 6.72 7.90 17.06
CA LYS A 151 5.88 7.66 18.24
C LYS A 151 5.66 6.17 18.42
N ILE A 152 5.29 5.51 17.35
CA ILE A 152 5.06 4.05 17.44
C ILE A 152 6.31 3.37 17.99
N PHE A 153 7.43 3.71 17.42
CA PHE A 153 8.69 3.10 17.89
C PHE A 153 8.97 3.56 19.31
N ASN A 154 8.60 4.78 19.59
CA ASN A 154 8.82 5.33 20.94
C ASN A 154 7.85 4.67 21.90
N MET A 155 6.67 4.38 21.39
CA MET A 155 5.64 3.75 22.23
C MET A 155 6.09 2.35 22.64
N MET A 156 6.62 1.64 21.68
CA MET A 156 7.11 0.27 21.97
C MET A 156 8.50 0.31 22.56
N ASP A 157 9.07 1.50 22.61
CA ASP A 157 10.43 1.65 23.17
C ASP A 157 11.42 0.78 22.41
N LYS A 158 11.93 1.31 21.33
CA LYS A 158 12.90 0.54 20.52
C LYS A 158 13.94 1.46 19.90
N ASN A 159 15.16 1.00 19.83
CA ASN A 159 16.23 1.84 19.23
C ASN A 159 16.00 2.02 17.74
N LYS A 160 16.30 3.20 17.25
CA LYS A 160 16.10 3.45 15.80
C LYS A 160 16.70 2.32 14.98
N ASP A 161 17.71 1.69 15.53
CA ASP A 161 18.34 0.56 14.80
C ASP A 161 17.64 -0.75 15.10
N GLY A 162 16.96 -0.80 16.22
CA GLY A 162 16.24 -2.04 16.59
C GLY A 162 15.42 -2.55 15.39
N GLN A 163 15.08 -3.81 15.44
CA GLN A 163 14.29 -4.39 14.32
C GLN A 163 12.82 -4.55 14.70
N LEU A 164 11.96 -4.41 13.73
CA LEU A 164 10.50 -4.54 14.01
C LEU A 164 9.99 -5.90 13.56
N THR A 165 9.28 -6.56 14.44
CA THR A 165 8.73 -7.91 14.12
C THR A 165 7.24 -7.82 13.80
N LEU A 166 6.74 -8.83 13.14
CA LEU A 166 5.30 -8.84 12.79
C LEU A 166 4.46 -8.60 14.01
N GLU A 167 4.46 -9.55 14.88
CA GLU A 167 3.66 -9.43 16.13
C GLU A 167 3.78 -8.02 16.71
N GLU A 168 4.97 -7.47 16.68
CA GLU A 168 5.14 -6.11 17.23
C GLU A 168 4.40 -5.09 16.39
N PHE A 169 4.58 -5.16 15.10
CA PHE A 169 3.87 -4.20 14.21
C PHE A 169 2.39 -4.17 14.53
N CYS A 170 1.84 -5.31 14.81
CA CYS A 170 0.39 -5.36 15.14
C CYS A 170 0.13 -4.59 16.43
N GLU A 171 0.99 -4.77 17.39
CA GLU A 171 0.80 -4.07 18.68
C GLU A 171 1.08 -2.58 18.53
N GLY A 172 2.13 -2.26 17.82
CA GLY A 172 2.47 -0.82 17.62
C GLY A 172 1.27 -0.07 17.06
N SER A 173 0.54 -0.73 16.19
CA SER A 173 -0.64 -0.07 15.60
C SER A 173 -1.85 -0.24 16.50
N LYS A 174 -2.06 -1.44 16.96
CA LYS A 174 -3.21 -1.70 17.85
C LYS A 174 -3.12 -0.81 19.09
N ARG A 175 -1.93 -0.54 19.53
CA ARG A 175 -1.78 0.32 20.72
C ARG A 175 -2.24 1.73 20.42
N ASP A 176 -2.45 1.98 19.14
CA ASP A 176 -2.91 3.32 18.71
C ASP A 176 -4.16 3.18 17.80
N PRO A 177 -5.34 3.43 18.36
CA PRO A 177 -6.58 3.31 17.60
C PRO A 177 -6.58 4.21 16.37
N THR A 178 -5.77 5.23 16.37
CA THR A 178 -5.74 6.11 15.20
C THR A 178 -5.21 5.32 14.01
N ILE A 179 -4.45 4.30 14.30
CA ILE A 179 -3.90 3.48 13.21
C ILE A 179 -4.96 2.50 12.78
N VAL A 180 -5.92 2.34 13.66
CA VAL A 180 -7.03 1.41 13.39
C VAL A 180 -8.15 2.17 12.70
N SER A 181 -8.24 3.44 12.97
CA SER A 181 -9.31 4.25 12.33
C SER A 181 -8.87 4.69 10.95
N ALA A 182 -7.59 4.75 10.74
CA ALA A 182 -7.07 5.17 9.43
C ALA A 182 -7.42 4.15 8.36
N LEU A 183 -7.11 2.91 8.62
CA LEU A 183 -7.42 1.85 7.64
C LEU A 183 -8.82 2.04 7.07
N SER A 184 -9.80 1.84 7.91
CA SER A 184 -11.20 2.00 7.43
C SER A 184 -11.45 3.45 7.05
N LEU A 185 -11.31 3.73 5.76
CA LEU A 185 -11.54 5.12 5.27
C LEU A 185 -12.43 5.13 4.05
N TYR A 186 -12.07 4.32 3.08
CA TYR A 186 -12.88 4.25 1.83
C TYR A 186 -13.19 2.80 1.47
N ASP A 187 -13.65 2.06 2.44
CA ASP A 187 -13.99 0.64 2.18
C ASP A 187 -15.21 0.23 2.99
N GLY A 188 -16.18 1.10 3.04
CA GLY A 188 -17.42 0.77 3.80
C GLY A 188 -18.47 1.87 3.62
N LEU A 189 -18.43 2.51 2.49
CA LEU A 189 -19.41 3.60 2.24
C LEU A 189 -19.70 3.72 0.75
N VAL A 190 -19.72 2.60 0.09
CA VAL A 190 -19.99 2.61 -1.37
C VAL A 190 -21.45 2.24 -1.65
C1 MYR A 1 -8.70 13.12 5.96
O1 MYR A 1 -8.07 13.10 7.00
C2 MYR A 1 -8.12 12.52 4.67
C3 MYR A 1 -6.75 11.89 4.98
C4 MYR A 1 -6.95 10.57 5.74
C5 MYR A 1 -5.58 9.98 6.07
C6 MYR A 1 -5.77 8.66 6.82
C7 MYR A 1 -4.63 8.48 7.83
C8 MYR A 1 -3.32 8.26 7.08
C9 MYR A 1 -3.17 6.77 6.76
C10 MYR A 1 -2.11 6.16 7.68
C11 MYR A 1 -1.76 4.75 7.20
C12 MYR A 1 -0.83 4.08 8.21
C13 MYR A 1 -0.38 2.72 7.66
C14 MYR A 1 0.56 2.04 8.65
H21 MYR A 1 -8.79 11.76 4.31
H22 MYR A 1 -8.01 13.29 3.94
H31 MYR A 1 -6.23 11.69 4.05
H32 MYR A 1 -6.16 12.57 5.58
H41 MYR A 1 -7.49 10.76 6.65
H42 MYR A 1 -7.51 9.88 5.13
H51 MYR A 1 -5.02 9.80 5.16
H52 MYR A 1 -5.02 10.66 6.69
H61 MYR A 1 -6.71 8.67 7.34
H62 MYR A 1 -5.76 7.84 6.12
H71 MYR A 1 -4.56 9.37 8.45
H72 MYR A 1 -4.83 7.63 8.46
H81 MYR A 1 -3.32 8.83 6.17
H82 MYR A 1 -2.50 8.59 7.69
H91 MYR A 1 -4.11 6.26 6.90
H92 MYR A 1 -2.85 6.66 5.73
H101 MYR A 1 -1.21 6.77 7.67
H102 MYR A 1 -2.48 6.11 8.70
H111 MYR A 1 -2.68 4.17 7.12
H112 MYR A 1 -1.28 4.80 6.23
H121 MYR A 1 0.03 4.70 8.37
H122 MYR A 1 -1.35 3.93 9.15
H131 MYR A 1 -1.25 2.09 7.50
H132 MYR A 1 0.13 2.86 6.71
H141 MYR A 1 0.23 2.24 9.66
H142 MYR A 1 1.56 2.44 8.53
H143 MYR A 1 0.59 0.99 8.48
N GLY A 2 -9.89 13.65 5.85
CA GLY A 2 -10.53 14.26 7.05
C GLY A 2 -12.03 13.95 7.08
N LYS A 3 -12.76 14.56 6.21
CA LYS A 3 -14.22 14.32 6.16
C LYS A 3 -14.81 14.76 4.84
N SER A 4 -15.19 13.82 4.02
CA SER A 4 -15.77 14.17 2.68
C SER A 4 -14.93 15.23 1.97
N GLN A 5 -14.00 14.77 1.16
CA GLN A 5 -13.13 15.73 0.42
C GLN A 5 -12.92 15.27 -1.01
N SER A 6 -11.75 14.78 -1.29
CA SER A 6 -11.45 14.30 -2.67
C SER A 6 -11.49 15.47 -3.66
N LYS A 7 -10.74 15.36 -4.73
CA LYS A 7 -10.72 16.44 -5.74
C LYS A 7 -11.50 16.03 -6.99
N LEU A 8 -11.68 14.75 -7.15
CA LEU A 8 -12.44 14.27 -8.34
C LEU A 8 -13.92 14.21 -8.04
N SER A 9 -14.63 13.43 -8.82
CA SER A 9 -16.09 13.32 -8.62
C SER A 9 -16.42 12.17 -7.66
N GLN A 10 -17.68 11.92 -7.48
CA GLN A 10 -18.08 10.81 -6.57
C GLN A 10 -18.17 9.49 -7.32
N ASP A 11 -18.59 9.56 -8.55
CA ASP A 11 -18.70 8.31 -9.35
C ASP A 11 -17.33 7.71 -9.58
N GLN A 12 -16.36 8.56 -9.81
CA GLN A 12 -14.99 8.06 -10.04
C GLN A 12 -14.53 7.18 -8.89
N LEU A 13 -14.81 7.60 -7.69
CA LEU A 13 -14.40 6.79 -6.53
C LEU A 13 -14.92 5.37 -6.66
N GLN A 14 -16.18 5.26 -6.94
CA GLN A 14 -16.77 3.90 -7.09
C GLN A 14 -16.14 3.18 -8.28
N ASP A 15 -15.73 3.95 -9.26
CA ASP A 15 -15.10 3.32 -10.44
C ASP A 15 -13.73 2.77 -10.08
N LEU A 16 -12.93 3.61 -9.50
CA LEU A 16 -11.56 3.17 -9.12
C LEU A 16 -11.66 1.86 -8.35
N VAL A 17 -12.68 1.73 -7.56
CA VAL A 17 -12.85 0.48 -6.77
C VAL A 17 -13.19 -0.66 -7.70
N ARG A 18 -14.28 -0.52 -8.39
CA ARG A 18 -14.69 -1.59 -9.32
C ARG A 18 -13.57 -1.89 -10.29
N SER A 19 -12.61 -1.01 -10.34
CA SER A 19 -11.47 -1.21 -11.25
C SER A 19 -10.41 -2.09 -10.60
N THR A 20 -10.39 -2.08 -9.29
CA THR A 20 -9.40 -2.90 -8.55
C THR A 20 -10.07 -4.10 -7.90
N ARG A 21 -11.25 -4.41 -8.36
CA ARG A 21 -11.98 -5.57 -7.78
C ARG A 21 -11.37 -6.89 -8.22
N PHE A 22 -10.79 -7.57 -7.28
CA PHE A 22 -10.16 -8.88 -7.61
C PHE A 22 -9.63 -9.54 -6.34
N ASP A 23 -9.40 -10.83 -6.42
CA ASP A 23 -8.88 -11.55 -5.24
C ASP A 23 -7.51 -11.04 -4.86
N LYS A 24 -6.98 -11.58 -3.78
CA LYS A 24 -5.62 -11.15 -3.34
C LYS A 24 -4.80 -12.35 -2.96
N LYS A 25 -5.31 -13.13 -2.05
CA LYS A 25 -4.56 -14.33 -1.63
C LYS A 25 -3.98 -15.02 -2.85
N GLU A 26 -4.65 -14.83 -3.97
CA GLU A 26 -4.18 -15.46 -5.22
C GLU A 26 -3.01 -14.67 -5.76
N LEU A 27 -3.17 -13.38 -5.78
CA LEU A 27 -2.09 -12.52 -6.28
C LEU A 27 -0.91 -12.61 -5.34
N GLN A 28 -1.20 -12.81 -4.08
CA GLN A 28 -0.12 -12.91 -3.08
C GLN A 28 0.78 -14.08 -3.43
N GLN A 29 0.18 -15.18 -3.78
CA GLN A 29 1.00 -16.35 -4.13
C GLN A 29 1.66 -16.13 -5.48
N TRP A 30 1.09 -15.23 -6.24
CA TRP A 30 1.65 -14.94 -7.57
C TRP A 30 2.86 -14.02 -7.49
N TYR A 31 2.71 -12.90 -6.84
CA TYR A 31 3.88 -12.00 -6.75
C TYR A 31 4.95 -12.62 -5.90
N LYS A 32 4.53 -13.37 -4.92
CA LYS A 32 5.51 -14.03 -4.04
C LYS A 32 6.40 -14.95 -4.86
N GLY A 33 5.78 -15.70 -5.73
CA GLY A 33 6.58 -16.62 -6.59
C GLY A 33 7.35 -15.82 -7.62
N PHE A 34 6.72 -14.79 -8.13
CA PHE A 34 7.39 -13.94 -9.13
C PHE A 34 8.57 -13.19 -8.52
N PHE A 35 8.38 -12.69 -7.33
CA PHE A 35 9.49 -11.95 -6.67
C PHE A 35 10.62 -12.90 -6.31
N LYS A 36 10.26 -14.12 -6.02
CA LYS A 36 11.29 -15.11 -5.66
C LYS A 36 12.21 -15.39 -6.84
N ASP A 37 11.65 -15.36 -8.02
CA ASP A 37 12.47 -15.61 -9.23
C ASP A 37 13.09 -14.32 -9.77
N CYS A 38 12.47 -13.21 -9.43
CA CYS A 38 13.00 -11.90 -9.90
C CYS A 38 12.98 -10.86 -8.78
N PRO A 39 13.83 -11.08 -7.80
CA PRO A 39 13.93 -10.17 -6.67
C PRO A 39 14.40 -8.78 -7.08
N SER A 40 14.36 -8.52 -8.36
CA SER A 40 14.80 -7.19 -8.84
C SER A 40 14.10 -6.07 -8.07
N GLY A 41 12.78 -6.11 -8.08
CA GLY A 41 12.01 -5.07 -7.33
C GLY A 41 11.47 -4.02 -8.31
N HIS A 42 12.17 -3.82 -9.40
CA HIS A 42 11.70 -2.81 -10.38
C HIS A 42 10.82 -3.47 -11.44
N LEU A 43 9.86 -2.72 -11.94
CA LEU A 43 8.96 -3.29 -12.97
C LEU A 43 8.47 -2.21 -13.93
N ASN A 44 8.20 -2.61 -15.15
CA ASN A 44 7.71 -1.63 -16.16
C ASN A 44 6.24 -1.82 -16.44
N LYS A 45 5.65 -0.82 -17.03
CA LYS A 45 4.20 -0.90 -17.35
C LYS A 45 3.89 -2.05 -18.30
N SER A 46 4.89 -2.56 -18.95
CA SER A 46 4.64 -3.68 -19.90
C SER A 46 4.21 -4.93 -19.15
N GLU A 47 5.09 -5.43 -18.32
CA GLU A 47 4.73 -6.65 -17.56
C GLU A 47 3.50 -6.41 -16.71
N PHE A 48 3.35 -5.21 -16.25
CA PHE A 48 2.17 -4.89 -15.40
C PHE A 48 0.87 -4.98 -16.21
N GLN A 49 0.94 -4.62 -17.46
CA GLN A 49 -0.28 -4.69 -18.30
C GLN A 49 -0.68 -6.13 -18.59
N LYS A 50 0.31 -6.97 -18.77
CA LYS A 50 0.01 -8.39 -19.06
C LYS A 50 -0.60 -9.08 -17.84
N ILE A 51 -0.18 -8.68 -16.68
CA ILE A 51 -0.73 -9.32 -15.46
C ILE A 51 -2.15 -8.85 -15.21
N TYR A 52 -2.39 -7.59 -15.40
CA TYR A 52 -3.76 -7.07 -15.17
C TYR A 52 -4.73 -7.67 -16.18
N LYS A 53 -4.23 -8.00 -17.34
CA LYS A 53 -5.12 -8.60 -18.36
C LYS A 53 -5.59 -9.99 -17.94
N GLN A 54 -4.89 -10.57 -17.00
CA GLN A 54 -5.29 -11.93 -16.53
C GLN A 54 -6.06 -11.87 -15.20
N PHE A 55 -5.72 -10.91 -14.38
CA PHE A 55 -6.42 -10.80 -13.07
C PHE A 55 -7.63 -9.86 -13.14
N PHE A 56 -7.84 -9.26 -14.28
CA PHE A 56 -9.01 -8.33 -14.40
C PHE A 56 -9.64 -8.44 -15.78
N PRO A 57 -10.19 -9.60 -16.06
CA PRO A 57 -10.83 -9.88 -17.34
C PRO A 57 -12.04 -8.96 -17.56
N PHE A 58 -11.99 -7.79 -16.98
CA PHE A 58 -13.13 -6.85 -17.14
C PHE A 58 -12.94 -5.99 -18.39
N GLY A 59 -12.05 -5.05 -18.30
CA GLY A 59 -11.81 -4.16 -19.48
C GLY A 59 -10.92 -2.97 -19.11
N ASP A 60 -10.80 -2.05 -20.04
CA ASP A 60 -9.97 -0.85 -19.78
C ASP A 60 -8.70 -1.18 -18.99
N PRO A 61 -7.89 -2.07 -19.53
CA PRO A 61 -6.65 -2.48 -18.89
C PRO A 61 -5.61 -1.38 -18.92
N SER A 62 -5.45 -0.77 -20.07
CA SER A 62 -4.46 0.31 -20.18
C SER A 62 -4.88 1.48 -19.33
N ALA A 63 -6.14 1.55 -19.06
CA ALA A 63 -6.67 2.65 -18.25
C ALA A 63 -6.08 2.58 -16.84
N PHE A 64 -6.22 1.43 -16.22
CA PHE A 64 -5.67 1.31 -14.86
C PHE A 64 -4.19 1.62 -14.88
N ALA A 65 -3.52 1.11 -15.87
CA ALA A 65 -2.07 1.37 -15.98
C ALA A 65 -1.82 2.86 -16.08
N GLU A 66 -2.54 3.50 -16.96
CA GLU A 66 -2.35 4.96 -17.13
C GLU A 66 -2.47 5.67 -15.78
N TYR A 67 -3.15 5.02 -14.87
CA TYR A 67 -3.31 5.63 -13.52
C TYR A 67 -2.02 5.55 -12.74
N VAL A 68 -1.61 4.34 -12.49
CA VAL A 68 -0.35 4.12 -11.73
C VAL A 68 0.72 5.09 -12.16
N PHE A 69 0.79 5.33 -13.43
CA PHE A 69 1.83 6.28 -13.92
C PHE A 69 1.46 7.68 -13.49
N ASN A 70 0.29 8.11 -13.86
CA ASN A 70 -0.13 9.47 -13.48
C ASN A 70 0.10 9.70 -12.00
N VAL A 71 0.27 8.63 -11.25
CA VAL A 71 0.51 8.78 -9.78
C VAL A 71 1.95 8.47 -9.40
N PHE A 72 2.44 7.35 -9.84
CA PHE A 72 3.85 6.98 -9.51
C PHE A 72 4.82 7.39 -10.62
N ASP A 73 4.30 7.72 -11.77
CA ASP A 73 5.21 8.11 -12.88
C ASP A 73 4.52 9.11 -13.81
N ALA A 74 4.64 10.38 -13.48
CA ALA A 74 4.01 11.43 -14.32
C ALA A 74 5.07 12.31 -14.98
N ASP A 75 6.27 12.29 -14.43
CA ASP A 75 7.36 13.13 -15.02
C ASP A 75 8.24 12.30 -15.95
N LYS A 76 7.65 11.30 -16.54
CA LYS A 76 8.43 10.44 -17.46
C LYS A 76 9.69 9.90 -16.79
N ASN A 77 9.54 9.49 -15.56
CA ASN A 77 10.74 8.96 -14.83
C ASN A 77 11.39 7.82 -15.62
N GLY A 78 10.85 6.64 -15.47
CA GLY A 78 11.42 5.48 -16.21
C GLY A 78 10.73 4.19 -15.80
N TYR A 79 10.80 3.86 -14.53
CA TYR A 79 10.16 2.61 -14.04
C TYR A 79 9.52 2.83 -12.68
N ILE A 80 8.60 1.95 -12.32
CA ILE A 80 7.92 2.08 -10.99
C ILE A 80 8.26 0.91 -10.10
N ASP A 81 8.07 1.09 -8.82
CA ASP A 81 8.38 0.00 -7.87
C ASP A 81 7.13 -0.85 -7.60
N PHE A 82 7.10 -2.03 -8.18
CA PHE A 82 5.93 -2.90 -7.96
C PHE A 82 5.66 -3.10 -6.47
N LYS A 83 6.63 -2.80 -5.67
CA LYS A 83 6.45 -2.97 -4.21
C LYS A 83 5.55 -1.87 -3.65
N GLU A 84 5.83 -0.66 -4.04
CA GLU A 84 5.01 0.47 -3.55
C GLU A 84 3.57 0.30 -3.99
N PHE A 85 3.39 -0.49 -5.01
CA PHE A 85 2.02 -0.73 -5.52
C PHE A 85 1.27 -1.71 -4.64
N ILE A 86 1.83 -2.88 -4.49
CA ILE A 86 1.15 -3.89 -3.65
C ILE A 86 0.84 -3.32 -2.27
N CYS A 87 1.79 -2.64 -1.71
CA CYS A 87 1.57 -2.05 -0.37
C CYS A 87 0.40 -1.07 -0.41
N ALA A 88 0.42 -0.20 -1.39
CA ALA A 88 -0.68 0.78 -1.50
C ALA A 88 -1.97 0.09 -1.88
N LEU A 89 -1.86 -1.03 -2.53
CA LEU A 89 -3.09 -1.76 -2.93
C LEU A 89 -3.90 -2.11 -1.70
N SER A 90 -3.21 -2.51 -0.66
CA SER A 90 -3.93 -2.88 0.58
C SER A 90 -5.00 -1.84 0.89
N VAL A 91 -4.75 -0.63 0.49
CA VAL A 91 -5.73 0.45 0.76
C VAL A 91 -7.07 0.13 0.09
N THR A 92 -7.01 -0.28 -1.15
CA THR A 92 -8.26 -0.63 -1.87
C THR A 92 -8.48 -2.13 -1.87
N SER A 93 -8.60 -2.70 -0.69
CA SER A 93 -8.83 -4.17 -0.59
C SER A 93 -10.10 -4.46 0.19
N ARG A 94 -10.61 -5.66 0.03
CA ARG A 94 -11.84 -6.06 0.75
C ARG A 94 -11.58 -7.24 1.68
N GLY A 95 -11.42 -6.96 2.94
CA GLY A 95 -11.15 -8.06 3.91
C GLY A 95 -11.05 -7.50 5.33
N GLU A 96 -10.47 -8.28 6.21
CA GLU A 96 -10.34 -7.82 7.62
C GLU A 96 -9.28 -6.73 7.72
N LEU A 97 -9.27 -6.05 8.84
CA LEU A 97 -8.27 -4.96 9.03
C LEU A 97 -6.94 -5.54 9.49
N ASN A 98 -6.99 -6.67 10.15
CA ASN A 98 -5.73 -7.28 10.64
C ASN A 98 -4.86 -7.72 9.46
N ASP A 99 -5.48 -8.34 8.51
CA ASP A 99 -4.72 -8.82 7.32
C ASP A 99 -3.90 -7.69 6.71
N LYS A 100 -4.39 -6.48 6.82
CA LYS A 100 -3.64 -5.34 6.25
C LYS A 100 -2.25 -5.26 6.84
N LEU A 101 -2.18 -5.26 8.13
CA LEU A 101 -0.85 -5.18 8.78
C LEU A 101 0.00 -6.38 8.39
N ILE A 102 -0.59 -7.54 8.43
CA ILE A 102 0.16 -8.75 8.07
C ILE A 102 0.55 -8.69 6.59
N TRP A 103 -0.31 -8.09 5.81
CA TRP A 103 -0.02 -7.97 4.35
C TRP A 103 1.16 -7.05 4.12
N ALA A 104 1.09 -5.88 4.67
CA ALA A 104 2.20 -4.93 4.48
C ALA A 104 3.47 -5.48 5.13
N PHE A 105 3.31 -6.16 6.22
CA PHE A 105 4.48 -6.74 6.90
C PHE A 105 5.11 -7.84 6.07
N GLN A 106 4.30 -8.74 5.59
CA GLN A 106 4.85 -9.84 4.76
C GLN A 106 5.39 -9.29 3.46
N LEU A 107 5.01 -8.07 3.16
CA LEU A 107 5.48 -7.44 1.91
C LEU A 107 6.94 -6.99 2.04
N TYR A 108 7.24 -6.36 3.13
CA TYR A 108 8.64 -5.89 3.34
C TYR A 108 9.48 -6.95 4.02
N ASP A 109 9.09 -8.18 3.86
CA ASP A 109 9.87 -9.28 4.50
C ASP A 109 9.83 -10.54 3.65
N LEU A 110 10.63 -10.56 2.61
CA LEU A 110 10.67 -11.75 1.71
C LEU A 110 12.02 -12.45 1.82
N ASP A 111 12.72 -12.14 2.87
CA ASP A 111 14.05 -12.76 3.09
C ASP A 111 13.98 -13.85 4.15
N ASN A 112 12.82 -14.43 4.29
CA ASN A 112 12.68 -15.50 5.32
C ASN A 112 13.26 -15.05 6.65
N ASN A 113 13.05 -13.78 6.95
CA ASN A 113 13.58 -13.24 8.23
C ASN A 113 12.43 -12.82 9.14
N GLY A 114 11.40 -12.27 8.56
CA GLY A 114 10.24 -11.83 9.38
C GLY A 114 10.63 -10.65 10.28
N LEU A 115 11.46 -9.80 9.76
CA LEU A 115 11.90 -8.62 10.57
C LEU A 115 12.07 -7.40 9.67
N ILE A 116 11.18 -6.44 9.79
CA ILE A 116 11.31 -5.24 8.93
C ILE A 116 12.17 -4.18 9.62
N SER A 117 12.81 -3.36 8.84
CA SER A 117 13.67 -2.31 9.42
C SER A 117 12.93 -0.98 9.48
N TYR A 118 13.39 -0.11 10.32
CA TYR A 118 12.72 1.21 10.44
C TYR A 118 12.57 1.84 9.06
N ASP A 119 13.56 1.65 8.22
CA ASP A 119 13.48 2.24 6.86
C ASP A 119 12.25 1.74 6.13
N GLU A 120 12.01 0.47 6.23
CA GLU A 120 10.82 -0.11 5.55
C GLU A 120 9.55 0.47 6.14
N MET A 121 9.65 0.99 7.34
CA MET A 121 8.46 1.56 7.98
C MET A 121 8.10 2.90 7.35
N LEU A 122 9.07 3.75 7.23
CA LEU A 122 8.80 5.07 6.62
C LEU A 122 8.37 4.89 5.17
N ARG A 123 8.97 3.95 4.50
CA ARG A 123 8.62 3.70 3.09
C ARG A 123 7.21 3.12 3.00
N ILE A 124 6.87 2.31 3.96
CA ILE A 124 5.52 1.71 3.96
C ILE A 124 4.46 2.80 3.99
N VAL A 125 4.55 3.65 4.98
CA VAL A 125 3.56 4.75 5.07
C VAL A 125 3.71 5.69 3.88
N ASP A 126 4.90 5.75 3.35
CA ASP A 126 5.13 6.63 2.19
C ASP A 126 4.39 6.11 0.98
N ALA A 127 4.35 4.81 0.84
CA ALA A 127 3.63 4.22 -0.31
C ALA A 127 2.17 4.59 -0.25
N ILE A 128 1.57 4.35 0.88
CA ILE A 128 0.13 4.69 1.01
C ILE A 128 -0.07 6.19 0.90
N TYR A 129 0.92 6.94 1.32
CA TYR A 129 0.80 8.42 1.24
C TYR A 129 0.75 8.89 -0.21
N LYS A 130 1.52 8.25 -1.04
CA LYS A 130 1.53 8.65 -2.47
C LYS A 130 0.19 8.33 -3.12
N MET A 131 -0.36 7.20 -2.78
CA MET A 131 -1.67 6.83 -3.38
C MET A 131 -2.80 7.60 -2.73
N VAL A 132 -2.50 8.23 -1.61
CA VAL A 132 -3.56 9.01 -0.91
C VAL A 132 -3.83 10.33 -1.64
N GLY A 133 -2.79 10.96 -2.09
CA GLY A 133 -2.96 12.26 -2.81
C GLY A 133 -3.55 12.05 -4.20
N SER A 134 -3.70 10.80 -4.59
CA SER A 134 -4.27 10.52 -5.94
C SER A 134 -5.77 10.23 -5.86
N MET A 135 -6.17 9.51 -4.85
CA MET A 135 -7.61 9.18 -4.72
C MET A 135 -8.33 10.23 -3.87
N VAL A 136 -7.64 10.71 -2.85
CA VAL A 136 -8.27 11.74 -1.97
C VAL A 136 -7.38 12.96 -1.85
N LYS A 137 -7.97 14.03 -1.39
CA LYS A 137 -7.18 15.28 -1.24
C LYS A 137 -6.57 15.37 0.15
N LEU A 138 -5.27 15.24 0.22
CA LEU A 138 -4.60 15.32 1.53
C LEU A 138 -5.11 16.53 2.33
N PRO A 139 -5.44 16.33 3.60
CA PRO A 139 -5.93 17.42 4.43
C PRO A 139 -4.92 18.56 4.49
N GLU A 140 -5.17 19.59 3.73
CA GLU A 140 -4.24 20.74 3.72
C GLU A 140 -4.36 21.55 5.02
N ASP A 141 -3.89 20.99 6.08
CA ASP A 141 -3.97 21.69 7.38
C ASP A 141 -2.99 21.10 8.38
N GLU A 142 -2.59 19.88 8.15
CA GLU A 142 -1.63 19.24 9.09
C GLU A 142 -1.12 17.92 8.52
N ASP A 143 0.17 17.77 8.46
CA ASP A 143 0.74 16.51 7.93
C ASP A 143 2.12 16.22 8.53
N THR A 144 2.35 14.99 8.88
CA THR A 144 3.66 14.63 9.48
C THR A 144 3.72 13.13 9.78
N PRO A 145 3.93 12.35 8.74
CA PRO A 145 4.01 10.89 8.86
C PRO A 145 5.21 10.44 9.69
N GLU A 146 6.24 11.23 9.71
CA GLU A 146 7.43 10.84 10.49
C GLU A 146 7.16 10.91 11.99
N LYS A 147 6.34 11.84 12.39
CA LYS A 147 6.03 11.98 13.82
C LYS A 147 5.20 10.79 14.32
N ARG A 148 4.13 10.48 13.62
CA ARG A 148 3.28 9.34 14.07
C ARG A 148 4.10 8.05 14.11
N VAL A 149 4.83 7.80 13.06
CA VAL A 149 5.64 6.56 13.04
C VAL A 149 6.58 6.54 14.23
N ASN A 150 7.36 7.59 14.35
CA ASN A 150 8.30 7.66 15.49
C ASN A 150 7.59 7.33 16.78
N LYS A 151 6.41 7.87 16.92
CA LYS A 151 5.64 7.60 18.15
C LYS A 151 5.61 6.11 18.43
N ILE A 152 5.25 5.35 17.44
CA ILE A 152 5.20 3.89 17.64
C ILE A 152 6.55 3.39 18.11
N PHE A 153 7.57 3.78 17.40
CA PHE A 153 8.92 3.34 17.80
C PHE A 153 9.22 3.86 19.20
N ASN A 154 8.76 5.06 19.45
CA ASN A 154 8.99 5.66 20.79
C ASN A 154 8.16 4.92 21.82
N MET A 155 7.02 4.46 21.37
CA MET A 155 6.12 3.71 22.28
C MET A 155 6.80 2.44 22.75
N MET A 156 7.30 1.69 21.80
CA MET A 156 7.97 0.42 22.15
C MET A 156 9.45 0.69 22.47
N ASP A 157 9.91 1.85 22.10
CA ASP A 157 11.32 2.21 22.37
C ASP A 157 12.25 1.14 21.83
N LYS A 158 12.21 0.92 20.54
CA LYS A 158 13.09 -0.10 19.93
C LYS A 158 14.33 0.56 19.33
N ASN A 159 15.38 -0.20 19.22
CA ASN A 159 16.62 0.37 18.64
C ASN A 159 16.53 0.48 17.13
N LYS A 160 16.86 1.63 16.61
CA LYS A 160 16.79 1.82 15.15
C LYS A 160 17.53 0.70 14.43
N ASP A 161 18.60 0.25 15.04
CA ASP A 161 19.39 -0.84 14.40
C ASP A 161 18.65 -2.17 14.51
N GLY A 162 17.89 -2.32 15.57
CA GLY A 162 17.13 -3.59 15.74
C GLY A 162 16.06 -3.72 14.65
N GLN A 163 15.10 -4.58 14.88
CA GLN A 163 14.04 -4.76 13.87
C GLN A 163 12.69 -5.06 14.54
N LEU A 164 11.63 -4.84 13.81
CA LEU A 164 10.29 -5.11 14.38
C LEU A 164 9.73 -6.43 13.86
N THR A 165 9.19 -7.20 14.76
CA THR A 165 8.62 -8.52 14.36
C THR A 165 7.13 -8.38 14.08
N LEU A 166 6.59 -9.33 13.37
CA LEU A 166 5.15 -9.28 13.04
C LEU A 166 4.37 -8.98 14.31
N GLU A 167 4.39 -9.92 15.19
CA GLU A 167 3.66 -9.73 16.48
C GLU A 167 3.89 -8.33 17.03
N GLU A 168 5.13 -7.93 17.11
CA GLU A 168 5.44 -6.59 17.64
C GLU A 168 4.81 -5.50 16.77
N PHE A 169 4.92 -5.65 15.47
CA PHE A 169 4.33 -4.63 14.58
C PHE A 169 2.85 -4.43 14.89
N CYS A 170 2.15 -5.52 14.99
CA CYS A 170 0.70 -5.43 15.30
C CYS A 170 0.48 -4.85 16.69
N GLU A 171 1.41 -5.11 17.57
CA GLU A 171 1.28 -4.60 18.95
C GLU A 171 1.52 -3.09 18.98
N GLY A 172 2.49 -2.66 18.22
CA GLY A 172 2.79 -1.21 18.19
C GLY A 172 1.55 -0.43 17.73
N SER A 173 0.90 -0.94 16.73
CA SER A 173 -0.31 -0.24 16.23
C SER A 173 -1.48 -0.45 17.17
N LYS A 174 -1.65 -1.67 17.61
CA LYS A 174 -2.77 -1.94 18.55
C LYS A 174 -2.72 -0.98 19.73
N ARG A 175 -1.53 -0.56 20.07
CA ARG A 175 -1.39 0.37 21.21
C ARG A 175 -1.70 1.79 20.78
N ASP A 176 -2.13 1.92 19.55
CA ASP A 176 -2.47 3.28 19.02
C ASP A 176 -3.81 3.22 18.26
N PRO A 177 -4.89 3.29 19.02
CA PRO A 177 -6.24 3.27 18.43
C PRO A 177 -6.48 4.47 17.53
N THR A 178 -5.76 4.47 16.46
CA THR A 178 -5.88 5.55 15.48
C THR A 178 -5.40 5.02 14.17
N ILE A 179 -4.46 4.15 14.27
CA ILE A 179 -3.90 3.54 13.06
C ILE A 179 -4.77 2.37 12.76
N VAL A 180 -5.60 2.08 13.72
CA VAL A 180 -6.53 0.97 13.62
C VAL A 180 -7.84 1.46 13.03
N SER A 181 -8.17 2.70 13.33
CA SER A 181 -9.43 3.26 12.79
C SER A 181 -9.18 3.94 11.45
N ALA A 182 -7.93 4.21 11.15
CA ALA A 182 -7.61 4.88 9.86
C ALA A 182 -8.09 4.03 8.69
N LEU A 183 -7.70 2.79 8.68
CA LEU A 183 -8.12 1.90 7.57
C LEU A 183 -9.61 1.62 7.63
N SER A 184 -10.14 1.52 8.82
CA SER A 184 -11.60 1.26 8.95
C SER A 184 -12.39 2.56 8.94
N LEU A 185 -12.17 3.35 7.92
CA LEU A 185 -12.90 4.65 7.81
C LEU A 185 -13.37 4.88 6.38
N TYR A 186 -13.28 3.85 5.58
CA TYR A 186 -13.73 3.98 4.17
C TYR A 186 -14.33 2.67 3.67
N ASP A 187 -15.23 2.13 4.44
CA ASP A 187 -15.87 0.86 4.03
C ASP A 187 -17.30 0.78 4.59
N GLY A 188 -18.12 1.71 4.19
CA GLY A 188 -19.52 1.70 4.67
C GLY A 188 -20.37 2.66 3.84
N LEU A 189 -19.76 3.71 3.36
CA LEU A 189 -20.52 4.68 2.54
C LEU A 189 -20.43 4.32 1.07
N VAL A 190 -20.26 3.07 0.82
CA VAL A 190 -20.15 2.60 -0.59
C VAL A 190 -21.50 2.09 -1.08
C1 MYR A 1 -4.76 14.52 5.40
O1 MYR A 1 -3.82 14.80 6.12
C2 MYR A 1 -4.52 13.94 4.00
C3 MYR A 1 -5.15 12.55 3.93
C4 MYR A 1 -4.12 11.52 4.36
C5 MYR A 1 -3.63 11.86 5.77
C6 MYR A 1 -3.02 10.61 6.41
C7 MYR A 1 -1.82 10.15 5.59
C8 MYR A 1 -0.82 9.45 6.51
C9 MYR A 1 -1.38 8.09 6.92
C10 MYR A 1 -0.41 7.41 7.89
C11 MYR A 1 -1.03 6.10 8.41
C12 MYR A 1 -0.11 4.93 8.07
C13 MYR A 1 -0.73 3.64 8.59
C14 MYR A 1 0.28 2.50 8.42
H21 MYR A 1 -4.98 14.59 3.26
H22 MYR A 1 -3.46 13.88 3.82
H31 MYR A 1 -6.01 12.51 4.58
H32 MYR A 1 -5.48 12.35 2.92
H41 MYR A 1 -4.58 10.53 4.37
H42 MYR A 1 -3.28 11.52 3.68
H51 MYR A 1 -2.88 12.63 5.71
H52 MYR A 1 -4.45 12.21 6.37
H61 MYR A 1 -2.71 10.83 7.41
H62 MYR A 1 -3.76 9.82 6.44
H71 MYR A 1 -2.14 9.47 4.81
H72 MYR A 1 -1.35 11.00 5.13
H81 MYR A 1 0.12 9.30 5.98
H82 MYR A 1 -0.64 10.05 7.39
H91 MYR A 1 -2.34 8.23 7.40
H92 MYR A 1 -1.51 7.47 6.04
H101 MYR A 1 0.52 7.19 7.38
H102 MYR A 1 -0.21 8.07 8.72
H111 MYR A 1 -1.17 6.17 9.47
H112 MYR A 1 -1.99 5.95 7.93
H121 MYR A 1 0.01 4.87 6.99
H122 MYR A 1 0.86 5.09 8.52
H131 MYR A 1 -0.97 3.75 9.63
H132 MYR A 1 -1.63 3.42 8.03
H141 MYR A 1 0.65 2.47 7.40
H142 MYR A 1 -0.20 1.55 8.66
H143 MYR A 1 1.11 2.64 9.09
N GLY A 2 -6.01 14.71 5.74
CA GLY A 2 -6.35 15.27 7.08
C GLY A 2 -7.33 14.35 7.81
N LYS A 3 -8.54 14.30 7.33
CA LYS A 3 -9.55 13.43 7.96
C LYS A 3 -10.70 13.14 7.01
N SER A 4 -11.74 12.55 7.52
CA SER A 4 -12.90 12.24 6.66
C SER A 4 -13.28 13.44 5.80
N GLN A 5 -13.23 13.26 4.51
CA GLN A 5 -13.58 14.38 3.60
C GLN A 5 -14.05 13.86 2.25
N SER A 6 -13.13 13.36 1.47
CA SER A 6 -13.48 12.83 0.12
C SER A 6 -14.44 13.75 -0.62
N LYS A 7 -13.89 14.66 -1.37
CA LYS A 7 -14.75 15.61 -2.13
C LYS A 7 -15.28 14.97 -3.42
N LEU A 8 -15.02 13.71 -3.59
CA LEU A 8 -15.49 13.03 -4.82
C LEU A 8 -16.90 12.46 -4.61
N SER A 9 -17.50 11.99 -5.67
CA SER A 9 -18.86 11.43 -5.56
C SER A 9 -18.82 9.94 -5.21
N GLN A 10 -19.95 9.30 -5.29
CA GLN A 10 -19.98 7.85 -4.97
C GLN A 10 -19.71 7.01 -6.20
N ASP A 11 -20.19 7.47 -7.33
CA ASP A 11 -19.95 6.70 -8.58
C ASP A 11 -18.47 6.53 -8.84
N GLN A 12 -17.77 7.62 -8.91
CA GLN A 12 -16.31 7.53 -9.16
C GLN A 12 -15.66 6.57 -8.18
N LEU A 13 -16.14 6.55 -6.96
CA LEU A 13 -15.56 5.64 -5.96
C LEU A 13 -15.79 4.19 -6.36
N GLN A 14 -17.02 3.85 -6.62
CA GLN A 14 -17.32 2.46 -7.03
C GLN A 14 -16.51 2.09 -8.25
N ASP A 15 -16.17 3.07 -9.03
CA ASP A 15 -15.37 2.80 -10.25
C ASP A 15 -13.96 2.37 -9.88
N LEU A 16 -13.37 3.08 -8.95
CA LEU A 16 -11.99 2.73 -8.53
C LEU A 16 -12.00 1.37 -7.83
N VAL A 17 -13.16 0.98 -7.38
CA VAL A 17 -13.26 -0.33 -6.69
C VAL A 17 -13.30 -1.45 -7.70
N ARG A 18 -14.21 -1.36 -8.62
CA ARG A 18 -14.31 -2.43 -9.65
C ARG A 18 -12.98 -2.59 -10.36
N SER A 19 -12.14 -1.60 -10.23
CA SER A 19 -10.82 -1.68 -10.89
C SER A 19 -9.79 -2.29 -9.97
N THR A 20 -10.06 -2.25 -8.69
CA THR A 20 -9.11 -2.82 -7.71
C THR A 20 -9.51 -4.24 -7.33
N ARG A 21 -10.70 -4.62 -7.69
CA ARG A 21 -11.17 -5.99 -7.34
C ARG A 21 -10.09 -7.01 -7.65
N PHE A 22 -9.82 -7.85 -6.69
CA PHE A 22 -8.78 -8.89 -6.89
C PHE A 22 -8.70 -9.82 -5.69
N ASP A 23 -7.80 -10.76 -5.76
CA ASP A 23 -7.64 -11.72 -4.63
C ASP A 23 -6.38 -11.40 -3.83
N LYS A 24 -6.04 -12.26 -2.91
CA LYS A 24 -4.83 -12.01 -2.08
C LYS A 24 -3.96 -13.24 -2.00
N LYS A 25 -4.30 -14.15 -1.11
CA LYS A 25 -3.51 -15.38 -0.99
C LYS A 25 -3.20 -15.92 -2.38
N GLU A 26 -4.00 -15.50 -3.33
CA GLU A 26 -3.79 -15.96 -4.71
C GLU A 26 -2.71 -15.12 -5.35
N LEU A 27 -2.88 -13.83 -5.29
CA LEU A 27 -1.87 -12.94 -5.88
C LEU A 27 -0.58 -13.06 -5.10
N GLN A 28 -0.71 -13.37 -3.83
CA GLN A 28 0.50 -13.51 -3.00
C GLN A 28 1.31 -14.68 -3.51
N GLN A 29 0.63 -15.74 -3.87
CA GLN A 29 1.35 -16.93 -4.38
C GLN A 29 2.07 -16.58 -5.67
N TRP A 30 1.44 -15.74 -6.47
CA TRP A 30 2.06 -15.35 -7.75
C TRP A 30 3.11 -14.28 -7.53
N TYR A 31 2.76 -13.28 -6.77
CA TYR A 31 3.72 -12.19 -6.49
C TYR A 31 5.02 -12.74 -5.94
N LYS A 32 4.92 -13.75 -5.12
CA LYS A 32 6.14 -14.34 -4.54
C LYS A 32 6.88 -15.14 -5.60
N GLY A 33 6.17 -15.99 -6.28
CA GLY A 33 6.82 -16.81 -7.34
C GLY A 33 7.29 -15.90 -8.48
N PHE A 34 6.65 -14.77 -8.62
CA PHE A 34 7.05 -13.84 -9.70
C PHE A 34 8.35 -13.13 -9.34
N PHE A 35 8.43 -12.63 -8.14
CA PHE A 35 9.67 -11.93 -7.72
C PHE A 35 10.84 -12.89 -7.68
N LYS A 36 10.55 -14.16 -7.51
CA LYS A 36 11.63 -15.16 -7.47
C LYS A 36 12.17 -15.45 -8.87
N ASP A 37 11.26 -15.52 -9.81
CA ASP A 37 11.68 -15.79 -11.21
C ASP A 37 12.33 -14.56 -11.82
N CYS A 38 11.97 -13.41 -11.30
CA CYS A 38 12.55 -12.14 -11.83
C CYS A 38 13.26 -11.37 -10.72
N PRO A 39 14.51 -11.72 -10.48
CA PRO A 39 15.30 -11.07 -9.45
C PRO A 39 15.57 -9.61 -9.78
N SER A 40 14.72 -9.05 -10.61
CA SER A 40 14.91 -7.63 -10.99
C SER A 40 14.41 -6.71 -9.88
N GLY A 41 13.12 -6.73 -9.65
CA GLY A 41 12.53 -5.87 -8.58
C GLY A 41 11.67 -4.77 -9.20
N HIS A 42 12.14 -4.20 -10.28
CA HIS A 42 11.36 -3.12 -10.94
C HIS A 42 10.40 -3.70 -11.97
N LEU A 43 9.40 -2.93 -12.33
CA LEU A 43 8.41 -3.41 -13.34
C LEU A 43 8.15 -2.35 -14.40
N ASN A 44 7.95 -2.80 -15.62
CA ASN A 44 7.69 -1.85 -16.73
C ASN A 44 6.21 -1.82 -17.09
N LYS A 45 5.81 -0.77 -17.76
CA LYS A 45 4.38 -0.65 -18.15
C LYS A 45 3.93 -1.83 -18.97
N SER A 46 4.66 -2.13 -20.00
CA SER A 46 4.27 -3.28 -20.85
C SER A 46 4.08 -4.52 -20.01
N GLU A 47 5.04 -4.81 -19.20
CA GLU A 47 4.91 -6.01 -18.35
C GLU A 47 3.70 -5.88 -17.45
N PHE A 48 3.61 -4.77 -16.77
CA PHE A 48 2.46 -4.53 -15.86
C PHE A 48 1.14 -4.80 -16.58
N GLN A 49 1.06 -4.32 -17.79
CA GLN A 49 -0.20 -4.53 -18.55
C GLN A 49 -0.50 -6.02 -18.69
N LYS A 50 0.52 -6.80 -18.92
CA LYS A 50 0.32 -8.25 -19.06
C LYS A 50 -0.23 -8.85 -17.77
N ILE A 51 0.21 -8.34 -16.66
CA ILE A 51 -0.28 -8.86 -15.36
C ILE A 51 -1.77 -8.65 -15.21
N TYR A 52 -2.22 -7.47 -15.57
CA TYR A 52 -3.66 -7.19 -15.45
C TYR A 52 -4.47 -8.08 -16.38
N LYS A 53 -3.88 -8.43 -17.48
CA LYS A 53 -4.61 -9.30 -18.44
C LYS A 53 -4.65 -10.74 -17.93
N GLN A 54 -3.94 -11.00 -16.87
CA GLN A 54 -3.93 -12.37 -16.30
C GLN A 54 -4.94 -12.53 -15.17
N PHE A 55 -4.91 -11.62 -14.24
CA PHE A 55 -5.85 -11.71 -13.10
C PHE A 55 -7.11 -10.90 -13.37
N PHE A 56 -7.01 -9.61 -13.20
CA PHE A 56 -8.18 -8.74 -13.43
C PHE A 56 -8.92 -9.14 -14.71
N PRO A 57 -10.23 -8.90 -14.74
CA PRO A 57 -11.04 -9.23 -15.90
C PRO A 57 -10.51 -8.53 -17.15
N PHE A 58 -10.77 -7.26 -17.24
CA PHE A 58 -10.29 -6.51 -18.42
C PHE A 58 -10.55 -5.01 -18.25
N GLY A 59 -11.80 -4.64 -18.25
CA GLY A 59 -12.14 -3.20 -18.09
C GLY A 59 -11.21 -2.31 -18.93
N ASP A 60 -10.52 -1.41 -18.26
CA ASP A 60 -9.58 -0.51 -18.98
C ASP A 60 -8.16 -0.68 -18.42
N PRO A 61 -7.42 -1.60 -19.01
CA PRO A 61 -6.05 -1.86 -18.57
C PRO A 61 -5.11 -0.73 -18.94
N SER A 62 -5.32 -0.15 -20.08
CA SER A 62 -4.44 0.97 -20.48
C SER A 62 -4.78 2.20 -19.68
N ALA A 63 -6.06 2.47 -19.58
CA ALA A 63 -6.48 3.65 -18.80
C ALA A 63 -5.91 3.56 -17.40
N PHE A 64 -5.99 2.38 -16.82
CA PHE A 64 -5.46 2.21 -15.46
C PHE A 64 -3.96 2.44 -15.49
N ALA A 65 -3.31 1.75 -16.39
CA ALA A 65 -1.85 1.91 -16.50
C ALA A 65 -1.50 3.37 -16.59
N GLU A 66 -2.27 4.07 -17.38
CA GLU A 66 -2.01 5.52 -17.54
C GLU A 66 -2.23 6.21 -16.20
N TYR A 67 -3.00 5.56 -15.36
CA TYR A 67 -3.28 6.14 -14.02
C TYR A 67 -2.10 5.95 -13.10
N VAL A 68 -1.81 4.71 -12.82
CA VAL A 68 -0.67 4.41 -11.92
C VAL A 68 0.51 5.30 -12.25
N PHE A 69 0.72 5.50 -13.52
CA PHE A 69 1.85 6.35 -13.93
C PHE A 69 1.67 7.77 -13.40
N ASN A 70 0.59 8.37 -13.80
CA ASN A 70 0.30 9.74 -13.35
C ASN A 70 0.40 9.89 -11.84
N VAL A 71 0.23 8.79 -11.14
CA VAL A 71 0.31 8.85 -9.66
C VAL A 71 1.68 8.40 -9.12
N PHE A 72 2.18 7.30 -9.61
CA PHE A 72 3.49 6.83 -9.11
C PHE A 72 4.68 7.44 -9.87
N ASP A 73 4.74 7.24 -11.16
CA ASP A 73 5.88 7.82 -11.94
C ASP A 73 5.50 9.12 -12.59
N ALA A 74 5.79 9.18 -13.83
CA ALA A 74 5.49 10.39 -14.64
C ALA A 74 6.57 11.45 -14.46
N ASP A 75 7.57 11.11 -13.69
CA ASP A 75 8.67 12.08 -13.45
C ASP A 75 10.02 11.37 -13.42
N LYS A 76 10.14 10.37 -14.23
CA LYS A 76 11.41 9.60 -14.29
C LYS A 76 11.30 8.45 -15.28
N ASN A 77 11.37 8.80 -16.55
CA ASN A 77 11.27 7.76 -17.62
C ASN A 77 9.89 7.11 -17.62
N GLY A 78 9.68 6.18 -16.73
CA GLY A 78 8.36 5.50 -16.69
C GLY A 78 8.44 4.16 -15.97
N TYR A 79 9.36 4.06 -15.04
CA TYR A 79 9.50 2.79 -14.28
C TYR A 79 8.79 2.87 -12.94
N ILE A 80 8.11 1.80 -12.57
CA ILE A 80 7.39 1.80 -11.27
C ILE A 80 7.77 0.58 -10.43
N ASP A 81 7.52 0.67 -9.16
CA ASP A 81 7.86 -0.46 -8.25
C ASP A 81 6.61 -1.27 -7.92
N PHE A 82 6.55 -2.47 -8.41
CA PHE A 82 5.38 -3.33 -8.13
C PHE A 82 5.21 -3.56 -6.63
N LYS A 83 6.25 -3.30 -5.89
CA LYS A 83 6.17 -3.50 -4.43
C LYS A 83 5.31 -2.42 -3.80
N GLU A 84 5.77 -1.21 -3.89
CA GLU A 84 4.98 -0.09 -3.30
C GLU A 84 3.54 -0.15 -3.79
N PHE A 85 3.33 -0.84 -4.87
CA PHE A 85 1.96 -0.95 -5.42
C PHE A 85 1.11 -1.86 -4.56
N ILE A 86 1.55 -3.08 -4.40
CA ILE A 86 0.75 -4.02 -3.57
C ILE A 86 0.51 -3.42 -2.20
N CYS A 87 1.55 -2.90 -1.61
CA CYS A 87 1.41 -2.30 -0.27
C CYS A 87 0.27 -1.29 -0.29
N ALA A 88 0.25 -0.44 -1.30
CA ALA A 88 -0.83 0.55 -1.37
C ALA A 88 -2.15 -0.16 -1.52
N LEU A 89 -2.12 -1.25 -2.24
CA LEU A 89 -3.36 -2.00 -2.43
C LEU A 89 -4.02 -2.24 -1.08
N SER A 90 -3.19 -2.31 -0.07
CA SER A 90 -3.72 -2.54 1.30
C SER A 90 -4.94 -1.68 1.52
N VAL A 91 -4.88 -0.47 1.04
CA VAL A 91 -6.04 0.45 1.21
C VAL A 91 -7.27 -0.09 0.49
N THR A 92 -7.11 -0.43 -0.76
CA THR A 92 -8.25 -0.96 -1.54
C THR A 92 -8.21 -2.49 -1.59
N SER A 93 -8.97 -3.10 -0.73
CA SER A 93 -8.99 -4.59 -0.71
C SER A 93 -10.06 -5.11 0.24
N ARG A 94 -10.47 -6.34 0.03
CA ARG A 94 -11.51 -6.93 0.91
C ARG A 94 -10.88 -7.67 2.09
N GLY A 95 -11.27 -7.30 3.28
CA GLY A 95 -10.71 -7.97 4.47
C GLY A 95 -10.89 -7.10 5.71
N GLU A 96 -10.53 -7.63 6.86
CA GLU A 96 -10.68 -6.85 8.10
C GLU A 96 -9.61 -5.77 8.19
N LEU A 97 -9.38 -5.26 9.37
CA LEU A 97 -8.35 -4.21 9.54
C LEU A 97 -6.99 -4.81 9.84
N ASN A 98 -6.99 -5.95 10.49
CA ASN A 98 -5.70 -6.60 10.82
C ASN A 98 -5.00 -7.08 9.56
N ASP A 99 -5.77 -7.51 8.60
CA ASP A 99 -5.16 -8.00 7.33
C ASP A 99 -4.40 -6.87 6.64
N LYS A 100 -4.82 -5.66 6.87
CA LYS A 100 -4.13 -4.53 6.21
C LYS A 100 -2.68 -4.44 6.67
N LEU A 101 -2.50 -4.37 7.96
CA LEU A 101 -1.11 -4.28 8.49
C LEU A 101 -0.35 -5.57 8.19
N ILE A 102 -1.00 -6.68 8.39
CA ILE A 102 -0.33 -7.97 8.14
C ILE A 102 0.11 -8.05 6.69
N TRP A 103 -0.79 -7.75 5.81
CA TRP A 103 -0.46 -7.81 4.37
C TRP A 103 0.82 -7.03 4.09
N ALA A 104 0.91 -5.85 4.65
CA ALA A 104 2.12 -5.04 4.42
C ALA A 104 3.32 -5.74 5.04
N PHE A 105 3.15 -6.24 6.22
CA PHE A 105 4.26 -6.94 6.90
C PHE A 105 4.72 -8.13 6.08
N GLN A 106 3.79 -8.88 5.58
CA GLN A 106 4.16 -10.07 4.77
C GLN A 106 4.96 -9.63 3.55
N LEU A 107 4.66 -8.47 3.05
CA LEU A 107 5.40 -7.96 1.88
C LEU A 107 6.88 -7.84 2.19
N TYR A 108 7.18 -7.21 3.29
CA TYR A 108 8.60 -7.05 3.67
C TYR A 108 9.11 -8.31 4.35
N ASP A 109 8.47 -9.41 4.05
CA ASP A 109 8.89 -10.70 4.66
C ASP A 109 8.80 -11.83 3.63
N LEU A 110 9.33 -11.58 2.47
CA LEU A 110 9.28 -12.63 1.41
C LEU A 110 10.34 -13.68 1.66
N ASP A 111 10.77 -13.74 2.87
CA ASP A 111 11.80 -14.73 3.26
C ASP A 111 11.43 -15.38 4.58
N ASN A 112 10.16 -15.34 4.89
CA ASN A 112 9.71 -15.95 6.16
C ASN A 112 10.58 -15.49 7.32
N ASN A 113 11.00 -14.26 7.24
CA ASN A 113 11.86 -13.72 8.32
C ASN A 113 11.05 -12.84 9.26
N GLY A 114 10.25 -11.98 8.68
CA GLY A 114 9.42 -11.07 9.52
C GLY A 114 10.30 -10.13 10.34
N LEU A 115 11.17 -9.44 9.67
CA LEU A 115 12.07 -8.49 10.38
C LEU A 115 12.35 -7.27 9.52
N ILE A 116 11.65 -6.19 9.80
CA ILE A 116 11.87 -4.95 9.01
C ILE A 116 12.57 -3.90 9.85
N SER A 117 13.16 -2.94 9.19
CA SER A 117 13.89 -1.87 9.91
C SER A 117 13.09 -0.57 9.94
N TYR A 118 13.45 0.29 10.86
CA TYR A 118 12.75 1.58 10.98
C TYR A 118 12.55 2.21 9.60
N ASP A 119 13.54 2.07 8.77
CA ASP A 119 13.42 2.66 7.41
C ASP A 119 12.24 2.05 6.68
N GLU A 120 12.14 0.76 6.73
CA GLU A 120 11.01 0.10 6.03
C GLU A 120 9.70 0.58 6.62
N MET A 121 9.74 1.03 7.85
CA MET A 121 8.50 1.52 8.49
C MET A 121 8.01 2.78 7.78
N LEU A 122 8.85 3.77 7.71
CA LEU A 122 8.44 5.01 7.03
C LEU A 122 8.21 4.77 5.55
N ARG A 123 8.85 3.76 5.04
CA ARG A 123 8.69 3.44 3.60
C ARG A 123 7.32 2.80 3.36
N ILE A 124 6.88 2.03 4.31
CA ILE A 124 5.56 1.37 4.15
C ILE A 124 4.46 2.42 4.20
N VAL A 125 4.35 3.08 5.31
CA VAL A 125 3.29 4.11 5.42
C VAL A 125 3.41 5.09 4.27
N ASP A 126 4.61 5.26 3.76
CA ASP A 126 4.80 6.20 2.64
C ASP A 126 3.98 5.76 1.44
N ALA A 127 4.10 4.51 1.09
CA ALA A 127 3.33 4.00 -0.07
C ALA A 127 1.85 4.31 0.13
N ILE A 128 1.40 4.17 1.35
CA ILE A 128 -0.03 4.45 1.63
C ILE A 128 -0.37 5.91 1.32
N TYR A 129 0.48 6.79 1.77
CA TYR A 129 0.25 8.24 1.53
C TYR A 129 0.41 8.58 0.05
N LYS A 130 1.11 7.74 -0.67
CA LYS A 130 1.30 8.03 -2.11
C LYS A 130 0.01 7.76 -2.89
N MET A 131 -0.66 6.70 -2.54
CA MET A 131 -1.93 6.38 -3.25
C MET A 131 -3.09 7.22 -2.72
N VAL A 132 -2.99 7.64 -1.49
CA VAL A 132 -4.08 8.47 -0.90
C VAL A 132 -4.42 9.64 -1.83
N GLY A 133 -3.42 10.19 -2.46
CA GLY A 133 -3.68 11.33 -3.37
C GLY A 133 -4.64 10.91 -4.49
N SER A 134 -4.79 9.62 -4.66
CA SER A 134 -5.70 9.13 -5.72
C SER A 134 -7.14 9.44 -5.38
N MET A 135 -7.43 9.51 -4.10
CA MET A 135 -8.82 9.81 -3.66
C MET A 135 -8.93 11.24 -3.13
N VAL A 136 -8.53 11.41 -1.91
CA VAL A 136 -8.60 12.76 -1.31
C VAL A 136 -7.39 13.60 -1.72
N LYS A 137 -7.50 14.89 -1.53
CA LYS A 137 -6.37 15.78 -1.90
C LYS A 137 -5.26 15.71 -0.87
N LEU A 138 -4.04 15.63 -1.35
CA LEU A 138 -2.89 15.57 -0.41
C LEU A 138 -2.48 16.98 0.04
N PRO A 139 -2.18 17.13 1.32
CA PRO A 139 -1.78 18.43 1.85
C PRO A 139 -0.53 18.96 1.14
N GLU A 140 -0.69 20.05 0.44
CA GLU A 140 0.47 20.63 -0.27
C GLU A 140 1.49 21.18 0.71
N ASP A 141 2.05 20.29 1.51
CA ASP A 141 3.06 20.74 2.49
C ASP A 141 3.61 19.54 3.24
N GLU A 142 4.50 18.83 2.58
CA GLU A 142 5.14 17.62 3.19
C GLU A 142 5.10 17.64 4.72
N ASP A 143 4.31 16.77 5.27
CA ASP A 143 4.19 16.71 6.75
C ASP A 143 5.44 16.09 7.36
N THR A 144 5.28 15.60 8.57
CA THR A 144 6.44 14.97 9.26
C THR A 144 5.99 13.74 10.05
N PRO A 145 5.73 12.67 9.33
CA PRO A 145 5.30 11.42 9.96
C PRO A 145 6.36 10.85 10.88
N GLU A 146 7.58 11.27 10.68
CA GLU A 146 8.67 10.78 11.53
C GLU A 146 8.30 10.89 13.01
N LYS A 147 7.71 12.00 13.36
CA LYS A 147 7.32 12.20 14.77
C LYS A 147 6.41 11.08 15.25
N ARG A 148 5.40 10.79 14.48
CA ARG A 148 4.46 9.71 14.87
C ARG A 148 5.17 8.37 14.92
N VAL A 149 5.79 8.01 13.83
CA VAL A 149 6.51 6.72 13.79
C VAL A 149 7.45 6.59 14.97
N ASN A 150 8.08 7.68 15.32
CA ASN A 150 9.02 7.65 16.46
C ASN A 150 8.31 7.19 17.71
N LYS A 151 7.17 7.77 17.95
CA LYS A 151 6.40 7.39 19.15
C LYS A 151 6.21 5.89 19.21
N ILE A 152 5.78 5.32 18.10
CA ILE A 152 5.58 3.86 18.09
C ILE A 152 6.83 3.15 18.57
N PHE A 153 7.95 3.57 18.04
CA PHE A 153 9.22 2.94 18.45
C PHE A 153 9.49 3.27 19.91
N ASN A 154 9.08 4.44 20.31
CA ASN A 154 9.30 4.86 21.72
C ASN A 154 8.30 4.14 22.61
N MET A 155 7.17 3.81 22.03
CA MET A 155 6.12 3.11 22.80
C MET A 155 6.52 1.68 23.07
N MET A 156 6.99 1.02 22.04
CA MET A 156 7.42 -0.38 22.20
C MET A 156 8.81 -0.45 22.82
N ASP A 157 9.52 0.64 22.75
CA ASP A 157 10.89 0.66 23.33
C ASP A 157 11.83 -0.26 22.56
N LYS A 158 12.45 0.28 21.53
CA LYS A 158 13.38 -0.55 20.72
C LYS A 158 14.58 0.28 20.26
N ASN A 159 15.50 -0.36 19.58
CA ASN A 159 16.70 0.37 19.09
C ASN A 159 16.50 0.82 17.65
N LYS A 160 17.02 1.97 17.34
CA LYS A 160 16.88 2.49 15.96
C LYS A 160 17.29 1.44 14.94
N ASP A 161 18.46 0.88 15.12
CA ASP A 161 18.93 -0.16 14.17
C ASP A 161 18.15 -1.46 14.35
N GLY A 162 17.57 -1.63 15.51
CA GLY A 162 16.78 -2.87 15.77
C GLY A 162 15.72 -3.08 14.67
N GLN A 163 15.05 -4.21 14.74
CA GLN A 163 13.99 -4.52 13.74
C GLN A 163 12.67 -4.82 14.42
N LEU A 164 11.59 -4.53 13.74
CA LEU A 164 10.25 -4.79 14.33
C LEU A 164 9.65 -6.07 13.78
N THR A 165 8.91 -6.75 14.62
CA THR A 165 8.27 -8.03 14.18
C THR A 165 6.78 -7.81 13.92
N LEU A 166 6.20 -8.73 13.19
CA LEU A 166 4.77 -8.60 12.88
C LEU A 166 3.97 -8.43 14.16
N GLU A 167 3.97 -9.46 14.94
CA GLU A 167 3.23 -9.42 16.23
C GLU A 167 3.43 -8.07 16.93
N GLU A 168 4.65 -7.62 16.97
CA GLU A 168 4.92 -6.32 17.63
C GLU A 168 4.35 -5.17 16.82
N PHE A 169 4.73 -5.09 15.58
CA PHE A 169 4.22 -4.00 14.72
C PHE A 169 2.73 -3.85 14.91
N CYS A 170 2.05 -4.95 15.00
CA CYS A 170 0.58 -4.90 15.19
C CYS A 170 0.24 -4.38 16.58
N GLU A 171 1.08 -4.69 17.53
CA GLU A 171 0.82 -4.23 18.91
C GLU A 171 1.10 -2.74 19.05
N GLY A 172 2.08 -2.26 18.32
CA GLY A 172 2.41 -0.82 18.40
C GLY A 172 1.28 0.02 17.81
N SER A 173 0.68 -0.49 16.76
CA SER A 173 -0.44 0.27 16.14
C SER A 173 -1.67 0.26 17.01
N LYS A 174 -2.05 -0.92 17.46
CA LYS A 174 -3.25 -1.01 18.31
C LYS A 174 -3.14 -0.05 19.49
N ARG A 175 -1.94 0.15 19.97
CA ARG A 175 -1.74 1.07 21.11
C ARG A 175 -1.84 2.52 20.65
N ASP A 176 -2.11 2.71 19.39
CA ASP A 176 -2.22 4.09 18.86
C ASP A 176 -3.45 4.24 17.96
N PRO A 177 -4.61 4.13 18.58
CA PRO A 177 -5.87 4.24 17.86
C PRO A 177 -6.03 5.61 17.22
N THR A 178 -5.47 5.72 16.06
CA THR A 178 -5.55 6.98 15.31
C THR A 178 -5.09 6.70 13.91
N ILE A 179 -4.16 5.80 13.82
CA ILE A 179 -3.64 5.42 12.51
C ILE A 179 -4.55 4.35 12.03
N VAL A 180 -5.20 3.78 12.99
CA VAL A 180 -6.15 2.70 12.76
C VAL A 180 -7.45 3.30 12.26
N SER A 181 -7.76 4.48 12.72
CA SER A 181 -9.02 5.13 12.28
C SER A 181 -8.82 5.80 10.92
N ALA A 182 -7.61 6.25 10.68
CA ALA A 182 -7.34 6.93 9.37
C ALA A 182 -7.24 5.91 8.25
N LEU A 183 -6.36 4.95 8.42
CA LEU A 183 -6.19 3.91 7.36
C LEU A 183 -7.55 3.35 6.94
N SER A 184 -8.48 3.36 7.86
CA SER A 184 -9.83 2.83 7.54
C SER A 184 -10.78 3.95 7.17
N LEU A 185 -10.46 4.66 6.12
CA LEU A 185 -11.34 5.77 5.69
C LEU A 185 -12.39 5.27 4.70
N TYR A 186 -12.60 3.98 4.72
CA TYR A 186 -13.60 3.36 3.81
C TYR A 186 -14.58 2.50 4.59
N ASP A 187 -14.87 2.93 5.79
CA ASP A 187 -15.81 2.17 6.65
C ASP A 187 -17.06 2.98 6.93
N GLY A 188 -17.69 3.44 5.88
CA GLY A 188 -18.92 4.25 6.06
C GLY A 188 -19.81 4.14 4.83
N LEU A 189 -19.58 3.11 4.05
CA LEU A 189 -20.39 2.92 2.83
C LEU A 189 -20.43 1.44 2.44
N VAL A 190 -20.43 0.61 3.44
CA VAL A 190 -20.46 -0.86 3.19
C VAL A 190 -21.84 -1.44 3.50
C1 MYR A 1 -8.22 13.18 5.31
O1 MYR A 1 -8.69 13.50 6.38
C2 MYR A 1 -6.70 13.25 5.07
C3 MYR A 1 -6.16 11.82 4.91
C4 MYR A 1 -6.42 11.03 6.20
C5 MYR A 1 -6.24 9.54 5.92
C6 MYR A 1 -4.77 9.18 6.03
C7 MYR A 1 -4.63 7.66 6.15
C8 MYR A 1 -3.21 7.25 5.76
C9 MYR A 1 -3.06 5.74 5.91
C10 MYR A 1 -2.97 5.38 7.39
C11 MYR A 1 -1.74 4.50 7.63
C12 MYR A 1 -1.72 4.04 9.10
C13 MYR A 1 -0.29 3.66 9.50
C14 MYR A 1 0.02 2.25 8.98
H21 MYR A 1 -6.50 13.82 4.18
H22 MYR A 1 -6.23 13.72 5.92
H31 MYR A 1 -6.66 11.34 4.08
H32 MYR A 1 -5.10 11.86 4.72
H41 MYR A 1 -5.72 11.35 6.96
H42 MYR A 1 -7.43 11.23 6.54
H51 MYR A 1 -6.81 8.98 6.64
H52 MYR A 1 -6.60 9.32 4.92
H61 MYR A 1 -4.24 9.53 5.16
H62 MYR A 1 -4.34 9.65 6.91
H71 MYR A 1 -4.83 7.35 7.16
H72 MYR A 1 -5.34 7.17 5.48
H81 MYR A 1 -3.02 7.53 4.73
H82 MYR A 1 -2.50 7.75 6.40
H91 MYR A 1 -3.91 5.23 5.47
H92 MYR A 1 -2.16 5.40 5.39
H101 MYR A 1 -2.89 6.28 7.98
H102 MYR A 1 -3.86 4.84 7.69
H111 MYR A 1 -1.77 3.63 6.99
H112 MYR A 1 -0.84 5.06 7.41
H121 MYR A 1 -2.07 4.84 9.72
H122 MYR A 1 -2.37 3.19 9.22
H131 MYR A 1 0.41 4.37 9.07
H132 MYR A 1 -0.19 3.68 10.57
H141 MYR A 1 0.91 1.88 9.46
H142 MYR A 1 0.18 2.28 7.91
H143 MYR A 1 -0.81 1.59 9.20
N GLY A 2 -8.94 12.77 4.30
CA GLY A 2 -10.41 12.67 4.46
C GLY A 2 -11.00 14.04 4.79
N LYS A 3 -11.86 14.07 5.78
CA LYS A 3 -12.47 15.36 6.18
C LYS A 3 -13.04 16.08 4.97
N SER A 4 -13.28 15.34 3.91
CA SER A 4 -13.83 15.97 2.70
C SER A 4 -14.23 14.91 1.67
N GLN A 5 -14.83 15.34 0.60
CA GLN A 5 -15.24 14.38 -0.44
C GLN A 5 -14.16 14.23 -1.50
N SER A 6 -14.19 13.13 -2.20
CA SER A 6 -13.17 12.91 -3.25
C SER A 6 -13.26 13.98 -4.33
N LYS A 7 -12.18 14.23 -5.00
CA LYS A 7 -12.19 15.26 -6.07
C LYS A 7 -12.60 14.66 -7.41
N LEU A 8 -12.29 13.40 -7.60
CA LEU A 8 -12.65 12.74 -8.87
C LEU A 8 -14.17 12.60 -9.01
N SER A 9 -14.61 12.35 -10.22
CA SER A 9 -16.06 12.21 -10.44
C SER A 9 -16.60 10.99 -9.69
N GLN A 10 -17.90 10.88 -9.61
CA GLN A 10 -18.49 9.72 -8.90
C GLN A 10 -18.33 8.44 -9.70
N ASP A 11 -18.48 8.56 -11.00
CA ASP A 11 -18.32 7.35 -11.85
C ASP A 11 -16.91 6.79 -11.75
N GLN A 12 -15.95 7.65 -11.91
CA GLN A 12 -14.55 7.19 -11.83
C GLN A 12 -14.28 6.51 -10.49
N LEU A 13 -14.85 7.06 -9.46
CA LEU A 13 -14.64 6.45 -8.12
C LEU A 13 -15.08 4.99 -8.12
N GLN A 14 -16.24 4.75 -8.66
CA GLN A 14 -16.75 3.36 -8.71
C GLN A 14 -15.82 2.50 -9.54
N ASP A 15 -15.17 3.11 -10.50
CA ASP A 15 -14.25 2.34 -11.36
C ASP A 15 -13.00 1.94 -10.59
N LEU A 16 -12.45 2.89 -9.88
CA LEU A 16 -11.22 2.59 -9.10
C LEU A 16 -11.51 1.52 -8.05
N VAL A 17 -12.74 1.43 -7.63
CA VAL A 17 -13.09 0.42 -6.62
C VAL A 17 -13.25 -0.94 -7.26
N ARG A 18 -14.08 -1.00 -8.28
CA ARG A 18 -14.29 -2.29 -8.97
C ARG A 18 -13.02 -2.75 -9.66
N SER A 19 -12.07 -1.85 -9.76
CA SER A 19 -10.79 -2.22 -10.40
C SER A 19 -9.85 -2.89 -9.41
N THR A 20 -10.07 -2.62 -8.14
CA THR A 20 -9.21 -3.22 -7.09
C THR A 20 -9.94 -4.37 -6.39
N ARG A 21 -11.09 -4.70 -6.90
CA ARG A 21 -11.89 -5.80 -6.30
C ARG A 21 -11.18 -7.13 -6.45
N PHE A 22 -11.95 -8.14 -6.65
CA PHE A 22 -11.39 -9.50 -6.83
C PHE A 22 -10.55 -9.94 -5.61
N ASP A 23 -10.28 -11.22 -5.54
CA ASP A 23 -9.47 -11.74 -4.39
C ASP A 23 -8.15 -11.01 -4.22
N LYS A 24 -7.37 -11.49 -3.28
CA LYS A 24 -6.06 -10.86 -3.00
C LYS A 24 -5.02 -11.94 -2.82
N LYS A 25 -5.29 -12.82 -1.90
CA LYS A 25 -4.33 -13.93 -1.65
C LYS A 25 -3.84 -14.49 -2.96
N GLU A 26 -4.63 -14.30 -3.99
CA GLU A 26 -4.23 -14.83 -5.31
C GLU A 26 -3.08 -14.00 -5.84
N LEU A 27 -3.26 -12.71 -5.79
CA LEU A 27 -2.20 -11.82 -6.28
C LEU A 27 -0.93 -12.05 -5.49
N GLN A 28 -1.08 -12.21 -4.21
CA GLN A 28 0.10 -12.45 -3.36
C GLN A 28 0.90 -13.61 -3.92
N GLN A 29 0.20 -14.65 -4.28
CA GLN A 29 0.90 -15.83 -4.83
C GLN A 29 1.72 -15.43 -6.04
N TRP A 30 1.13 -14.62 -6.88
CA TRP A 30 1.86 -14.16 -8.09
C TRP A 30 2.94 -13.15 -7.70
N TYR A 31 2.53 -12.15 -6.98
CA TYR A 31 3.49 -11.11 -6.55
C TYR A 31 4.64 -11.74 -5.79
N LYS A 32 4.40 -12.87 -5.21
CA LYS A 32 5.47 -13.56 -4.44
C LYS A 32 6.46 -14.22 -5.40
N GLY A 33 5.93 -14.96 -6.33
CA GLY A 33 6.83 -15.64 -7.30
C GLY A 33 7.60 -14.62 -8.14
N PHE A 34 6.97 -13.49 -8.39
CA PHE A 34 7.65 -12.45 -9.20
C PHE A 34 8.79 -11.81 -8.41
N PHE A 35 8.56 -11.61 -7.14
CA PHE A 35 9.63 -10.99 -6.32
C PHE A 35 10.79 -11.95 -6.11
N LYS A 36 10.48 -13.22 -6.04
CA LYS A 36 11.56 -14.22 -5.84
C LYS A 36 12.44 -14.30 -7.08
N ASP A 37 11.83 -14.18 -8.23
CA ASP A 37 12.62 -14.25 -9.48
C ASP A 37 13.28 -12.91 -9.77
N CYS A 38 12.73 -11.86 -9.20
CA CYS A 38 13.29 -10.51 -9.41
C CYS A 38 13.34 -9.73 -8.10
N PRO A 39 14.32 -10.07 -7.28
CA PRO A 39 14.48 -9.41 -5.98
C PRO A 39 14.81 -7.93 -6.15
N SER A 40 14.55 -7.41 -7.31
CA SER A 40 14.84 -5.99 -7.55
C SER A 40 13.71 -5.11 -7.01
N GLY A 41 12.53 -5.31 -7.55
CA GLY A 41 11.35 -4.49 -7.09
C GLY A 41 10.85 -3.58 -8.21
N HIS A 42 11.41 -3.75 -9.38
CA HIS A 42 11.00 -2.90 -10.53
C HIS A 42 10.01 -3.65 -11.42
N LEU A 43 9.19 -2.91 -12.12
CA LEU A 43 8.20 -3.55 -13.01
C LEU A 43 7.96 -2.71 -14.27
N ASN A 44 7.84 -3.38 -15.39
CA ASN A 44 7.61 -2.65 -16.66
C ASN A 44 6.12 -2.49 -16.93
N LYS A 45 5.79 -1.55 -17.77
CA LYS A 45 4.36 -1.32 -18.10
C LYS A 45 3.79 -2.47 -18.94
N SER A 46 4.50 -2.82 -19.98
CA SER A 46 4.01 -3.94 -20.83
C SER A 46 3.68 -5.16 -19.99
N GLU A 47 4.56 -5.48 -19.09
CA GLU A 47 4.32 -6.65 -18.23
C GLU A 47 3.13 -6.41 -17.33
N PHE A 48 3.05 -5.23 -16.78
CA PHE A 48 1.91 -4.91 -15.89
C PHE A 48 0.60 -4.96 -16.65
N GLN A 49 0.65 -4.63 -17.91
CA GLN A 49 -0.59 -4.66 -18.71
C GLN A 49 -1.11 -6.07 -18.84
N LYS A 50 -0.24 -6.99 -19.17
CA LYS A 50 -0.67 -8.39 -19.31
C LYS A 50 -1.17 -8.92 -17.97
N ILE A 51 -0.64 -8.36 -16.90
CA ILE A 51 -1.06 -8.82 -15.57
C ILE A 51 -2.49 -8.38 -15.29
N TYR A 52 -2.75 -7.13 -15.52
CA TYR A 52 -4.12 -6.64 -15.29
C TYR A 52 -5.09 -7.35 -16.22
N LYS A 53 -4.55 -7.86 -17.29
CA LYS A 53 -5.41 -8.57 -18.26
C LYS A 53 -5.64 -10.00 -17.79
N GLN A 54 -5.03 -10.35 -16.68
CA GLN A 54 -5.19 -11.73 -16.14
C GLN A 54 -6.12 -11.74 -14.94
N PHE A 55 -5.96 -10.78 -14.08
CA PHE A 55 -6.83 -10.72 -12.88
C PHE A 55 -8.21 -10.16 -13.19
N PHE A 56 -8.26 -8.93 -13.67
CA PHE A 56 -9.59 -8.33 -14.01
C PHE A 56 -9.54 -7.50 -15.30
N PRO A 57 -9.60 -8.19 -16.41
CA PRO A 57 -9.56 -7.53 -17.72
C PRO A 57 -10.89 -6.84 -18.04
N PHE A 58 -11.64 -6.53 -17.02
CA PHE A 58 -12.95 -5.86 -17.23
C PHE A 58 -12.77 -4.41 -17.69
N GLY A 59 -12.12 -3.63 -16.88
CA GLY A 59 -11.90 -2.19 -17.25
C GLY A 59 -10.71 -2.04 -18.21
N ASP A 60 -10.69 -0.93 -18.91
CA ASP A 60 -9.58 -0.69 -19.86
C ASP A 60 -8.22 -0.85 -19.15
N PRO A 61 -7.41 -1.82 -19.57
CA PRO A 61 -6.11 -2.05 -18.97
C PRO A 61 -5.16 -0.88 -19.20
N SER A 62 -5.38 -0.15 -20.25
CA SER A 62 -4.47 0.99 -20.52
C SER A 62 -4.75 2.09 -19.53
N ALA A 63 -5.99 2.47 -19.44
CA ALA A 63 -6.36 3.54 -18.49
C ALA A 63 -5.79 3.20 -17.13
N PHE A 64 -5.92 1.96 -16.74
CA PHE A 64 -5.39 1.56 -15.42
C PHE A 64 -3.90 1.77 -15.40
N ALA A 65 -3.24 1.30 -16.42
CA ALA A 65 -1.78 1.46 -16.49
C ALA A 65 -1.44 2.94 -16.50
N GLU A 66 -2.23 3.67 -17.24
CA GLU A 66 -1.99 5.12 -17.31
C GLU A 66 -2.10 5.73 -15.93
N TYR A 67 -2.79 5.03 -15.06
CA TYR A 67 -2.95 5.54 -13.67
C TYR A 67 -1.74 5.24 -12.83
N VAL A 68 -1.52 3.97 -12.62
CA VAL A 68 -0.35 3.57 -11.81
C VAL A 68 0.86 4.40 -12.16
N PHE A 69 1.02 4.65 -13.41
CA PHE A 69 2.18 5.46 -13.83
C PHE A 69 2.03 6.88 -13.32
N ASN A 70 1.00 7.55 -13.76
CA ASN A 70 0.79 8.94 -13.32
C ASN A 70 1.01 9.09 -11.82
N VAL A 71 0.83 8.01 -11.09
CA VAL A 71 1.02 8.09 -9.63
C VAL A 71 2.39 7.57 -9.18
N PHE A 72 2.78 6.44 -9.68
CA PHE A 72 4.11 5.88 -9.26
C PHE A 72 5.25 6.25 -10.24
N ASP A 73 4.92 6.85 -11.35
CA ASP A 73 6.00 7.21 -12.31
C ASP A 73 6.61 8.56 -11.94
N ALA A 74 7.01 8.66 -10.70
CA ALA A 74 7.61 9.92 -10.23
C ALA A 74 9.14 9.86 -10.22
N ASP A 75 9.66 8.67 -10.31
CA ASP A 75 11.15 8.56 -10.30
C ASP A 75 11.74 8.85 -11.66
N LYS A 76 10.90 9.24 -12.55
CA LYS A 76 11.37 9.56 -13.92
C LYS A 76 12.34 8.50 -14.43
N ASN A 77 12.39 7.38 -13.76
CA ASN A 77 13.32 6.31 -14.20
C ASN A 77 12.77 5.59 -15.43
N GLY A 78 11.67 4.92 -15.24
CA GLY A 78 11.06 4.17 -16.38
C GLY A 78 10.15 3.07 -15.85
N TYR A 79 10.66 2.32 -14.90
CA TYR A 79 9.85 1.22 -14.32
C TYR A 79 9.29 1.64 -12.97
N ILE A 80 8.08 1.23 -12.69
CA ILE A 80 7.47 1.60 -11.39
C ILE A 80 7.68 0.51 -10.34
N ASP A 81 7.59 0.88 -9.11
CA ASP A 81 7.78 -0.11 -8.03
C ASP A 81 6.45 -0.75 -7.65
N PHE A 82 6.31 -2.01 -7.93
CA PHE A 82 5.06 -2.70 -7.59
C PHE A 82 4.90 -2.89 -6.09
N LYS A 83 6.02 -2.94 -5.40
CA LYS A 83 5.95 -3.10 -3.92
C LYS A 83 5.01 -2.07 -3.31
N GLU A 84 5.12 -0.86 -3.77
CA GLU A 84 4.24 0.19 -3.23
C GLU A 84 2.80 -0.04 -3.65
N PHE A 85 2.64 -0.74 -4.74
CA PHE A 85 1.27 -1.02 -5.23
C PHE A 85 0.57 -2.01 -4.31
N ILE A 86 1.27 -3.05 -3.95
CA ILE A 86 0.67 -4.06 -3.06
C ILE A 86 0.27 -3.41 -1.75
N CYS A 87 1.22 -2.78 -1.12
CA CYS A 87 0.92 -2.12 0.16
C CYS A 87 -0.27 -1.19 -0.01
N ALA A 88 -0.27 -0.43 -1.07
CA ALA A 88 -1.40 0.50 -1.30
C ALA A 88 -2.66 -0.31 -1.55
N LEU A 89 -2.49 -1.51 -2.03
CA LEU A 89 -3.66 -2.36 -2.29
C LEU A 89 -4.36 -2.68 -0.99
N SER A 90 -3.60 -2.64 0.07
CA SER A 90 -4.17 -2.94 1.39
C SER A 90 -5.41 -2.09 1.64
N VAL A 91 -5.31 -0.82 1.36
CA VAL A 91 -6.48 0.06 1.57
C VAL A 91 -7.61 -0.29 0.61
N THR A 92 -7.34 -1.22 -0.28
CA THR A 92 -8.38 -1.63 -1.27
C THR A 92 -8.52 -3.15 -1.27
N SER A 93 -8.86 -3.71 -0.15
CA SER A 93 -9.02 -5.18 -0.09
C SER A 93 -10.09 -5.59 0.93
N ARG A 94 -10.42 -6.86 0.93
CA ARG A 94 -11.46 -7.35 1.88
C ARG A 94 -10.80 -8.07 3.06
N GLY A 95 -11.58 -8.85 3.76
CA GLY A 95 -11.03 -9.59 4.93
C GLY A 95 -11.13 -8.74 6.20
N GLU A 96 -10.67 -9.29 7.30
CA GLU A 96 -10.73 -8.54 8.57
C GLU A 96 -9.70 -7.40 8.58
N LEU A 97 -9.47 -6.86 9.74
CA LEU A 97 -8.48 -5.75 9.84
C LEU A 97 -7.11 -6.27 10.26
N ASN A 98 -7.06 -7.52 10.64
CA ASN A 98 -5.76 -8.10 11.06
C ASN A 98 -4.92 -8.47 9.85
N ASP A 99 -5.51 -9.16 8.92
CA ASP A 99 -4.75 -9.55 7.72
C ASP A 99 -4.20 -8.33 7.01
N LYS A 100 -4.86 -7.21 7.17
CA LYS A 100 -4.38 -5.97 6.51
C LYS A 100 -2.96 -5.64 6.96
N LEU A 101 -2.77 -5.61 8.25
CA LEU A 101 -1.42 -5.30 8.76
C LEU A 101 -0.44 -6.39 8.36
N ILE A 102 -0.88 -7.62 8.46
CA ILE A 102 0.00 -8.74 8.08
C ILE A 102 0.37 -8.64 6.61
N TRP A 103 -0.61 -8.34 5.81
CA TRP A 103 -0.36 -8.22 4.36
C TRP A 103 0.81 -7.27 4.11
N ALA A 104 0.81 -6.17 4.81
CA ALA A 104 1.90 -5.19 4.63
C ALA A 104 3.21 -5.78 5.14
N PHE A 105 3.14 -6.57 6.17
CA PHE A 105 4.37 -7.18 6.72
C PHE A 105 4.96 -8.16 5.71
N GLN A 106 4.12 -9.00 5.17
CA GLN A 106 4.63 -9.97 4.18
C GLN A 106 5.23 -9.23 3.00
N LEU A 107 4.75 -8.04 2.80
CA LEU A 107 5.25 -7.22 1.67
C LEU A 107 6.73 -6.85 1.88
N TYR A 108 6.99 -6.20 2.98
CA TYR A 108 8.40 -5.80 3.26
C TYR A 108 9.16 -6.95 3.90
N ASP A 109 8.70 -8.15 3.65
CA ASP A 109 9.39 -9.33 4.24
C ASP A 109 9.33 -10.52 3.31
N LEU A 110 9.83 -10.34 2.11
CA LEU A 110 9.82 -11.45 1.12
C LEU A 110 11.17 -12.11 1.06
N ASP A 111 11.95 -11.87 2.07
CA ASP A 111 13.31 -12.46 2.12
C ASP A 111 13.37 -13.62 3.12
N ASN A 112 12.22 -14.13 3.45
CA ASN A 112 12.18 -15.26 4.41
C ASN A 112 12.96 -14.92 5.67
N ASN A 113 12.77 -13.72 6.15
CA ASN A 113 13.49 -13.28 7.38
C ASN A 113 12.51 -12.93 8.50
N GLY A 114 11.58 -12.07 8.18
CA GLY A 114 10.58 -11.69 9.21
C GLY A 114 11.15 -10.60 10.13
N LEU A 115 12.01 -9.77 9.58
CA LEU A 115 12.61 -8.69 10.40
C LEU A 115 12.84 -7.43 9.57
N ILE A 116 12.01 -6.43 9.77
CA ILE A 116 12.17 -5.17 8.99
C ILE A 116 12.92 -4.14 9.83
N SER A 117 13.48 -3.15 9.18
CA SER A 117 14.23 -2.09 9.92
C SER A 117 13.52 -0.74 9.87
N TYR A 118 13.89 0.12 10.79
CA TYR A 118 13.26 1.47 10.84
C TYR A 118 13.16 2.04 9.43
N ASP A 119 14.15 1.77 8.63
CA ASP A 119 14.12 2.30 7.24
C ASP A 119 12.89 1.79 6.51
N GLU A 120 12.71 0.51 6.52
CA GLU A 120 11.54 -0.06 5.83
C GLU A 120 10.25 0.49 6.42
N MET A 121 10.25 0.64 7.71
CA MET A 121 9.04 1.19 8.38
C MET A 121 8.69 2.55 7.81
N LEU A 122 9.70 3.33 7.51
CA LEU A 122 9.43 4.68 6.95
C LEU A 122 8.90 4.55 5.53
N ARG A 123 9.46 3.64 4.79
CA ARG A 123 8.99 3.45 3.40
C ARG A 123 7.59 2.89 3.37
N ILE A 124 7.25 2.14 4.38
CA ILE A 124 5.89 1.55 4.43
C ILE A 124 4.85 2.66 4.56
N VAL A 125 4.95 3.41 5.62
CA VAL A 125 3.99 4.52 5.82
C VAL A 125 4.05 5.47 4.64
N ASP A 126 5.19 5.54 4.02
CA ASP A 126 5.33 6.45 2.85
C ASP A 126 4.49 5.94 1.70
N ALA A 127 4.51 4.66 1.48
CA ALA A 127 3.71 4.10 0.37
C ALA A 127 2.26 4.50 0.52
N ILE A 128 1.77 4.41 1.73
CA ILE A 128 0.35 4.79 1.96
C ILE A 128 0.16 6.29 1.75
N TYR A 129 1.14 7.05 2.16
CA TYR A 129 1.02 8.52 1.99
C TYR A 129 1.22 8.91 0.54
N LYS A 130 1.66 7.98 -0.25
CA LYS A 130 1.88 8.28 -1.69
C LYS A 130 0.58 8.10 -2.45
N MET A 131 -0.13 7.05 -2.14
CA MET A 131 -1.40 6.78 -2.84
C MET A 131 -2.50 7.70 -2.28
N VAL A 132 -2.26 8.22 -1.11
CA VAL A 132 -3.27 9.12 -0.48
C VAL A 132 -3.52 10.34 -1.36
N GLY A 133 -2.47 10.88 -1.90
CA GLY A 133 -2.62 12.09 -2.77
C GLY A 133 -3.32 11.71 -4.07
N SER A 134 -3.04 10.53 -4.54
CA SER A 134 -3.67 10.08 -5.81
C SER A 134 -5.17 9.92 -5.62
N MET A 135 -5.56 9.53 -4.45
CA MET A 135 -7.01 9.35 -4.18
C MET A 135 -7.61 10.62 -3.61
N VAL A 136 -7.34 10.86 -2.36
CA VAL A 136 -7.89 12.08 -1.71
C VAL A 136 -6.88 13.22 -1.79
N LYS A 137 -7.32 14.39 -1.44
CA LYS A 137 -6.42 15.56 -1.48
C LYS A 137 -5.58 15.62 -0.22
N LEU A 138 -4.32 15.89 -0.38
CA LEU A 138 -3.44 15.97 0.81
C LEU A 138 -3.72 17.26 1.61
N PRO A 139 -3.45 17.20 2.90
CA PRO A 139 -3.67 18.36 3.77
C PRO A 139 -2.82 19.55 3.34
N GLU A 140 -2.62 20.47 4.25
CA GLU A 140 -1.82 21.68 3.94
C GLU A 140 -0.77 21.91 5.02
N ASP A 141 0.07 20.92 5.23
CA ASP A 141 1.13 21.06 6.27
C ASP A 141 2.43 20.43 5.81
N GLU A 142 2.64 20.40 4.52
CA GLU A 142 3.88 19.80 4.00
C GLU A 142 3.92 18.31 4.29
N ASP A 143 5.12 17.76 4.30
CA ASP A 143 5.27 16.29 4.57
C ASP A 143 6.00 16.05 5.90
N THR A 144 5.45 15.17 6.69
CA THR A 144 6.09 14.88 8.00
C THR A 144 5.54 13.59 8.61
N PRO A 145 5.73 12.49 7.90
CA PRO A 145 5.25 11.18 8.35
C PRO A 145 6.06 10.67 9.56
N GLU A 146 7.28 11.09 9.64
CA GLU A 146 8.12 10.63 10.78
C GLU A 146 7.36 10.73 12.09
N LYS A 147 6.63 11.79 12.25
CA LYS A 147 5.85 11.96 13.50
C LYS A 147 5.06 10.70 13.82
N ARG A 148 4.57 10.05 12.81
CA ARG A 148 3.78 8.81 13.05
C ARG A 148 4.69 7.66 13.44
N VAL A 149 5.56 7.28 12.53
CA VAL A 149 6.48 6.16 12.84
C VAL A 149 7.20 6.40 14.16
N ASN A 150 7.73 7.59 14.32
CA ASN A 150 8.44 7.89 15.57
C ASN A 150 7.56 7.56 16.76
N LYS A 151 6.35 8.00 16.71
CA LYS A 151 5.42 7.72 17.83
C LYS A 151 5.41 6.24 18.16
N ILE A 152 5.26 5.42 17.16
CA ILE A 152 5.24 3.95 17.41
C ILE A 152 6.50 3.55 18.17
N PHE A 153 7.62 3.99 17.67
CA PHE A 153 8.89 3.63 18.35
C PHE A 153 8.94 4.32 19.71
N ASN A 154 8.33 5.47 19.78
CA ASN A 154 8.32 6.22 21.05
C ASN A 154 7.25 5.63 21.96
N MET A 155 6.37 4.88 21.37
CA MET A 155 5.29 4.25 22.15
C MET A 155 5.81 3.05 22.91
N MET A 156 6.49 2.18 22.21
CA MET A 156 7.03 0.97 22.86
C MET A 156 8.48 1.19 23.29
N ASP A 157 8.98 2.38 23.03
CA ASP A 157 10.39 2.67 23.42
C ASP A 157 11.31 1.51 23.10
N LYS A 158 11.68 1.39 21.85
CA LYS A 158 12.57 0.27 21.45
C LYS A 158 14.03 0.72 21.44
N ASN A 159 14.89 -0.11 20.92
CA ASN A 159 16.33 0.27 20.86
C ASN A 159 16.58 1.29 19.76
N LYS A 160 15.51 1.85 19.25
CA LYS A 160 15.66 2.87 18.18
C LYS A 160 16.67 2.41 17.13
N ASP A 161 16.84 1.12 17.01
CA ASP A 161 17.80 0.60 16.01
C ASP A 161 17.61 -0.91 15.80
N GLY A 162 16.97 -1.54 16.74
CA GLY A 162 16.73 -3.01 16.61
C GLY A 162 15.74 -3.31 15.48
N GLN A 163 15.58 -4.57 15.18
CA GLN A 163 14.64 -4.95 14.10
C GLN A 163 13.25 -5.21 14.68
N LEU A 164 12.23 -5.06 13.85
CA LEU A 164 10.85 -5.30 14.32
C LEU A 164 10.26 -6.58 13.75
N THR A 165 9.44 -7.23 14.54
CA THR A 165 8.80 -8.50 14.09
C THR A 165 7.31 -8.29 13.84
N LEU A 166 6.72 -9.20 13.10
CA LEU A 166 5.28 -9.08 12.83
C LEU A 166 4.53 -8.74 14.09
N GLU A 167 4.55 -9.68 14.99
CA GLU A 167 3.84 -9.46 16.28
C GLU A 167 4.21 -8.11 16.88
N GLU A 168 5.48 -7.89 17.06
CA GLU A 168 5.93 -6.59 17.64
C GLU A 168 5.35 -5.40 16.86
N PHE A 169 5.33 -5.54 15.56
CA PHE A 169 4.78 -4.42 14.75
C PHE A 169 3.28 -4.28 14.97
N CYS A 170 2.56 -5.31 14.66
CA CYS A 170 1.09 -5.27 14.85
C CYS A 170 0.74 -4.89 16.29
N GLU A 171 1.66 -5.09 17.18
CA GLU A 171 1.39 -4.75 18.59
C GLU A 171 1.45 -3.24 18.80
N GLY A 172 2.42 -2.62 18.20
CA GLY A 172 2.54 -1.15 18.35
C GLY A 172 1.34 -0.46 17.70
N SER A 173 0.82 -1.05 16.67
CA SER A 173 -0.34 -0.44 15.99
C SER A 173 -1.61 -0.64 16.80
N LYS A 174 -1.68 -1.76 17.47
CA LYS A 174 -2.89 -2.04 18.29
C LYS A 174 -2.99 -1.04 19.44
N ARG A 175 -1.86 -0.55 19.88
CA ARG A 175 -1.89 0.43 20.99
C ARG A 175 -2.26 1.80 20.47
N ASP A 176 -2.43 1.88 19.17
CA ASP A 176 -2.80 3.18 18.54
C ASP A 176 -4.10 3.03 17.74
N PRO A 177 -5.22 3.21 18.43
CA PRO A 177 -6.53 3.10 17.78
C PRO A 177 -6.68 4.08 16.64
N THR A 178 -6.08 5.23 16.77
CA THR A 178 -6.20 6.21 15.69
C THR A 178 -5.78 5.57 14.38
N ILE A 179 -4.91 4.60 14.49
CA ILE A 179 -4.45 3.92 13.27
C ILE A 179 -5.48 2.90 12.89
N VAL A 180 -6.31 2.57 13.85
CA VAL A 180 -7.37 1.58 13.60
C VAL A 180 -8.62 2.29 13.13
N SER A 181 -8.76 3.55 13.50
CA SER A 181 -9.96 4.31 13.06
C SER A 181 -9.70 5.01 11.74
N ALA A 182 -8.44 5.15 11.40
CA ALA A 182 -8.08 5.82 10.12
C ALA A 182 -8.44 4.93 8.94
N LEU A 183 -7.99 3.73 8.99
CA LEU A 183 -8.29 2.79 7.86
C LEU A 183 -9.78 2.49 7.81
N SER A 184 -10.40 2.45 8.95
CA SER A 184 -11.85 2.16 8.99
C SER A 184 -12.65 3.35 8.46
N LEU A 185 -12.29 3.79 7.27
CA LEU A 185 -13.00 4.94 6.67
C LEU A 185 -13.38 4.64 5.21
N TYR A 186 -12.62 3.76 4.61
CA TYR A 186 -12.91 3.40 3.19
C TYR A 186 -13.92 2.27 3.12
N ASP A 187 -14.70 2.15 4.15
CA ASP A 187 -15.72 1.07 4.19
C ASP A 187 -16.93 1.53 4.98
N GLY A 188 -17.14 2.82 4.96
CA GLY A 188 -18.30 3.40 5.70
C GLY A 188 -19.26 4.04 4.70
N LEU A 189 -18.84 4.09 3.46
CA LEU A 189 -19.68 4.68 2.40
C LEU A 189 -19.99 3.65 1.35
N VAL A 190 -20.00 2.42 1.76
CA VAL A 190 -20.29 1.33 0.81
C VAL A 190 -20.85 0.11 1.54
#